data_7XMA
#
_entry.id   7XMA
#
_cell.length_a   181.800
_cell.length_b   203.577
_cell.length_c   177.859
_cell.angle_alpha   90.000
_cell.angle_beta   90.000
_cell.angle_gamma   90.000
#
_symmetry.space_group_name_H-M   'P 21 21 21'
#
loop_
_entity.id
_entity.type
_entity.pdbx_description
1 polymer 'Cytochrome c oxidase subunit 1'
2 polymer 'Cytochrome c oxidase subunit 2,Cytochrome c oxidase subunit 1'
3 polymer 'Cytochrome c oxidase subunit 3'
4 polymer 'Cytochrome c oxidase subunit 4 isoform 1'
5 polymer 'Cytochrome c oxidase subunit 5A'
6 polymer 'Cytochrome c oxidase subunit 5B, mitochondrial'
7 polymer 'Cytochrome c oxidase subunit 6A2, mitochondrial'
8 polymer 'Cytochrome c oxidase subunit 6B1'
9 polymer 'Cytochrome c oxidase subunit 6C'
10 polymer 'Cytochrome c oxidase subunit 7A1'
11 polymer 'Cytochrome c oxidase subunit 7B'
12 polymer 'Cytochrome c oxidase subunit 7C, mitochondrial'
13 polymer 'Cytochrome c oxidase subunit 8B'
14 non-polymer HEME-A
15 non-polymer 'COPPER (II) ION'
16 non-polymer 'MAGNESIUM ION'
17 non-polymer 'SODIUM ION'
18 non-polymer 'PEROXIDE ION'
19 non-polymer '(1R)-2-{[{[(2S)-2,3-DIHYDROXYPROPYL]OXY}(HYDROXY)PHOSPHORYL]OXY}-1-[(PALMITOYLOXY)METHYL]ETHYL (11E)-OCTADEC-11-ENOATE'
20 non-polymer TRISTEAROYLGLYCEROL
21 non-polymer 'DINUCLEAR COPPER ION'
22 non-polymer CARDIOLIPIN
23 non-polymer 'CHOLIC ACID'
24 non-polymer '(1S)-2-{[(2-AMINOETHOXY)(HYDROXY)PHOSPHORYL]OXY}-1-[(STEAROYLOXY)METHYL]ETHYL (5E,8E,11E,14E)-ICOSA-5,8,11,14-TETRAENOATE'
25 non-polymer '(7R,17E,20E)-4-HYDROXY-N,N,N-TRIMETHYL-9-OXO-7-[(PALMITOYLOXY)METHYL]-3,5,8-TRIOXA-4-PHOSPHAHEXACOSA-17,20-DIEN-1-AMINIUM 4-OXIDE'
26 non-polymer 'ZINC ION'
27 non-polymer DECYL-BETA-D-MALTOPYRANOSIDE
28 water water
#
loop_
_entity_poly.entity_id
_entity_poly.type
_entity_poly.pdbx_seq_one_letter_code
_entity_poly.pdbx_strand_id
1 'polypeptide(L)'
;(FME)FINRWLFSTNHKDIGTLYLLFGAWAGMVGTALSLLIRAELGQPGTLLGDDQIYNVVVTAHAFVMIFFMVMPIMIG
GFGNWLVPLMIGAPDMAFPRMNNMSFWLLPPSFLLLLASSMVEAGAGTGWTVYPPLAGNLAHAGASVDLTIFSLHLAGVS
SILGAINFITTIINMKPPAMSQYQTPLFVWSVMITAVLLLLSLPVLAAGITMLLTDRNLNTTFFDPAGGGDPILYQHLFW
FFGHPEVYILILPGFGMISHIVTYYSGKKEPFGYMGMVWAMMSIGFLGFIVWAHHMFTVGMDVDTRAYFTSATMIIAIPT
GVKVFSWLATLHGGNIKWSPAMMWALGFIFLFTVGGLTGIVLANSSLDIVLHDTYYVVAHFHYVLSMGAVFAIMGGFVHW
FPLFSGYTLNDTWAKIHFAIMFVGVNMTFFPQHFLGLSGMPRRYSDYPDAYTMWNTISSMGSFISLTAVMLMVFIIWEAF
ASKREVLTVDLTTTNLEWLNGCPPPYHTFEEPTYVNLK
;
A,N
2 'polypeptide(L)'
;(FME)AYPMQLGFQDATSPIMEELLHFHDHTLMIVFLISSLVLYIISLMLTTKLTHTSTMDAQEVETIWTILPAIILILI
ALPSLRILYMMDEINNPSLTVKTMGHQWYWSYEYTDYEDLSFDSYMIPTSELKPGELRLLEVDNRVVLPMEMTIRMLVSS
EDVLHSWAVPSLGLKTDAIPGRLNQTTLMSSRPGLYYGQCSEICGSNHSFMPIVLELVPLKYFEKWSASMLAINFITTII
NMKPPAMSQYQTPLFVWSVMITAVLLLLSLPVLAAGITMLLTDRNLNTTFFDPAGGGDPILYQHLFWFFGHPEVYILILP
GFGMISHIVTYYSGKKEPFGYMGMVWAMMSIGFLGFIVWAHHMFTVGMDVDTRAYFTSATMIIAIPTGVKVFSWLATLHG
GNIKWSPAMMWALGFIFLFTVGGLTGIVLANSSLDIVLHDTYYVVAHFHYVLSMGAVFAIMGGFVHWFPLFSGYTLNDTW
AKIHFAIMFVGVNMTFFPQHFLGLSGMPRRYSDYPDAYTMWNTISSMGSFISLTAVMLMVFIIWEAFASKREVLTVDLTT
TNLEWLNGCPPPYHTFEEPTYVNLK
;
B,O
3 'polypeptide(L)'
;(FME)THQTHAYHMVNPSPWPLTGALSALLMTSGLTMWFHFNSMTLLMIGLTTNMLTMYQWWRDVIRESTFQGHHTPAVQ
KGLRYGMILFIISEVLFFTGFFWAFYHSSLAPTPELGGCWPPTGIHPLNPLEVPLLNTSVLLASGVSITWAHHSLMEGDR
KHMLQALFITITLGVYFTLLQASEYYEAPFTISDGVYGSTFFVATGFHGLHVIIGSTFLIVCFFRQLKFHFTSNHHFGFE
AGAWYWHFVDVVWLFLYVSIYWWGS
;
C,P
4 'polypeptide(L)'
;AHGSVVKSEDYALPSYVDRRDYPLPDVAHVKNLSASQKALKEKEKASWSSLSIDEKVELYRLKFKESFAEMNRSTNEWKT
VVGAAMFFIGFTALLLIWEKHYVYGPIPHTFEEEWVAKQTKRMLDMKVAPIQGFSAKWDYDKNEWKK
;
D,Q
5 'polypeptide(L)'
;SHGSHETDEEFDARWVTYFNKPDIDAWELRKGMNTLVGYDLVPEPKIIDAALRACRRLNDFASAVRILEVVKDKAGPHKE
IYPYVIQELRPTLNELGISTPEELGLDKV
;
E,R
6 'polypeptide(L)'
;ASGGGVPTDEEQATGLEREVMLAARKGQDPYNILAPKATSGTKEDPNLVPSITNKRIVGCICEEDNSTVIWFWLHKGEAQ
RCPSCGTHYKLVPHQLAH
;
F,S
7 'polypeptide(L)'
;ASAAKGDHGG(TPO)GARTWRFLTFGLALPSVALCTLNSWLHSGHRERPAFIPYHHLRIRTKPFSWGDGNHTFFHNPRVN
PLPTGYEK
;
G,T
8 'polypeptide(L)'
;AEDIQAKIKNYQTAPFDSRFPNQNQTRNCWQNYLDFHRCEKAMTAKGGDVSVCEWYRRVYKSLCPISWVSTWDDRRAEGT
FPGKI
;
H,U
9 'polypeptide(L)' STALAKPQMRGLLARRLRFHIVGAFMVSLGFATFYKFAVAEKRKKAYADFYRNYDSMKDFEEMRKAGIFQSAK I,V
10 'polypeptide(L)' FENRVAEKQKLFQEDNGLPVHLKGGATDNILYRVTMTLCLGGTLYSLYCLGWASFPHKK J,W
11 'polypeptide(L)' IHQKRAPDFHDKYGNAVLASGATFCVAVWVYMATQIGIEWNPSPVGRVTPKEWREQ K,X
12 'polypeptide(L)' SHYEEGPGKNIPFSVENKWRLLAMMTLFFGSGFAAPFFIVRHQLLKK L,Y
13 'polypeptide(L)' ITAKPAKTPTSPKEQAIGLSVTFLSFLLPAGWVLYHLDNYKKSSAA M,Z
#
# COMPACT_ATOMS: atom_id res chain seq x y z
N PHE A 2 -10.21 7.94 -51.29
CA PHE A 2 -11.03 6.89 -50.67
C PHE A 2 -10.22 6.12 -49.63
N ILE A 3 -8.97 5.80 -49.97
CA ILE A 3 -8.12 5.06 -49.05
C ILE A 3 -7.74 5.94 -47.86
N ASN A 4 -7.46 7.22 -48.12
CA ASN A 4 -7.14 8.13 -47.03
C ASN A 4 -8.31 8.29 -46.07
N ARG A 5 -9.53 8.33 -46.60
CA ARG A 5 -10.70 8.59 -45.75
C ARG A 5 -11.14 7.37 -44.98
N TRP A 6 -11.18 6.20 -45.63
CA TRP A 6 -11.81 5.03 -45.04
C TRP A 6 -10.83 3.97 -44.54
N LEU A 7 -9.58 4.01 -44.98
CA LEU A 7 -8.56 3.12 -44.43
C LEU A 7 -7.61 3.83 -43.48
N PHE A 8 -7.41 5.14 -43.66
CA PHE A 8 -6.51 5.93 -42.83
C PHE A 8 -7.27 6.92 -41.93
N SER A 9 -8.53 6.61 -41.62
CA SER A 9 -9.41 7.58 -40.97
C SER A 9 -8.86 8.02 -39.60
N THR A 10 -9.06 9.29 -39.29
CA THR A 10 -8.88 9.83 -37.95
C THR A 10 -10.11 10.63 -37.54
N ASN A 11 -11.27 10.25 -38.04
CA ASN A 11 -12.52 10.98 -37.84
C ASN A 11 -13.49 10.08 -37.09
N HIS A 12 -14.07 10.61 -36.01
CA HIS A 12 -14.93 9.79 -35.15
C HIS A 12 -16.21 9.37 -35.86
N LYS A 13 -16.73 10.20 -36.78
CA LYS A 13 -17.95 9.83 -37.48
C LYS A 13 -17.70 8.70 -38.47
N ASP A 14 -16.68 8.85 -39.32
CA ASP A 14 -16.36 7.80 -40.28
C ASP A 14 -16.01 6.48 -39.59
N ILE A 15 -15.21 6.54 -38.52
CA ILE A 15 -14.86 5.34 -37.79
C ILE A 15 -16.11 4.71 -37.17
N GLY A 16 -17.01 5.54 -36.64
CA GLY A 16 -18.28 5.02 -36.15
C GLY A 16 -19.09 4.36 -37.25
N THR A 17 -19.07 4.94 -38.46
CA THR A 17 -19.75 4.33 -39.59
C THR A 17 -19.15 2.97 -39.93
N LEU A 18 -17.82 2.87 -39.90
CA LEU A 18 -17.17 1.59 -40.15
C LEU A 18 -17.60 0.53 -39.13
N TYR A 19 -17.67 0.92 -37.86
CA TYR A 19 -18.14 -0.01 -36.82
C TYR A 19 -19.57 -0.49 -37.12
N LEU A 20 -20.44 0.42 -37.56
CA LEU A 20 -21.82 0.05 -37.83
C LEU A 20 -21.92 -0.93 -39.00
N LEU A 21 -21.16 -0.67 -40.07
CA LEU A 21 -21.11 -1.62 -41.18
C LEU A 21 -20.57 -2.96 -40.75
N PHE A 22 -19.49 -2.96 -39.96
CA PHE A 22 -18.92 -4.20 -39.46
C PHE A 22 -19.93 -4.96 -38.60
N GLY A 23 -20.58 -4.26 -37.68
CA GLY A 23 -21.54 -4.92 -36.81
C GLY A 23 -22.75 -5.45 -37.56
N ALA A 24 -23.20 -4.72 -38.59
CA ALA A 24 -24.31 -5.19 -39.40
C ALA A 24 -23.95 -6.48 -40.14
N TRP A 25 -22.75 -6.54 -40.72
CA TRP A 25 -22.31 -7.75 -41.38
C TRP A 25 -22.20 -8.92 -40.41
N ALA A 26 -21.59 -8.68 -39.24
CA ALA A 26 -21.51 -9.71 -38.22
C ALA A 26 -22.89 -10.18 -37.78
N GLY A 27 -23.86 -9.26 -37.69
CA GLY A 27 -25.21 -9.63 -37.34
C GLY A 27 -25.81 -10.62 -38.32
N MET A 28 -25.42 -10.54 -39.59
CA MET A 28 -25.85 -11.54 -40.55
C MET A 28 -25.25 -12.90 -40.23
N VAL A 29 -23.96 -12.92 -39.90
CA VAL A 29 -23.30 -14.19 -39.56
C VAL A 29 -23.92 -14.81 -38.32
N GLY A 30 -24.15 -13.99 -37.29
CA GLY A 30 -24.75 -14.51 -36.07
C GLY A 30 -26.17 -15.01 -36.28
N THR A 31 -26.92 -14.34 -37.15
CA THR A 31 -28.28 -14.78 -37.44
C THR A 31 -28.28 -16.14 -38.14
N ALA A 32 -27.42 -16.30 -39.15
CA ALA A 32 -27.32 -17.59 -39.84
C ALA A 32 -26.93 -18.70 -38.89
N LEU A 33 -25.99 -18.44 -37.98
CA LEU A 33 -25.60 -19.44 -37.00
C LEU A 33 -26.77 -19.79 -36.08
N SER A 34 -27.57 -18.79 -35.70
CA SER A 34 -28.72 -19.05 -34.83
C SER A 34 -29.76 -19.92 -35.52
N LEU A 35 -29.95 -19.74 -36.83
CA LEU A 35 -30.90 -20.57 -37.56
C LEU A 35 -30.39 -22.00 -37.70
N LEU A 36 -29.08 -22.17 -37.92
CA LEU A 36 -28.51 -23.50 -37.95
C LEU A 36 -28.72 -24.23 -36.63
N ILE A 37 -28.64 -23.51 -35.51
CA ILE A 37 -28.91 -24.10 -34.20
C ILE A 37 -30.35 -24.61 -34.15
N ARG A 38 -31.30 -23.72 -34.42
CA ARG A 38 -32.71 -24.06 -34.29
C ARG A 38 -33.20 -24.98 -35.41
N ALA A 39 -32.48 -25.04 -36.54
CA ALA A 39 -32.80 -26.04 -37.55
C ALA A 39 -32.43 -27.44 -37.05
N GLU A 40 -31.30 -27.55 -36.36
CA GLU A 40 -30.92 -28.83 -35.74
C GLU A 40 -31.94 -29.26 -34.70
N LEU A 41 -32.49 -28.31 -33.95
CA LEU A 41 -33.43 -28.60 -32.87
C LEU A 41 -34.89 -28.52 -33.32
N GLY A 42 -35.14 -28.21 -34.59
CA GLY A 42 -36.52 -27.99 -35.02
C GLY A 42 -37.37 -29.24 -35.01
N GLN A 43 -36.75 -30.40 -35.18
CA GLN A 43 -37.44 -31.67 -35.06
C GLN A 43 -36.50 -32.69 -34.41
N PRO A 44 -37.05 -33.68 -33.72
CA PRO A 44 -36.20 -34.68 -33.05
C PRO A 44 -35.35 -35.45 -34.05
N GLY A 45 -34.15 -35.82 -33.61
CA GLY A 45 -33.17 -36.48 -34.44
C GLY A 45 -31.95 -35.59 -34.65
N THR A 46 -31.10 -36.01 -35.57
CA THR A 46 -29.88 -35.29 -35.91
C THR A 46 -29.97 -34.83 -37.36
N LEU A 47 -29.68 -33.55 -37.58
CA LEU A 47 -29.72 -32.95 -38.91
C LEU A 47 -28.32 -32.74 -39.49
N LEU A 48 -27.44 -32.08 -38.74
CA LEU A 48 -26.10 -31.78 -39.20
C LEU A 48 -25.11 -32.90 -38.87
N GLY A 49 -25.11 -33.33 -37.62
CA GLY A 49 -24.12 -34.30 -37.16
C GLY A 49 -24.19 -34.43 -35.66
N ASP A 50 -23.08 -34.89 -35.08
CA ASP A 50 -23.02 -35.08 -33.63
C ASP A 50 -22.79 -33.72 -32.96
N ASP A 51 -22.47 -33.74 -31.67
CA ASP A 51 -22.40 -32.50 -30.90
C ASP A 51 -21.22 -31.62 -31.28
N GLN A 52 -20.22 -32.16 -31.98
CA GLN A 52 -19.05 -31.37 -32.32
C GLN A 52 -19.39 -30.23 -33.27
N ILE A 53 -19.93 -30.56 -34.44
CA ILE A 53 -20.28 -29.52 -35.42
C ILE A 53 -21.37 -28.62 -34.87
N TYR A 54 -22.31 -29.19 -34.10
CA TYR A 54 -23.37 -28.38 -33.51
C TYR A 54 -22.82 -27.32 -32.57
N ASN A 55 -21.93 -27.72 -31.66
CA ASN A 55 -21.41 -26.77 -30.69
C ASN A 55 -20.37 -25.83 -31.28
N VAL A 56 -19.74 -26.20 -32.39
CA VAL A 56 -18.95 -25.23 -33.15
C VAL A 56 -19.85 -24.10 -33.63
N VAL A 57 -21.04 -24.44 -34.10
CA VAL A 57 -22.00 -23.42 -34.51
C VAL A 57 -22.47 -22.62 -33.31
N VAL A 58 -22.76 -23.31 -32.19
CA VAL A 58 -23.20 -22.62 -30.98
C VAL A 58 -22.11 -21.69 -30.46
N THR A 59 -20.86 -22.16 -30.44
CA THR A 59 -19.76 -21.34 -29.96
C THR A 59 -19.57 -20.10 -30.82
N ALA A 60 -19.61 -20.26 -32.14
CA ALA A 60 -19.43 -19.12 -33.03
C ALA A 60 -20.61 -18.17 -32.95
N HIS A 61 -21.83 -18.71 -32.80
CA HIS A 61 -23.01 -17.87 -32.61
C HIS A 61 -22.82 -16.88 -31.47
N ALA A 62 -22.38 -17.37 -30.31
CA ALA A 62 -22.18 -16.50 -29.16
C ALA A 62 -21.07 -15.48 -29.43
N PHE A 63 -19.92 -15.94 -29.93
CA PHE A 63 -18.79 -15.05 -30.16
C PHE A 63 -19.14 -13.95 -31.15
N VAL A 64 -19.79 -14.31 -32.26
CA VAL A 64 -20.10 -13.32 -33.29
C VAL A 64 -21.09 -12.29 -32.75
N MET A 65 -22.14 -12.76 -32.08
CA MET A 65 -23.17 -11.86 -31.58
C MET A 65 -22.62 -10.91 -30.51
N ILE A 66 -21.72 -11.40 -29.66
CA ILE A 66 -21.26 -10.61 -28.53
C ILE A 66 -20.12 -9.68 -28.95
N PHE A 67 -19.04 -10.26 -29.48
CA PHE A 67 -17.83 -9.48 -29.72
C PHE A 67 -17.85 -8.74 -31.05
N PHE A 68 -18.60 -9.23 -32.03
CA PHE A 68 -18.57 -8.66 -33.36
C PHE A 68 -19.83 -7.92 -33.77
N MET A 69 -20.94 -8.10 -33.04
CA MET A 69 -22.19 -7.43 -33.36
C MET A 69 -22.54 -6.40 -32.30
N VAL A 70 -22.82 -6.83 -31.06
CA VAL A 70 -23.32 -5.91 -30.04
C VAL A 70 -22.26 -4.87 -29.69
N MET A 71 -21.06 -5.35 -29.33
CA MET A 71 -20.02 -4.43 -28.86
C MET A 71 -19.57 -3.44 -29.94
N PRO A 72 -19.30 -3.84 -31.18
CA PRO A 72 -18.92 -2.83 -32.18
C PRO A 72 -20.02 -1.85 -32.51
N ILE A 73 -21.29 -2.29 -32.48
CA ILE A 73 -22.39 -1.39 -32.81
C ILE A 73 -22.62 -0.39 -31.68
N MET A 74 -22.71 -0.89 -30.45
CA MET A 74 -23.02 -0.01 -29.32
C MET A 74 -21.85 0.92 -29.00
N ILE A 75 -20.66 0.36 -28.82
CA ILE A 75 -19.52 1.12 -28.31
C ILE A 75 -18.77 1.76 -29.46
N GLY A 76 -18.35 0.94 -30.44
CA GLY A 76 -17.60 1.49 -31.56
C GLY A 76 -18.47 2.31 -32.50
N GLY A 77 -19.72 1.91 -32.69
CA GLY A 77 -20.59 2.58 -33.62
C GLY A 77 -21.28 3.80 -33.04
N PHE A 78 -22.31 3.58 -32.21
CA PHE A 78 -23.01 4.69 -31.59
C PHE A 78 -22.09 5.52 -30.72
N GLY A 79 -21.14 4.87 -30.03
CA GLY A 79 -20.24 5.60 -29.15
C GLY A 79 -19.40 6.62 -29.90
N ASN A 80 -18.72 6.18 -30.95
CA ASN A 80 -17.87 7.10 -31.72
C ASN A 80 -18.70 8.19 -32.39
N TRP A 81 -19.89 7.84 -32.88
CA TRP A 81 -20.74 8.82 -33.54
C TRP A 81 -21.27 9.86 -32.56
N LEU A 82 -21.80 9.40 -31.42
CA LEU A 82 -22.61 10.27 -30.56
C LEU A 82 -21.82 10.95 -29.45
N VAL A 83 -20.84 10.26 -28.85
CA VAL A 83 -20.17 10.79 -27.67
C VAL A 83 -19.48 12.14 -27.94
N PRO A 84 -18.64 12.26 -28.97
CA PRO A 84 -18.07 13.60 -29.24
C PRO A 84 -19.11 14.65 -29.55
N LEU A 85 -20.18 14.29 -30.27
CA LEU A 85 -21.23 15.26 -30.60
C LEU A 85 -21.97 15.71 -29.34
N MET A 86 -22.21 14.79 -28.39
CA MET A 86 -23.00 15.10 -27.22
C MET A 86 -22.25 15.96 -26.20
N ILE A 87 -20.94 16.08 -26.32
CA ILE A 87 -20.15 16.93 -25.44
C ILE A 87 -19.48 18.08 -26.18
N GLY A 88 -19.83 18.29 -27.45
CA GLY A 88 -19.27 19.40 -28.20
C GLY A 88 -17.79 19.27 -28.50
N ALA A 89 -17.28 18.04 -28.58
CA ALA A 89 -15.86 17.81 -28.79
C ALA A 89 -15.56 17.69 -30.28
N PRO A 90 -14.38 18.16 -30.71
CA PRO A 90 -14.05 18.07 -32.14
C PRO A 90 -13.83 16.65 -32.63
N ASP A 91 -13.45 15.73 -31.74
CA ASP A 91 -13.22 14.33 -32.09
C ASP A 91 -12.87 13.55 -30.82
N MET A 92 -12.41 12.31 -30.98
CA MET A 92 -11.94 11.55 -29.84
C MET A 92 -10.59 12.08 -29.38
N ALA A 93 -10.20 11.68 -28.16
CA ALA A 93 -8.92 12.13 -27.63
C ALA A 93 -7.75 11.55 -28.42
N PHE A 94 -7.89 10.32 -28.89
CA PHE A 94 -6.84 9.64 -29.64
C PHE A 94 -7.45 9.18 -30.96
N PRO A 95 -7.59 10.10 -31.92
CA PRO A 95 -8.33 9.75 -33.15
C PRO A 95 -7.63 8.71 -34.00
N ARG A 96 -6.29 8.64 -33.96
CA ARG A 96 -5.58 7.66 -34.76
C ARG A 96 -5.56 6.29 -34.09
N MET A 97 -5.37 6.25 -32.77
CA MET A 97 -5.55 4.99 -32.05
C MET A 97 -6.97 4.48 -32.16
N ASN A 98 -7.94 5.40 -32.28
CA ASN A 98 -9.34 5.01 -32.50
C ASN A 98 -9.48 4.17 -33.76
N ASN A 99 -8.73 4.50 -34.81
CA ASN A 99 -8.82 3.77 -36.07
C ASN A 99 -8.28 2.35 -35.94
N MET A 100 -7.25 2.14 -35.12
CA MET A 100 -6.73 0.78 -34.95
C MET A 100 -7.68 -0.09 -34.13
N SER A 101 -8.43 0.51 -33.20
CA SER A 101 -9.45 -0.25 -32.47
C SER A 101 -10.43 -0.91 -33.42
N PHE A 102 -10.85 -0.19 -34.47
CA PHE A 102 -11.73 -0.80 -35.47
C PHE A 102 -11.00 -1.86 -36.28
N TRP A 103 -9.90 -1.48 -36.91
CA TRP A 103 -9.22 -2.37 -37.86
C TRP A 103 -8.63 -3.61 -37.21
N LEU A 104 -8.63 -3.70 -35.88
CA LEU A 104 -8.27 -4.97 -35.24
C LEU A 104 -9.38 -6.00 -35.32
N LEU A 105 -10.61 -5.57 -35.61
CA LEU A 105 -11.77 -6.46 -35.55
C LEU A 105 -11.91 -7.37 -36.78
N PRO A 106 -11.72 -6.88 -38.01
CA PRO A 106 -11.77 -7.78 -39.17
C PRO A 106 -10.76 -8.92 -39.08
N PRO A 107 -9.51 -8.66 -38.66
CA PRO A 107 -8.63 -9.81 -38.41
C PRO A 107 -9.11 -10.71 -37.28
N SER A 108 -9.63 -10.12 -36.19
CA SER A 108 -10.24 -10.91 -35.13
C SER A 108 -11.37 -11.80 -35.68
N PHE A 109 -12.22 -11.22 -36.53
CA PHE A 109 -13.27 -12.02 -37.15
C PHE A 109 -12.68 -13.10 -38.07
N LEU A 110 -11.65 -12.74 -38.84
CA LEU A 110 -10.99 -13.70 -39.71
C LEU A 110 -10.43 -14.88 -38.91
N LEU A 111 -9.83 -14.60 -37.74
CA LEU A 111 -9.29 -15.67 -36.91
C LEU A 111 -10.39 -16.59 -36.41
N LEU A 112 -11.55 -16.03 -36.07
CA LEU A 112 -12.67 -16.86 -35.63
C LEU A 112 -13.15 -17.77 -36.76
N LEU A 113 -13.34 -17.21 -37.95
CA LEU A 113 -13.75 -18.01 -39.09
C LEU A 113 -12.71 -19.06 -39.44
N ALA A 114 -11.43 -18.74 -39.25
CA ALA A 114 -10.37 -19.71 -39.51
C ALA A 114 -10.46 -20.90 -38.57
N SER A 115 -10.83 -20.66 -37.30
CA SER A 115 -10.91 -21.74 -36.32
C SER A 115 -11.99 -22.75 -36.68
N SER A 116 -13.09 -22.30 -37.28
CA SER A 116 -14.16 -23.20 -37.70
C SER A 116 -13.87 -23.88 -39.03
N MET A 117 -12.90 -23.39 -39.80
N MET A 117 -12.89 -23.41 -39.80
CA MET A 117 -12.54 -24.01 -41.07
CA MET A 117 -12.55 -24.04 -41.07
C MET A 117 -11.49 -25.10 -40.92
C MET A 117 -11.46 -25.09 -40.94
N VAL A 118 -10.57 -24.94 -39.99
CA VAL A 118 -9.49 -25.92 -39.82
C VAL A 118 -9.94 -27.01 -38.84
N GLU A 119 -9.41 -28.20 -39.02
CA GLU A 119 -9.71 -29.34 -38.16
C GLU A 119 -11.20 -29.52 -37.97
N ALA A 120 -11.62 -29.73 -36.73
CA ALA A 120 -13.04 -29.93 -36.57
C ALA A 120 -13.74 -28.76 -35.87
N GLY A 121 -13.11 -27.57 -35.88
CA GLY A 121 -13.69 -26.41 -35.24
C GLY A 121 -13.50 -26.45 -33.74
N ALA A 122 -13.83 -25.33 -33.11
CA ALA A 122 -13.78 -25.19 -31.65
C ALA A 122 -15.20 -25.40 -31.13
N GLY A 123 -15.51 -26.63 -30.74
CA GLY A 123 -16.80 -26.93 -30.18
C GLY A 123 -16.75 -26.95 -28.67
N THR A 124 -16.43 -25.80 -28.09
CA THR A 124 -16.14 -25.69 -26.68
C THR A 124 -17.15 -24.87 -25.90
N GLY A 125 -18.02 -24.14 -26.57
CA GLY A 125 -18.78 -23.12 -25.92
C GLY A 125 -17.99 -21.83 -25.80
N TRP A 126 -18.74 -20.74 -25.74
CA TRP A 126 -18.05 -19.45 -25.72
C TRP A 126 -17.30 -19.24 -24.42
N THR A 127 -17.46 -20.14 -23.44
CA THR A 127 -16.68 -20.06 -22.23
C THR A 127 -15.32 -20.73 -22.36
N VAL A 128 -15.18 -21.67 -23.30
CA VAL A 128 -13.91 -22.32 -23.62
C VAL A 128 -13.32 -22.99 -22.38
N TYR A 129 -14.14 -23.74 -21.66
CA TYR A 129 -13.65 -24.44 -20.48
C TYR A 129 -12.64 -25.51 -20.87
N PRO A 130 -11.52 -25.62 -20.16
CA PRO A 130 -10.72 -26.84 -20.22
C PRO A 130 -11.33 -27.91 -19.32
N PRO A 131 -10.93 -29.17 -19.49
CA PRO A 131 -9.95 -29.74 -20.42
C PRO A 131 -10.50 -29.97 -21.83
N LEU A 132 -11.81 -29.77 -22.03
CA LEU A 132 -12.38 -29.93 -23.36
C LEU A 132 -11.69 -29.04 -24.38
N ALA A 133 -11.32 -27.83 -23.97
CA ALA A 133 -10.60 -26.90 -24.83
C ALA A 133 -9.09 -27.15 -24.83
N GLY A 134 -8.61 -28.13 -24.06
CA GLY A 134 -7.20 -28.42 -24.00
C GLY A 134 -6.70 -29.07 -25.28
N ASN A 135 -5.39 -29.31 -25.30
CA ASN A 135 -4.73 -29.89 -26.47
C ASN A 135 -4.97 -31.38 -26.63
N LEU A 136 -5.69 -32.02 -25.71
N LEU A 136 -5.67 -32.02 -25.68
CA LEU A 136 -6.01 -33.44 -25.80
CA LEU A 136 -6.00 -33.43 -25.75
C LEU A 136 -7.41 -33.69 -26.33
C LEU A 136 -7.39 -33.64 -26.36
N ALA A 137 -8.42 -33.02 -25.78
CA ALA A 137 -9.78 -33.17 -26.28
C ALA A 137 -10.06 -32.24 -27.46
N HIS A 138 -9.23 -31.22 -27.67
CA HIS A 138 -9.36 -30.31 -28.80
C HIS A 138 -7.98 -30.04 -29.39
N ALA A 139 -7.30 -31.11 -29.79
CA ALA A 139 -6.02 -30.98 -30.47
C ALA A 139 -6.21 -30.24 -31.79
N GLY A 140 -5.19 -29.48 -32.18
CA GLY A 140 -5.20 -28.71 -33.40
C GLY A 140 -5.29 -27.22 -33.14
N ALA A 141 -5.39 -26.47 -34.23
CA ALA A 141 -5.26 -25.02 -34.21
C ALA A 141 -6.57 -24.29 -33.92
N SER A 142 -7.70 -25.01 -33.84
CA SER A 142 -8.99 -24.35 -33.74
C SER A 142 -9.10 -23.51 -32.47
N VAL A 143 -8.85 -24.11 -31.31
CA VAL A 143 -8.98 -23.38 -30.05
C VAL A 143 -7.93 -22.28 -29.97
N ASP A 144 -6.74 -22.52 -30.50
CA ASP A 144 -5.70 -21.49 -30.47
C ASP A 144 -6.08 -20.30 -31.34
N LEU A 145 -6.71 -20.55 -32.49
CA LEU A 145 -7.20 -19.45 -33.32
C LEU A 145 -8.33 -18.70 -32.62
N THR A 146 -9.16 -19.42 -31.86
CA THR A 146 -10.19 -18.77 -31.07
C THR A 146 -9.59 -17.86 -30.01
N ILE A 147 -8.55 -18.32 -29.32
CA ILE A 147 -7.90 -17.52 -28.29
C ILE A 147 -7.31 -16.25 -28.90
N PHE A 148 -6.59 -16.39 -30.02
CA PHE A 148 -6.00 -15.22 -30.67
C PHE A 148 -7.06 -14.26 -31.16
N SER A 149 -8.20 -14.79 -31.64
CA SER A 149 -9.32 -13.93 -32.00
C SER A 149 -9.77 -13.09 -30.81
N LEU A 150 -9.89 -13.72 -29.64
CA LEU A 150 -10.24 -12.97 -28.43
C LEU A 150 -9.15 -12.00 -28.03
N HIS A 151 -7.88 -12.33 -28.29
CA HIS A 151 -6.79 -11.41 -28.00
C HIS A 151 -6.93 -10.12 -28.79
N LEU A 152 -7.21 -10.23 -30.09
CA LEU A 152 -7.31 -9.03 -30.92
C LEU A 152 -8.54 -8.21 -30.55
N ALA A 153 -9.67 -8.86 -30.27
CA ALA A 153 -10.85 -8.15 -29.82
C ALA A 153 -10.61 -7.52 -28.45
N GLY A 154 -9.87 -8.21 -27.58
CA GLY A 154 -9.53 -7.63 -26.29
C GLY A 154 -8.72 -6.34 -26.43
N VAL A 155 -7.66 -6.38 -27.25
CA VAL A 155 -6.84 -5.19 -27.45
C VAL A 155 -7.65 -4.06 -28.04
N SER A 156 -8.56 -4.38 -28.98
CA SER A 156 -9.37 -3.36 -29.62
C SER A 156 -10.23 -2.63 -28.60
N SER A 157 -10.91 -3.37 -27.72
CA SER A 157 -11.81 -2.74 -26.75
C SER A 157 -11.05 -2.06 -25.62
N ILE A 158 -9.89 -2.60 -25.23
CA ILE A 158 -9.11 -1.97 -24.17
C ILE A 158 -8.61 -0.61 -24.63
N LEU A 159 -8.10 -0.51 -25.85
CA LEU A 159 -7.66 0.78 -26.38
C LEU A 159 -8.85 1.70 -26.62
N GLY A 160 -9.98 1.13 -27.06
CA GLY A 160 -11.19 1.92 -27.18
C GLY A 160 -11.68 2.43 -25.84
N ALA A 161 -11.58 1.59 -24.80
CA ALA A 161 -11.94 2.01 -23.46
C ALA A 161 -11.06 3.17 -22.99
N ILE A 162 -9.75 3.10 -23.26
CA ILE A 162 -8.85 4.18 -22.89
C ILE A 162 -9.23 5.45 -23.64
N ASN A 163 -9.65 5.30 -24.89
CA ASN A 163 -10.02 6.47 -25.70
C ASN A 163 -11.29 7.14 -25.17
N PHE A 164 -12.31 6.33 -24.85
CA PHE A 164 -13.57 6.90 -24.41
C PHE A 164 -13.45 7.55 -23.03
N ILE A 165 -12.77 6.90 -22.09
CA ILE A 165 -12.61 7.47 -20.75
C ILE A 165 -11.88 8.81 -20.83
N THR A 166 -10.79 8.84 -21.60
CA THR A 166 -10.02 10.08 -21.76
C THR A 166 -10.86 11.16 -22.42
N THR A 167 -11.58 10.81 -23.49
CA THR A 167 -12.39 11.80 -24.20
C THR A 167 -13.48 12.37 -23.31
N ILE A 168 -14.18 11.51 -22.58
CA ILE A 168 -15.31 11.95 -21.77
C ILE A 168 -14.84 12.80 -20.59
N ILE A 169 -13.70 12.45 -20.01
CA ILE A 169 -13.20 13.17 -18.85
C ILE A 169 -12.58 14.50 -19.26
N ASN A 170 -11.80 14.51 -20.34
CA ASN A 170 -10.91 15.62 -20.63
C ASN A 170 -11.45 16.61 -21.67
N MET A 171 -12.40 16.21 -22.52
CA MET A 171 -12.76 17.00 -23.69
C MET A 171 -14.18 17.54 -23.62
N LYS A 172 -14.70 17.74 -22.42
CA LYS A 172 -15.96 18.45 -22.26
C LYS A 172 -15.72 19.96 -22.25
N PRO A 173 -16.76 20.76 -22.49
CA PRO A 173 -16.62 22.20 -22.33
C PRO A 173 -16.19 22.53 -20.91
N PRO A 174 -15.35 23.56 -20.73
CA PRO A 174 -14.79 23.83 -19.40
C PRO A 174 -15.84 24.07 -18.33
N ALA A 175 -17.02 24.59 -18.69
CA ALA A 175 -18.07 24.81 -17.72
C ALA A 175 -18.91 23.56 -17.45
N MET A 176 -18.87 22.57 -18.33
CA MET A 176 -19.68 21.39 -18.17
C MET A 176 -19.02 20.41 -17.21
N SER A 177 -19.69 20.13 -16.10
CA SER A 177 -19.23 19.10 -15.17
C SER A 177 -19.71 17.73 -15.65
N GLN A 178 -19.21 16.69 -14.99
CA GLN A 178 -19.63 15.33 -15.33
C GLN A 178 -21.12 15.14 -15.10
N TYR A 179 -21.71 15.91 -14.18
CA TYR A 179 -23.14 15.85 -13.91
C TYR A 179 -23.96 16.74 -14.82
N GLN A 180 -23.36 17.24 -15.90
CA GLN A 180 -24.07 17.96 -16.96
C GLN A 180 -23.94 17.26 -18.30
N THR A 181 -23.54 15.98 -18.31
CA THR A 181 -23.36 15.18 -19.51
C THR A 181 -24.55 14.24 -19.72
N PRO A 182 -24.91 13.99 -20.97
CA PRO A 182 -26.05 13.10 -21.24
C PRO A 182 -25.80 11.69 -20.70
N LEU A 183 -26.91 11.00 -20.41
CA LEU A 183 -26.82 9.67 -19.80
C LEU A 183 -26.11 8.67 -20.69
N PHE A 184 -26.24 8.79 -22.01
CA PHE A 184 -25.53 7.89 -22.90
C PHE A 184 -24.02 8.04 -22.76
N VAL A 185 -23.55 9.29 -22.62
CA VAL A 185 -22.13 9.52 -22.37
C VAL A 185 -21.72 8.86 -21.05
N TRP A 186 -22.57 8.94 -20.03
CA TRP A 186 -22.32 8.24 -18.77
C TRP A 186 -22.22 6.74 -19.00
N SER A 187 -23.16 6.18 -19.77
CA SER A 187 -23.19 4.73 -19.98
C SER A 187 -21.96 4.25 -20.74
N VAL A 188 -21.42 5.08 -21.63
CA VAL A 188 -20.25 4.66 -22.39
C VAL A 188 -19.00 4.67 -21.51
N MET A 189 -18.84 5.70 -20.67
CA MET A 189 -17.68 5.76 -19.79
C MET A 189 -17.66 4.61 -18.80
N ILE A 190 -18.80 4.33 -18.17
CA ILE A 190 -18.89 3.23 -17.21
C ILE A 190 -18.61 1.91 -17.92
N THR A 191 -19.18 1.72 -19.11
CA THR A 191 -18.86 0.56 -19.92
C THR A 191 -17.35 0.48 -20.19
N ALA A 192 -16.73 1.62 -20.51
CA ALA A 192 -15.31 1.63 -20.82
C ALA A 192 -14.46 1.24 -19.61
N VAL A 193 -14.89 1.62 -18.41
CA VAL A 193 -14.13 1.24 -17.22
C VAL A 193 -14.25 -0.24 -16.95
N LEU A 194 -15.45 -0.81 -17.15
CA LEU A 194 -15.62 -2.24 -17.01
C LEU A 194 -14.77 -3.00 -18.01
N LEU A 195 -14.66 -2.49 -19.24
CA LEU A 195 -13.78 -3.10 -20.23
C LEU A 195 -12.33 -3.01 -19.80
N LEU A 196 -11.90 -1.84 -19.33
CA LEU A 196 -10.52 -1.63 -18.91
C LEU A 196 -10.11 -2.61 -17.81
N LEU A 197 -11.03 -2.93 -16.89
CA LEU A 197 -10.68 -3.75 -15.73
C LEU A 197 -10.88 -5.24 -15.96
N SER A 198 -11.83 -5.64 -16.82
CA SER A 198 -12.20 -7.03 -16.95
C SER A 198 -11.45 -7.76 -18.07
N LEU A 199 -11.29 -7.12 -19.22
CA LEU A 199 -10.62 -7.77 -20.34
C LEU A 199 -9.18 -8.20 -20.03
N PRO A 200 -8.36 -7.43 -19.31
CA PRO A 200 -7.02 -7.95 -18.97
C PRO A 200 -7.05 -9.24 -18.17
N VAL A 201 -8.06 -9.43 -17.32
CA VAL A 201 -8.18 -10.70 -16.60
C VAL A 201 -8.54 -11.83 -17.56
N LEU A 202 -9.43 -11.57 -18.51
CA LEU A 202 -9.72 -12.55 -19.55
C LEU A 202 -8.47 -12.86 -20.36
N ALA A 203 -7.72 -11.82 -20.75
CA ALA A 203 -6.51 -12.02 -21.54
C ALA A 203 -5.49 -12.88 -20.80
N ALA A 204 -5.42 -12.71 -19.48
CA ALA A 204 -4.52 -13.56 -18.69
C ALA A 204 -5.01 -15.00 -18.64
N GLY A 205 -6.32 -15.19 -18.47
CA GLY A 205 -6.87 -16.54 -18.40
C GLY A 205 -6.65 -17.31 -19.69
N ILE A 206 -6.98 -16.70 -20.83
CA ILE A 206 -6.85 -17.40 -22.10
C ILE A 206 -5.40 -17.52 -22.54
N THR A 207 -4.52 -16.64 -22.06
CA THR A 207 -3.10 -16.83 -22.30
C THR A 207 -2.58 -18.06 -21.56
N MET A 208 -3.10 -18.30 -20.35
CA MET A 208 -2.73 -19.50 -19.61
C MET A 208 -3.29 -20.75 -20.28
N LEU A 209 -4.46 -20.65 -20.90
CA LEU A 209 -4.96 -21.77 -21.69
C LEU A 209 -4.09 -22.00 -22.91
N LEU A 210 -3.58 -20.92 -23.51
CA LEU A 210 -2.70 -21.04 -24.68
C LEU A 210 -1.40 -21.76 -24.31
N THR A 211 -0.80 -21.36 -23.19
CA THR A 211 0.45 -21.99 -22.77
C THR A 211 0.23 -23.44 -22.33
N ASP A 212 -0.91 -23.72 -21.69
CA ASP A 212 -1.26 -25.09 -21.37
C ASP A 212 -1.35 -25.94 -22.62
N ARG A 213 -1.83 -25.36 -23.71
CA ARG A 213 -2.01 -26.11 -24.95
C ARG A 213 -0.73 -26.24 -25.76
N ASN A 214 0.21 -25.32 -25.60
CA ASN A 214 1.37 -25.26 -26.49
C ASN A 214 2.72 -25.17 -25.80
N LEU A 215 2.78 -24.79 -24.52
CA LEU A 215 4.05 -24.65 -23.82
C LEU A 215 4.17 -25.59 -22.61
N ASN A 216 3.26 -26.56 -22.48
CA ASN A 216 3.32 -27.59 -21.44
C ASN A 216 3.23 -27.00 -20.04
N THR A 217 2.59 -25.84 -19.90
CA THR A 217 2.20 -25.39 -18.57
C THR A 217 0.97 -26.19 -18.12
N THR A 218 0.68 -26.11 -16.82
CA THR A 218 -0.40 -26.89 -16.23
C THR A 218 -1.20 -26.02 -15.26
N PHE A 219 -1.54 -24.80 -15.69
CA PHE A 219 -2.40 -23.94 -14.88
C PHE A 219 -3.73 -24.62 -14.59
N PHE A 220 -4.28 -25.32 -15.57
CA PHE A 220 -5.61 -25.91 -15.48
C PHE A 220 -5.58 -27.43 -15.55
N ASP A 221 -4.39 -28.04 -15.48
CA ASP A 221 -4.23 -29.47 -15.62
C ASP A 221 -3.92 -30.07 -14.26
N PRO A 222 -4.81 -30.91 -13.70
CA PRO A 222 -4.52 -31.50 -12.39
C PRO A 222 -3.23 -32.30 -12.34
N ALA A 223 -2.83 -32.92 -13.45
CA ALA A 223 -1.61 -33.72 -13.47
C ALA A 223 -0.40 -32.93 -13.00
N GLY A 224 -0.36 -31.64 -13.29
CA GLY A 224 0.72 -30.76 -12.86
C GLY A 224 0.40 -29.93 -11.63
N GLY A 225 -0.70 -30.22 -10.94
CA GLY A 225 -1.14 -29.41 -9.82
C GLY A 225 -2.11 -28.30 -10.16
N GLY A 226 -2.58 -28.25 -11.40
CA GLY A 226 -3.51 -27.21 -11.82
C GLY A 226 -4.95 -27.51 -11.43
N ASP A 227 -5.83 -26.61 -11.84
CA ASP A 227 -7.23 -26.69 -11.49
C ASP A 227 -8.08 -26.15 -12.63
N PRO A 228 -8.94 -26.97 -13.24
CA PRO A 228 -9.85 -26.45 -14.27
C PRO A 228 -10.79 -25.39 -13.73
N ILE A 229 -11.08 -25.41 -12.44
CA ILE A 229 -11.96 -24.42 -11.84
C ILE A 229 -11.31 -23.04 -11.81
N LEU A 230 -9.97 -23.00 -11.78
CA LEU A 230 -9.28 -21.71 -11.80
C LEU A 230 -9.59 -20.93 -13.06
N TYR A 231 -9.66 -21.61 -14.21
CA TYR A 231 -10.02 -20.94 -15.45
C TYR A 231 -11.42 -20.33 -15.36
N GLN A 232 -12.37 -21.08 -14.79
CA GLN A 232 -13.74 -20.59 -14.66
C GLN A 232 -13.80 -19.30 -13.85
N HIS A 233 -13.05 -19.25 -12.74
CA HIS A 233 -12.95 -18.02 -11.97
C HIS A 233 -12.39 -16.88 -12.82
N LEU A 234 -11.30 -17.14 -13.54
CA LEU A 234 -10.67 -16.09 -14.35
C LEU A 234 -11.58 -15.63 -15.47
N PHE A 235 -12.26 -16.57 -16.15
CA PHE A 235 -13.15 -16.19 -17.24
C PHE A 235 -14.33 -15.38 -16.74
N TRP A 236 -15.00 -15.87 -15.69
CA TRP A 236 -16.23 -15.22 -15.24
C TRP A 236 -15.98 -13.94 -14.48
N PHE A 237 -14.79 -13.74 -13.92
CA PHE A 237 -14.46 -12.42 -13.39
C PHE A 237 -14.51 -11.37 -14.48
N PHE A 238 -14.17 -11.75 -15.71
CA PHE A 238 -14.50 -10.94 -16.88
C PHE A 238 -15.93 -11.17 -17.35
N GLY A 239 -16.43 -12.40 -17.18
CA GLY A 239 -17.64 -12.80 -17.88
C GLY A 239 -18.87 -12.01 -17.47
N HIS A 240 -19.05 -11.76 -16.18
CA HIS A 240 -20.23 -10.99 -15.79
C HIS A 240 -20.07 -9.51 -16.12
N PRO A 241 -18.95 -8.85 -15.80
CA PRO A 241 -18.78 -7.46 -16.29
C PRO A 241 -19.03 -7.34 -17.77
N GLU A 242 -18.77 -8.40 -18.54
CA GLU A 242 -19.03 -8.36 -19.98
C GLU A 242 -20.52 -8.22 -20.28
N VAL A 243 -21.38 -8.96 -19.57
CA VAL A 243 -22.81 -8.89 -19.86
C VAL A 243 -23.35 -7.52 -19.46
N TYR A 244 -22.76 -6.88 -18.46
CA TYR A 244 -23.13 -5.51 -18.13
C TYR A 244 -22.49 -4.51 -19.08
N ILE A 245 -21.33 -4.86 -19.66
CA ILE A 245 -20.79 -4.09 -20.77
C ILE A 245 -21.75 -4.13 -21.96
N LEU A 246 -22.45 -5.25 -22.13
CA LEU A 246 -23.34 -5.40 -23.28
C LEU A 246 -24.62 -4.60 -23.12
N ILE A 247 -25.07 -4.35 -21.89
CA ILE A 247 -26.38 -3.76 -21.67
C ILE A 247 -26.29 -2.28 -21.32
N LEU A 248 -25.18 -1.86 -20.71
CA LEU A 248 -25.08 -0.47 -20.24
C LEU A 248 -25.23 0.56 -21.36
N PRO A 249 -24.55 0.44 -22.50
CA PRO A 249 -24.85 1.39 -23.60
C PRO A 249 -26.28 1.31 -24.07
N GLY A 250 -26.90 0.14 -23.99
CA GLY A 250 -28.34 0.05 -24.24
C GLY A 250 -29.15 0.88 -23.26
N PHE A 251 -28.81 0.79 -21.97
CA PHE A 251 -29.43 1.64 -20.96
C PHE A 251 -29.34 3.11 -21.34
N GLY A 252 -28.20 3.54 -21.86
CA GLY A 252 -28.01 4.94 -22.19
C GLY A 252 -28.86 5.38 -23.38
N MET A 253 -28.94 4.54 -24.41
CA MET A 253 -29.76 4.89 -25.57
C MET A 253 -31.24 4.87 -25.23
N ILE A 254 -31.68 3.89 -24.43
CA ILE A 254 -33.07 3.84 -24.01
C ILE A 254 -33.46 5.12 -23.29
N SER A 255 -32.60 5.60 -22.38
CA SER A 255 -32.86 6.86 -21.68
C SER A 255 -33.08 8.01 -22.68
N HIS A 256 -32.25 8.08 -23.71
CA HIS A 256 -32.39 9.14 -24.71
C HIS A 256 -33.64 8.95 -25.55
N ILE A 257 -33.93 7.71 -25.94
CA ILE A 257 -35.08 7.45 -26.81
C ILE A 257 -36.39 7.71 -26.07
N VAL A 258 -36.50 7.19 -24.84
CA VAL A 258 -37.72 7.38 -24.05
C VAL A 258 -37.93 8.87 -23.77
N THR A 259 -36.86 9.58 -23.43
CA THR A 259 -36.96 11.02 -23.17
C THR A 259 -37.40 11.76 -24.42
N TYR A 260 -36.78 11.46 -25.57
CA TYR A 260 -37.08 12.18 -26.80
C TYR A 260 -38.53 12.01 -27.22
N TYR A 261 -38.98 10.76 -27.35
CA TYR A 261 -40.31 10.50 -27.88
C TYR A 261 -41.41 10.62 -26.84
N SER A 262 -41.07 10.95 -25.61
CA SER A 262 -42.05 11.41 -24.63
C SER A 262 -42.22 12.93 -24.67
N GLY A 263 -41.51 13.62 -25.57
CA GLY A 263 -41.59 15.06 -25.62
C GLY A 263 -40.95 15.76 -24.44
N LYS A 264 -40.08 15.06 -23.71
CA LYS A 264 -39.46 15.61 -22.52
C LYS A 264 -38.11 16.25 -22.85
N LYS A 265 -37.75 17.24 -22.05
CA LYS A 265 -36.45 17.88 -22.18
C LYS A 265 -35.35 17.18 -21.39
N GLU A 266 -35.71 16.24 -20.53
CA GLU A 266 -34.75 15.59 -19.64
C GLU A 266 -35.35 14.29 -19.15
N PRO A 267 -34.52 13.30 -18.82
CA PRO A 267 -35.03 12.07 -18.21
C PRO A 267 -35.35 12.29 -16.73
N PHE A 268 -36.27 11.47 -16.24
CA PHE A 268 -36.62 11.52 -14.82
C PHE A 268 -35.47 11.03 -13.96
N GLY A 269 -35.16 11.79 -12.91
CA GLY A 269 -34.16 11.37 -11.95
C GLY A 269 -32.77 11.18 -12.54
N TYR A 270 -32.23 12.24 -13.13
CA TYR A 270 -30.92 12.15 -13.78
C TYR A 270 -29.87 11.56 -12.85
N MET A 271 -29.71 12.14 -11.66
CA MET A 271 -28.68 11.67 -10.74
C MET A 271 -28.95 10.24 -10.28
N GLY A 272 -30.22 9.86 -10.14
CA GLY A 272 -30.55 8.48 -9.84
C GLY A 272 -30.16 7.54 -10.97
N MET A 273 -30.25 8.00 -12.21
CA MET A 273 -29.81 7.19 -13.35
C MET A 273 -28.30 7.02 -13.34
N VAL A 274 -27.56 8.08 -13.01
CA VAL A 274 -26.11 7.99 -12.91
C VAL A 274 -25.72 7.05 -11.78
N TRP A 275 -26.37 7.21 -10.61
CA TRP A 275 -26.07 6.35 -9.47
C TRP A 275 -26.31 4.88 -9.80
N ALA A 276 -27.40 4.59 -10.49
CA ALA A 276 -27.74 3.19 -10.78
C ALA A 276 -26.74 2.54 -11.72
N MET A 277 -26.37 3.25 -12.79
CA MET A 277 -25.42 2.69 -13.74
C MET A 277 -24.05 2.46 -13.10
N MET A 278 -23.65 3.35 -12.18
CA MET A 278 -22.37 3.16 -11.49
C MET A 278 -22.48 2.07 -10.45
N SER A 279 -23.63 1.95 -9.78
CA SER A 279 -23.85 0.86 -8.83
C SER A 279 -23.89 -0.48 -9.56
N ILE A 280 -24.56 -0.54 -10.71
CA ILE A 280 -24.63 -1.77 -11.48
C ILE A 280 -23.24 -2.22 -11.92
N GLY A 281 -22.43 -1.28 -12.40
CA GLY A 281 -21.07 -1.61 -12.81
C GLY A 281 -20.23 -2.12 -11.66
N PHE A 282 -20.38 -1.52 -10.48
CA PHE A 282 -19.55 -1.93 -9.34
C PHE A 282 -19.97 -3.31 -8.83
N LEU A 283 -21.28 -3.51 -8.65
CA LEU A 283 -21.78 -4.81 -8.21
C LEU A 283 -21.44 -5.92 -9.21
N GLY A 284 -21.29 -5.57 -10.49
CA GLY A 284 -20.98 -6.56 -11.51
C GLY A 284 -19.60 -7.19 -11.41
N PHE A 285 -18.75 -6.69 -10.52
CA PHE A 285 -17.42 -7.25 -10.33
C PHE A 285 -17.32 -8.22 -9.16
N ILE A 286 -18.36 -8.34 -8.35
CA ILE A 286 -18.30 -9.13 -7.12
C ILE A 286 -19.33 -10.25 -7.11
N VAL A 287 -19.84 -10.65 -8.29
CA VAL A 287 -20.93 -11.62 -8.36
C VAL A 287 -20.62 -12.74 -9.34
N TRP A 288 -19.37 -12.79 -9.84
CA TRP A 288 -19.06 -13.66 -10.97
C TRP A 288 -19.35 -15.13 -10.68
N ALA A 289 -19.22 -15.56 -9.43
CA ALA A 289 -19.30 -16.99 -9.12
C ALA A 289 -20.71 -17.54 -9.19
N HIS A 290 -21.74 -16.72 -9.49
CA HIS A 290 -23.06 -17.28 -9.70
C HIS A 290 -23.15 -18.08 -10.99
N HIS A 291 -22.11 -18.05 -11.83
CA HIS A 291 -21.99 -18.93 -12.97
C HIS A 291 -21.36 -20.28 -12.60
N MET A 292 -21.11 -20.52 -11.31
CA MET A 292 -20.34 -21.67 -10.86
C MET A 292 -20.98 -22.34 -9.66
N PHE A 293 -22.31 -22.22 -9.51
CA PHE A 293 -22.99 -22.74 -8.33
C PHE A 293 -22.92 -24.26 -8.22
N THR A 294 -22.61 -24.96 -9.31
CA THR A 294 -22.60 -26.41 -9.32
C THR A 294 -21.19 -27.00 -9.39
N VAL A 295 -20.14 -26.20 -9.22
CA VAL A 295 -18.78 -26.70 -9.37
C VAL A 295 -18.20 -27.26 -8.07
N GLY A 296 -18.90 -27.10 -6.95
CA GLY A 296 -18.42 -27.65 -5.70
C GLY A 296 -17.79 -26.66 -4.75
N MET A 297 -18.42 -25.50 -4.59
N MET A 297 -18.38 -25.48 -4.63
CA MET A 297 -17.94 -24.46 -3.67
CA MET A 297 -17.91 -24.46 -3.70
C MET A 297 -18.69 -24.55 -2.35
C MET A 297 -18.72 -24.54 -2.40
N ASP A 298 -18.09 -23.96 -1.31
N ASP A 298 -18.10 -24.09 -1.31
CA ASP A 298 -18.65 -24.02 0.03
CA ASP A 298 -18.72 -24.21 0.00
C ASP A 298 -20.01 -23.33 0.08
C ASP A 298 -20.02 -23.40 0.06
N VAL A 299 -20.79 -23.67 1.10
CA VAL A 299 -22.14 -23.12 1.21
C VAL A 299 -22.09 -21.62 1.54
N ASP A 300 -21.14 -21.20 2.38
CA ASP A 300 -21.05 -19.78 2.73
C ASP A 300 -20.73 -18.93 1.50
N THR A 301 -19.82 -19.41 0.65
CA THR A 301 -19.54 -18.71 -0.60
C THR A 301 -20.77 -18.69 -1.50
N ARG A 302 -21.52 -19.80 -1.53
N ARG A 302 -21.50 -19.81 -1.56
CA ARG A 302 -22.75 -19.82 -2.33
CA ARG A 302 -22.75 -19.85 -2.30
C ARG A 302 -23.82 -18.92 -1.73
C ARG A 302 -23.76 -18.86 -1.74
N ALA A 303 -23.78 -18.69 -0.42
CA ALA A 303 -24.74 -17.79 0.20
C ALA A 303 -24.41 -16.33 -0.10
N TYR A 304 -23.13 -15.99 -0.14
CA TYR A 304 -22.74 -14.63 -0.46
C TYR A 304 -23.09 -14.27 -1.90
N PHE A 305 -22.65 -15.10 -2.85
CA PHE A 305 -22.86 -14.78 -4.25
C PHE A 305 -24.34 -14.79 -4.62
N THR A 306 -25.14 -15.59 -3.93
CA THR A 306 -26.60 -15.50 -4.08
C THR A 306 -27.09 -14.12 -3.64
N SER A 307 -26.64 -13.67 -2.47
CA SER A 307 -27.12 -12.40 -1.93
C SER A 307 -26.59 -11.21 -2.73
N ALA A 308 -25.27 -11.19 -2.99
CA ALA A 308 -24.68 -10.06 -3.68
C ALA A 308 -25.25 -9.90 -5.09
N THR A 309 -25.59 -11.01 -5.73
CA THR A 309 -26.18 -10.93 -7.07
C THR A 309 -27.54 -10.24 -7.04
N MET A 310 -28.34 -10.52 -6.01
CA MET A 310 -29.72 -10.03 -5.99
C MET A 310 -29.80 -8.54 -5.72
N ILE A 311 -28.76 -7.95 -5.12
N ILE A 311 -28.81 -7.94 -5.04
CA ILE A 311 -28.76 -6.53 -4.81
CA ILE A 311 -28.94 -6.52 -4.71
C ILE A 311 -28.95 -5.70 -6.08
C ILE A 311 -28.85 -5.66 -5.96
N ILE A 312 -28.47 -6.24 -7.22
N ILE A 312 -28.31 -6.20 -7.06
CA ILE A 312 -28.29 -5.50 -8.46
CA ILE A 312 -28.23 -5.46 -8.31
C ILE A 312 -29.68 -5.13 -8.96
C ILE A 312 -29.62 -5.13 -8.88
N ALA A 313 -30.66 -5.84 -8.43
CA ALA A 313 -32.03 -5.56 -8.82
C ALA A 313 -32.49 -4.19 -8.35
N ILE A 314 -31.92 -3.68 -7.26
CA ILE A 314 -32.33 -2.39 -6.70
C ILE A 314 -31.91 -1.24 -7.62
N PRO A 315 -30.63 -1.07 -7.99
CA PRO A 315 -30.30 0.00 -8.93
C PRO A 315 -30.95 -0.18 -10.29
N THR A 316 -31.07 -1.42 -10.76
CA THR A 316 -31.72 -1.67 -12.04
C THR A 316 -33.18 -1.27 -12.00
N GLY A 317 -33.87 -1.57 -10.89
CA GLY A 317 -35.25 -1.16 -10.74
C GLY A 317 -35.44 0.34 -10.81
N VAL A 318 -34.50 1.09 -10.23
CA VAL A 318 -34.57 2.55 -10.28
C VAL A 318 -34.58 3.02 -11.73
N LYS A 319 -33.76 2.40 -12.58
CA LYS A 319 -33.73 2.79 -14.00
C LYS A 319 -35.04 2.44 -14.69
N VAL A 320 -35.60 1.26 -14.40
CA VAL A 320 -36.85 0.85 -15.04
C VAL A 320 -37.97 1.79 -14.64
N PHE A 321 -38.08 2.11 -13.35
CA PHE A 321 -39.15 2.99 -12.88
C PHE A 321 -38.92 4.43 -13.31
N SER A 322 -37.65 4.83 -13.49
CA SER A 322 -37.38 6.18 -13.98
C SER A 322 -37.76 6.31 -15.46
N TRP A 323 -37.54 5.25 -16.24
CA TRP A 323 -38.02 5.25 -17.62
C TRP A 323 -39.53 5.38 -17.68
N LEU A 324 -40.24 4.67 -16.79
CA LEU A 324 -41.68 4.80 -16.71
C LEU A 324 -42.08 6.21 -16.30
N ALA A 325 -41.37 6.78 -15.32
CA ALA A 325 -41.66 8.15 -14.90
C ALA A 325 -41.33 9.16 -15.98
N THR A 326 -40.42 8.83 -16.91
CA THR A 326 -40.17 9.70 -18.04
C THR A 326 -41.34 9.69 -19.01
N LEU A 327 -41.94 8.52 -19.22
CA LEU A 327 -43.14 8.42 -20.03
C LEU A 327 -44.30 9.19 -19.42
N HIS A 328 -44.34 9.26 -18.09
CA HIS A 328 -45.48 9.84 -17.37
C HIS A 328 -45.68 11.31 -17.76
N GLY A 329 -46.83 11.60 -18.34
CA GLY A 329 -47.17 12.96 -18.71
C GLY A 329 -46.58 13.45 -20.02
N GLY A 330 -45.96 12.55 -20.79
CA GLY A 330 -45.33 12.97 -22.03
C GLY A 330 -46.29 13.05 -23.19
N ASN A 331 -45.95 13.91 -24.15
CA ASN A 331 -46.62 13.92 -25.45
C ASN A 331 -46.03 12.78 -26.26
N ILE A 332 -46.67 11.61 -26.16
CA ILE A 332 -46.08 10.37 -26.66
C ILE A 332 -46.12 10.35 -28.18
N LYS A 333 -44.95 10.25 -28.80
CA LYS A 333 -44.83 10.04 -30.24
C LYS A 333 -44.59 8.56 -30.48
N TRP A 334 -45.52 7.92 -31.17
CA TRP A 334 -45.47 6.46 -31.38
C TRP A 334 -44.60 6.12 -32.59
N SER A 335 -43.35 6.58 -32.52
CA SER A 335 -42.38 6.29 -33.55
C SER A 335 -41.92 4.85 -33.45
N PRO A 336 -41.31 4.30 -34.51
CA PRO A 336 -40.72 2.96 -34.40
C PRO A 336 -39.65 2.85 -33.31
N ALA A 337 -38.83 3.89 -33.14
CA ALA A 337 -37.82 3.87 -32.09
C ALA A 337 -38.46 3.77 -30.71
N MET A 338 -39.57 4.48 -30.51
CA MET A 338 -40.27 4.38 -29.23
C MET A 338 -40.78 2.97 -28.98
N MET A 339 -41.28 2.30 -30.03
CA MET A 339 -41.76 0.93 -29.88
C MET A 339 -40.64 0.00 -29.44
N TRP A 340 -39.46 0.12 -30.04
CA TRP A 340 -38.31 -0.66 -29.60
C TRP A 340 -38.00 -0.40 -28.13
N ALA A 341 -38.02 0.87 -27.72
CA ALA A 341 -37.68 1.20 -26.34
C ALA A 341 -38.74 0.70 -25.37
N LEU A 342 -40.01 0.75 -25.77
CA LEU A 342 -41.07 0.22 -24.91
C LEU A 342 -40.99 -1.30 -24.81
N GLY A 343 -40.69 -1.97 -25.93
CA GLY A 343 -40.43 -3.40 -25.87
C GLY A 343 -39.24 -3.74 -25.02
N PHE A 344 -38.19 -2.90 -25.07
CA PHE A 344 -37.02 -3.09 -24.22
C PHE A 344 -37.41 -3.12 -22.74
N ILE A 345 -38.15 -2.10 -22.29
CA ILE A 345 -38.45 -1.94 -20.87
C ILE A 345 -39.13 -3.19 -20.33
N PHE A 346 -40.13 -3.70 -21.04
CA PHE A 346 -40.87 -4.86 -20.56
C PHE A 346 -40.04 -6.14 -20.68
N LEU A 347 -39.45 -6.37 -21.85
CA LEU A 347 -38.78 -7.65 -22.09
C LEU A 347 -37.48 -7.76 -21.30
N PHE A 348 -36.73 -6.68 -21.15
CA PHE A 348 -35.56 -6.71 -20.28
C PHE A 348 -35.95 -6.99 -18.84
N THR A 349 -37.05 -6.40 -18.38
CA THR A 349 -37.53 -6.66 -17.03
C THR A 349 -37.81 -8.14 -16.82
N VAL A 350 -38.46 -8.78 -17.80
CA VAL A 350 -38.74 -10.21 -17.71
C VAL A 350 -37.44 -11.00 -17.60
N GLY A 351 -36.49 -10.71 -18.49
CA GLY A 351 -35.22 -11.41 -18.44
C GLY A 351 -34.44 -11.10 -17.17
N GLY A 352 -34.53 -9.87 -16.68
CA GLY A 352 -33.89 -9.53 -15.42
C GLY A 352 -34.47 -10.29 -14.25
N LEU A 353 -35.79 -10.50 -14.26
CA LEU A 353 -36.44 -11.20 -13.15
C LEU A 353 -36.08 -12.68 -13.14
N THR A 354 -35.94 -13.29 -14.32
CA THR A 354 -35.49 -14.68 -14.37
C THR A 354 -34.03 -14.80 -13.96
N GLY A 355 -33.24 -13.74 -14.17
CA GLY A 355 -31.89 -13.72 -13.61
C GLY A 355 -31.90 -13.76 -12.09
N ILE A 356 -32.85 -13.07 -11.48
CA ILE A 356 -32.99 -13.11 -10.03
C ILE A 356 -33.37 -14.51 -9.55
N VAL A 357 -34.17 -15.22 -10.34
CA VAL A 357 -34.48 -16.62 -10.02
C VAL A 357 -33.21 -17.45 -10.02
N LEU A 358 -32.38 -17.27 -11.06
CA LEU A 358 -31.13 -18.02 -11.16
C LEU A 358 -30.12 -17.62 -10.09
N ALA A 359 -30.24 -16.41 -9.52
CA ALA A 359 -29.31 -15.98 -8.48
C ALA A 359 -29.38 -16.85 -7.24
N ASN A 360 -30.51 -17.51 -7.00
CA ASN A 360 -30.67 -18.39 -5.86
C ASN A 360 -29.93 -19.70 -6.14
N SER A 361 -28.81 -19.90 -5.44
CA SER A 361 -27.95 -21.05 -5.73
C SER A 361 -28.66 -22.38 -5.53
N SER A 362 -29.59 -22.44 -4.57
N SER A 362 -29.61 -22.44 -4.59
CA SER A 362 -30.36 -23.67 -4.36
CA SER A 362 -30.34 -23.67 -4.36
C SER A 362 -31.19 -24.01 -5.59
C SER A 362 -31.23 -24.02 -5.55
N LEU A 363 -31.97 -23.04 -6.08
CA LEU A 363 -32.78 -23.27 -7.27
C LEU A 363 -31.91 -23.41 -8.51
N ASP A 364 -30.74 -22.77 -8.51
CA ASP A 364 -29.87 -22.81 -9.67
C ASP A 364 -29.30 -24.21 -9.91
N ILE A 365 -29.22 -25.03 -8.85
CA ILE A 365 -28.73 -26.41 -9.01
C ILE A 365 -29.53 -27.12 -10.10
N VAL A 366 -30.85 -26.97 -10.08
CA VAL A 366 -31.69 -27.65 -11.05
C VAL A 366 -31.75 -26.88 -12.37
N LEU A 367 -31.55 -25.57 -12.33
CA LEU A 367 -31.70 -24.73 -13.51
C LEU A 367 -30.38 -24.48 -14.25
N HIS A 368 -29.24 -24.70 -13.61
CA HIS A 368 -27.96 -24.46 -14.27
C HIS A 368 -27.76 -25.41 -15.45
N ASP A 369 -27.18 -24.89 -16.52
CA ASP A 369 -26.89 -25.66 -17.74
C ASP A 369 -28.16 -26.24 -18.34
N THR A 370 -29.28 -25.56 -18.13
CA THR A 370 -30.55 -25.89 -18.76
C THR A 370 -31.01 -24.69 -19.59
N TYR A 371 -32.06 -24.90 -20.39
CA TYR A 371 -32.54 -23.84 -21.26
C TYR A 371 -33.24 -22.71 -20.50
N TYR A 372 -33.45 -22.86 -19.19
CA TYR A 372 -33.92 -21.73 -18.40
C TYR A 372 -32.89 -20.61 -18.41
N VAL A 373 -31.61 -20.97 -18.34
CA VAL A 373 -30.55 -19.97 -18.48
C VAL A 373 -30.58 -19.36 -19.88
N VAL A 374 -30.77 -20.19 -20.90
CA VAL A 374 -30.84 -19.70 -22.27
C VAL A 374 -32.00 -18.74 -22.44
N ALA A 375 -33.13 -19.04 -21.81
CA ALA A 375 -34.27 -18.12 -21.81
C ALA A 375 -33.91 -16.81 -21.11
N HIS A 376 -33.17 -16.90 -20.01
CA HIS A 376 -32.78 -15.70 -19.26
C HIS A 376 -32.01 -14.73 -20.15
N PHE A 377 -30.86 -15.18 -20.68
CA PHE A 377 -29.96 -14.21 -21.30
C PHE A 377 -30.38 -13.82 -22.71
N HIS A 378 -31.22 -14.60 -23.37
CA HIS A 378 -31.73 -14.13 -24.65
C HIS A 378 -32.78 -13.05 -24.48
N TYR A 379 -33.53 -13.06 -23.38
CA TYR A 379 -34.46 -11.97 -23.11
C TYR A 379 -33.71 -10.66 -22.86
N VAL A 380 -32.58 -10.72 -22.16
CA VAL A 380 -31.83 -9.49 -21.88
C VAL A 380 -30.89 -9.14 -23.03
N LEU A 381 -30.45 -10.12 -23.82
CA LEU A 381 -29.56 -9.86 -24.96
C LEU A 381 -30.30 -9.78 -26.28
N SER A 382 -31.01 -10.85 -26.65
CA SER A 382 -31.67 -10.87 -27.95
C SER A 382 -32.91 -9.99 -27.98
N MET A 383 -33.42 -9.60 -26.82
CA MET A 383 -34.50 -8.61 -26.73
C MET A 383 -34.04 -7.32 -26.09
N GLY A 384 -33.32 -7.38 -24.97
CA GLY A 384 -32.78 -6.19 -24.37
C GLY A 384 -31.80 -5.46 -25.26
N ALA A 385 -30.58 -6.00 -25.37
CA ALA A 385 -29.53 -5.38 -26.17
C ALA A 385 -29.97 -5.12 -27.60
N VAL A 386 -30.68 -6.08 -28.21
CA VAL A 386 -31.03 -5.97 -29.62
C VAL A 386 -32.03 -4.83 -29.83
N PHE A 387 -33.09 -4.78 -29.03
CA PHE A 387 -34.08 -3.72 -29.19
C PHE A 387 -33.47 -2.34 -28.98
N ALA A 388 -32.57 -2.22 -28.00
CA ALA A 388 -31.86 -0.97 -27.81
C ALA A 388 -31.03 -0.60 -29.02
N ILE A 389 -30.40 -1.60 -29.65
CA ILE A 389 -29.65 -1.35 -30.88
C ILE A 389 -30.59 -0.94 -32.01
N MET A 390 -31.72 -1.63 -32.15
CA MET A 390 -32.66 -1.30 -33.21
C MET A 390 -33.31 0.05 -32.96
N GLY A 391 -33.70 0.33 -31.71
CA GLY A 391 -34.26 1.63 -31.39
C GLY A 391 -33.28 2.77 -31.66
N GLY A 392 -32.04 2.59 -31.20
CA GLY A 392 -31.01 3.58 -31.48
C GLY A 392 -30.75 3.76 -32.96
N PHE A 393 -30.78 2.66 -33.72
CA PHE A 393 -30.49 2.73 -35.15
C PHE A 393 -31.56 3.52 -35.88
N VAL A 394 -32.85 3.20 -35.65
N VAL A 394 -32.84 3.18 -35.65
CA VAL A 394 -33.91 3.90 -36.35
CA VAL A 394 -33.94 3.88 -36.31
C VAL A 394 -34.07 5.33 -35.86
C VAL A 394 -33.96 5.35 -35.89
N HIS A 395 -33.63 5.63 -34.63
CA HIS A 395 -33.71 6.99 -34.13
C HIS A 395 -32.61 7.88 -34.72
N TRP A 396 -31.40 7.34 -34.83
CA TRP A 396 -30.24 8.14 -35.23
C TRP A 396 -29.81 7.91 -36.68
N PHE A 397 -30.45 6.99 -37.40
CA PHE A 397 -30.19 6.84 -38.83
C PHE A 397 -30.34 8.15 -39.60
N PRO A 398 -31.37 8.97 -39.40
CA PRO A 398 -31.42 10.26 -40.11
C PRO A 398 -30.26 11.17 -39.78
N LEU A 399 -29.73 11.11 -38.56
CA LEU A 399 -28.56 11.92 -38.24
C LEU A 399 -27.32 11.41 -38.96
N PHE A 400 -27.12 10.09 -38.99
CA PHE A 400 -25.91 9.53 -39.57
C PHE A 400 -25.90 9.69 -41.09
N SER A 401 -27.04 9.44 -41.74
CA SER A 401 -27.10 9.39 -43.19
C SER A 401 -27.67 10.65 -43.83
N GLY A 402 -28.52 11.40 -43.12
CA GLY A 402 -29.23 12.50 -43.72
C GLY A 402 -30.50 12.10 -44.43
N TYR A 403 -30.84 10.82 -44.43
CA TYR A 403 -32.05 10.31 -45.05
C TYR A 403 -32.98 9.75 -43.98
N THR A 404 -34.27 9.74 -44.27
CA THR A 404 -35.27 9.20 -43.36
C THR A 404 -35.69 7.81 -43.78
N LEU A 405 -36.03 6.99 -42.80
CA LEU A 405 -36.59 5.68 -43.06
C LEU A 405 -38.08 5.78 -43.35
N ASN A 406 -38.65 4.68 -43.85
CA ASN A 406 -40.10 4.57 -43.96
C ASN A 406 -40.63 4.11 -42.61
N ASP A 407 -41.38 4.98 -41.94
CA ASP A 407 -41.83 4.67 -40.58
C ASP A 407 -42.79 3.48 -40.58
N THR A 408 -43.62 3.36 -41.61
CA THR A 408 -44.55 2.25 -41.68
C THR A 408 -43.80 0.92 -41.81
N TRP A 409 -42.80 0.87 -42.69
CA TRP A 409 -41.98 -0.33 -42.81
C TRP A 409 -41.27 -0.65 -41.50
N ALA A 410 -40.76 0.38 -40.82
CA ALA A 410 -40.05 0.16 -39.57
C ALA A 410 -40.98 -0.38 -38.48
N LYS A 411 -42.23 0.07 -38.47
CA LYS A 411 -43.19 -0.46 -37.51
C LYS A 411 -43.55 -1.90 -37.84
N ILE A 412 -43.65 -2.22 -39.13
CA ILE A 412 -43.86 -3.60 -39.55
C ILE A 412 -42.68 -4.47 -39.12
N HIS A 413 -41.46 -3.96 -39.29
CA HIS A 413 -40.27 -4.69 -38.88
C HIS A 413 -40.29 -5.00 -37.39
N PHE A 414 -40.63 -4.00 -36.56
CA PHE A 414 -40.73 -4.22 -35.13
C PHE A 414 -41.77 -5.29 -34.79
N ALA A 415 -42.93 -5.23 -35.45
CA ALA A 415 -44.01 -6.18 -35.14
C ALA A 415 -43.59 -7.61 -35.44
N ILE A 416 -42.89 -7.82 -36.56
CA ILE A 416 -42.43 -9.17 -36.90
C ILE A 416 -41.38 -9.63 -35.90
N MET A 417 -40.43 -8.76 -35.56
CA MET A 417 -39.37 -9.12 -34.64
C MET A 417 -39.92 -9.44 -33.25
N PHE A 418 -40.87 -8.64 -32.78
CA PHE A 418 -41.46 -8.86 -31.45
C PHE A 418 -42.08 -10.25 -31.35
N VAL A 419 -42.83 -10.66 -32.38
CA VAL A 419 -43.44 -11.99 -32.37
C VAL A 419 -42.37 -13.07 -32.45
N GLY A 420 -41.35 -12.86 -33.30
CA GLY A 420 -40.35 -13.89 -33.51
C GLY A 420 -39.55 -14.22 -32.27
N VAL A 421 -39.03 -13.17 -31.61
CA VAL A 421 -38.15 -13.40 -30.45
C VAL A 421 -38.93 -14.03 -29.30
N ASN A 422 -40.18 -13.60 -29.08
CA ASN A 422 -40.96 -14.13 -27.98
C ASN A 422 -41.39 -15.57 -28.25
N MET A 423 -41.77 -15.87 -29.50
N MET A 423 -41.75 -15.87 -29.50
CA MET A 423 -42.09 -17.25 -29.84
CA MET A 423 -42.09 -17.24 -29.87
C MET A 423 -40.86 -18.14 -29.74
C MET A 423 -40.87 -18.15 -29.80
N THR A 424 -39.68 -17.59 -29.97
CA THR A 424 -38.45 -18.40 -29.91
C THR A 424 -38.11 -18.77 -28.47
N PHE A 425 -38.08 -17.78 -27.58
CA PHE A 425 -37.41 -17.95 -26.29
C PHE A 425 -38.34 -18.15 -25.11
N PHE A 426 -39.61 -17.71 -25.20
CA PHE A 426 -40.51 -17.95 -24.08
C PHE A 426 -40.76 -19.43 -23.81
N PRO A 427 -41.01 -20.28 -24.82
CA PRO A 427 -41.15 -21.72 -24.53
C PRO A 427 -39.89 -22.34 -23.95
N GLN A 428 -38.73 -21.71 -24.11
CA GLN A 428 -37.50 -22.25 -23.56
C GLN A 428 -37.50 -22.21 -22.03
N HIS A 429 -38.33 -21.37 -21.41
CA HIS A 429 -38.53 -21.47 -19.97
C HIS A 429 -39.07 -22.84 -19.59
N PHE A 430 -40.05 -23.34 -20.35
CA PHE A 430 -40.62 -24.65 -20.08
C PHE A 430 -39.58 -25.75 -20.23
N LEU A 431 -38.77 -25.68 -21.30
CA LEU A 431 -37.73 -26.68 -21.51
C LEU A 431 -36.71 -26.68 -20.37
N GLY A 432 -36.38 -25.50 -19.84
CA GLY A 432 -35.41 -25.43 -18.76
C GLY A 432 -35.95 -26.01 -17.46
N LEU A 433 -37.16 -25.60 -17.07
CA LEU A 433 -37.75 -26.10 -15.84
C LEU A 433 -37.95 -27.61 -15.90
N SER A 434 -38.26 -28.14 -17.08
CA SER A 434 -38.48 -29.57 -17.24
C SER A 434 -37.19 -30.36 -17.43
N GLY A 435 -36.06 -29.70 -17.62
CA GLY A 435 -34.77 -30.33 -17.53
C GLY A 435 -33.96 -30.49 -18.82
N MET A 436 -34.28 -29.75 -19.86
CA MET A 436 -33.52 -29.88 -21.11
C MET A 436 -32.16 -29.22 -20.96
N PRO A 437 -31.06 -29.95 -21.12
CA PRO A 437 -29.72 -29.36 -20.92
C PRO A 437 -29.34 -28.42 -22.05
N ARG A 438 -28.37 -27.56 -21.74
CA ARG A 438 -27.78 -26.68 -22.75
C ARG A 438 -26.84 -27.46 -23.67
N ARG A 439 -26.64 -26.92 -24.87
CA ARG A 439 -25.62 -27.39 -25.80
C ARG A 439 -25.88 -28.81 -26.29
N TYR A 440 -27.15 -29.19 -26.41
CA TYR A 440 -27.54 -30.49 -26.94
C TYR A 440 -27.95 -30.34 -28.40
N SER A 441 -27.45 -31.25 -29.25
CA SER A 441 -27.90 -31.31 -30.63
C SER A 441 -29.21 -32.08 -30.77
N ASP A 442 -29.60 -32.84 -29.75
CA ASP A 442 -30.83 -33.61 -29.78
C ASP A 442 -31.33 -33.77 -28.35
N TYR A 443 -32.62 -34.08 -28.22
CA TYR A 443 -33.30 -34.06 -26.94
C TYR A 443 -34.24 -35.25 -26.84
N PRO A 444 -34.56 -35.69 -25.62
CA PRO A 444 -35.60 -36.71 -25.46
C PRO A 444 -36.91 -36.27 -26.08
N ASP A 445 -37.75 -37.26 -26.40
CA ASP A 445 -38.96 -37.01 -27.18
C ASP A 445 -39.91 -36.05 -26.49
N ALA A 446 -39.92 -36.01 -25.15
CA ALA A 446 -40.87 -35.19 -24.42
C ALA A 446 -40.69 -33.69 -24.70
N TYR A 447 -39.51 -33.27 -25.13
CA TYR A 447 -39.23 -31.85 -25.36
C TYR A 447 -39.53 -31.40 -26.78
N THR A 448 -40.28 -32.19 -27.55
CA THR A 448 -40.43 -31.94 -28.97
C THR A 448 -41.22 -30.66 -29.25
N MET A 449 -42.37 -30.50 -28.59
CA MET A 449 -43.29 -29.41 -28.93
C MET A 449 -42.63 -28.05 -28.76
N TRP A 450 -42.04 -27.79 -27.59
CA TRP A 450 -41.49 -26.47 -27.33
C TRP A 450 -40.26 -26.19 -28.20
N ASN A 451 -39.48 -27.23 -28.50
CA ASN A 451 -38.38 -27.05 -29.46
C ASN A 451 -38.92 -26.75 -30.85
N THR A 452 -40.03 -27.38 -31.23
CA THR A 452 -40.63 -27.12 -32.54
C THR A 452 -41.13 -25.69 -32.64
N ILE A 453 -41.86 -25.23 -31.62
CA ILE A 453 -42.36 -23.86 -31.61
C ILE A 453 -41.20 -22.87 -31.59
N SER A 454 -40.18 -23.14 -30.76
CA SER A 454 -39.04 -22.23 -30.66
C SER A 454 -38.33 -22.06 -31.99
N SER A 455 -38.12 -23.16 -32.71
CA SER A 455 -37.46 -23.08 -34.01
C SER A 455 -38.30 -22.33 -35.04
N MET A 456 -39.63 -22.48 -34.96
CA MET A 456 -40.50 -21.71 -35.85
C MET A 456 -40.40 -20.23 -35.56
N GLY A 457 -40.26 -19.85 -34.29
CA GLY A 457 -40.04 -18.45 -33.94
C GLY A 457 -38.79 -17.89 -34.57
N SER A 458 -37.72 -18.68 -34.62
CA SER A 458 -36.45 -18.20 -35.17
C SER A 458 -36.57 -17.87 -36.65
N PHE A 459 -37.43 -18.60 -37.38
CA PHE A 459 -37.65 -18.27 -38.78
C PHE A 459 -38.39 -16.95 -38.92
N ILE A 460 -39.32 -16.65 -38.01
CA ILE A 460 -39.99 -15.36 -38.02
C ILE A 460 -38.97 -14.24 -37.82
N SER A 461 -38.06 -14.42 -36.86
CA SER A 461 -36.99 -13.44 -36.65
C SER A 461 -36.13 -13.29 -37.90
N LEU A 462 -35.86 -14.39 -38.60
CA LEU A 462 -35.12 -14.32 -39.86
C LEU A 462 -35.83 -13.41 -40.87
N THR A 463 -37.16 -13.49 -40.92
CA THR A 463 -37.91 -12.64 -41.83
C THR A 463 -37.77 -11.17 -41.46
N ALA A 464 -37.73 -10.87 -40.16
CA ALA A 464 -37.51 -9.50 -39.73
C ALA A 464 -36.13 -9.01 -40.13
N VAL A 465 -35.11 -9.85 -39.97
CA VAL A 465 -33.76 -9.46 -40.35
C VAL A 465 -33.68 -9.18 -41.85
N MET A 466 -34.31 -10.02 -42.66
CA MET A 466 -34.32 -9.80 -44.11
C MET A 466 -35.07 -8.52 -44.46
N LEU A 467 -36.19 -8.25 -43.78
CA LEU A 467 -36.93 -7.03 -44.02
C LEU A 467 -36.11 -5.80 -43.63
N MET A 468 -35.32 -5.91 -42.57
CA MET A 468 -34.48 -4.80 -42.13
C MET A 468 -33.51 -4.37 -43.23
N VAL A 469 -32.90 -5.33 -43.92
CA VAL A 469 -31.98 -5.01 -45.00
C VAL A 469 -32.71 -4.26 -46.11
N PHE A 470 -33.93 -4.70 -46.45
CA PHE A 470 -34.72 -4.00 -47.46
C PHE A 470 -35.05 -2.58 -47.02
N ILE A 471 -35.39 -2.40 -45.74
CA ILE A 471 -35.79 -1.07 -45.26
C ILE A 471 -34.63 -0.09 -45.36
N ILE A 472 -33.41 -0.57 -45.06
CA ILE A 472 -32.23 0.29 -45.20
C ILE A 472 -31.99 0.63 -46.66
N TRP A 473 -32.14 -0.35 -47.56
CA TRP A 473 -32.03 -0.09 -48.99
C TRP A 473 -33.04 0.96 -49.43
N GLU A 474 -34.30 0.80 -49.02
CA GLU A 474 -35.35 1.72 -49.46
C GLU A 474 -35.04 3.15 -49.05
N ALA A 475 -34.46 3.35 -47.87
CA ALA A 475 -34.11 4.69 -47.42
C ALA A 475 -33.05 5.32 -48.29
N PHE A 476 -31.96 4.59 -48.54
CA PHE A 476 -30.92 5.09 -49.44
C PHE A 476 -31.41 5.18 -50.88
N ALA A 477 -32.34 4.32 -51.27
CA ALA A 477 -32.84 4.36 -52.65
C ALA A 477 -33.72 5.59 -52.89
N SER A 478 -34.57 5.93 -51.93
CA SER A 478 -35.53 7.01 -52.14
C SER A 478 -34.90 8.38 -51.92
N LYS A 479 -33.99 8.49 -50.95
CA LYS A 479 -33.29 9.74 -50.64
C LYS A 479 -34.26 10.85 -50.22
N ARG A 480 -34.97 10.60 -49.12
CA ARG A 480 -35.75 11.63 -48.46
C ARG A 480 -34.84 12.36 -47.47
N GLU A 481 -34.43 13.57 -47.82
CA GLU A 481 -33.45 14.29 -47.02
C GLU A 481 -34.09 15.01 -45.84
N VAL A 482 -33.45 14.89 -44.67
CA VAL A 482 -33.98 15.48 -43.45
C VAL A 482 -34.06 16.99 -43.56
N LEU A 483 -35.14 17.57 -43.04
CA LEU A 483 -35.29 19.02 -42.96
C LEU A 483 -35.09 19.52 -41.53
N THR A 484 -36.07 19.31 -40.66
CA THR A 484 -36.03 19.81 -39.29
C THR A 484 -36.13 18.65 -38.30
N VAL A 485 -35.50 18.83 -37.15
CA VAL A 485 -35.55 17.88 -36.04
C VAL A 485 -36.04 18.60 -34.79
N ASP A 486 -36.93 17.94 -34.06
N ASP A 486 -36.93 17.94 -34.07
CA ASP A 486 -37.48 18.52 -32.85
CA ASP A 486 -37.49 18.49 -32.84
C ASP A 486 -36.54 18.31 -31.67
C ASP A 486 -36.52 18.32 -31.68
N LEU A 487 -36.71 19.16 -30.65
CA LEU A 487 -36.01 19.06 -29.37
C LEU A 487 -34.48 19.12 -29.53
N THR A 488 -34.00 19.92 -30.49
CA THR A 488 -32.56 20.12 -30.60
C THR A 488 -31.96 20.80 -29.38
N THR A 489 -32.78 21.53 -28.61
CA THR A 489 -32.27 22.25 -27.45
C THR A 489 -31.76 21.32 -26.36
N THR A 490 -32.21 20.06 -26.34
CA THR A 490 -31.74 19.09 -25.36
C THR A 490 -31.21 17.82 -26.03
N ASN A 491 -30.78 17.92 -27.29
CA ASN A 491 -30.18 16.81 -28.04
C ASN A 491 -29.12 17.43 -28.96
N LEU A 492 -27.96 17.73 -28.36
CA LEU A 492 -26.91 18.47 -29.05
C LEU A 492 -26.44 17.77 -30.32
N GLU A 493 -26.49 16.43 -30.36
CA GLU A 493 -25.95 15.70 -31.49
C GLU A 493 -26.69 16.01 -32.79
N TRP A 494 -27.90 16.55 -32.72
CA TRP A 494 -28.67 16.90 -33.91
C TRP A 494 -28.42 18.33 -34.39
N LEU A 495 -27.74 19.15 -33.59
CA LEU A 495 -27.70 20.59 -33.83
C LEU A 495 -26.78 21.01 -34.98
N ASN A 496 -26.00 20.08 -35.55
CA ASN A 496 -25.13 20.39 -36.67
C ASN A 496 -25.68 19.86 -38.00
N GLY A 497 -26.97 19.56 -38.07
CA GLY A 497 -27.57 19.10 -39.31
C GLY A 497 -27.43 17.61 -39.52
N CYS A 498 -28.01 17.15 -40.62
CA CYS A 498 -28.08 15.72 -40.94
C CYS A 498 -27.66 15.51 -42.39
N PRO A 499 -26.49 14.92 -42.65
CA PRO A 499 -25.52 14.54 -41.62
C PRO A 499 -24.67 15.74 -41.18
N PRO A 500 -24.06 15.67 -40.00
CA PRO A 500 -23.18 16.76 -39.57
C PRO A 500 -21.95 16.82 -40.45
N PRO A 501 -21.33 17.99 -40.57
CA PRO A 501 -20.11 18.10 -41.39
C PRO A 501 -19.01 17.17 -40.88
N TYR A 502 -18.07 16.88 -41.79
CA TYR A 502 -16.92 16.05 -41.44
C TYR A 502 -16.23 16.55 -40.18
N HIS A 503 -15.98 17.85 -40.12
CA HIS A 503 -15.46 18.50 -38.92
C HIS A 503 -16.59 19.27 -38.23
N THR A 504 -16.87 18.92 -36.99
CA THR A 504 -17.84 19.64 -36.17
C THR A 504 -17.16 20.18 -34.93
N PHE A 505 -17.72 21.28 -34.41
CA PHE A 505 -17.19 21.95 -33.23
C PHE A 505 -15.73 22.37 -33.41
N GLU A 506 -15.36 22.74 -34.64
CA GLU A 506 -14.07 23.40 -34.85
C GLU A 506 -13.97 24.64 -33.98
N GLU A 507 -15.05 25.41 -33.90
CA GLU A 507 -15.22 26.40 -32.84
C GLU A 507 -16.07 25.78 -31.74
N PRO A 508 -15.55 25.62 -30.53
CA PRO A 508 -16.30 24.93 -29.49
C PRO A 508 -17.53 25.71 -29.05
N THR A 509 -18.42 25.01 -28.34
CA THR A 509 -19.63 25.63 -27.83
C THR A 509 -19.30 26.66 -26.75
N TYR A 510 -20.20 27.61 -26.58
CA TYR A 510 -20.09 28.63 -25.54
C TYR A 510 -20.95 28.21 -24.35
N VAL A 511 -20.32 27.94 -23.22
CA VAL A 511 -21.01 27.62 -21.97
C VAL A 511 -20.31 28.38 -20.86
N ASN A 512 -21.03 29.30 -20.23
CA ASN A 512 -20.48 30.04 -19.10
C ASN A 512 -20.92 29.40 -17.79
N LEU A 513 -20.27 29.84 -16.71
CA LEU A 513 -20.43 29.18 -15.41
C LEU A 513 -21.41 29.87 -14.48
N LYS A 514 -21.71 31.15 -14.71
CA LYS A 514 -22.64 31.92 -13.87
C LYS A 514 -22.18 32.00 -12.42
N ALA B 2 -39.17 -36.07 -17.83
CA ALA B 2 -40.05 -35.08 -18.44
C ALA B 2 -41.09 -35.75 -19.32
N TYR B 3 -42.28 -35.15 -19.38
CA TYR B 3 -43.38 -35.63 -20.20
C TYR B 3 -43.73 -34.58 -21.24
N PRO B 4 -44.40 -34.97 -22.33
CA PRO B 4 -44.72 -34.00 -23.39
C PRO B 4 -45.51 -32.83 -22.87
N MET B 5 -45.19 -31.64 -23.40
CA MET B 5 -45.86 -30.39 -23.10
C MET B 5 -45.69 -29.94 -21.65
N GLN B 6 -44.63 -30.41 -20.99
CA GLN B 6 -44.42 -30.04 -19.59
C GLN B 6 -44.04 -28.58 -19.47
N LEU B 7 -44.65 -27.89 -18.51
CA LEU B 7 -44.43 -26.47 -18.28
C LEU B 7 -43.46 -26.19 -17.14
N GLY B 8 -43.51 -26.99 -16.07
CA GLY B 8 -42.70 -26.72 -14.89
C GLY B 8 -41.73 -27.83 -14.55
N PHE B 9 -41.29 -27.85 -13.29
CA PHE B 9 -40.36 -28.87 -12.83
C PHE B 9 -41.02 -30.24 -12.84
N GLN B 10 -40.19 -31.27 -13.05
CA GLN B 10 -40.61 -32.64 -12.83
C GLN B 10 -41.04 -32.83 -11.37
N ASP B 11 -41.97 -33.76 -11.16
CA ASP B 11 -42.47 -34.02 -9.81
C ASP B 11 -41.33 -34.35 -8.86
N ALA B 12 -41.42 -33.80 -7.65
CA ALA B 12 -40.34 -33.97 -6.68
C ALA B 12 -40.28 -35.41 -6.18
N THR B 13 -39.08 -35.97 -6.16
CA THR B 13 -38.84 -37.30 -5.62
C THR B 13 -38.14 -37.27 -4.27
N SER B 14 -37.47 -36.18 -3.93
CA SER B 14 -36.77 -36.00 -2.68
C SER B 14 -37.40 -34.85 -1.89
N PRO B 15 -37.27 -34.85 -0.57
CA PRO B 15 -37.77 -33.71 0.23
C PRO B 15 -37.12 -32.39 -0.17
N ILE B 16 -35.84 -32.42 -0.56
CA ILE B 16 -35.17 -31.18 -0.96
C ILE B 16 -35.77 -30.63 -2.24
N MET B 17 -35.99 -31.51 -3.24
CA MET B 17 -36.66 -31.06 -4.46
C MET B 17 -38.06 -30.54 -4.17
N GLU B 18 -38.73 -31.09 -3.14
N GLU B 18 -38.73 -31.09 -3.14
CA GLU B 18 -40.04 -30.58 -2.77
CA GLU B 18 -40.04 -30.58 -2.77
C GLU B 18 -39.94 -29.18 -2.20
C GLU B 18 -39.94 -29.18 -2.20
N GLU B 19 -38.85 -28.89 -1.49
CA GLU B 19 -38.64 -27.53 -0.99
C GLU B 19 -38.37 -26.57 -2.13
N LEU B 20 -37.67 -27.01 -3.17
CA LEU B 20 -37.38 -26.16 -4.32
C LEU B 20 -38.66 -25.82 -5.09
N LEU B 21 -39.58 -26.77 -5.21
CA LEU B 21 -40.87 -26.48 -5.85
C LEU B 21 -41.60 -25.39 -5.09
N HIS B 22 -41.64 -25.48 -3.77
N HIS B 22 -41.72 -25.56 -3.77
CA HIS B 22 -42.36 -24.48 -2.99
CA HIS B 22 -42.23 -24.56 -2.85
C HIS B 22 -41.67 -23.13 -3.01
C HIS B 22 -41.65 -23.19 -3.14
N PHE B 23 -40.33 -23.10 -3.05
CA PHE B 23 -39.64 -21.82 -3.17
C PHE B 23 -39.81 -21.23 -4.57
N HIS B 24 -39.86 -22.07 -5.59
CA HIS B 24 -40.07 -21.56 -6.95
C HIS B 24 -41.48 -20.98 -7.09
N ASP B 25 -42.49 -21.66 -6.55
CA ASP B 25 -43.84 -21.11 -6.56
C ASP B 25 -43.89 -19.74 -5.88
N HIS B 26 -43.17 -19.61 -4.76
CA HIS B 26 -43.12 -18.33 -4.05
C HIS B 26 -42.40 -17.27 -4.89
N THR B 27 -41.32 -17.64 -5.56
CA THR B 27 -40.57 -16.68 -6.36
C THR B 27 -41.27 -16.38 -7.68
N LEU B 28 -41.87 -17.39 -8.31
CA LEU B 28 -42.54 -17.16 -9.60
C LEU B 28 -43.71 -16.19 -9.46
N MET B 29 -44.40 -16.21 -8.31
N MET B 29 -44.40 -16.21 -8.31
CA MET B 29 -45.48 -15.26 -8.10
CA MET B 29 -45.48 -15.25 -8.09
C MET B 29 -44.97 -13.82 -8.10
C MET B 29 -44.96 -13.83 -8.11
N ILE B 30 -43.79 -13.60 -7.51
CA ILE B 30 -43.21 -12.26 -7.49
C ILE B 30 -42.77 -11.85 -8.89
N VAL B 31 -42.17 -12.78 -9.64
CA VAL B 31 -41.79 -12.50 -11.02
C VAL B 31 -43.02 -12.17 -11.86
N PHE B 32 -44.10 -12.94 -11.67
N PHE B 32 -44.09 -12.95 -11.66
CA PHE B 32 -45.34 -12.66 -12.37
CA PHE B 32 -45.35 -12.67 -12.35
C PHE B 32 -45.91 -11.30 -11.97
C PHE B 32 -45.91 -11.32 -11.97
N LEU B 33 -45.79 -10.95 -10.69
CA LEU B 33 -46.38 -9.71 -10.20
C LEU B 33 -45.65 -8.49 -10.73
N ILE B 34 -44.31 -8.51 -10.68
CA ILE B 34 -43.53 -7.34 -11.08
C ILE B 34 -43.61 -7.11 -12.58
N SER B 35 -43.52 -8.19 -13.37
CA SER B 35 -43.62 -8.05 -14.81
C SER B 35 -45.00 -7.56 -15.24
N SER B 36 -46.05 -8.07 -14.58
CA SER B 36 -47.40 -7.59 -14.88
C SER B 36 -47.56 -6.12 -14.46
N LEU B 37 -47.03 -5.76 -13.30
CA LEU B 37 -47.09 -4.36 -12.86
C LEU B 37 -46.37 -3.45 -13.85
N VAL B 38 -45.19 -3.86 -14.32
CA VAL B 38 -44.45 -3.05 -15.27
C VAL B 38 -45.22 -2.92 -16.58
N LEU B 39 -45.74 -4.05 -17.07
CA LEU B 39 -46.52 -4.03 -18.31
C LEU B 39 -47.75 -3.14 -18.17
N TYR B 40 -48.46 -3.25 -17.04
CA TYR B 40 -49.65 -2.41 -16.84
C TYR B 40 -49.29 -0.94 -16.78
N ILE B 41 -48.26 -0.59 -15.99
CA ILE B 41 -47.88 0.81 -15.85
C ILE B 41 -47.46 1.39 -17.20
N ILE B 42 -46.79 0.58 -18.02
CA ILE B 42 -46.46 1.02 -19.38
C ILE B 42 -47.73 1.44 -20.12
N SER B 43 -48.74 0.57 -20.11
CA SER B 43 -50.00 0.90 -20.76
C SER B 43 -50.68 2.09 -20.10
N LEU B 44 -50.50 2.27 -18.80
CA LEU B 44 -51.08 3.41 -18.11
C LEU B 44 -50.45 4.72 -18.57
N MET B 45 -49.12 4.73 -18.74
CA MET B 45 -48.43 5.95 -19.17
C MET B 45 -48.75 6.32 -20.61
N LEU B 46 -49.24 5.38 -21.42
CA LEU B 46 -49.36 5.56 -22.85
C LEU B 46 -50.80 5.77 -23.33
N THR B 47 -51.77 5.84 -22.41
CA THR B 47 -53.18 5.83 -22.80
C THR B 47 -53.92 7.07 -22.32
N THR B 48 -53.24 8.21 -22.23
CA THR B 48 -53.90 9.46 -21.86
C THR B 48 -53.39 10.60 -22.72
N LYS B 49 -54.29 11.53 -23.06
CA LYS B 49 -53.91 12.76 -23.74
C LYS B 49 -53.41 13.83 -22.77
N LEU B 50 -53.61 13.63 -21.48
CA LEU B 50 -53.13 14.58 -20.48
C LEU B 50 -51.61 14.60 -20.46
N THR B 51 -51.03 15.78 -20.28
CA THR B 51 -49.59 15.95 -20.37
C THR B 51 -49.06 16.70 -19.15
N HIS B 52 -47.78 16.43 -18.84
CA HIS B 52 -47.07 17.16 -17.80
C HIS B 52 -45.58 17.02 -18.14
N THR B 53 -45.04 18.02 -18.83
CA THR B 53 -43.71 17.93 -19.42
C THR B 53 -42.66 18.78 -18.72
N SER B 54 -43.02 19.50 -17.66
CA SER B 54 -42.05 20.28 -16.92
C SER B 54 -41.23 19.39 -16.00
N THR B 55 -40.27 19.99 -15.31
CA THR B 55 -39.32 19.23 -14.50
C THR B 55 -40.01 18.53 -13.34
N MET B 56 -39.73 17.24 -13.18
CA MET B 56 -40.30 16.44 -12.12
C MET B 56 -39.28 16.19 -11.01
N ASP B 57 -39.67 16.50 -9.77
CA ASP B 57 -38.85 16.17 -8.61
C ASP B 57 -38.90 14.68 -8.33
N ALA B 58 -37.74 14.10 -8.03
CA ALA B 58 -37.60 12.65 -8.01
C ALA B 58 -37.31 12.05 -6.64
N GLN B 59 -36.86 12.85 -5.67
CA GLN B 59 -36.30 12.27 -4.45
C GLN B 59 -37.32 11.42 -3.70
N GLU B 60 -38.52 11.96 -3.47
CA GLU B 60 -39.53 11.27 -2.67
C GLU B 60 -39.88 9.91 -3.26
N VAL B 61 -40.14 9.85 -4.56
CA VAL B 61 -40.63 8.61 -5.16
C VAL B 61 -39.54 7.53 -5.17
N GLU B 62 -38.27 7.92 -5.19
CA GLU B 62 -37.20 6.92 -5.27
C GLU B 62 -36.98 6.20 -3.96
N THR B 63 -37.50 6.72 -2.84
CA THR B 63 -37.56 5.94 -1.61
C THR B 63 -38.43 4.70 -1.80
N ILE B 64 -39.59 4.88 -2.45
CA ILE B 64 -40.47 3.74 -2.74
C ILE B 64 -39.77 2.77 -3.69
N TRP B 65 -39.17 3.30 -4.76
CA TRP B 65 -38.50 2.47 -5.76
C TRP B 65 -37.31 1.71 -5.22
N THR B 66 -36.86 2.03 -4.01
CA THR B 66 -35.70 1.39 -3.40
C THR B 66 -36.06 0.49 -2.24
N ILE B 67 -36.92 0.96 -1.32
CA ILE B 67 -37.28 0.16 -0.15
C ILE B 67 -38.10 -1.06 -0.55
N LEU B 68 -39.09 -0.86 -1.43
CA LEU B 68 -39.96 -1.97 -1.81
C LEU B 68 -39.21 -3.11 -2.49
N PRO B 69 -38.40 -2.89 -3.53
CA PRO B 69 -37.62 -4.01 -4.08
C PRO B 69 -36.67 -4.62 -3.06
N ALA B 70 -36.10 -3.79 -2.18
CA ALA B 70 -35.21 -4.30 -1.15
C ALA B 70 -35.93 -5.27 -0.22
N ILE B 71 -37.15 -4.91 0.20
CA ILE B 71 -37.95 -5.82 1.02
C ILE B 71 -38.26 -7.10 0.26
N ILE B 72 -38.61 -6.96 -1.03
CA ILE B 72 -38.96 -8.13 -1.84
C ILE B 72 -37.77 -9.07 -1.94
N LEU B 73 -36.58 -8.53 -2.19
CA LEU B 73 -35.37 -9.36 -2.28
C LEU B 73 -35.13 -10.11 -0.98
N ILE B 74 -35.44 -9.48 0.16
CA ILE B 74 -35.25 -10.14 1.45
C ILE B 74 -36.23 -11.30 1.60
N LEU B 75 -37.48 -11.13 1.15
CA LEU B 75 -38.43 -12.23 1.22
C LEU B 75 -38.09 -13.35 0.24
N ILE B 76 -37.24 -13.09 -0.74
CA ILE B 76 -36.72 -14.17 -1.60
C ILE B 76 -35.50 -14.81 -0.98
N ALA B 77 -34.59 -13.99 -0.43
CA ALA B 77 -33.34 -14.51 0.11
C ALA B 77 -33.56 -15.43 1.30
N LEU B 78 -34.48 -15.06 2.20
CA LEU B 78 -34.68 -15.83 3.43
C LEU B 78 -35.03 -17.30 3.17
N PRO B 79 -36.07 -17.63 2.40
CA PRO B 79 -36.31 -19.06 2.10
C PRO B 79 -35.23 -19.67 1.23
N SER B 80 -34.63 -18.88 0.32
CA SER B 80 -33.57 -19.41 -0.53
C SER B 80 -32.40 -19.91 0.28
N LEU B 81 -31.91 -19.09 1.22
CA LEU B 81 -30.75 -19.48 2.01
C LEU B 81 -31.09 -20.58 3.01
N ARG B 82 -32.31 -20.58 3.55
CA ARG B 82 -32.73 -21.66 4.43
C ARG B 82 -32.64 -23.01 3.73
N ILE B 83 -33.09 -23.08 2.48
CA ILE B 83 -32.97 -24.31 1.70
C ILE B 83 -31.51 -24.59 1.38
N LEU B 84 -30.73 -23.54 1.12
CA LEU B 84 -29.31 -23.73 0.79
C LEU B 84 -28.58 -24.45 1.92
N TYR B 85 -28.80 -24.04 3.16
CA TYR B 85 -28.08 -24.64 4.27
C TYR B 85 -28.66 -25.98 4.69
N MET B 86 -29.97 -26.19 4.53
CA MET B 86 -30.53 -27.51 4.81
C MET B 86 -30.08 -28.53 3.77
N MET B 87 -29.76 -28.07 2.55
CA MET B 87 -29.07 -28.93 1.60
C MET B 87 -27.73 -29.38 2.17
N ASP B 88 -26.98 -28.44 2.74
CA ASP B 88 -25.64 -28.68 3.25
C ASP B 88 -25.63 -29.36 4.62
N GLU B 89 -26.80 -29.52 5.25
CA GLU B 89 -26.88 -30.07 6.60
C GLU B 89 -26.12 -31.38 6.72
N ILE B 90 -25.49 -31.58 7.88
CA ILE B 90 -24.87 -32.86 8.19
C ILE B 90 -25.95 -33.94 8.23
N ASN B 91 -25.75 -34.99 7.43
CA ASN B 91 -26.59 -36.18 7.45
C ASN B 91 -25.69 -37.38 7.58
N ASN B 92 -26.28 -38.51 8.00
CA ASN B 92 -25.54 -39.74 8.23
C ASN B 92 -25.87 -40.69 7.09
N PRO B 93 -25.06 -40.74 6.04
CA PRO B 93 -25.36 -41.64 4.93
C PRO B 93 -25.05 -43.07 5.31
N SER B 94 -25.80 -43.98 4.72
CA SER B 94 -25.60 -45.41 4.91
C SER B 94 -24.86 -46.06 3.76
N LEU B 95 -24.56 -45.29 2.71
CA LEU B 95 -23.93 -45.84 1.52
C LEU B 95 -23.23 -44.71 0.78
N THR B 96 -22.06 -45.01 0.22
CA THR B 96 -21.32 -44.07 -0.60
C THR B 96 -21.13 -44.68 -1.98
N VAL B 97 -21.56 -43.96 -3.02
CA VAL B 97 -21.42 -44.39 -4.40
C VAL B 97 -20.65 -43.32 -5.15
N LYS B 98 -19.67 -43.75 -5.93
CA LYS B 98 -18.90 -42.84 -6.78
C LYS B 98 -19.36 -42.98 -8.23
N THR B 99 -19.38 -41.85 -8.93
CA THR B 99 -19.61 -41.85 -10.37
C THR B 99 -18.49 -41.08 -11.05
N MET B 100 -17.91 -41.68 -12.09
CA MET B 100 -16.85 -41.05 -12.86
C MET B 100 -17.37 -40.72 -14.25
N GLY B 101 -17.19 -39.48 -14.67
CA GLY B 101 -17.58 -39.07 -16.01
C GLY B 101 -16.55 -39.50 -17.04
N HIS B 102 -17.05 -39.88 -18.21
CA HIS B 102 -16.21 -40.28 -19.33
C HIS B 102 -16.83 -39.79 -20.62
N GLN B 103 -16.00 -39.75 -21.68
CA GLN B 103 -16.47 -39.53 -23.05
C GLN B 103 -16.69 -40.89 -23.70
N TRP B 104 -17.96 -41.31 -23.81
CA TRP B 104 -19.10 -40.53 -23.35
C TRP B 104 -20.07 -41.44 -22.61
N TYR B 105 -19.83 -41.63 -21.33
CA TYR B 105 -20.62 -42.53 -20.50
C TYR B 105 -20.26 -42.29 -19.05
N TRP B 106 -21.03 -42.89 -18.15
CA TRP B 106 -20.78 -42.82 -16.72
C TRP B 106 -20.39 -44.19 -16.20
N SER B 107 -19.39 -44.21 -15.30
CA SER B 107 -19.02 -45.41 -14.57
C SER B 107 -19.31 -45.18 -13.09
N TYR B 108 -19.75 -46.24 -12.42
CA TYR B 108 -20.17 -46.15 -11.03
C TYR B 108 -19.39 -47.13 -10.18
N GLU B 109 -19.10 -46.73 -8.94
CA GLU B 109 -18.28 -47.53 -8.03
C GLU B 109 -18.99 -47.66 -6.69
N TYR B 110 -19.19 -48.89 -6.24
CA TYR B 110 -19.76 -49.21 -4.93
C TYR B 110 -18.67 -49.93 -4.15
N THR B 111 -17.87 -49.20 -3.38
CA THR B 111 -16.68 -49.76 -2.73
C THR B 111 -16.73 -49.65 -1.21
N ASP B 112 -17.93 -49.64 -0.63
CA ASP B 112 -18.03 -49.66 0.82
C ASP B 112 -17.57 -50.98 1.41
N TYR B 113 -17.93 -52.09 0.76
CA TYR B 113 -17.56 -53.43 1.20
C TYR B 113 -16.84 -54.20 0.11
N GLU B 114 -17.47 -54.43 -1.03
CA GLU B 114 -16.88 -55.11 -2.16
C GLU B 114 -16.44 -54.09 -3.21
N ASP B 115 -15.63 -54.56 -4.16
CA ASP B 115 -15.16 -53.69 -5.24
C ASP B 115 -16.08 -53.88 -6.44
N LEU B 116 -17.25 -53.26 -6.35
CA LEU B 116 -18.26 -53.28 -7.40
C LEU B 116 -18.13 -52.02 -8.25
N SER B 117 -17.91 -52.21 -9.55
CA SER B 117 -17.86 -51.10 -10.49
C SER B 117 -18.30 -51.59 -11.86
N PHE B 118 -18.92 -50.68 -12.62
CA PHE B 118 -19.43 -51.02 -13.94
C PHE B 118 -19.61 -49.74 -14.75
N ASP B 119 -19.81 -49.91 -16.05
CA ASP B 119 -20.05 -48.81 -16.97
C ASP B 119 -21.52 -48.69 -17.28
N SER B 120 -21.94 -47.49 -17.68
CA SER B 120 -23.35 -47.20 -17.98
C SER B 120 -23.43 -46.41 -19.27
N TYR B 121 -23.89 -47.06 -20.33
CA TYR B 121 -23.97 -46.47 -21.65
C TYR B 121 -25.42 -46.28 -22.08
N MET B 122 -25.66 -45.26 -22.89
CA MET B 122 -26.97 -45.04 -23.48
C MET B 122 -27.36 -46.21 -24.37
N ILE B 123 -28.62 -46.63 -24.26
CA ILE B 123 -29.19 -47.60 -25.20
C ILE B 123 -29.38 -46.90 -26.53
N PRO B 124 -28.72 -47.37 -27.60
CA PRO B 124 -28.92 -46.75 -28.92
C PRO B 124 -30.38 -46.83 -29.35
N THR B 125 -30.77 -45.86 -30.18
CA THR B 125 -32.16 -45.77 -30.61
C THR B 125 -32.60 -47.02 -31.37
N SER B 126 -31.71 -47.58 -32.18
CA SER B 126 -32.06 -48.76 -32.98
C SER B 126 -32.23 -50.01 -32.13
N GLU B 127 -31.73 -50.00 -30.89
CA GLU B 127 -31.78 -51.18 -30.03
C GLU B 127 -32.76 -51.01 -28.86
N LEU B 128 -33.53 -49.92 -28.84
CA LEU B 128 -34.48 -49.71 -27.77
C LEU B 128 -35.54 -50.82 -27.76
N LYS B 129 -35.92 -51.22 -26.57
CA LYS B 129 -37.03 -52.17 -26.49
C LYS B 129 -38.36 -51.42 -26.51
N PRO B 130 -39.41 -52.03 -27.05
CA PRO B 130 -40.70 -51.33 -27.17
C PRO B 130 -41.15 -50.72 -25.86
N GLY B 131 -41.44 -49.42 -25.90
CA GLY B 131 -41.80 -48.67 -24.72
C GLY B 131 -40.66 -47.99 -24.00
N GLU B 132 -39.42 -48.19 -24.44
CA GLU B 132 -38.28 -47.53 -23.84
C GLU B 132 -38.09 -46.14 -24.44
N LEU B 133 -37.37 -45.30 -23.71
CA LEU B 133 -37.29 -43.87 -24.00
C LEU B 133 -36.02 -43.56 -24.79
N ARG B 134 -36.20 -42.92 -25.95
CA ARG B 134 -35.07 -42.50 -26.77
C ARG B 134 -34.15 -41.57 -26.00
N LEU B 135 -32.84 -41.83 -26.09
CA LEU B 135 -31.76 -41.02 -25.54
C LEU B 135 -31.68 -41.05 -24.01
N LEU B 136 -32.55 -41.80 -23.35
CA LEU B 136 -32.61 -41.78 -21.89
C LEU B 136 -32.25 -43.11 -21.23
N GLU B 137 -32.51 -44.24 -21.88
CA GLU B 137 -32.24 -45.52 -21.25
C GLU B 137 -30.76 -45.83 -21.25
N VAL B 138 -30.32 -46.58 -20.23
CA VAL B 138 -28.96 -47.07 -20.14
C VAL B 138 -28.98 -48.58 -20.02
N ASP B 139 -27.85 -49.20 -20.39
CA ASP B 139 -27.73 -50.65 -20.27
C ASP B 139 -27.67 -51.08 -18.81
N ASN B 140 -26.89 -50.38 -17.99
CA ASN B 140 -26.69 -50.73 -16.59
C ASN B 140 -27.14 -49.54 -15.75
N ARG B 141 -28.25 -49.72 -15.03
CA ARG B 141 -28.82 -48.64 -14.24
C ARG B 141 -28.12 -48.53 -12.90
N VAL B 142 -28.31 -47.37 -12.25
CA VAL B 142 -27.71 -47.11 -10.94
C VAL B 142 -28.74 -47.58 -9.90
N VAL B 143 -28.61 -48.83 -9.48
CA VAL B 143 -29.49 -49.39 -8.48
C VAL B 143 -29.11 -48.84 -7.12
N LEU B 144 -30.11 -48.35 -6.38
CA LEU B 144 -29.89 -47.67 -5.10
C LEU B 144 -31.02 -48.04 -4.16
N PRO B 145 -30.74 -48.10 -2.85
CA PRO B 145 -31.81 -48.37 -1.88
C PRO B 145 -32.67 -47.12 -1.66
N MET B 146 -33.98 -47.31 -1.67
CA MET B 146 -34.91 -46.20 -1.47
C MET B 146 -35.03 -45.84 0.00
N GLU B 147 -35.45 -44.60 0.25
CA GLU B 147 -35.73 -44.10 1.59
C GLU B 147 -34.49 -44.13 2.48
N MET B 148 -33.32 -43.94 1.89
N MET B 148 -33.32 -43.95 1.89
CA MET B 148 -32.07 -43.99 2.63
CA MET B 148 -32.07 -43.99 2.63
C MET B 148 -31.15 -42.87 2.14
C MET B 148 -31.16 -42.86 2.14
N THR B 149 -30.47 -42.22 3.08
CA THR B 149 -29.55 -41.15 2.75
C THR B 149 -28.28 -41.72 2.12
N ILE B 150 -28.00 -41.34 0.88
CA ILE B 150 -26.87 -41.85 0.13
C ILE B 150 -25.92 -40.68 -0.17
N ARG B 151 -24.62 -40.92 -0.02
CA ARG B 151 -23.60 -39.96 -0.40
C ARG B 151 -23.10 -40.31 -1.81
N MET B 152 -23.26 -39.37 -2.74
CA MET B 152 -22.74 -39.52 -4.08
C MET B 152 -21.46 -38.70 -4.23
N LEU B 153 -20.43 -39.32 -4.78
CA LEU B 153 -19.17 -38.65 -5.07
C LEU B 153 -18.98 -38.62 -6.58
N VAL B 154 -18.74 -37.42 -7.12
CA VAL B 154 -18.73 -37.19 -8.55
C VAL B 154 -17.35 -36.70 -8.97
N SER B 155 -16.81 -37.30 -10.03
CA SER B 155 -15.54 -36.87 -10.60
C SER B 155 -15.53 -37.26 -12.07
N SER B 156 -14.38 -37.01 -12.73
CA SER B 156 -14.23 -37.33 -14.13
C SER B 156 -12.80 -37.81 -14.38
N GLU B 157 -12.63 -38.57 -15.45
CA GLU B 157 -11.31 -39.08 -15.84
C GLU B 157 -10.83 -38.49 -17.16
N ASP B 158 -11.56 -37.53 -17.74
CA ASP B 158 -11.08 -36.81 -18.91
C ASP B 158 -11.50 -35.34 -18.84
N VAL B 159 -12.57 -34.98 -19.54
CA VAL B 159 -13.02 -33.59 -19.61
C VAL B 159 -14.11 -33.36 -18.56
N LEU B 160 -14.65 -32.14 -18.54
CA LEU B 160 -15.73 -31.83 -17.61
C LEU B 160 -17.02 -32.51 -18.01
N HIS B 161 -17.75 -33.02 -17.01
CA HIS B 161 -19.11 -33.48 -17.16
C HIS B 161 -19.92 -32.91 -16.00
N SER B 162 -21.20 -33.29 -15.94
CA SER B 162 -22.04 -32.89 -14.82
C SER B 162 -23.11 -33.94 -14.61
N TRP B 163 -23.19 -34.45 -13.38
CA TRP B 163 -24.09 -35.54 -13.05
C TRP B 163 -25.37 -34.94 -12.47
N ALA B 164 -26.47 -35.05 -13.22
CA ALA B 164 -27.72 -34.39 -12.85
C ALA B 164 -28.87 -35.37 -12.84
N VAL B 165 -29.77 -35.19 -11.88
CA VAL B 165 -31.04 -35.91 -11.81
C VAL B 165 -32.11 -34.91 -11.39
N PRO B 166 -32.83 -34.30 -12.34
CA PRO B 166 -33.80 -33.26 -11.97
C PRO B 166 -34.84 -33.69 -10.95
N SER B 167 -35.35 -34.93 -11.04
CA SER B 167 -36.37 -35.40 -10.10
C SER B 167 -35.93 -35.25 -8.66
N LEU B 168 -34.64 -35.45 -8.39
CA LEU B 168 -34.10 -35.40 -7.04
C LEU B 168 -33.45 -34.06 -6.71
N GLY B 169 -33.50 -33.09 -7.62
CA GLY B 169 -32.87 -31.81 -7.36
C GLY B 169 -31.36 -31.89 -7.34
N LEU B 170 -30.78 -32.72 -8.20
CA LEU B 170 -29.35 -33.02 -8.16
C LEU B 170 -28.68 -32.51 -9.42
N LYS B 171 -27.53 -31.85 -9.23
CA LYS B 171 -26.62 -31.55 -10.34
C LYS B 171 -25.26 -31.23 -9.73
N THR B 172 -24.27 -32.08 -9.99
CA THR B 172 -22.93 -31.93 -9.44
C THR B 172 -21.93 -32.10 -10.56
N ASP B 173 -21.10 -31.09 -10.77
CA ASP B 173 -20.14 -31.11 -11.87
C ASP B 173 -19.10 -32.21 -11.66
N ALA B 174 -18.69 -32.83 -12.76
CA ALA B 174 -17.68 -33.88 -12.75
C ALA B 174 -16.38 -33.28 -13.26
N ILE B 175 -15.41 -33.12 -12.37
CA ILE B 175 -14.18 -32.39 -12.64
C ILE B 175 -13.00 -33.34 -12.40
N PRO B 176 -12.08 -33.50 -13.34
CA PRO B 176 -10.94 -34.38 -13.11
C PRO B 176 -10.02 -33.83 -12.05
N GLY B 177 -9.58 -34.71 -11.15
CA GLY B 177 -8.74 -34.32 -10.05
C GLY B 177 -9.49 -33.83 -8.83
N ARG B 178 -10.81 -33.79 -8.88
CA ARG B 178 -11.64 -33.23 -7.82
C ARG B 178 -12.75 -34.23 -7.48
N LEU B 179 -13.04 -34.36 -6.19
CA LEU B 179 -14.06 -35.27 -5.68
C LEU B 179 -15.18 -34.44 -5.08
N ASN B 180 -16.26 -34.26 -5.85
CA ASN B 180 -17.39 -33.46 -5.42
C ASN B 180 -18.45 -34.35 -4.78
N GLN B 181 -19.06 -33.85 -3.71
CA GLN B 181 -19.98 -34.62 -2.88
C GLN B 181 -21.38 -34.02 -2.93
N THR B 182 -22.38 -34.89 -3.06
CA THR B 182 -23.77 -34.52 -2.91
C THR B 182 -24.51 -35.64 -2.19
N THR B 183 -25.67 -35.32 -1.65
CA THR B 183 -26.48 -36.29 -0.91
C THR B 183 -27.74 -36.64 -1.69
N LEU B 184 -28.16 -37.90 -1.57
CA LEU B 184 -29.28 -38.43 -2.35
C LEU B 184 -30.23 -39.16 -1.42
N MET B 185 -31.51 -38.80 -1.46
CA MET B 185 -32.53 -39.47 -0.66
C MET B 185 -33.82 -39.50 -1.46
N SER B 186 -34.23 -40.68 -1.90
CA SER B 186 -35.46 -40.85 -2.68
C SER B 186 -36.58 -41.32 -1.77
N SER B 187 -37.71 -40.61 -1.80
CA SER B 187 -38.88 -40.97 -1.01
C SER B 187 -39.66 -42.13 -1.62
N ARG B 188 -39.39 -42.51 -2.86
CA ARG B 188 -40.22 -43.47 -3.59
C ARG B 188 -39.33 -44.36 -4.42
N PRO B 189 -39.77 -45.59 -4.72
CA PRO B 189 -39.09 -46.42 -5.70
C PRO B 189 -39.45 -45.98 -7.11
N GLY B 190 -38.66 -46.48 -8.07
CA GLY B 190 -38.94 -46.24 -9.46
C GLY B 190 -37.67 -45.97 -10.22
N LEU B 191 -37.84 -45.40 -11.42
CA LEU B 191 -36.74 -45.05 -12.31
C LEU B 191 -36.71 -43.53 -12.47
N TYR B 192 -35.54 -42.93 -12.24
CA TYR B 192 -35.39 -41.49 -12.28
C TYR B 192 -34.21 -41.13 -13.17
N TYR B 193 -34.47 -40.27 -14.16
CA TYR B 193 -33.58 -40.06 -15.28
C TYR B 193 -32.87 -38.71 -15.18
N GLY B 194 -31.67 -38.64 -15.75
CA GLY B 194 -30.93 -37.40 -15.88
C GLY B 194 -30.00 -37.49 -17.06
N GLN B 195 -29.36 -36.36 -17.36
CA GLN B 195 -28.51 -36.24 -18.54
C GLN B 195 -27.29 -35.41 -18.19
N CYS B 196 -26.19 -35.66 -18.91
CA CYS B 196 -24.96 -34.93 -18.68
C CYS B 196 -25.18 -33.44 -18.90
N SER B 197 -24.72 -32.63 -17.95
CA SER B 197 -25.05 -31.21 -17.91
C SER B 197 -23.81 -30.33 -17.99
N GLU B 198 -22.79 -30.77 -18.73
CA GLU B 198 -21.67 -29.91 -19.06
C GLU B 198 -21.13 -30.35 -20.41
N ILE B 199 -20.96 -29.40 -21.34
CA ILE B 199 -20.54 -29.74 -22.70
C ILE B 199 -19.23 -30.53 -22.66
N CYS B 200 -19.21 -31.71 -23.31
CA CYS B 200 -18.07 -32.59 -23.12
C CYS B 200 -17.64 -33.29 -24.43
N GLY B 201 -18.02 -32.77 -25.61
CA GLY B 201 -17.54 -33.32 -26.84
C GLY B 201 -18.71 -33.84 -27.70
N SER B 202 -18.37 -34.79 -28.60
CA SER B 202 -19.21 -35.19 -29.69
C SER B 202 -20.50 -35.88 -29.24
N ASN B 203 -20.49 -36.55 -28.10
CA ASN B 203 -21.67 -37.25 -27.61
C ASN B 203 -22.15 -36.69 -26.28
N HIS B 204 -22.00 -35.37 -26.11
CA HIS B 204 -22.49 -34.69 -24.92
C HIS B 204 -23.96 -34.98 -24.67
N SER B 205 -24.76 -35.07 -25.73
CA SER B 205 -26.19 -35.27 -25.61
C SER B 205 -26.58 -36.73 -25.32
N PHE B 206 -25.62 -37.66 -25.34
CA PHE B 206 -25.94 -39.08 -25.39
C PHE B 206 -25.21 -39.87 -24.31
N MET B 207 -25.21 -39.35 -23.08
CA MET B 207 -24.69 -40.09 -21.92
C MET B 207 -25.58 -39.81 -20.72
N PRO B 208 -26.76 -40.41 -20.67
CA PRO B 208 -27.74 -40.09 -19.63
C PRO B 208 -27.46 -40.85 -18.34
N ILE B 209 -28.29 -40.57 -17.34
CA ILE B 209 -28.20 -41.17 -16.01
C ILE B 209 -29.56 -41.76 -15.67
N VAL B 210 -29.57 -43.00 -15.17
CA VAL B 210 -30.80 -43.69 -14.78
C VAL B 210 -30.58 -44.29 -13.40
N LEU B 211 -31.37 -43.83 -12.43
CA LEU B 211 -31.35 -44.38 -11.08
C LEU B 211 -32.51 -45.35 -10.90
N GLU B 212 -32.22 -46.52 -10.33
CA GLU B 212 -33.25 -47.52 -10.03
C GLU B 212 -33.35 -47.64 -8.51
N LEU B 213 -34.45 -47.16 -7.94
CA LEU B 213 -34.64 -47.15 -6.50
C LEU B 213 -35.50 -48.33 -6.10
N VAL B 214 -34.97 -49.17 -5.20
CA VAL B 214 -35.59 -50.42 -4.79
C VAL B 214 -35.38 -50.61 -3.30
N PRO B 215 -36.11 -51.52 -2.64
CA PRO B 215 -35.87 -51.77 -1.21
C PRO B 215 -34.45 -52.28 -0.96
N LEU B 216 -33.98 -52.06 0.27
CA LEU B 216 -32.63 -52.45 0.68
C LEU B 216 -32.34 -53.91 0.34
N LYS B 217 -33.30 -54.80 0.63
CA LYS B 217 -33.08 -56.22 0.40
C LYS B 217 -32.78 -56.52 -1.06
N TYR B 218 -33.48 -55.86 -1.99
CA TYR B 218 -33.21 -56.06 -3.41
C TYR B 218 -31.89 -55.43 -3.83
N PHE B 219 -31.56 -54.27 -3.26
CA PHE B 219 -30.28 -53.64 -3.55
C PHE B 219 -29.11 -54.50 -3.09
N GLU B 220 -29.23 -55.12 -1.91
CA GLU B 220 -28.16 -55.97 -1.42
C GLU B 220 -27.95 -57.18 -2.31
N LYS B 221 -29.04 -57.84 -2.72
CA LYS B 221 -28.93 -58.97 -3.62
C LYS B 221 -28.42 -58.56 -4.99
N TRP B 222 -28.81 -57.38 -5.46
CA TRP B 222 -28.30 -56.88 -6.74
C TRP B 222 -26.81 -56.60 -6.65
N SER B 223 -26.36 -55.97 -5.56
CA SER B 223 -24.94 -55.69 -5.40
C SER B 223 -24.12 -56.97 -5.41
N ALA B 224 -24.53 -57.96 -4.62
CA ALA B 224 -23.84 -59.25 -4.60
C ALA B 224 -23.78 -59.87 -5.99
N SER B 225 -24.89 -59.81 -6.74
CA SER B 225 -24.96 -60.45 -8.05
C SER B 225 -24.11 -59.76 -9.10
N MET B 226 -23.52 -58.60 -8.79
CA MET B 226 -22.77 -57.82 -9.76
C MET B 226 -21.28 -57.78 -9.43
N LEU B 227 -20.82 -58.65 -8.53
CA LEU B 227 -19.41 -58.73 -8.19
C LEU B 227 -18.58 -59.19 -9.39
N HIS C 3 -8.24 28.02 -38.14
CA HIS C 3 -9.62 27.61 -38.36
C HIS C 3 -10.27 27.14 -37.06
N GLN C 4 -9.62 26.21 -36.38
CA GLN C 4 -10.10 25.74 -35.09
C GLN C 4 -9.81 26.76 -34.00
N THR C 5 -10.74 26.89 -33.06
CA THR C 5 -10.54 27.73 -31.88
C THR C 5 -10.64 26.90 -30.60
N HIS C 6 -10.35 25.61 -30.70
CA HIS C 6 -10.11 24.75 -29.56
C HIS C 6 -8.64 24.36 -29.51
N ALA C 7 -8.25 23.71 -28.43
CA ALA C 7 -6.85 23.39 -28.17
C ALA C 7 -6.49 21.93 -28.48
N TYR C 8 -7.40 21.18 -29.10
CA TYR C 8 -7.18 19.76 -29.29
C TYR C 8 -6.57 19.48 -30.67
N HIS C 9 -6.07 18.26 -30.82
CA HIS C 9 -5.23 17.89 -31.96
C HIS C 9 -6.03 17.06 -32.94
N MET C 10 -6.27 17.61 -34.13
CA MET C 10 -6.83 16.85 -35.25
C MET C 10 -5.69 16.20 -35.99
N VAL C 11 -5.65 14.88 -35.96
CA VAL C 11 -4.50 14.12 -36.46
C VAL C 11 -4.65 13.91 -37.96
N ASN C 12 -3.53 13.99 -38.67
CA ASN C 12 -3.52 13.70 -40.10
C ASN C 12 -3.93 12.25 -40.33
N PRO C 13 -4.63 11.96 -41.43
CA PRO C 13 -4.94 10.57 -41.76
C PRO C 13 -3.66 9.74 -41.81
N SER C 14 -3.72 8.53 -41.24
CA SER C 14 -2.52 7.76 -40.96
C SER C 14 -2.70 6.30 -41.32
N PRO C 15 -1.68 5.68 -41.92
CA PRO C 15 -1.76 4.26 -42.28
C PRO C 15 -1.38 3.32 -41.15
N TRP C 16 -0.76 3.82 -40.08
CA TRP C 16 -0.19 2.98 -39.03
C TRP C 16 -1.23 2.21 -38.23
N PRO C 17 -2.44 2.75 -37.98
CA PRO C 17 -3.49 1.90 -37.41
C PRO C 17 -3.76 0.64 -38.22
N LEU C 18 -3.80 0.75 -39.55
CA LEU C 18 -4.04 -0.41 -40.39
C LEU C 18 -2.85 -1.37 -40.34
N THR C 19 -1.63 -0.84 -40.46
CA THR C 19 -0.45 -1.69 -40.44
C THR C 19 -0.26 -2.34 -39.08
N GLY C 20 -0.65 -1.66 -38.00
CA GLY C 20 -0.57 -2.27 -36.68
C GLY C 20 -1.59 -3.39 -36.52
N ALA C 21 -2.80 -3.19 -37.02
CA ALA C 21 -3.81 -4.24 -36.93
C ALA C 21 -3.44 -5.44 -37.79
N LEU C 22 -2.90 -5.19 -38.99
CA LEU C 22 -2.44 -6.29 -39.82
C LEU C 22 -1.25 -7.00 -39.18
N SER C 23 -0.39 -6.27 -38.46
N SER C 23 -0.38 -6.27 -38.48
CA SER C 23 0.73 -6.91 -37.78
CA SER C 23 0.73 -6.89 -37.77
C SER C 23 0.24 -7.84 -36.68
C SER C 23 0.23 -7.84 -36.69
N ALA C 24 -0.84 -7.47 -36.00
CA ALA C 24 -1.42 -8.36 -34.99
C ALA C 24 -1.97 -9.63 -35.62
N LEU C 25 -2.59 -9.50 -36.80
CA LEU C 25 -3.04 -10.67 -37.54
C LEU C 25 -1.88 -11.58 -37.90
N LEU C 26 -0.77 -10.99 -38.35
CA LEU C 26 0.37 -11.80 -38.76
C LEU C 26 1.07 -12.44 -37.56
N MET C 27 1.11 -11.75 -36.43
CA MET C 27 1.75 -12.32 -35.24
C MET C 27 0.92 -13.45 -34.65
N THR C 28 -0.41 -13.29 -34.63
CA THR C 28 -1.27 -14.32 -34.06
C THR C 28 -1.37 -15.53 -34.99
N SER C 29 -1.58 -15.29 -36.27
CA SER C 29 -1.54 -16.39 -37.23
C SER C 29 -0.14 -16.97 -37.37
N GLY C 30 0.89 -16.16 -37.12
CA GLY C 30 2.24 -16.69 -37.08
C GLY C 30 2.48 -17.62 -35.92
N LEU C 31 1.98 -17.26 -34.73
CA LEU C 31 2.07 -18.14 -33.58
C LEU C 31 1.33 -19.46 -33.83
N THR C 32 0.16 -19.39 -34.47
CA THR C 32 -0.56 -20.59 -34.85
C THR C 32 0.25 -21.40 -35.86
N MET C 33 0.88 -20.71 -36.80
N MET C 33 0.88 -20.71 -36.80
CA MET C 33 1.75 -21.39 -37.77
CA MET C 33 1.75 -21.39 -37.77
C MET C 33 2.93 -22.04 -37.07
C MET C 33 2.93 -22.05 -37.07
N TRP C 34 3.48 -21.40 -36.04
CA TRP C 34 4.61 -21.94 -35.33
C TRP C 34 4.21 -23.12 -34.44
N PHE C 35 3.10 -22.98 -33.71
CA PHE C 35 2.71 -24.00 -32.76
C PHE C 35 2.25 -25.28 -33.42
N HIS C 36 1.69 -25.20 -34.63
CA HIS C 36 1.01 -26.34 -35.23
C HIS C 36 1.57 -26.78 -36.57
N PHE C 37 2.21 -25.89 -37.32
CA PHE C 37 2.63 -26.19 -38.67
C PHE C 37 4.13 -25.97 -38.90
N ASN C 38 4.91 -25.89 -37.81
CA ASN C 38 6.36 -26.03 -37.87
C ASN C 38 7.01 -24.97 -38.77
N SER C 39 6.50 -23.74 -38.71
CA SER C 39 7.07 -22.67 -39.52
C SER C 39 6.97 -21.36 -38.77
N MET C 40 8.01 -20.53 -38.91
CA MET C 40 8.08 -19.23 -38.24
C MET C 40 7.94 -18.06 -39.20
N THR C 41 7.63 -18.31 -40.47
CA THR C 41 7.68 -17.26 -41.48
C THR C 41 6.68 -16.14 -41.19
N LEU C 42 5.39 -16.50 -41.06
CA LEU C 42 4.38 -15.50 -40.73
C LEU C 42 4.73 -14.75 -39.44
N LEU C 43 5.24 -15.46 -38.44
CA LEU C 43 5.57 -14.84 -37.16
C LEU C 43 6.65 -13.76 -37.34
N MET C 44 7.67 -14.05 -38.14
N MET C 44 7.67 -14.05 -38.14
CA MET C 44 8.74 -13.07 -38.34
CA MET C 44 8.74 -13.07 -38.33
C MET C 44 8.26 -11.85 -39.11
C MET C 44 8.28 -11.86 -39.14
N ILE C 45 7.36 -12.06 -40.07
CA ILE C 45 6.81 -10.92 -40.82
C ILE C 45 5.96 -10.06 -39.89
N GLY C 46 5.16 -10.69 -39.03
CA GLY C 46 4.34 -9.93 -38.09
C GLY C 46 5.18 -9.12 -37.12
N LEU C 47 6.21 -9.74 -36.56
CA LEU C 47 7.09 -9.02 -35.65
C LEU C 47 7.77 -7.85 -36.34
N THR C 48 8.20 -8.04 -37.59
CA THR C 48 8.88 -6.97 -38.32
C THR C 48 7.94 -5.81 -38.59
N THR C 49 6.73 -6.10 -39.09
CA THR C 49 5.76 -5.04 -39.33
C THR C 49 5.31 -4.39 -38.04
N ASN C 50 5.27 -5.14 -36.94
CA ASN C 50 4.90 -4.56 -35.65
C ASN C 50 5.91 -3.52 -35.21
N MET C 51 7.21 -3.82 -35.35
N MET C 51 7.20 -3.81 -35.36
N MET C 51 7.20 -3.80 -35.37
CA MET C 51 8.24 -2.85 -34.98
CA MET C 51 8.23 -2.85 -34.98
CA MET C 51 8.22 -2.83 -34.96
C MET C 51 8.23 -1.65 -35.91
C MET C 51 8.23 -1.65 -35.92
C MET C 51 8.30 -1.65 -35.93
N LEU C 52 7.99 -1.88 -37.21
CA LEU C 52 7.92 -0.77 -38.16
C LEU C 52 6.73 0.13 -37.86
N THR C 53 5.59 -0.47 -37.50
CA THR C 53 4.43 0.32 -37.13
C THR C 53 4.69 1.16 -35.88
N MET C 54 5.25 0.52 -34.85
N MET C 54 5.22 0.52 -34.83
CA MET C 54 5.50 1.26 -33.60
CA MET C 54 5.52 1.24 -33.59
C MET C 54 6.53 2.36 -33.79
C MET C 54 6.50 2.37 -33.83
N TYR C 55 7.56 2.12 -34.61
CA TYR C 55 8.58 3.14 -34.83
C TYR C 55 7.99 4.36 -35.53
N GLN C 56 7.29 4.14 -36.64
CA GLN C 56 6.78 5.27 -37.41
C GLN C 56 5.61 5.96 -36.70
N TRP C 57 4.77 5.19 -36.00
CA TRP C 57 3.68 5.78 -35.23
C TRP C 57 4.21 6.75 -34.19
N TRP C 58 5.12 6.29 -33.33
CA TRP C 58 5.64 7.15 -32.27
C TRP C 58 6.60 8.19 -32.82
N ARG C 59 7.25 7.91 -33.96
CA ARG C 59 7.99 8.96 -34.67
C ARG C 59 7.07 10.12 -35.01
N ASP C 60 5.87 9.82 -35.54
CA ASP C 60 4.93 10.87 -35.91
C ASP C 60 4.45 11.65 -34.68
N VAL C 61 4.29 10.97 -33.55
CA VAL C 61 3.88 11.65 -32.33
C VAL C 61 4.95 12.67 -31.92
N ILE C 62 6.22 12.31 -32.08
CA ILE C 62 7.30 13.26 -31.80
C ILE C 62 7.27 14.41 -32.80
N ARG C 63 7.01 14.09 -34.07
CA ARG C 63 6.88 15.15 -35.08
C ARG C 63 5.73 16.09 -34.76
N GLU C 64 4.59 15.54 -34.32
CA GLU C 64 3.43 16.35 -34.03
C GLU C 64 3.63 17.24 -32.81
N SER C 65 4.49 16.83 -31.87
CA SER C 65 4.64 17.54 -30.62
C SER C 65 5.89 18.41 -30.61
N THR C 66 7.06 17.79 -30.65
CA THR C 66 8.31 18.54 -30.57
C THR C 66 8.48 19.47 -31.76
N PHE C 67 8.12 19.01 -32.96
CA PHE C 67 8.42 19.73 -34.19
C PHE C 67 7.25 20.57 -34.69
N GLN C 68 6.01 20.17 -34.41
CA GLN C 68 4.85 20.91 -34.89
C GLN C 68 4.07 21.62 -33.80
N GLY C 69 4.27 21.26 -32.53
CA GLY C 69 3.69 22.03 -31.44
C GLY C 69 2.23 21.76 -31.17
N HIS C 70 1.71 20.60 -31.53
CA HIS C 70 0.30 20.31 -31.36
C HIS C 70 -0.08 19.91 -29.94
N HIS C 71 0.89 19.65 -29.07
CA HIS C 71 0.61 19.17 -27.71
C HIS C 71 0.43 20.37 -26.78
N THR C 72 -0.77 20.94 -26.83
CA THR C 72 -1.19 21.97 -25.89
C THR C 72 -1.36 21.34 -24.50
N PRO C 73 -1.50 22.15 -23.45
CA PRO C 73 -1.80 21.58 -22.13
C PRO C 73 -3.00 20.66 -22.10
N ALA C 74 -4.02 20.93 -22.94
CA ALA C 74 -5.19 20.05 -22.98
C ALA C 74 -4.84 18.71 -23.61
N VAL C 75 -3.98 18.71 -24.63
CA VAL C 75 -3.57 17.46 -25.25
C VAL C 75 -2.67 16.67 -24.31
N GLN C 76 -1.79 17.36 -23.58
CA GLN C 76 -0.93 16.69 -22.61
C GLN C 76 -1.77 16.02 -21.51
N LYS C 77 -2.79 16.73 -21.01
CA LYS C 77 -3.63 16.16 -19.96
C LYS C 77 -4.33 14.90 -20.44
N GLY C 78 -4.78 14.87 -21.69
CA GLY C 78 -5.38 13.67 -22.23
C GLY C 78 -4.41 12.51 -22.32
N LEU C 79 -3.18 12.79 -22.74
CA LEU C 79 -2.16 11.74 -22.78
C LEU C 79 -1.81 11.25 -21.38
N ARG C 80 -1.94 12.13 -20.38
CA ARG C 80 -1.73 11.70 -19.00
C ARG C 80 -2.78 10.69 -18.57
N TYR C 81 -4.05 10.98 -18.86
CA TYR C 81 -5.11 10.01 -18.59
C TYR C 81 -4.89 8.72 -19.35
N GLY C 82 -4.50 8.81 -20.62
CA GLY C 82 -4.27 7.62 -21.42
C GLY C 82 -3.22 6.71 -20.83
N MET C 83 -2.09 7.27 -20.40
CA MET C 83 -1.01 6.46 -19.85
C MET C 83 -1.41 5.84 -18.52
N ILE C 84 -2.11 6.59 -17.67
CA ILE C 84 -2.56 6.07 -16.39
C ILE C 84 -3.53 4.91 -16.60
N LEU C 85 -4.49 5.09 -17.51
CA LEU C 85 -5.46 4.04 -17.80
C LEU C 85 -4.78 2.80 -18.40
N PHE C 86 -3.78 3.01 -19.26
CA PHE C 86 -3.06 1.88 -19.83
C PHE C 86 -2.34 1.10 -18.74
N ILE C 87 -1.68 1.79 -17.80
CA ILE C 87 -1.00 1.10 -16.71
C ILE C 87 -1.99 0.33 -15.85
N ILE C 88 -3.17 0.92 -15.61
CA ILE C 88 -4.19 0.23 -14.83
C ILE C 88 -4.58 -1.09 -15.49
N SER C 89 -4.78 -1.07 -16.81
CA SER C 89 -5.10 -2.30 -17.53
C SER C 89 -3.97 -3.30 -17.46
N GLU C 90 -2.72 -2.82 -17.35
CA GLU C 90 -1.59 -3.72 -17.20
C GLU C 90 -1.56 -4.34 -15.80
N VAL C 91 -1.98 -3.59 -14.78
CA VAL C 91 -2.07 -4.13 -13.43
C VAL C 91 -3.05 -5.28 -13.38
N LEU C 92 -4.22 -5.12 -14.01
CA LEU C 92 -5.23 -6.17 -14.00
C LEU C 92 -4.76 -7.40 -14.77
N PHE C 93 -3.94 -7.20 -15.81
CA PHE C 93 -3.36 -8.33 -16.52
C PHE C 93 -2.50 -9.19 -15.60
N PHE C 94 -1.58 -8.55 -14.86
CA PHE C 94 -0.74 -9.29 -13.92
C PHE C 94 -1.57 -9.86 -12.76
N THR C 95 -2.62 -9.15 -12.35
CA THR C 95 -3.48 -9.65 -11.27
C THR C 95 -3.98 -11.06 -11.56
N GLY C 96 -4.34 -11.34 -12.82
CA GLY C 96 -4.77 -12.68 -13.18
C GLY C 96 -3.71 -13.73 -12.90
N PHE C 97 -2.44 -13.39 -13.15
CA PHE C 97 -1.36 -14.35 -12.92
C PHE C 97 -1.08 -14.53 -11.44
N PHE C 98 -1.18 -13.46 -10.65
CA PHE C 98 -1.07 -13.59 -9.20
C PHE C 98 -2.23 -14.41 -8.66
N TRP C 99 -3.43 -14.21 -9.21
CA TRP C 99 -4.57 -15.05 -8.86
C TRP C 99 -4.28 -16.52 -9.13
N ALA C 100 -3.75 -16.82 -10.32
CA ALA C 100 -3.38 -18.19 -10.65
C ALA C 100 -2.35 -18.75 -9.67
N PHE C 101 -1.33 -17.95 -9.32
CA PHE C 101 -0.30 -18.42 -8.41
C PHE C 101 -0.87 -18.76 -7.04
N TYR C 102 -1.60 -17.82 -6.44
CA TYR C 102 -2.13 -18.05 -5.09
C TYR C 102 -3.18 -19.15 -5.08
N HIS C 103 -3.96 -19.29 -6.15
CA HIS C 103 -4.90 -20.41 -6.23
C HIS C 103 -4.17 -21.74 -6.14
N SER C 104 -3.06 -21.88 -6.87
CA SER C 104 -2.33 -23.14 -6.89
C SER C 104 -1.55 -23.37 -5.61
N SER C 105 -0.96 -22.31 -5.05
CA SER C 105 -0.04 -22.48 -3.92
C SER C 105 -0.79 -22.59 -2.60
N LEU C 106 -1.91 -21.87 -2.44
CA LEU C 106 -2.67 -21.97 -1.20
C LEU C 106 -3.41 -23.29 -1.08
N ALA C 107 -3.67 -23.96 -2.21
CA ALA C 107 -4.40 -25.23 -2.23
C ALA C 107 -3.62 -26.25 -3.06
N PRO C 108 -2.48 -26.72 -2.56
CA PRO C 108 -1.68 -27.69 -3.33
C PRO C 108 -2.43 -29.01 -3.45
N THR C 109 -2.56 -29.50 -4.68
CA THR C 109 -3.32 -30.70 -4.96
C THR C 109 -2.51 -31.94 -4.61
N PRO C 110 -3.17 -33.11 -4.49
CA PRO C 110 -2.43 -34.35 -4.22
C PRO C 110 -1.33 -34.65 -5.22
N GLU C 111 -1.48 -34.23 -6.47
CA GLU C 111 -0.46 -34.49 -7.48
C GLU C 111 0.87 -33.81 -7.14
N LEU C 112 0.83 -32.73 -6.36
CA LEU C 112 2.03 -32.04 -5.92
C LEU C 112 2.61 -32.63 -4.66
N GLY C 113 1.93 -33.62 -4.06
CA GLY C 113 2.25 -34.06 -2.72
C GLY C 113 1.44 -33.40 -1.63
N GLY C 114 0.48 -32.54 -1.99
CA GLY C 114 -0.31 -31.83 -1.01
C GLY C 114 0.44 -30.74 -0.27
N CYS C 115 1.54 -30.23 -0.84
CA CYS C 115 2.35 -29.23 -0.17
C CYS C 115 2.86 -28.22 -1.19
N TRP C 116 3.30 -27.07 -0.69
CA TRP C 116 3.95 -26.06 -1.50
C TRP C 116 5.23 -25.62 -0.80
N PRO C 117 6.38 -25.61 -1.50
CA PRO C 117 6.55 -25.98 -2.91
C PRO C 117 6.33 -27.48 -3.17
N PRO C 118 5.95 -27.83 -4.39
CA PRO C 118 5.64 -29.23 -4.69
C PRO C 118 6.84 -30.14 -4.47
N THR C 119 6.54 -31.42 -4.27
CA THR C 119 7.58 -32.43 -4.15
C THR C 119 8.44 -32.45 -5.41
N GLY C 120 9.76 -32.44 -5.23
CA GLY C 120 10.68 -32.42 -6.34
C GLY C 120 11.05 -31.05 -6.84
N ILE C 121 10.44 -30.00 -6.30
CA ILE C 121 10.76 -28.62 -6.67
C ILE C 121 11.74 -28.06 -5.64
N HIS C 122 12.88 -27.56 -6.13
CA HIS C 122 13.87 -26.92 -5.27
C HIS C 122 13.97 -25.45 -5.63
N PRO C 123 13.27 -24.56 -4.92
CA PRO C 123 13.21 -23.16 -5.34
C PRO C 123 14.56 -22.48 -5.24
N LEU C 124 14.68 -21.39 -6.00
CA LEU C 124 15.84 -20.52 -5.89
C LEU C 124 15.89 -19.87 -4.51
N ASN C 125 17.10 -19.56 -4.08
CA ASN C 125 17.27 -18.86 -2.80
C ASN C 125 16.89 -17.39 -2.98
N PRO C 126 15.85 -16.90 -2.27
CA PRO C 126 15.43 -15.50 -2.47
C PRO C 126 16.41 -14.46 -1.96
N LEU C 127 17.42 -14.83 -1.16
CA LEU C 127 18.39 -13.86 -0.68
C LEU C 127 19.63 -13.75 -1.56
N GLU C 128 19.66 -14.46 -2.70
CA GLU C 128 20.82 -14.36 -3.57
C GLU C 128 20.52 -13.42 -4.75
N VAL C 129 20.38 -13.95 -5.95
CA VAL C 129 20.15 -13.11 -7.12
C VAL C 129 18.77 -12.45 -7.07
N PRO C 130 17.69 -13.15 -6.68
CA PRO C 130 16.39 -12.45 -6.54
C PRO C 130 16.46 -11.22 -5.67
N LEU C 131 17.20 -11.27 -4.55
CA LEU C 131 17.37 -10.07 -3.74
C LEU C 131 18.19 -9.01 -4.47
N LEU C 132 19.22 -9.44 -5.21
CA LEU C 132 20.01 -8.50 -6.01
C LEU C 132 19.14 -7.80 -7.05
N ASN C 133 18.28 -8.56 -7.74
CA ASN C 133 17.36 -7.96 -8.69
C ASN C 133 16.45 -6.95 -8.02
N THR C 134 16.05 -7.22 -6.77
CA THR C 134 15.18 -6.28 -6.06
C THR C 134 15.90 -4.96 -5.77
N SER C 135 17.16 -5.03 -5.34
CA SER C 135 17.94 -3.82 -5.12
C SER C 135 18.22 -3.08 -6.43
N VAL C 136 18.33 -3.81 -7.53
CA VAL C 136 18.63 -3.18 -8.81
C VAL C 136 17.46 -2.33 -9.28
N LEU C 137 16.25 -2.91 -9.28
CA LEU C 137 15.07 -2.17 -9.72
C LEU C 137 14.73 -1.04 -8.75
N LEU C 138 14.90 -1.27 -7.45
CA LEU C 138 14.68 -0.21 -6.48
C LEU C 138 15.67 0.94 -6.69
N ALA C 139 16.94 0.62 -6.98
CA ALA C 139 17.92 1.65 -7.26
C ALA C 139 17.57 2.41 -8.54
N SER C 140 17.01 1.71 -9.53
CA SER C 140 16.65 2.38 -10.77
C SER C 140 15.47 3.32 -10.56
N GLY C 141 14.61 3.04 -9.58
CA GLY C 141 13.57 3.98 -9.22
C GLY C 141 14.10 5.25 -8.59
N VAL C 142 15.19 5.14 -7.84
CA VAL C 142 15.83 6.32 -7.27
C VAL C 142 16.50 7.14 -8.37
N SER C 143 17.26 6.47 -9.23
CA SER C 143 18.02 7.17 -10.27
C SER C 143 17.11 7.84 -11.28
N ILE C 144 15.97 7.23 -11.62
N ILE C 144 15.97 7.23 -11.60
CA ILE C 144 15.06 7.84 -12.56
CA ILE C 144 15.05 7.84 -12.56
C ILE C 144 14.36 9.05 -11.94
C ILE C 144 14.38 9.07 -11.94
N THR C 145 14.27 9.12 -10.62
CA THR C 145 13.71 10.29 -9.96
C THR C 145 14.72 11.43 -9.95
N TRP C 146 16.00 11.11 -9.80
CA TRP C 146 17.05 12.12 -9.98
C TRP C 146 17.07 12.63 -11.40
N ALA C 147 16.87 11.74 -12.38
CA ALA C 147 16.77 12.16 -13.77
C ALA C 147 15.63 13.16 -13.97
N HIS C 148 14.47 12.88 -13.37
CA HIS C 148 13.32 13.77 -13.53
C HIS C 148 13.60 15.15 -12.97
N HIS C 149 14.11 15.22 -11.74
CA HIS C 149 14.37 16.51 -11.11
C HIS C 149 15.48 17.27 -11.84
N SER C 150 16.49 16.56 -12.34
CA SER C 150 17.52 17.21 -13.15
C SER C 150 16.91 17.86 -14.39
N LEU C 151 15.98 17.15 -15.05
CA LEU C 151 15.33 17.71 -16.23
C LEU C 151 14.48 18.93 -15.86
N MET C 152 13.72 18.84 -14.76
CA MET C 152 12.87 19.96 -14.36
C MET C 152 13.70 21.18 -13.97
N GLU C 153 14.89 20.97 -13.39
CA GLU C 153 15.76 22.06 -12.99
C GLU C 153 16.68 22.52 -14.11
N GLY C 154 16.56 21.93 -15.30
CA GLY C 154 17.31 22.41 -16.45
C GLY C 154 18.71 21.87 -16.59
N ASP C 155 19.01 20.71 -16.00
CA ASP C 155 20.38 20.19 -15.95
C ASP C 155 20.48 19.08 -16.99
N ARG C 156 21.04 19.41 -18.16
CA ARG C 156 21.13 18.44 -19.24
C ARG C 156 22.09 17.30 -18.89
N LYS C 157 23.28 17.64 -18.38
CA LYS C 157 24.31 16.62 -18.16
C LYS C 157 23.87 15.59 -17.13
N HIS C 158 23.33 16.04 -16.00
CA HIS C 158 22.95 15.11 -14.95
C HIS C 158 21.67 14.35 -15.29
N MET C 159 20.80 14.93 -16.12
CA MET C 159 19.66 14.19 -16.64
C MET C 159 20.12 12.96 -17.42
N LEU C 160 21.05 13.18 -18.37
CA LEU C 160 21.59 12.07 -19.14
C LEU C 160 22.37 11.10 -18.26
N GLN C 161 23.01 11.62 -17.21
N GLN C 161 23.03 11.63 -17.23
CA GLN C 161 23.76 10.78 -16.29
CA GLN C 161 23.76 10.77 -16.29
C GLN C 161 22.85 9.83 -15.52
C GLN C 161 22.80 9.81 -15.59
N ALA C 162 21.77 10.36 -14.94
CA ALA C 162 20.84 9.54 -14.19
C ALA C 162 20.06 8.59 -15.11
N LEU C 163 19.65 9.08 -16.29
CA LEU C 163 18.88 8.25 -17.19
C LEU C 163 19.72 7.08 -17.72
N PHE C 164 21.01 7.32 -17.97
CA PHE C 164 21.89 6.22 -18.37
C PHE C 164 22.05 5.20 -17.24
N ILE C 165 22.18 5.69 -16.00
CA ILE C 165 22.29 4.78 -14.87
C ILE C 165 21.01 3.96 -14.72
N THR C 166 19.86 4.59 -14.91
CA THR C 166 18.59 3.87 -14.84
C THR C 166 18.52 2.79 -15.92
N ILE C 167 18.96 3.10 -17.14
CA ILE C 167 18.93 2.12 -18.22
C ILE C 167 19.90 0.99 -17.93
N THR C 168 21.10 1.31 -17.45
CA THR C 168 22.08 0.28 -17.13
C THR C 168 21.54 -0.71 -16.11
N LEU C 169 20.89 -0.20 -15.05
CA LEU C 169 20.28 -1.07 -14.06
C LEU C 169 19.19 -1.93 -14.67
N GLY C 170 18.38 -1.35 -15.57
CA GLY C 170 17.37 -2.13 -16.26
C GLY C 170 17.97 -3.26 -17.08
N VAL C 171 19.06 -2.97 -17.79
CA VAL C 171 19.77 -4.02 -18.52
C VAL C 171 20.39 -5.01 -17.55
N TYR C 172 20.94 -4.52 -16.44
CA TYR C 172 21.52 -5.39 -15.43
C TYR C 172 20.50 -6.39 -14.92
N PHE C 173 19.26 -5.94 -14.68
CA PHE C 173 18.20 -6.85 -14.23
C PHE C 173 17.91 -7.91 -15.30
N THR C 174 17.85 -7.49 -16.57
CA THR C 174 17.51 -8.43 -17.64
C THR C 174 18.59 -9.49 -17.80
N LEU C 175 19.86 -9.11 -17.67
CA LEU C 175 20.93 -10.09 -17.78
C LEU C 175 20.96 -11.04 -16.59
N LEU C 176 20.69 -10.51 -15.39
CA LEU C 176 20.61 -11.37 -14.21
C LEU C 176 19.46 -12.35 -14.32
N GLN C 177 18.30 -11.88 -14.81
CA GLN C 177 17.15 -12.76 -14.96
C GLN C 177 17.40 -13.82 -16.03
N ALA C 178 17.99 -13.43 -17.17
CA ALA C 178 18.37 -14.41 -18.18
C ALA C 178 19.28 -15.47 -17.60
N SER C 179 20.26 -15.07 -16.77
CA SER C 179 21.14 -16.05 -16.14
C SER C 179 20.38 -16.93 -15.15
N GLU C 180 19.45 -16.33 -14.39
N GLU C 180 19.46 -16.33 -14.39
CA GLU C 180 18.65 -17.11 -13.46
CA GLU C 180 18.64 -17.11 -13.46
C GLU C 180 17.78 -18.13 -14.19
C GLU C 180 17.78 -18.13 -14.19
N TYR C 181 17.27 -17.76 -15.37
CA TYR C 181 16.46 -18.71 -16.14
C TYR C 181 17.29 -19.92 -16.55
N TYR C 182 18.48 -19.68 -17.11
CA TYR C 182 19.33 -20.79 -17.53
C TYR C 182 19.75 -21.66 -16.35
N GLU C 183 20.06 -21.04 -15.21
CA GLU C 183 20.58 -21.78 -14.06
C GLU C 183 19.48 -22.48 -13.27
N ALA C 184 18.22 -22.13 -13.47
CA ALA C 184 17.14 -22.70 -12.68
C ALA C 184 17.05 -24.20 -12.89
N PRO C 185 16.99 -25.01 -11.83
CA PRO C 185 16.83 -26.46 -12.00
C PRO C 185 15.41 -26.87 -12.36
N PHE C 186 14.44 -25.96 -12.32
CA PHE C 186 13.07 -26.23 -12.71
C PHE C 186 12.73 -25.45 -13.97
N THR C 187 11.81 -26.00 -14.76
CA THR C 187 11.44 -25.45 -16.05
C THR C 187 9.96 -25.06 -16.05
N ILE C 188 9.53 -24.46 -17.17
CA ILE C 188 8.13 -24.09 -17.32
C ILE C 188 7.22 -25.31 -17.36
N SER C 189 7.78 -26.49 -17.67
CA SER C 189 7.01 -27.72 -17.74
C SER C 189 6.99 -28.49 -16.43
N ASP C 190 7.60 -27.96 -15.38
CA ASP C 190 7.62 -28.63 -14.07
C ASP C 190 6.37 -28.26 -13.26
N GLY C 191 5.22 -28.61 -13.82
CA GLY C 191 3.97 -28.45 -13.11
C GLY C 191 3.55 -27.00 -12.95
N VAL C 192 2.63 -26.80 -12.01
CA VAL C 192 2.07 -25.47 -11.80
C VAL C 192 3.06 -24.53 -11.12
N TYR C 193 4.09 -25.07 -10.45
CA TYR C 193 5.13 -24.20 -9.92
C TYR C 193 5.92 -23.55 -11.04
N GLY C 194 6.44 -24.35 -11.97
CA GLY C 194 7.15 -23.80 -13.11
C GLY C 194 6.26 -22.97 -14.01
N SER C 195 4.99 -23.33 -14.10
CA SER C 195 4.06 -22.57 -14.92
C SER C 195 3.89 -21.15 -14.39
N THR C 196 3.52 -21.03 -13.11
CA THR C 196 3.29 -19.72 -12.52
C THR C 196 4.59 -18.91 -12.43
N PHE C 197 5.71 -19.58 -12.15
CA PHE C 197 6.98 -18.88 -12.00
C PHE C 197 7.40 -18.20 -13.31
N PHE C 198 7.47 -18.97 -14.39
CA PHE C 198 8.06 -18.45 -15.62
C PHE C 198 7.09 -17.58 -16.41
N VAL C 199 5.79 -17.88 -16.36
CA VAL C 199 4.82 -17.05 -17.08
C VAL C 199 4.69 -15.68 -16.42
N ALA C 200 4.68 -15.64 -15.08
CA ALA C 200 4.56 -14.36 -14.40
C ALA C 200 5.84 -13.55 -14.50
N THR C 201 6.98 -14.15 -14.15
CA THR C 201 8.26 -13.44 -14.26
C THR C 201 8.64 -13.20 -15.71
N GLY C 202 8.17 -14.04 -16.63
CA GLY C 202 8.47 -13.83 -18.04
C GLY C 202 7.74 -12.64 -18.62
N PHE C 203 6.45 -12.50 -18.30
CA PHE C 203 5.72 -11.32 -18.74
C PHE C 203 6.27 -10.06 -18.09
N HIS C 204 6.70 -10.16 -16.83
CA HIS C 204 7.37 -9.04 -16.18
C HIS C 204 8.68 -8.71 -16.88
N GLY C 205 9.50 -9.74 -17.15
CA GLY C 205 10.74 -9.51 -17.87
C GLY C 205 10.51 -8.85 -19.22
N LEU C 206 9.46 -9.25 -19.93
CA LEU C 206 9.08 -8.56 -21.15
C LEU C 206 8.79 -7.09 -20.90
N HIS C 207 8.05 -6.79 -19.83
CA HIS C 207 7.75 -5.40 -19.50
C HIS C 207 9.02 -4.64 -19.10
N VAL C 208 9.98 -5.32 -18.47
CA VAL C 208 11.26 -4.67 -18.18
C VAL C 208 11.96 -4.27 -19.47
N ILE C 209 11.92 -5.15 -20.46
CA ILE C 209 12.54 -4.85 -21.75
C ILE C 209 11.79 -3.72 -22.45
N ILE C 210 10.46 -3.74 -22.37
CA ILE C 210 9.67 -2.66 -22.97
C ILE C 210 9.97 -1.34 -22.26
N GLY C 211 10.01 -1.36 -20.94
CA GLY C 211 10.31 -0.14 -20.19
C GLY C 211 11.72 0.37 -20.44
N SER C 212 12.68 -0.55 -20.57
CA SER C 212 14.05 -0.15 -20.87
C SER C 212 14.13 0.49 -22.26
N THR C 213 13.46 -0.11 -23.24
CA THR C 213 13.41 0.49 -24.58
C THR C 213 12.80 1.88 -24.52
N PHE C 214 11.71 2.05 -23.75
CA PHE C 214 11.10 3.37 -23.60
C PHE C 214 12.08 4.37 -23.01
N LEU C 215 12.85 3.95 -22.00
CA LEU C 215 13.84 4.84 -21.41
C LEU C 215 14.95 5.17 -22.40
N ILE C 216 15.34 4.20 -23.23
CA ILE C 216 16.38 4.46 -24.22
C ILE C 216 15.89 5.47 -25.25
N VAL C 217 14.62 5.38 -25.63
CA VAL C 217 14.04 6.38 -26.54
C VAL C 217 14.14 7.77 -25.92
N CYS C 218 13.73 7.89 -24.65
CA CYS C 218 13.83 9.18 -23.96
C CYS C 218 15.29 9.64 -23.86
N PHE C 219 16.23 8.71 -23.72
CA PHE C 219 17.63 9.08 -23.64
C PHE C 219 18.10 9.76 -24.91
N PHE C 220 17.82 9.15 -26.07
CA PHE C 220 18.26 9.73 -27.33
C PHE C 220 17.46 10.98 -27.69
N ARG C 221 16.19 11.05 -27.29
CA ARG C 221 15.43 12.28 -27.47
C ARG C 221 16.02 13.40 -26.62
N GLN C 222 16.44 13.08 -25.40
CA GLN C 222 17.13 14.07 -24.57
C GLN C 222 18.44 14.52 -25.21
N LEU C 223 19.19 13.57 -25.78
CA LEU C 223 20.41 13.93 -26.51
C LEU C 223 20.13 14.96 -27.59
N LYS C 224 18.99 14.85 -28.27
CA LYS C 224 18.63 15.74 -29.35
C LYS C 224 17.81 16.95 -28.88
N PHE C 225 17.80 17.23 -27.57
CA PHE C 225 17.22 18.44 -27.01
C PHE C 225 15.71 18.51 -27.21
N HIS C 226 15.06 17.36 -27.32
CA HIS C 226 13.61 17.36 -27.52
C HIS C 226 12.88 17.89 -26.29
N PHE C 227 13.33 17.50 -25.10
CA PHE C 227 12.63 17.84 -23.87
C PHE C 227 12.96 19.25 -23.41
N THR C 228 11.94 19.96 -22.95
CA THR C 228 12.12 21.20 -22.21
C THR C 228 12.03 20.91 -20.72
N SER C 229 12.40 21.91 -19.91
CA SER C 229 12.33 21.76 -18.47
C SER C 229 10.91 21.66 -17.96
N ASN C 230 9.91 22.00 -18.78
CA ASN C 230 8.52 21.96 -18.37
C ASN C 230 7.65 21.01 -19.19
N HIS C 231 8.06 20.65 -20.40
CA HIS C 231 7.24 19.83 -21.29
C HIS C 231 8.07 18.62 -21.71
N HIS C 232 7.70 17.45 -21.19
CA HIS C 232 8.46 16.22 -21.41
C HIS C 232 7.65 14.99 -21.00
N PHE C 233 6.44 14.86 -21.53
CA PHE C 233 5.56 13.77 -21.08
C PHE C 233 6.11 12.41 -21.48
N GLY C 234 6.83 12.34 -22.60
CA GLY C 234 7.45 11.08 -22.98
C GLY C 234 8.34 10.52 -21.88
N PHE C 235 9.08 11.40 -21.20
CA PHE C 235 9.87 10.96 -20.05
C PHE C 235 8.98 10.58 -18.88
N GLU C 236 7.95 11.39 -18.61
CA GLU C 236 7.06 11.11 -17.49
C GLU C 236 6.33 9.78 -17.67
N ALA C 237 5.78 9.55 -18.86
CA ALA C 237 5.12 8.28 -19.14
C ALA C 237 6.08 7.11 -18.96
N GLY C 238 7.32 7.26 -19.44
CA GLY C 238 8.32 6.22 -19.22
C GLY C 238 8.64 6.05 -17.74
N ALA C 239 8.65 7.16 -16.99
CA ALA C 239 8.91 7.08 -15.56
C ALA C 239 7.77 6.39 -14.82
N TRP C 240 6.53 6.71 -15.18
CA TRP C 240 5.38 6.01 -14.60
C TRP C 240 5.42 4.53 -14.92
N TYR C 241 5.74 4.19 -16.17
CA TYR C 241 5.80 2.80 -16.58
C TYR C 241 6.93 2.06 -15.87
N TRP C 242 8.06 2.74 -15.65
CA TRP C 242 9.18 2.11 -14.95
C TRP C 242 8.83 1.83 -13.48
N HIS C 243 8.14 2.77 -12.83
CA HIS C 243 7.70 2.54 -11.45
C HIS C 243 6.68 1.40 -11.38
N PHE C 244 5.79 1.32 -12.38
CA PHE C 244 4.88 0.20 -12.46
C PHE C 244 5.63 -1.12 -12.56
N VAL C 245 6.67 -1.17 -13.40
CA VAL C 245 7.47 -2.37 -13.54
C VAL C 245 8.15 -2.72 -12.21
N ASP C 246 8.58 -1.70 -11.46
CA ASP C 246 9.24 -1.95 -10.18
C ASP C 246 8.28 -2.54 -9.17
N VAL C 247 7.07 -1.98 -9.06
CA VAL C 247 6.12 -2.45 -8.07
C VAL C 247 5.68 -3.89 -8.37
N VAL C 248 5.50 -4.22 -9.66
CA VAL C 248 5.13 -5.57 -10.03
C VAL C 248 6.20 -6.57 -9.57
N TRP C 249 7.47 -6.20 -9.71
CA TRP C 249 8.54 -7.08 -9.25
C TRP C 249 8.49 -7.27 -7.75
N LEU C 250 8.27 -6.19 -6.99
CA LEU C 250 8.18 -6.29 -5.54
C LEU C 250 7.09 -7.26 -5.12
N PHE C 251 5.96 -7.26 -5.83
CA PHE C 251 4.91 -8.23 -5.56
C PHE C 251 5.34 -9.64 -5.98
N LEU C 252 5.99 -9.76 -7.14
CA LEU C 252 6.51 -11.06 -7.56
C LEU C 252 7.52 -11.61 -6.56
N TYR C 253 8.43 -10.75 -6.09
CA TYR C 253 9.45 -11.20 -5.13
C TYR C 253 8.81 -11.69 -3.84
N VAL C 254 7.89 -10.92 -3.27
CA VAL C 254 7.24 -11.30 -2.02
C VAL C 254 6.41 -12.57 -2.21
N SER C 255 5.63 -12.62 -3.29
CA SER C 255 4.68 -13.71 -3.47
C SER C 255 5.37 -15.00 -3.92
N ILE C 256 6.09 -14.95 -5.03
CA ILE C 256 6.59 -16.16 -5.66
C ILE C 256 7.97 -16.54 -5.12
N TYR C 257 8.89 -15.58 -5.06
CA TYR C 257 10.26 -15.90 -4.64
C TYR C 257 10.37 -16.12 -3.14
N TRP C 258 9.63 -15.35 -2.35
CA TRP C 258 9.82 -15.37 -0.90
C TRP C 258 8.76 -16.23 -0.21
N TRP C 259 7.51 -15.78 -0.23
CA TRP C 259 6.45 -16.52 0.44
C TRP C 259 6.24 -17.89 -0.19
N GLY C 260 6.40 -17.98 -1.51
CA GLY C 260 6.22 -19.22 -2.23
C GLY C 260 7.38 -20.19 -2.17
N SER C 261 8.47 -19.83 -1.50
CA SER C 261 9.64 -20.70 -1.41
C SER C 261 9.49 -21.71 -0.29
N SER D 4 -43.26 28.30 -46.28
CA SER D 4 -43.45 27.10 -47.09
C SER D 4 -42.17 26.29 -47.24
N VAL D 5 -41.37 26.67 -48.24
CA VAL D 5 -40.20 25.87 -48.62
C VAL D 5 -39.14 25.97 -47.52
N VAL D 6 -38.75 24.81 -46.99
CA VAL D 6 -37.68 24.70 -45.99
C VAL D 6 -36.48 24.04 -46.66
N LYS D 7 -35.28 24.56 -46.35
CA LYS D 7 -34.06 24.13 -47.02
C LYS D 7 -33.14 23.44 -46.04
N SER D 8 -32.10 22.80 -46.58
CA SER D 8 -31.20 22.01 -45.75
C SER D 8 -30.26 22.89 -44.94
N GLU D 9 -29.64 23.87 -45.60
CA GLU D 9 -28.76 24.82 -44.93
C GLU D 9 -29.48 25.67 -43.89
N ASP D 10 -30.81 25.56 -43.78
CA ASP D 10 -31.60 26.26 -42.77
C ASP D 10 -31.46 25.66 -41.38
N TYR D 11 -30.71 24.57 -41.20
CA TYR D 11 -30.75 23.82 -39.95
C TYR D 11 -30.27 24.63 -38.74
N ALA D 12 -29.48 25.67 -38.95
CA ALA D 12 -28.98 26.47 -37.85
C ALA D 12 -29.90 27.65 -37.50
N LEU D 13 -30.98 27.84 -38.23
CA LEU D 13 -31.92 28.91 -38.01
C LEU D 13 -33.14 28.41 -37.24
N PRO D 14 -33.85 29.30 -36.53
CA PRO D 14 -35.10 28.88 -35.91
C PRO D 14 -36.10 28.41 -36.96
N SER D 15 -36.82 27.35 -36.64
CA SER D 15 -37.70 26.69 -37.60
C SER D 15 -39.11 26.56 -37.03
N TYR D 16 -40.04 26.20 -37.91
CA TYR D 16 -41.44 26.00 -37.54
C TYR D 16 -41.71 24.53 -37.25
N VAL D 17 -42.48 24.28 -36.19
N VAL D 17 -42.53 24.28 -36.23
CA VAL D 17 -42.95 22.94 -35.86
CA VAL D 17 -42.94 22.94 -35.86
C VAL D 17 -44.41 23.03 -35.46
C VAL D 17 -44.37 22.98 -35.36
N ASP D 18 -45.14 21.93 -35.66
CA ASP D 18 -46.52 21.79 -35.21
C ASP D 18 -46.54 20.78 -34.07
N ARG D 19 -46.50 21.28 -32.84
CA ARG D 19 -46.57 20.45 -31.65
C ARG D 19 -47.67 20.96 -30.73
N ARG D 20 -48.43 20.03 -30.17
CA ARG D 20 -49.47 20.43 -29.21
C ARG D 20 -48.85 20.94 -27.92
N ASP D 21 -47.69 20.42 -27.53
CA ASP D 21 -46.99 20.90 -26.34
C ASP D 21 -46.06 22.07 -26.65
N TYR D 22 -46.07 22.57 -27.88
CA TYR D 22 -45.31 23.75 -28.27
C TYR D 22 -46.19 24.60 -29.17
N PRO D 23 -47.28 25.16 -28.64
CA PRO D 23 -48.31 25.77 -29.50
C PRO D 23 -47.83 26.98 -30.28
N LEU D 24 -46.90 27.78 -29.74
CA LEU D 24 -46.44 28.99 -30.39
C LEU D 24 -45.01 28.79 -30.89
N PRO D 25 -44.81 28.39 -32.14
CA PRO D 25 -43.45 28.10 -32.62
C PRO D 25 -42.59 29.34 -32.70
N ASP D 26 -41.31 29.12 -33.02
CA ASP D 26 -40.33 30.20 -32.99
C ASP D 26 -40.52 31.17 -34.15
N VAL D 27 -41.08 30.71 -35.28
CA VAL D 27 -41.27 31.55 -36.46
C VAL D 27 -42.67 31.33 -37.01
N ALA D 28 -43.09 32.26 -37.87
CA ALA D 28 -44.36 32.13 -38.55
C ALA D 28 -44.27 31.10 -39.68
N HIS D 29 -45.39 30.40 -39.91
CA HIS D 29 -45.45 29.43 -41.01
C HIS D 29 -45.10 30.08 -42.34
N VAL D 30 -45.68 31.24 -42.62
CA VAL D 30 -45.46 31.99 -43.85
C VAL D 30 -44.67 33.24 -43.49
N LYS D 31 -43.50 33.39 -44.10
N LYS D 31 -43.45 33.36 -44.04
CA LYS D 31 -42.58 34.49 -43.86
CA LYS D 31 -42.57 34.50 -43.84
C LYS D 31 -42.78 35.67 -44.82
C LYS D 31 -42.86 35.65 -44.80
N ASN D 32 -42.95 35.37 -46.10
CA ASN D 32 -43.08 36.42 -47.12
C ASN D 32 -44.54 36.68 -47.45
N LEU D 33 -44.93 37.95 -47.39
CA LEU D 33 -46.32 38.37 -47.57
C LEU D 33 -46.51 39.02 -48.93
N SER D 34 -47.62 38.71 -49.59
CA SER D 34 -48.01 39.38 -50.82
C SER D 34 -48.62 40.74 -50.51
N ALA D 35 -48.99 41.48 -51.57
CA ALA D 35 -49.58 42.80 -51.40
C ALA D 35 -50.86 42.73 -50.57
N SER D 36 -51.76 41.79 -50.91
CA SER D 36 -53.00 41.65 -50.16
C SER D 36 -52.74 41.13 -48.75
N GLN D 37 -51.77 40.22 -48.61
CA GLN D 37 -51.43 39.70 -47.29
C GLN D 37 -50.80 40.78 -46.42
N LYS D 38 -50.01 41.68 -47.02
CA LYS D 38 -49.52 42.84 -46.28
C LYS D 38 -50.67 43.71 -45.79
N ALA D 39 -51.66 43.95 -46.66
CA ALA D 39 -52.81 44.76 -46.27
C ALA D 39 -53.63 44.07 -45.19
N LEU D 40 -53.72 42.73 -45.24
CA LEU D 40 -54.40 41.99 -44.19
C LEU D 40 -53.74 42.20 -42.83
N LYS D 41 -52.41 42.18 -42.79
CA LYS D 41 -51.71 42.42 -41.53
C LYS D 41 -51.91 43.83 -41.02
N GLU D 42 -52.05 44.81 -41.92
CA GLU D 42 -52.38 46.17 -41.49
C GLU D 42 -53.79 46.23 -40.93
N LYS D 43 -54.75 45.58 -41.59
CA LYS D 43 -56.10 45.51 -41.06
C LYS D 43 -56.14 44.83 -39.70
N GLU D 44 -55.24 43.86 -39.48
CA GLU D 44 -55.19 43.16 -38.20
C GLU D 44 -54.86 44.10 -37.04
N LYS D 45 -54.20 45.23 -37.33
CA LYS D 45 -53.90 46.19 -36.28
C LYS D 45 -55.13 46.96 -35.83
N ALA D 46 -56.22 46.89 -36.57
CA ALA D 46 -57.48 47.50 -36.17
C ALA D 46 -58.32 46.45 -35.43
N SER D 47 -59.57 46.81 -35.10
CA SER D 47 -60.45 45.90 -34.38
C SER D 47 -60.66 44.62 -35.16
N TRP D 48 -60.53 43.48 -34.48
CA TRP D 48 -60.71 42.18 -35.13
C TRP D 48 -62.17 41.90 -35.47
N SER D 49 -63.11 42.64 -34.88
CA SER D 49 -64.52 42.47 -35.23
C SER D 49 -64.76 42.86 -36.68
N SER D 50 -63.97 43.79 -37.22
CA SER D 50 -64.11 44.18 -38.62
C SER D 50 -63.49 43.17 -39.58
N LEU D 51 -62.73 42.20 -39.07
CA LEU D 51 -62.20 41.14 -39.92
C LEU D 51 -63.31 40.15 -40.26
N SER D 52 -63.29 39.66 -41.50
CA SER D 52 -64.22 38.62 -41.91
C SER D 52 -63.71 37.25 -41.49
N ILE D 53 -64.62 36.26 -41.58
CA ILE D 53 -64.24 34.89 -41.25
C ILE D 53 -63.12 34.40 -42.16
N ASP D 54 -63.21 34.71 -43.46
CA ASP D 54 -62.16 34.31 -44.40
C ASP D 54 -60.84 35.00 -44.07
N GLU D 55 -60.89 36.28 -43.68
CA GLU D 55 -59.67 36.99 -43.32
C GLU D 55 -59.07 36.45 -42.03
N LYS D 56 -59.91 36.03 -41.09
CA LYS D 56 -59.41 35.46 -39.85
C LYS D 56 -58.75 34.12 -40.08
N VAL D 57 -59.37 33.27 -40.90
CA VAL D 57 -58.74 32.01 -41.29
C VAL D 57 -57.42 32.27 -42.01
N GLU D 58 -57.39 33.31 -42.84
CA GLU D 58 -56.18 33.62 -43.60
C GLU D 58 -55.05 34.06 -42.68
N LEU D 59 -55.37 34.84 -41.63
CA LEU D 59 -54.35 35.23 -40.65
C LEU D 59 -53.81 34.01 -39.91
N TYR D 60 -54.68 33.06 -39.57
CA TYR D 60 -54.24 31.85 -38.89
C TYR D 60 -53.30 31.03 -39.78
N ARG D 61 -53.65 30.88 -41.06
CA ARG D 61 -52.84 30.07 -41.96
C ARG D 61 -51.52 30.73 -42.31
N LEU D 62 -51.40 32.05 -42.12
CA LEU D 62 -50.11 32.71 -42.30
C LEU D 62 -49.17 32.43 -41.13
N LYS D 63 -49.71 32.37 -39.92
CA LYS D 63 -48.88 32.11 -38.74
C LYS D 63 -48.63 30.62 -38.54
N PHE D 64 -49.62 29.78 -38.83
CA PHE D 64 -49.55 28.36 -38.53
C PHE D 64 -49.80 27.55 -39.79
N LYS D 65 -49.24 26.34 -39.83
CA LYS D 65 -49.40 25.43 -40.95
C LYS D 65 -50.62 24.53 -40.76
N GLU D 66 -50.62 23.72 -39.72
CA GLU D 66 -51.75 22.86 -39.38
C GLU D 66 -52.38 23.32 -38.07
N SER D 67 -53.69 23.14 -37.99
CA SER D 67 -54.40 23.37 -36.74
C SER D 67 -54.19 22.19 -35.80
N PHE D 68 -54.64 22.36 -34.55
CA PHE D 68 -54.52 21.28 -33.57
C PHE D 68 -55.29 20.04 -34.01
N ALA D 69 -56.50 20.23 -34.56
CA ALA D 69 -57.27 19.10 -35.06
C ALA D 69 -56.54 18.39 -36.20
N GLU D 70 -55.93 19.14 -37.10
CA GLU D 70 -55.23 18.53 -38.22
C GLU D 70 -53.99 17.78 -37.75
N MET D 71 -53.20 18.39 -36.85
CA MET D 71 -51.96 17.75 -36.42
C MET D 71 -52.19 16.57 -35.49
N ASN D 72 -53.36 16.50 -34.85
CA ASN D 72 -53.66 15.44 -33.90
C ASN D 72 -54.54 14.35 -34.49
N ARG D 73 -54.79 14.37 -35.80
CA ARG D 73 -55.72 13.44 -36.41
C ARG D 73 -55.17 12.02 -36.39
N SER D 74 -56.08 11.05 -36.29
CA SER D 74 -55.71 9.65 -36.38
C SER D 74 -55.58 9.23 -37.83
N THR D 75 -54.92 8.09 -38.05
CA THR D 75 -54.69 7.54 -39.38
C THR D 75 -55.07 6.06 -39.39
N ASN D 76 -55.12 5.50 -40.60
CA ASN D 76 -55.38 4.09 -40.81
C ASN D 76 -54.10 3.28 -40.94
N GLU D 77 -52.96 3.82 -40.46
CA GLU D 77 -51.68 3.15 -40.64
C GLU D 77 -51.65 1.80 -39.95
N TRP D 78 -52.39 1.63 -38.84
CA TRP D 78 -52.35 0.36 -38.12
C TRP D 78 -52.88 -0.79 -38.98
N LYS D 79 -53.79 -0.50 -39.90
CA LYS D 79 -54.27 -1.54 -40.80
C LYS D 79 -53.15 -2.03 -41.72
N THR D 80 -52.36 -1.11 -42.25
CA THR D 80 -51.23 -1.50 -43.09
C THR D 80 -50.16 -2.23 -42.28
N VAL D 81 -49.85 -1.74 -41.07
CA VAL D 81 -48.79 -2.33 -40.27
C VAL D 81 -49.17 -3.74 -39.84
N VAL D 82 -50.36 -3.90 -39.23
CA VAL D 82 -50.78 -5.20 -38.75
C VAL D 82 -50.96 -6.18 -39.92
N GLY D 83 -51.55 -5.71 -41.01
CA GLY D 83 -51.79 -6.59 -42.15
C GLY D 83 -50.51 -7.04 -42.82
N ALA D 84 -49.55 -6.12 -42.99
CA ALA D 84 -48.27 -6.50 -43.60
C ALA D 84 -47.44 -7.38 -42.67
N ALA D 85 -47.54 -7.16 -41.36
CA ALA D 85 -46.82 -8.02 -40.42
C ALA D 85 -47.32 -9.46 -40.48
N MET D 86 -48.63 -9.64 -40.60
CA MET D 86 -49.18 -10.98 -40.75
C MET D 86 -48.80 -11.60 -42.09
N PHE D 87 -48.59 -10.78 -43.12
N PHE D 87 -48.58 -10.77 -43.11
CA PHE D 87 -48.16 -11.34 -44.40
CA PHE D 87 -48.17 -11.27 -44.41
C PHE D 87 -46.77 -11.94 -44.30
C PHE D 87 -46.78 -11.90 -44.34
N PHE D 88 -45.82 -11.20 -43.73
CA PHE D 88 -44.47 -11.72 -43.60
C PHE D 88 -44.40 -12.87 -42.61
N ILE D 89 -45.24 -12.85 -41.57
CA ILE D 89 -45.35 -14.00 -40.69
C ILE D 89 -45.95 -15.18 -41.44
N GLY D 90 -46.91 -14.91 -42.32
CA GLY D 90 -47.43 -15.95 -43.19
C GLY D 90 -46.39 -16.46 -44.17
N PHE D 91 -45.60 -15.53 -44.74
CA PHE D 91 -44.51 -15.92 -45.62
C PHE D 91 -43.49 -16.80 -44.89
N THR D 92 -43.31 -16.56 -43.59
CA THR D 92 -42.41 -17.40 -42.81
C THR D 92 -42.84 -18.86 -42.83
N ALA D 93 -44.15 -19.11 -42.73
CA ALA D 93 -44.66 -20.48 -42.80
C ALA D 93 -44.28 -21.16 -44.11
N LEU D 94 -44.18 -20.39 -45.19
CA LEU D 94 -43.71 -20.97 -46.46
C LEU D 94 -42.29 -21.49 -46.33
N LEU D 95 -41.43 -20.76 -45.62
CA LEU D 95 -40.07 -21.23 -45.38
C LEU D 95 -40.07 -22.49 -44.53
N LEU D 96 -40.98 -22.58 -43.56
CA LEU D 96 -41.06 -23.76 -42.72
C LEU D 96 -41.59 -24.96 -43.50
N ILE D 97 -42.51 -24.72 -44.43
CA ILE D 97 -43.01 -25.80 -45.29
C ILE D 97 -41.89 -26.31 -46.17
N TRP D 98 -41.13 -25.40 -46.78
CA TRP D 98 -40.00 -25.79 -47.62
C TRP D 98 -38.97 -26.59 -46.83
N GLU D 99 -38.72 -26.18 -45.57
CA GLU D 99 -37.72 -26.88 -44.76
C GLU D 99 -38.18 -28.29 -44.43
N LYS D 100 -39.45 -28.45 -44.02
CA LYS D 100 -39.98 -29.77 -43.72
C LYS D 100 -39.93 -30.68 -44.94
N HIS D 101 -40.17 -30.12 -46.13
CA HIS D 101 -40.25 -30.94 -47.33
C HIS D 101 -38.86 -31.33 -47.85
N TYR D 102 -37.89 -30.41 -47.82
CA TYR D 102 -36.62 -30.62 -48.50
C TYR D 102 -35.44 -30.85 -47.57
N VAL D 103 -35.53 -30.47 -46.30
CA VAL D 103 -34.41 -30.54 -45.37
C VAL D 103 -34.60 -31.65 -44.34
N TYR D 104 -35.73 -31.67 -43.66
CA TYR D 104 -35.97 -32.63 -42.60
C TYR D 104 -36.28 -34.00 -43.18
N GLY D 105 -35.60 -35.02 -42.67
CA GLY D 105 -35.90 -36.40 -43.00
C GLY D 105 -36.93 -36.96 -42.05
N PRO D 106 -37.03 -38.29 -41.98
CA PRO D 106 -37.98 -38.91 -41.06
C PRO D 106 -37.55 -38.70 -39.62
N ILE D 107 -38.55 -38.56 -38.75
CA ILE D 107 -38.33 -38.43 -37.31
C ILE D 107 -38.14 -39.84 -36.75
N PRO D 108 -37.56 -40.01 -35.56
CA PRO D 108 -37.28 -41.35 -35.06
C PRO D 108 -38.54 -42.20 -34.92
N HIS D 109 -38.33 -43.51 -34.90
CA HIS D 109 -39.45 -44.47 -34.83
C HIS D 109 -40.15 -44.45 -33.49
N THR D 110 -39.58 -43.79 -32.47
CA THR D 110 -40.21 -43.76 -31.16
C THR D 110 -41.47 -42.88 -31.13
N PHE D 111 -41.74 -42.14 -32.20
CA PHE D 111 -42.95 -41.34 -32.30
C PHE D 111 -44.08 -42.06 -33.02
N GLU D 112 -43.84 -43.28 -33.50
CA GLU D 112 -44.91 -44.08 -34.10
C GLU D 112 -46.01 -44.33 -33.07
N GLU D 113 -47.24 -44.50 -33.56
CA GLU D 113 -48.39 -44.52 -32.68
C GLU D 113 -48.34 -45.69 -31.70
N GLU D 114 -47.86 -46.85 -32.16
CA GLU D 114 -47.81 -48.01 -31.28
C GLU D 114 -46.72 -47.85 -30.22
N TRP D 115 -45.56 -47.32 -30.61
CA TRP D 115 -44.49 -47.06 -29.64
C TRP D 115 -44.97 -46.11 -28.54
N VAL D 116 -45.65 -45.03 -28.92
CA VAL D 116 -46.12 -44.05 -27.95
C VAL D 116 -47.11 -44.71 -26.99
N ALA D 117 -47.98 -45.58 -27.50
CA ALA D 117 -48.96 -46.24 -26.63
C ALA D 117 -48.28 -47.14 -25.62
N LYS D 118 -47.26 -47.90 -26.04
CA LYS D 118 -46.53 -48.73 -25.11
C LYS D 118 -45.65 -47.90 -24.19
N GLN D 119 -45.00 -46.87 -24.74
CA GLN D 119 -44.21 -45.96 -23.93
C GLN D 119 -45.08 -45.27 -22.87
N THR D 120 -46.32 -44.95 -23.21
CA THR D 120 -47.21 -44.31 -22.24
C THR D 120 -47.52 -45.24 -21.07
N LYS D 121 -47.79 -46.52 -21.35
CA LYS D 121 -48.08 -47.47 -20.27
C LYS D 121 -46.86 -47.65 -19.38
N ARG D 122 -45.68 -47.83 -19.96
CA ARG D 122 -44.46 -47.99 -19.18
C ARG D 122 -44.23 -46.79 -18.27
N MET D 123 -44.48 -45.58 -18.78
CA MET D 123 -44.40 -44.40 -17.94
C MET D 123 -45.42 -44.47 -16.81
N LEU D 124 -46.62 -44.97 -17.09
CA LEU D 124 -47.61 -45.17 -16.04
C LEU D 124 -47.23 -46.33 -15.13
N ASP D 125 -46.50 -47.32 -15.64
CA ASP D 125 -46.10 -48.45 -14.81
C ASP D 125 -45.03 -48.04 -13.80
N MET D 126 -44.11 -47.17 -14.20
CA MET D 126 -43.13 -46.61 -13.28
C MET D 126 -43.63 -45.37 -12.57
N LYS D 127 -44.89 -45.00 -12.80
CA LYS D 127 -45.55 -43.89 -12.08
C LYS D 127 -44.80 -42.58 -12.29
N VAL D 128 -44.53 -42.24 -13.55
CA VAL D 128 -43.89 -40.98 -13.90
C VAL D 128 -44.78 -39.83 -13.42
N ALA D 129 -44.20 -38.94 -12.61
CA ALA D 129 -44.89 -37.76 -12.08
C ALA D 129 -46.20 -38.15 -11.43
N PRO D 130 -46.19 -38.89 -10.31
CA PRO D 130 -47.43 -39.41 -9.75
C PRO D 130 -48.19 -38.43 -8.87
N ILE D 131 -47.60 -37.28 -8.53
CA ILE D 131 -48.26 -36.34 -7.64
C ILE D 131 -49.11 -35.33 -8.40
N GLN D 132 -48.62 -34.85 -9.55
CA GLN D 132 -49.33 -33.82 -10.29
C GLN D 132 -49.18 -33.97 -11.81
N GLY D 133 -47.98 -34.34 -12.26
CA GLY D 133 -47.60 -34.13 -13.64
C GLY D 133 -48.16 -35.06 -14.69
N PHE D 134 -48.23 -36.36 -14.40
CA PHE D 134 -48.55 -37.32 -15.46
C PHE D 134 -49.38 -38.48 -14.94
N SER D 135 -48.77 -39.36 -14.15
CA SER D 135 -49.50 -40.49 -13.60
C SER D 135 -50.61 -40.06 -12.66
N ALA D 136 -50.52 -38.86 -12.08
CA ALA D 136 -51.59 -38.34 -11.25
C ALA D 136 -52.88 -38.10 -12.03
N LYS D 137 -52.79 -38.05 -13.36
CA LYS D 137 -53.96 -37.84 -14.21
C LYS D 137 -54.49 -39.15 -14.78
N TRP D 138 -53.93 -40.29 -14.38
CA TRP D 138 -54.42 -41.59 -14.76
C TRP D 138 -55.15 -42.23 -13.59
N ASP D 139 -56.30 -42.83 -13.87
CA ASP D 139 -57.09 -43.51 -12.84
C ASP D 139 -56.67 -44.98 -12.82
N TYR D 140 -55.91 -45.35 -11.80
CA TYR D 140 -55.41 -46.72 -11.72
C TYR D 140 -56.49 -47.71 -11.30
N ASP D 141 -57.54 -47.25 -10.64
CA ASP D 141 -58.65 -48.14 -10.29
C ASP D 141 -59.53 -48.43 -11.50
N LYS D 142 -59.88 -47.39 -12.26
CA LYS D 142 -60.76 -47.54 -13.42
C LYS D 142 -60.02 -47.80 -14.72
N ASN D 143 -58.69 -47.76 -14.71
CA ASN D 143 -57.87 -48.08 -15.88
C ASN D 143 -58.19 -47.16 -17.05
N GLU D 144 -58.27 -45.87 -16.76
CA GLU D 144 -58.56 -44.87 -17.79
C GLU D 144 -57.99 -43.54 -17.34
N TRP D 145 -57.92 -42.60 -18.28
CA TRP D 145 -57.55 -41.23 -17.94
C TRP D 145 -58.65 -40.60 -17.10
N LYS D 146 -58.25 -39.92 -16.03
CA LYS D 146 -59.22 -39.23 -15.18
C LYS D 146 -60.00 -38.20 -15.99
N LYS D 147 -61.30 -38.13 -15.72
CA LYS D 147 -62.21 -37.27 -16.50
C LYS D 147 -62.01 -35.81 -16.12
N HIS E 5 -45.81 24.85 -1.14
CA HIS E 5 -45.15 25.86 -1.97
C HIS E 5 -46.04 27.10 -2.12
N GLU E 6 -46.70 27.23 -3.26
CA GLU E 6 -47.63 28.31 -3.52
C GLU E 6 -49.02 27.76 -3.78
N THR E 7 -50.03 28.50 -3.33
CA THR E 7 -51.41 28.11 -3.53
C THR E 7 -51.79 28.23 -5.01
N ASP E 8 -52.94 27.61 -5.36
CA ASP E 8 -53.49 27.76 -6.70
C ASP E 8 -53.75 29.23 -7.01
N GLU E 9 -54.21 30.00 -6.04
CA GLU E 9 -54.51 31.41 -6.26
C GLU E 9 -53.24 32.21 -6.54
N GLU E 10 -52.15 31.89 -5.85
CA GLU E 10 -50.89 32.59 -6.09
C GLU E 10 -50.32 32.26 -7.46
N PHE E 11 -50.42 30.99 -7.87
CA PHE E 11 -49.97 30.59 -9.20
C PHE E 11 -50.73 31.34 -10.29
N ASP E 12 -52.07 31.38 -10.19
CA ASP E 12 -52.87 32.05 -11.21
C ASP E 12 -52.56 33.54 -11.25
N ALA E 13 -52.36 34.16 -10.08
CA ALA E 13 -52.06 35.58 -10.04
C ALA E 13 -50.69 35.87 -10.65
N ARG E 14 -49.75 34.93 -10.52
N ARG E 14 -49.76 34.91 -10.54
CA ARG E 14 -48.44 35.11 -11.16
CA ARG E 14 -48.44 35.09 -11.15
C ARG E 14 -48.58 35.15 -12.67
C ARG E 14 -48.54 35.11 -12.66
N TRP E 15 -49.41 34.26 -13.23
CA TRP E 15 -49.53 34.19 -14.69
C TRP E 15 -50.42 35.31 -15.23
N VAL E 16 -51.45 35.69 -14.48
CA VAL E 16 -52.25 36.86 -14.87
C VAL E 16 -51.35 38.09 -14.96
N THR E 17 -50.51 38.30 -13.94
CA THR E 17 -49.57 39.43 -13.97
C THR E 17 -48.59 39.32 -15.13
N TYR E 18 -48.12 38.10 -15.42
CA TYR E 18 -47.15 37.91 -16.49
C TYR E 18 -47.71 38.37 -17.83
N PHE E 19 -48.92 37.93 -18.18
CA PHE E 19 -49.51 38.29 -19.46
C PHE E 19 -50.08 39.71 -19.47
N ASN E 20 -50.28 40.32 -18.30
CA ASN E 20 -50.86 41.66 -18.23
C ASN E 20 -49.84 42.77 -18.39
N LYS E 21 -48.55 42.46 -18.44
CA LYS E 21 -47.54 43.49 -18.63
C LYS E 21 -47.81 44.24 -19.92
N PRO E 22 -48.01 45.56 -19.88
CA PRO E 22 -48.45 46.29 -21.08
C PRO E 22 -47.52 46.12 -22.28
N ASP E 23 -46.20 46.21 -22.06
CA ASP E 23 -45.24 46.13 -23.15
C ASP E 23 -44.63 44.74 -23.32
N ILE E 24 -45.39 43.70 -22.96
CA ILE E 24 -44.95 42.33 -23.24
C ILE E 24 -44.72 42.18 -24.74
N ASP E 25 -43.58 41.59 -25.09
CA ASP E 25 -43.23 41.41 -26.49
C ASP E 25 -43.63 40.01 -26.97
N ALA E 26 -43.36 39.75 -28.25
CA ALA E 26 -43.80 38.50 -28.85
C ALA E 26 -43.07 37.30 -28.25
N TRP E 27 -41.79 37.47 -27.89
CA TRP E 27 -41.04 36.36 -27.32
C TRP E 27 -41.61 35.95 -25.96
N GLU E 28 -41.93 36.92 -25.12
CA GLU E 28 -42.46 36.61 -23.80
C GLU E 28 -43.85 35.98 -23.89
N LEU E 29 -44.64 36.37 -24.88
CA LEU E 29 -45.94 35.74 -25.08
C LEU E 29 -45.78 34.26 -25.42
N ARG E 30 -44.94 33.96 -26.41
CA ARG E 30 -44.68 32.56 -26.76
C ARG E 30 -44.05 31.81 -25.59
N LYS E 31 -43.08 32.42 -24.91
CA LYS E 31 -42.44 31.78 -23.77
C LYS E 31 -43.46 31.45 -22.69
N GLY E 32 -44.37 32.39 -22.40
CA GLY E 32 -45.38 32.15 -21.39
C GLY E 32 -46.29 30.98 -21.74
N MET E 33 -46.85 30.99 -22.94
CA MET E 33 -47.79 29.94 -23.34
C MET E 33 -47.09 28.59 -23.46
N ASN E 34 -45.87 28.56 -24.02
CA ASN E 34 -45.17 27.29 -24.17
C ASN E 34 -44.76 26.72 -22.83
N THR E 35 -44.42 27.57 -21.87
CA THR E 35 -44.12 27.09 -20.52
C THR E 35 -45.40 26.68 -19.78
N LEU E 36 -46.48 27.42 -19.99
CA LEU E 36 -47.72 27.18 -19.23
C LEU E 36 -48.31 25.81 -19.55
N VAL E 37 -48.25 25.40 -20.82
CA VAL E 37 -48.87 24.14 -21.22
C VAL E 37 -48.07 22.92 -20.79
N GLY E 38 -46.91 23.11 -20.15
CA GLY E 38 -46.17 22.00 -19.59
C GLY E 38 -46.68 21.53 -18.24
N TYR E 39 -47.47 22.35 -17.56
CA TYR E 39 -47.99 22.02 -16.25
C TYR E 39 -49.18 21.06 -16.37
N ASP E 40 -49.44 20.35 -15.27
CA ASP E 40 -50.57 19.42 -15.17
C ASP E 40 -51.82 20.20 -14.77
N LEU E 41 -52.30 21.02 -15.70
CA LEU E 41 -53.50 21.80 -15.47
C LEU E 41 -53.97 22.39 -16.79
N VAL E 42 -55.28 22.68 -16.85
CA VAL E 42 -55.83 23.55 -17.88
C VAL E 42 -55.87 24.95 -17.27
N PRO E 43 -55.29 25.96 -17.93
CA PRO E 43 -55.18 27.28 -17.30
C PRO E 43 -56.55 27.88 -17.02
N GLU E 44 -56.64 28.54 -15.85
CA GLU E 44 -57.86 29.23 -15.46
C GLU E 44 -58.26 30.25 -16.53
N PRO E 45 -59.56 30.46 -16.73
CA PRO E 45 -60.02 31.49 -17.68
C PRO E 45 -59.40 32.86 -17.47
N LYS E 46 -59.13 33.25 -16.22
CA LYS E 46 -58.51 34.54 -15.97
C LYS E 46 -57.10 34.60 -16.55
N ILE E 47 -56.41 33.46 -16.61
CA ILE E 47 -55.09 33.43 -17.22
C ILE E 47 -55.20 33.56 -18.73
N ILE E 48 -56.12 32.80 -19.34
CA ILE E 48 -56.32 32.86 -20.78
C ILE E 48 -56.77 34.26 -21.19
N ASP E 49 -57.67 34.87 -20.39
CA ASP E 49 -58.13 36.23 -20.67
C ASP E 49 -56.96 37.19 -20.77
N ALA E 50 -56.06 37.16 -19.79
CA ALA E 50 -54.88 38.02 -19.82
C ALA E 50 -54.00 37.70 -21.02
N ALA E 51 -53.89 36.42 -21.39
CA ALA E 51 -53.07 36.04 -22.53
C ALA E 51 -53.70 36.49 -23.85
N LEU E 52 -55.03 36.40 -23.95
CA LEU E 52 -55.71 36.84 -25.17
C LEU E 52 -55.57 38.35 -25.35
N ARG E 53 -55.61 39.10 -24.26
CA ARG E 53 -55.46 40.55 -24.36
C ARG E 53 -54.01 40.94 -24.66
N ALA E 54 -53.05 40.10 -24.27
CA ALA E 54 -51.67 40.31 -24.69
C ALA E 54 -51.53 40.15 -26.20
N CYS E 55 -52.23 39.17 -26.78
CA CYS E 55 -52.25 39.02 -28.23
C CYS E 55 -52.81 40.26 -28.91
N ARG E 56 -53.84 40.87 -28.31
CA ARG E 56 -54.42 42.09 -28.87
C ARG E 56 -53.39 43.22 -28.89
N ARG E 57 -52.68 43.41 -27.77
CA ARG E 57 -51.66 44.45 -27.72
C ARG E 57 -50.52 44.17 -28.70
N LEU E 58 -50.31 42.91 -29.03
CA LEU E 58 -49.27 42.53 -29.99
C LEU E 58 -49.80 42.41 -31.41
N ASN E 59 -51.08 42.73 -31.63
CA ASN E 59 -51.69 42.68 -32.96
C ASN E 59 -51.51 41.31 -33.60
N ASP E 60 -51.80 40.27 -32.82
CA ASP E 60 -51.58 38.88 -33.22
C ASP E 60 -52.89 38.12 -33.01
N PHE E 61 -53.74 38.11 -34.04
CA PHE E 61 -55.00 37.38 -33.94
C PHE E 61 -54.79 35.88 -33.96
N ALA E 62 -53.83 35.41 -34.76
CA ALA E 62 -53.66 33.97 -34.95
C ALA E 62 -53.23 33.28 -33.66
N SER E 63 -52.36 33.92 -32.87
CA SER E 63 -51.94 33.33 -31.61
C SER E 63 -53.08 33.26 -30.62
N ALA E 64 -54.05 34.17 -30.70
CA ALA E 64 -55.20 34.11 -29.82
C ALA E 64 -56.04 32.87 -30.10
N VAL E 65 -56.23 32.54 -31.38
CA VAL E 65 -56.95 31.33 -31.74
C VAL E 65 -56.17 30.09 -31.31
N ARG E 66 -54.84 30.13 -31.51
CA ARG E 66 -54.00 29.00 -31.11
C ARG E 66 -54.10 28.75 -29.60
N ILE E 67 -54.17 29.82 -28.80
CA ILE E 67 -54.29 29.67 -27.36
C ILE E 67 -55.58 28.95 -27.00
N LEU E 68 -56.67 29.27 -27.70
CA LEU E 68 -57.93 28.56 -27.48
C LEU E 68 -57.81 27.08 -27.86
N GLU E 69 -57.04 26.78 -28.91
CA GLU E 69 -56.83 25.40 -29.30
C GLU E 69 -56.10 24.62 -28.23
N VAL E 70 -55.06 25.21 -27.63
CA VAL E 70 -54.25 24.49 -26.66
C VAL E 70 -54.99 24.32 -25.34
N VAL E 71 -55.95 25.20 -25.04
CA VAL E 71 -56.81 24.99 -23.87
C VAL E 71 -57.62 23.71 -24.04
N LYS E 72 -58.22 23.53 -25.22
CA LYS E 72 -58.96 22.31 -25.50
C LYS E 72 -58.04 21.09 -25.47
N ASP E 73 -56.83 21.22 -26.01
CA ASP E 73 -55.91 20.09 -26.06
C ASP E 73 -55.44 19.68 -24.67
N LYS E 74 -55.16 20.64 -23.81
CA LYS E 74 -54.72 20.33 -22.45
C LYS E 74 -55.78 19.60 -21.65
N ALA E 75 -57.05 19.69 -22.04
CA ALA E 75 -58.12 19.03 -21.31
C ALA E 75 -58.17 17.54 -21.56
N GLY E 76 -57.56 17.06 -22.64
CA GLY E 76 -57.54 15.65 -22.98
C GLY E 76 -58.91 15.09 -23.24
N PRO E 77 -59.27 14.01 -22.53
CA PRO E 77 -60.58 13.40 -22.74
C PRO E 77 -61.69 14.07 -21.96
N HIS E 78 -61.39 15.07 -21.12
CA HIS E 78 -62.42 15.75 -20.32
C HIS E 78 -63.11 16.80 -21.19
N LYS E 79 -64.16 16.36 -21.89
CA LYS E 79 -64.79 17.17 -22.91
C LYS E 79 -65.46 18.41 -22.33
N GLU E 80 -65.75 18.42 -21.03
CA GLU E 80 -66.52 19.50 -20.42
C GLU E 80 -65.67 20.71 -20.03
N ILE E 81 -64.35 20.64 -20.14
CA ILE E 81 -63.51 21.77 -19.72
C ILE E 81 -63.53 22.88 -20.75
N TYR E 82 -63.37 22.54 -22.04
CA TYR E 82 -63.25 23.58 -23.07
C TYR E 82 -64.53 24.39 -23.25
N PRO E 83 -65.73 23.79 -23.35
CA PRO E 83 -66.94 24.64 -23.43
C PRO E 83 -67.11 25.56 -22.22
N TYR E 84 -66.71 25.12 -21.03
CA TYR E 84 -66.80 26.00 -19.86
C TYR E 84 -65.85 27.19 -20.00
N VAL E 85 -64.61 26.95 -20.45
CA VAL E 85 -63.65 28.03 -20.59
C VAL E 85 -64.13 29.03 -21.64
N ILE E 86 -64.63 28.54 -22.77
CA ILE E 86 -65.17 29.42 -23.80
C ILE E 86 -66.33 30.24 -23.25
N GLN E 87 -67.21 29.59 -22.47
CA GLN E 87 -68.32 30.29 -21.83
C GLN E 87 -67.83 31.47 -20.98
N GLU E 88 -66.84 31.21 -20.12
CA GLU E 88 -66.30 32.26 -19.26
C GLU E 88 -65.57 33.34 -20.06
N LEU E 89 -65.10 33.03 -21.27
CA LEU E 89 -64.35 33.97 -22.08
C LEU E 89 -65.20 34.72 -23.09
N ARG E 90 -66.46 34.35 -23.26
CA ARG E 90 -67.33 34.98 -24.26
C ARG E 90 -67.35 36.50 -24.19
N PRO E 91 -67.45 37.14 -23.02
CA PRO E 91 -67.35 38.63 -23.01
C PRO E 91 -66.04 39.13 -23.58
N THR E 92 -64.91 38.50 -23.25
CA THR E 92 -63.64 38.89 -23.83
C THR E 92 -63.59 38.59 -25.32
N LEU E 93 -64.10 37.43 -25.73
CA LEU E 93 -64.12 37.08 -27.14
C LEU E 93 -64.95 38.08 -27.96
N ASN E 94 -66.08 38.51 -27.41
CA ASN E 94 -66.92 39.49 -28.11
C ASN E 94 -66.26 40.86 -28.12
N GLU E 95 -65.67 41.27 -26.99
CA GLU E 95 -65.05 42.59 -26.90
C GLU E 95 -63.89 42.72 -27.89
N LEU E 96 -63.10 41.65 -28.04
CA LEU E 96 -61.90 41.69 -28.88
C LEU E 96 -62.14 41.15 -30.28
N GLY E 97 -63.34 40.65 -30.57
CA GLY E 97 -63.61 40.08 -31.88
C GLY E 97 -62.81 38.83 -32.18
N ILE E 98 -62.56 38.02 -31.16
CA ILE E 98 -61.82 36.77 -31.32
C ILE E 98 -62.80 35.66 -31.66
N SER E 99 -62.68 35.11 -32.86
CA SER E 99 -63.45 33.93 -33.24
C SER E 99 -62.81 32.67 -32.69
N THR E 100 -63.64 31.75 -32.20
CA THR E 100 -63.15 30.48 -31.70
C THR E 100 -62.68 29.61 -32.86
N PRO E 101 -61.81 28.63 -32.59
CA PRO E 101 -61.43 27.69 -33.66
C PRO E 101 -62.61 27.00 -34.31
N GLU E 102 -63.66 26.71 -33.53
CA GLU E 102 -64.84 26.08 -34.09
C GLU E 102 -65.57 27.01 -35.06
N GLU E 103 -65.70 28.29 -34.69
CA GLU E 103 -66.32 29.26 -35.58
C GLU E 103 -65.52 29.47 -36.86
N LEU E 104 -64.22 29.22 -36.83
CA LEU E 104 -63.36 29.36 -37.99
C LEU E 104 -63.22 28.07 -38.79
N GLY E 105 -63.84 26.99 -38.34
CA GLY E 105 -63.68 25.71 -39.01
C GLY E 105 -62.34 25.04 -38.79
N LEU E 106 -61.56 25.50 -37.82
CA LEU E 106 -60.24 24.93 -37.57
C LEU E 106 -60.28 23.69 -36.68
N ASP E 107 -61.47 23.29 -36.22
CA ASP E 107 -61.63 22.04 -35.50
C ASP E 107 -61.89 20.86 -36.42
N LYS E 108 -62.03 21.11 -37.72
CA LYS E 108 -62.26 20.04 -38.69
C LYS E 108 -60.93 19.46 -39.14
N VAL E 109 -60.85 18.14 -39.19
CA VAL E 109 -59.60 17.45 -39.46
C VAL E 109 -59.32 17.42 -40.95
N GLY F 3 24.65 23.04 -13.87
CA GLY F 3 24.74 23.42 -15.27
C GLY F 3 23.39 23.52 -15.96
N GLY F 4 23.40 23.97 -17.20
CA GLY F 4 22.19 24.11 -17.98
C GLY F 4 22.09 23.11 -19.11
N GLY F 5 21.72 23.58 -20.30
CA GLY F 5 21.64 22.75 -21.48
C GLY F 5 20.26 22.23 -21.82
N VAL F 6 19.25 22.50 -21.01
CA VAL F 6 17.88 22.08 -21.27
C VAL F 6 17.10 23.30 -21.76
N PRO F 7 16.50 23.24 -22.94
CA PRO F 7 15.72 24.39 -23.42
C PRO F 7 14.47 24.60 -22.58
N THR F 8 13.96 25.83 -22.64
CA THR F 8 12.71 26.18 -22.00
C THR F 8 11.58 26.23 -23.02
N ASP F 9 10.35 26.28 -22.52
CA ASP F 9 9.20 26.47 -23.39
C ASP F 9 9.26 27.81 -24.09
N GLU F 10 9.74 28.84 -23.39
CA GLU F 10 9.88 30.16 -24.02
C GLU F 10 10.79 30.11 -25.25
N GLU F 11 11.81 29.25 -25.22
CA GLU F 11 12.76 29.16 -26.30
C GLU F 11 12.33 28.23 -27.43
N GLN F 12 11.67 27.11 -27.08
CA GLN F 12 11.51 26.01 -28.01
C GLN F 12 10.07 25.64 -28.35
N ALA F 13 9.10 26.03 -27.53
CA ALA F 13 7.70 25.72 -27.85
C ALA F 13 7.31 26.39 -29.16
N THR F 14 6.50 25.69 -29.95
CA THR F 14 6.13 26.14 -31.29
C THR F 14 4.67 25.78 -31.56
N GLY F 15 4.20 26.22 -32.73
CA GLY F 15 2.87 25.84 -33.19
C GLY F 15 1.77 26.33 -32.27
N LEU F 16 0.75 25.47 -32.09
CA LEU F 16 -0.40 25.84 -31.27
C LEU F 16 -0.04 25.95 -29.80
N GLU F 17 0.90 25.12 -29.33
CA GLU F 17 1.33 25.21 -27.94
C GLU F 17 1.88 26.59 -27.63
N ARG F 18 2.72 27.13 -28.51
CA ARG F 18 3.28 28.46 -28.29
C ARG F 18 2.20 29.53 -28.33
N GLU F 19 1.23 29.40 -29.24
CA GLU F 19 0.13 30.36 -29.29
C GLU F 19 -0.64 30.38 -27.98
N VAL F 20 -0.93 29.21 -27.43
CA VAL F 20 -1.63 29.12 -26.15
C VAL F 20 -0.77 29.72 -25.04
N MET F 21 0.54 29.45 -25.07
CA MET F 21 1.42 29.94 -24.03
C MET F 21 1.53 31.46 -24.06
N LEU F 22 1.73 32.04 -25.26
CA LEU F 22 1.84 33.49 -25.38
C LEU F 22 0.53 34.20 -25.10
N ALA F 23 -0.60 33.61 -25.48
CA ALA F 23 -1.89 34.24 -25.24
C ALA F 23 -2.25 34.23 -23.76
N ALA F 24 -1.93 33.13 -23.07
CA ALA F 24 -2.18 33.07 -21.64
C ALA F 24 -1.34 34.07 -20.87
N ARG F 25 -0.16 34.40 -21.40
CA ARG F 25 0.70 35.40 -20.77
C ARG F 25 0.13 36.80 -20.89
N LYS F 26 -0.73 37.04 -21.88
CA LYS F 26 -1.49 38.28 -21.98
C LYS F 26 -2.85 38.21 -21.31
N GLY F 27 -3.17 37.09 -20.64
CA GLY F 27 -4.48 36.92 -20.07
C GLY F 27 -5.60 36.78 -21.09
N GLN F 28 -5.28 36.28 -22.28
CA GLN F 28 -6.27 36.02 -23.32
C GLN F 28 -6.49 34.52 -23.48
N ASP F 29 -7.66 34.18 -24.00
CA ASP F 29 -8.07 32.77 -24.16
C ASP F 29 -8.67 32.59 -25.54
N PRO F 30 -7.85 32.67 -26.60
CA PRO F 30 -8.40 32.55 -27.97
C PRO F 30 -8.82 31.13 -28.33
N TYR F 31 -8.33 30.11 -27.63
CA TYR F 31 -8.63 28.73 -27.94
C TYR F 31 -9.52 28.08 -26.88
N ASN F 32 -10.27 28.89 -26.14
CA ASN F 32 -11.40 28.43 -25.33
C ASN F 32 -10.98 27.37 -24.31
N ILE F 33 -9.93 27.68 -23.56
CA ILE F 33 -9.48 26.77 -22.51
C ILE F 33 -10.23 27.04 -21.21
N LEU F 34 -10.68 28.26 -20.99
CA LEU F 34 -11.35 28.66 -19.76
C LEU F 34 -12.84 28.79 -19.98
N ALA F 35 -13.62 28.54 -18.93
CA ALA F 35 -15.05 28.76 -18.97
C ALA F 35 -15.33 30.25 -18.76
N PRO F 36 -16.04 30.90 -19.68
CA PRO F 36 -16.35 32.32 -19.49
C PRO F 36 -17.23 32.55 -18.27
N LYS F 37 -17.07 33.72 -17.66
CA LYS F 37 -17.90 34.12 -16.53
C LYS F 37 -19.12 34.88 -17.05
N ALA F 38 -20.30 34.48 -16.58
CA ALA F 38 -21.54 35.08 -17.04
C ALA F 38 -21.72 36.49 -16.48
N THR F 39 -22.41 37.32 -17.25
CA THR F 39 -22.88 38.61 -16.77
C THR F 39 -24.24 38.41 -16.10
N SER F 40 -24.98 39.51 -15.89
CA SER F 40 -26.33 39.38 -15.36
C SER F 40 -27.31 38.85 -16.40
N GLY F 41 -26.95 38.90 -17.69
CA GLY F 41 -27.77 38.32 -18.73
C GLY F 41 -29.00 39.09 -19.12
N THR F 42 -29.10 40.37 -18.76
CA THR F 42 -30.24 41.16 -19.18
C THR F 42 -30.05 41.65 -20.62
N LYS F 43 -31.10 42.26 -21.18
CA LYS F 43 -30.97 42.86 -22.50
C LYS F 43 -29.99 44.02 -22.49
N GLU F 44 -29.83 44.68 -21.34
CA GLU F 44 -28.86 45.77 -21.24
C GLU F 44 -27.46 45.26 -20.99
N ASP F 45 -27.33 44.09 -20.36
CA ASP F 45 -26.03 43.50 -20.01
C ASP F 45 -26.01 42.05 -20.45
N PRO F 46 -26.00 41.79 -21.76
CA PRO F 46 -26.03 40.42 -22.25
C PRO F 46 -24.68 39.74 -22.16
N ASN F 47 -24.70 38.42 -22.15
CA ASN F 47 -23.48 37.65 -22.22
C ASN F 47 -22.86 37.80 -23.62
N LEU F 48 -21.59 38.17 -23.67
CA LEU F 48 -20.90 38.44 -24.92
C LEU F 48 -20.17 37.18 -25.36
N VAL F 49 -20.60 36.63 -26.50
CA VAL F 49 -20.09 35.35 -27.00
C VAL F 49 -19.17 35.66 -28.17
N PRO F 50 -17.85 35.50 -28.02
CA PRO F 50 -16.95 35.70 -29.15
C PRO F 50 -17.07 34.57 -30.17
N SER F 51 -16.82 34.91 -31.43
CA SER F 51 -16.87 33.92 -32.50
C SER F 51 -16.01 34.41 -33.65
N ILE F 52 -15.44 33.45 -34.40
CA ILE F 52 -14.74 33.77 -35.64
C ILE F 52 -15.66 33.73 -36.85
N THR F 53 -16.90 33.30 -36.62
N THR F 53 -16.92 33.34 -36.60
CA THR F 53 -17.93 33.22 -37.69
CA THR F 53 -17.92 33.27 -37.69
C THR F 53 -19.17 34.00 -37.26
C THR F 53 -19.19 34.02 -37.25
N ASN F 54 -20.26 33.89 -38.02
N ASN F 54 -20.27 33.92 -38.01
CA ASN F 54 -21.49 34.69 -37.73
CA ASN F 54 -21.50 34.70 -37.70
C ASN F 54 -22.47 33.87 -36.88
C ASN F 54 -22.48 33.89 -36.84
N LYS F 55 -22.08 32.67 -36.47
CA LYS F 55 -22.94 31.85 -35.57
C LYS F 55 -22.10 30.97 -34.66
N ARG F 56 -22.61 30.65 -33.47
CA ARG F 56 -21.92 29.76 -32.55
C ARG F 56 -22.96 29.11 -31.63
N ILE F 57 -22.73 27.84 -31.30
CA ILE F 57 -23.63 27.11 -30.42
C ILE F 57 -23.40 27.56 -28.98
N VAL F 58 -24.48 27.94 -28.31
CA VAL F 58 -24.43 28.33 -26.90
C VAL F 58 -25.05 27.22 -26.07
N GLY F 59 -24.38 26.84 -24.98
CA GLY F 59 -24.99 25.96 -24.01
C GLY F 59 -25.30 26.71 -22.74
N CYS F 60 -26.57 26.68 -22.32
CA CYS F 60 -27.03 27.46 -21.19
C CYS F 60 -27.38 26.55 -20.03
N ILE F 61 -26.64 26.67 -18.93
CA ILE F 61 -26.96 25.99 -17.68
C ILE F 61 -27.82 26.97 -16.89
N CYS F 62 -29.14 26.86 -17.07
CA CYS F 62 -30.06 27.91 -16.61
C CYS F 62 -29.91 28.18 -15.12
N GLU F 63 -29.74 27.12 -14.32
CA GLU F 63 -29.55 27.26 -12.89
C GLU F 63 -28.35 26.43 -12.45
N GLU F 64 -27.68 26.91 -11.41
CA GLU F 64 -26.57 26.17 -10.82
C GLU F 64 -27.01 24.76 -10.44
N ASP F 65 -26.24 23.77 -10.88
CA ASP F 65 -26.40 22.33 -10.62
C ASP F 65 -27.49 21.71 -11.48
N ASN F 66 -28.06 22.44 -12.43
CA ASN F 66 -28.91 21.82 -13.44
C ASN F 66 -28.11 20.78 -14.23
N SER F 67 -28.69 19.59 -14.39
CA SER F 67 -28.06 18.58 -15.22
C SER F 67 -28.38 18.76 -16.69
N THR F 68 -29.49 19.42 -17.00
CA THR F 68 -29.91 19.64 -18.38
C THR F 68 -29.29 20.92 -18.91
N VAL F 69 -28.58 20.81 -20.03
CA VAL F 69 -28.02 21.97 -20.71
C VAL F 69 -28.88 22.30 -21.92
N ILE F 70 -29.11 23.58 -22.16
CA ILE F 70 -29.96 24.04 -23.26
C ILE F 70 -29.06 24.56 -24.37
N TRP F 71 -29.16 23.95 -25.55
CA TRP F 71 -28.28 24.23 -26.67
C TRP F 71 -29.05 24.97 -27.77
N PHE F 72 -28.42 26.00 -28.33
CA PHE F 72 -29.03 26.74 -29.42
C PHE F 72 -27.95 27.53 -30.16
N TRP F 73 -28.18 27.74 -31.45
CA TRP F 73 -27.29 28.58 -32.24
C TRP F 73 -27.53 30.05 -31.93
N LEU F 74 -26.46 30.77 -31.59
CA LEU F 74 -26.50 32.22 -31.43
C LEU F 74 -25.99 32.86 -32.71
N HIS F 75 -26.83 33.65 -33.35
CA HIS F 75 -26.51 34.29 -34.62
C HIS F 75 -26.07 35.73 -34.41
N LYS F 76 -25.27 36.23 -35.36
CA LYS F 76 -24.91 37.64 -35.37
C LYS F 76 -26.16 38.51 -35.48
N GLY F 77 -26.15 39.63 -34.75
CA GLY F 77 -27.26 40.56 -34.78
C GLY F 77 -27.82 40.87 -33.40
N GLU F 78 -29.13 41.04 -33.32
CA GLU F 78 -29.76 41.36 -32.05
C GLU F 78 -29.60 40.19 -31.07
N ALA F 79 -29.40 40.53 -29.80
CA ALA F 79 -29.22 39.53 -28.77
C ALA F 79 -30.39 38.55 -28.73
N GLN F 80 -30.09 37.29 -28.50
N GLN F 80 -30.09 37.29 -28.50
CA GLN F 80 -31.08 36.23 -28.40
CA GLN F 80 -31.08 36.23 -28.40
C GLN F 80 -31.16 35.72 -26.96
C GLN F 80 -31.14 35.71 -26.97
N ARG F 81 -32.26 35.06 -26.65
CA ARG F 81 -32.54 34.59 -25.29
C ARG F 81 -32.58 33.08 -25.25
N CYS F 82 -32.08 32.52 -24.15
CA CYS F 82 -32.19 31.09 -23.92
C CYS F 82 -33.65 30.67 -23.91
N PRO F 83 -34.05 29.65 -24.68
CA PRO F 83 -35.47 29.27 -24.73
C PRO F 83 -36.02 28.74 -23.42
N SER F 84 -35.16 28.44 -22.44
CA SER F 84 -35.60 27.88 -21.17
C SER F 84 -35.67 28.92 -20.06
N CYS F 85 -34.64 29.76 -19.94
CA CYS F 85 -34.58 30.73 -18.85
C CYS F 85 -34.58 32.18 -19.31
N GLY F 86 -34.37 32.45 -20.60
CA GLY F 86 -34.51 33.79 -21.12
C GLY F 86 -33.32 34.70 -20.96
N THR F 87 -32.23 34.25 -20.33
CA THR F 87 -31.05 35.09 -20.24
C THR F 87 -30.51 35.40 -21.64
N HIS F 88 -29.98 36.61 -21.81
CA HIS F 88 -29.63 37.14 -23.11
C HIS F 88 -28.18 36.80 -23.48
N TYR F 89 -27.98 36.53 -24.78
CA TYR F 89 -26.65 36.29 -25.33
C TYR F 89 -26.52 37.09 -26.62
N LYS F 90 -25.35 37.70 -26.83
CA LYS F 90 -25.09 38.48 -28.04
C LYS F 90 -23.72 38.08 -28.59
N LEU F 91 -23.70 37.75 -29.88
CA LEU F 91 -22.47 37.34 -30.54
C LEU F 91 -21.60 38.54 -30.89
N VAL F 92 -20.30 38.42 -30.60
CA VAL F 92 -19.33 39.45 -30.98
C VAL F 92 -18.27 38.86 -31.91
N PRO F 93 -18.52 38.83 -33.22
CA PRO F 93 -17.51 38.31 -34.14
C PRO F 93 -16.29 39.22 -34.26
N HIS F 94 -15.16 38.57 -34.53
CA HIS F 94 -13.87 39.21 -34.76
C HIS F 94 -12.91 38.12 -35.24
N GLN F 95 -11.74 38.58 -35.71
CA GLN F 95 -10.63 37.74 -36.18
C GLN F 95 -10.93 37.03 -37.51
N ALA G 3 13.53 3.97 8.15
CA ALA G 3 14.14 5.25 7.83
C ALA G 3 14.95 5.81 9.00
N ALA G 4 15.64 6.92 8.75
CA ALA G 4 16.42 7.60 9.77
C ALA G 4 16.83 8.98 9.29
N LYS G 5 17.09 9.08 7.98
CA LYS G 5 17.58 10.31 7.38
C LYS G 5 16.55 11.42 7.54
N GLY G 6 17.04 12.66 7.53
CA GLY G 6 16.17 13.81 7.74
C GLY G 6 15.97 14.70 6.53
N ASP G 7 16.96 14.74 5.64
CA ASP G 7 17.10 15.76 4.60
C ASP G 7 15.82 16.14 3.87
N HIS G 8 14.84 16.68 4.57
CA HIS G 8 13.59 17.06 3.95
C HIS G 8 13.53 18.59 3.83
N GLY G 9 12.36 19.09 3.43
CA GLY G 9 12.18 20.49 3.16
C GLY G 9 12.34 20.83 1.70
N GLY G 10 13.22 20.13 1.00
CA GLY G 10 13.37 20.31 -0.44
C GLY G 10 13.92 19.08 -1.11
N GLY G 12 14.92 17.51 -4.38
CA GLY G 12 15.34 18.03 -5.67
C GLY G 12 16.38 17.14 -6.33
N ALA G 13 16.98 17.63 -7.41
CA ALA G 13 17.97 16.85 -8.13
C ALA G 13 19.14 16.46 -7.22
N ARG G 14 19.65 17.40 -6.42
CA ARG G 14 20.81 17.11 -5.59
C ARG G 14 20.48 16.06 -4.54
N THR G 15 19.30 16.17 -3.91
CA THR G 15 18.91 15.18 -2.90
C THR G 15 18.77 13.80 -3.51
N TRP G 16 18.19 13.70 -4.71
CA TRP G 16 17.97 12.38 -5.30
C TRP G 16 19.25 11.79 -5.89
N ARG G 17 20.21 12.62 -6.31
CA ARG G 17 21.53 12.09 -6.61
C ARG G 17 22.23 11.64 -5.34
N PHE G 18 22.04 12.37 -4.25
CA PHE G 18 22.55 11.96 -2.94
C PHE G 18 22.04 10.56 -2.59
N LEU G 19 20.75 10.30 -2.83
CA LEU G 19 20.20 8.99 -2.54
C LEU G 19 20.70 7.94 -3.53
N THR G 20 20.89 8.32 -4.79
CA THR G 20 21.35 7.38 -5.80
C THR G 20 22.74 6.84 -5.47
N PHE G 21 23.70 7.73 -5.21
CA PHE G 21 25.07 7.33 -4.95
C PHE G 21 25.34 6.99 -3.49
N GLY G 22 24.51 7.47 -2.57
CA GLY G 22 24.74 7.26 -1.15
C GLY G 22 24.00 6.09 -0.55
N LEU G 23 22.93 5.65 -1.21
CA LEU G 23 22.10 4.58 -0.68
C LEU G 23 21.79 3.51 -1.72
N ALA G 24 21.30 3.93 -2.89
CA ALA G 24 20.79 2.98 -3.87
C ALA G 24 21.90 2.11 -4.44
N LEU G 25 22.93 2.73 -5.02
CA LEU G 25 24.02 1.99 -5.64
C LEU G 25 24.87 1.25 -4.62
N PRO G 26 25.16 1.81 -3.43
CA PRO G 26 25.81 0.99 -2.39
C PRO G 26 25.02 -0.26 -2.04
N SER G 27 23.69 -0.16 -2.02
CA SER G 27 22.87 -1.33 -1.75
C SER G 27 23.02 -2.37 -2.86
N VAL G 28 23.11 -1.93 -4.11
CA VAL G 28 23.34 -2.86 -5.22
C VAL G 28 24.71 -3.49 -5.10
N ALA G 29 25.72 -2.71 -4.71
CA ALA G 29 27.06 -3.25 -4.51
C ALA G 29 27.07 -4.31 -3.42
N LEU G 30 26.33 -4.09 -2.33
CA LEU G 30 26.27 -5.07 -1.26
C LEU G 30 25.55 -6.34 -1.69
N CYS G 31 24.44 -6.20 -2.42
CA CYS G 31 23.73 -7.38 -2.91
C CYS G 31 24.55 -8.13 -3.95
N THR G 32 25.26 -7.40 -4.82
CA THR G 32 26.18 -8.05 -5.74
C THR G 32 27.24 -8.85 -4.99
N LEU G 33 27.88 -8.21 -4.00
CA LEU G 33 28.84 -8.91 -3.16
C LEU G 33 28.22 -10.15 -2.52
N ASN G 34 27.09 -9.99 -1.85
CA ASN G 34 26.42 -11.12 -1.21
C ASN G 34 26.13 -12.24 -2.19
N SER G 35 25.52 -11.90 -3.34
CA SER G 35 25.25 -12.91 -4.36
C SER G 35 26.54 -13.49 -4.95
N TRP G 36 27.67 -12.82 -4.78
N TRP G 36 27.67 -12.81 -4.79
CA TRP G 36 28.90 -13.35 -5.35
CA TRP G 36 28.91 -13.34 -5.35
C TRP G 36 29.54 -14.40 -4.45
C TRP G 36 29.55 -14.38 -4.45
N LEU G 37 29.33 -14.31 -3.13
CA LEU G 37 29.86 -15.33 -2.24
C LEU G 37 29.04 -16.60 -2.30
N HIS G 38 27.75 -16.48 -2.59
CA HIS G 38 26.84 -17.61 -2.64
C HIS G 38 26.72 -18.20 -4.03
N SER G 39 27.53 -17.74 -4.99
CA SER G 39 27.55 -18.33 -6.31
C SER G 39 28.35 -19.63 -6.28
N GLY G 40 28.38 -20.33 -7.41
CA GLY G 40 28.98 -21.65 -7.46
C GLY G 40 27.94 -22.73 -7.49
N HIS G 41 28.18 -23.78 -8.27
CA HIS G 41 27.17 -24.77 -8.54
C HIS G 41 26.92 -25.67 -7.34
N ARG G 42 25.67 -25.99 -7.09
CA ARG G 42 25.28 -26.95 -6.08
C ARG G 42 25.08 -28.31 -6.73
N GLU G 43 25.24 -29.38 -5.93
CA GLU G 43 25.14 -30.73 -6.45
C GLU G 43 23.71 -31.04 -6.84
N ARG G 44 23.50 -31.35 -8.12
CA ARG G 44 22.16 -31.61 -8.62
C ARG G 44 21.56 -32.82 -7.91
N PRO G 45 20.26 -32.81 -7.62
CA PRO G 45 19.65 -33.90 -6.86
C PRO G 45 19.39 -35.11 -7.74
N ALA G 46 19.21 -36.25 -7.08
CA ALA G 46 18.87 -37.49 -7.77
C ALA G 46 17.60 -37.32 -8.59
N PHE G 47 17.61 -37.89 -9.79
CA PHE G 47 16.46 -37.82 -10.67
C PHE G 47 15.38 -38.79 -10.22
N ILE G 48 14.18 -38.26 -10.01
CA ILE G 48 12.99 -39.07 -9.74
C ILE G 48 11.95 -38.71 -10.80
N PRO G 49 11.46 -39.66 -11.58
CA PRO G 49 10.51 -39.33 -12.67
C PRO G 49 9.11 -39.02 -12.15
N TYR G 50 9.02 -37.96 -11.34
CA TYR G 50 7.72 -37.51 -10.86
C TYR G 50 6.80 -37.16 -12.03
N HIS G 51 5.53 -37.54 -11.90
CA HIS G 51 4.57 -37.34 -12.98
C HIS G 51 3.97 -35.94 -13.00
N HIS G 52 4.15 -35.16 -11.94
CA HIS G 52 3.71 -33.77 -11.93
C HIS G 52 4.80 -32.83 -12.42
N LEU G 53 5.96 -33.35 -12.81
CA LEU G 53 7.07 -32.57 -13.33
C LEU G 53 7.43 -33.08 -14.72
N ARG G 54 8.20 -32.26 -15.44
CA ARG G 54 8.62 -32.57 -16.81
C ARG G 54 7.41 -32.90 -17.68
N ILE G 55 6.39 -32.04 -17.60
CA ILE G 55 5.13 -32.28 -18.30
C ILE G 55 5.37 -32.27 -19.80
N ARG G 56 4.80 -33.25 -20.49
CA ARG G 56 4.82 -33.31 -21.96
C ARG G 56 3.43 -33.73 -22.43
N THR G 57 2.61 -32.73 -22.79
CA THR G 57 1.31 -32.99 -23.41
C THR G 57 1.30 -32.67 -24.89
N LYS G 58 2.25 -31.87 -25.38
CA LYS G 58 2.44 -31.55 -26.78
C LYS G 58 3.91 -31.21 -26.93
N PRO G 59 4.58 -31.69 -27.99
CA PRO G 59 5.99 -31.39 -28.15
C PRO G 59 6.21 -29.89 -28.33
N PHE G 60 7.34 -29.40 -27.78
CA PHE G 60 7.70 -28.00 -27.97
C PHE G 60 7.94 -27.73 -29.45
N SER G 61 7.73 -26.47 -29.85
CA SER G 61 7.82 -26.07 -31.24
C SER G 61 9.25 -25.77 -31.68
N TRP G 62 10.25 -26.28 -30.97
CA TRP G 62 11.63 -26.04 -31.31
C TRP G 62 12.45 -27.28 -30.97
N GLY G 63 13.66 -27.34 -31.52
CA GLY G 63 14.56 -28.46 -31.26
C GLY G 63 13.92 -29.78 -31.64
N ASP G 64 14.02 -30.76 -30.73
CA ASP G 64 13.44 -32.08 -30.94
C ASP G 64 12.07 -32.23 -30.27
N GLY G 65 11.51 -31.13 -29.75
CA GLY G 65 10.23 -31.17 -29.10
C GLY G 65 10.25 -31.66 -27.67
N ASN G 66 11.43 -31.94 -27.11
CA ASN G 66 11.53 -32.51 -25.78
C ASN G 66 12.43 -31.68 -24.85
N HIS G 67 13.04 -30.62 -25.36
CA HIS G 67 13.88 -29.74 -24.56
C HIS G 67 13.17 -28.42 -24.34
N THR G 68 13.13 -27.97 -23.10
CA THR G 68 12.55 -26.67 -22.80
C THR G 68 13.42 -25.56 -23.37
N PHE G 69 12.86 -24.35 -23.43
CA PHE G 69 13.45 -23.28 -24.23
C PHE G 69 14.85 -22.89 -23.73
N PHE G 70 15.02 -22.83 -22.41
CA PHE G 70 16.31 -22.49 -21.81
C PHE G 70 16.88 -23.69 -21.07
N HIS G 71 16.78 -24.86 -21.70
CA HIS G 71 17.29 -26.11 -21.16
C HIS G 71 18.75 -25.98 -20.72
N ASN G 72 19.03 -26.43 -19.50
CA ASN G 72 20.39 -26.52 -18.99
C ASN G 72 20.70 -27.98 -18.77
N PRO G 73 21.60 -28.59 -19.53
CA PRO G 73 21.90 -30.02 -19.34
C PRO G 73 22.38 -30.35 -17.94
N ARG G 74 23.02 -29.40 -17.26
CA ARG G 74 23.58 -29.68 -15.95
C ARG G 74 22.51 -29.88 -14.88
N VAL G 75 21.38 -29.18 -14.98
CA VAL G 75 20.43 -29.15 -13.87
C VAL G 75 19.02 -29.51 -14.32
N ASN G 76 18.77 -29.55 -15.63
CA ASN G 76 17.42 -29.80 -16.13
C ASN G 76 17.33 -31.20 -16.73
N PRO G 77 16.75 -32.17 -16.03
CA PRO G 77 16.60 -33.51 -16.62
C PRO G 77 15.42 -33.60 -17.58
N LEU G 78 15.53 -34.52 -18.52
CA LEU G 78 14.44 -34.84 -19.42
C LEU G 78 13.44 -35.76 -18.72
N PRO G 79 12.28 -36.00 -19.32
CA PRO G 79 11.35 -36.99 -18.75
C PRO G 79 12.00 -38.35 -18.48
N THR G 80 13.02 -38.72 -19.24
CA THR G 80 13.72 -39.98 -19.02
C THR G 80 14.94 -39.84 -18.12
N GLY G 81 15.35 -38.63 -17.79
CA GLY G 81 16.44 -38.37 -16.86
C GLY G 81 17.41 -37.35 -17.41
N TYR G 82 18.50 -37.15 -16.67
CA TYR G 82 19.54 -36.22 -17.08
C TYR G 82 20.27 -36.70 -18.31
N GLU G 83 20.72 -35.74 -19.12
CA GLU G 83 21.55 -36.01 -20.28
C GLU G 83 23.00 -36.24 -19.83
N LYS G 84 23.83 -36.69 -20.76
CA LYS G 84 25.23 -36.98 -20.47
C LYS G 84 26.14 -36.53 -21.61
N LYS H 7 -13.02 -53.95 16.05
CA LYS H 7 -13.05 -53.21 17.30
C LYS H 7 -13.87 -51.93 17.12
N ILE H 8 -15.07 -51.95 17.70
CA ILE H 8 -16.09 -50.90 17.53
C ILE H 8 -16.40 -50.86 16.03
N LYS H 9 -16.52 -52.05 15.43
CA LYS H 9 -16.81 -52.16 14.01
C LYS H 9 -18.26 -52.57 13.76
N ASN H 10 -18.77 -52.13 12.61
CA ASN H 10 -20.12 -52.35 12.09
C ASN H 10 -20.22 -51.39 10.91
N TYR H 11 -19.10 -51.26 10.20
CA TYR H 11 -18.89 -50.20 9.23
C TYR H 11 -19.88 -50.31 8.08
N GLN H 12 -20.63 -49.22 7.85
CA GLN H 12 -21.43 -49.09 6.65
C GLN H 12 -20.68 -48.28 5.60
N THR H 13 -20.48 -46.99 5.88
CA THR H 13 -19.69 -46.14 5.01
C THR H 13 -18.94 -45.13 5.87
N ALA H 14 -18.03 -44.41 5.21
CA ALA H 14 -17.25 -43.38 5.88
C ALA H 14 -18.16 -42.33 6.52
N PRO H 15 -18.05 -42.09 7.82
CA PRO H 15 -18.90 -41.09 8.47
C PRO H 15 -18.47 -39.67 8.15
N PHE H 16 -19.34 -38.73 8.53
CA PHE H 16 -19.00 -37.31 8.44
C PHE H 16 -17.70 -37.01 9.17
N ASP H 17 -16.90 -36.13 8.59
CA ASP H 17 -15.61 -35.74 9.15
C ASP H 17 -15.54 -34.22 9.16
N SER H 18 -15.46 -33.64 10.37
CA SER H 18 -15.47 -32.19 10.50
C SER H 18 -14.26 -31.54 9.84
N ARG H 19 -13.17 -32.27 9.65
CA ARG H 19 -12.02 -31.74 8.93
C ARG H 19 -12.36 -31.43 7.48
N PHE H 20 -13.30 -32.18 6.89
CA PHE H 20 -13.65 -32.06 5.49
C PHE H 20 -15.17 -31.94 5.38
N PRO H 21 -15.72 -30.76 5.68
CA PRO H 21 -17.18 -30.60 5.75
C PRO H 21 -17.83 -30.02 4.49
N ASN H 22 -17.09 -29.82 3.42
CA ASN H 22 -17.58 -29.14 2.24
C ASN H 22 -17.80 -30.13 1.09
N GLN H 23 -18.31 -29.60 -0.03
CA GLN H 23 -18.62 -30.45 -1.18
C GLN H 23 -17.35 -31.06 -1.78
N ASN H 24 -16.22 -30.37 -1.68
CA ASN H 24 -14.96 -30.87 -2.23
C ASN H 24 -14.37 -31.86 -1.23
N GLN H 25 -14.39 -33.15 -1.57
CA GLN H 25 -13.94 -34.21 -0.70
C GLN H 25 -12.61 -34.80 -1.15
N THR H 26 -11.89 -34.11 -2.04
CA THR H 26 -10.61 -34.63 -2.54
C THR H 26 -9.63 -34.89 -1.40
N ARG H 27 -9.53 -33.94 -0.46
CA ARG H 27 -8.55 -34.07 0.61
C ARG H 27 -8.93 -35.18 1.59
N ASN H 28 -10.24 -35.43 1.76
CA ASN H 28 -10.68 -36.50 2.65
C ASN H 28 -10.17 -37.85 2.17
N CYS H 29 -10.32 -38.14 0.87
CA CYS H 29 -9.78 -39.38 0.31
C CYS H 29 -8.26 -39.38 0.39
N TRP H 30 -7.64 -38.26 0.03
CA TRP H 30 -6.17 -38.18 0.02
C TRP H 30 -5.59 -38.40 1.42
N GLN H 31 -6.22 -37.82 2.44
CA GLN H 31 -5.69 -37.93 3.80
C GLN H 31 -5.76 -39.36 4.32
N ASN H 32 -6.90 -40.03 4.11
CA ASN H 32 -7.05 -41.39 4.63
C ASN H 32 -6.19 -42.38 3.86
N TYR H 33 -5.94 -42.13 2.58
CA TYR H 33 -5.00 -42.96 1.84
C TYR H 33 -3.59 -42.84 2.41
N LEU H 34 -3.17 -41.60 2.68
CA LEU H 34 -1.90 -41.38 3.37
C LEU H 34 -1.89 -42.05 4.74
N ASP H 35 -2.97 -41.84 5.52
CA ASP H 35 -3.01 -42.36 6.89
C ASP H 35 -2.88 -43.87 6.94
N PHE H 36 -3.54 -44.58 6.02
CA PHE H 36 -3.46 -46.04 6.00
C PHE H 36 -2.03 -46.50 5.71
N HIS H 37 -1.42 -45.95 4.66
CA HIS H 37 -0.11 -46.43 4.26
C HIS H 37 0.99 -45.95 5.20
N ARG H 38 0.79 -44.81 5.88
CA ARG H 38 1.71 -44.42 6.94
C ARG H 38 1.59 -45.36 8.13
N CYS H 39 0.36 -45.74 8.48
CA CYS H 39 0.16 -46.72 9.54
C CYS H 39 0.65 -48.10 9.12
N GLU H 40 0.38 -48.49 7.88
CA GLU H 40 0.83 -49.80 7.40
C GLU H 40 2.34 -49.91 7.42
N LYS H 41 3.04 -48.85 7.01
CA LYS H 41 4.50 -48.86 7.04
C LYS H 41 5.01 -48.94 8.47
N ALA H 42 4.37 -48.21 9.40
CA ALA H 42 4.78 -48.28 10.79
C ALA H 42 4.56 -49.67 11.37
N MET H 43 3.42 -50.28 11.07
CA MET H 43 3.12 -51.61 11.61
C MET H 43 4.04 -52.67 11.01
N THR H 44 4.35 -52.56 9.72
CA THR H 44 5.18 -53.55 9.07
C THR H 44 6.63 -53.48 9.57
N ALA H 45 7.16 -52.26 9.72
CA ALA H 45 8.57 -52.10 10.05
C ALA H 45 8.90 -52.68 11.42
N LYS H 46 8.09 -52.34 12.43
CA LYS H 46 8.41 -52.69 13.81
C LYS H 46 7.70 -53.95 14.29
N GLY H 47 7.29 -54.81 13.36
CA GLY H 47 6.73 -56.10 13.74
C GLY H 47 5.39 -56.04 14.42
N GLY H 48 4.47 -55.22 13.91
CA GLY H 48 3.12 -55.16 14.42
C GLY H 48 2.10 -55.82 13.50
N ASP H 49 0.84 -55.52 13.77
CA ASP H 49 -0.28 -56.07 13.00
C ASP H 49 -0.95 -54.93 12.24
N VAL H 50 -1.07 -55.10 10.91
CA VAL H 50 -1.64 -54.07 10.06
C VAL H 50 -3.12 -53.83 10.38
N SER H 51 -3.76 -54.75 11.09
CA SER H 51 -5.19 -54.65 11.37
C SER H 51 -5.56 -53.39 12.14
N VAL H 52 -4.60 -52.72 12.79
CA VAL H 52 -4.92 -51.48 13.47
C VAL H 52 -5.13 -50.33 12.50
N CYS H 53 -4.68 -50.48 11.26
CA CYS H 53 -4.88 -49.48 10.22
C CYS H 53 -6.18 -49.67 9.46
N GLU H 54 -7.04 -50.56 9.92
CA GLU H 54 -8.19 -50.98 9.12
C GLU H 54 -9.18 -49.85 8.88
N TRP H 55 -9.37 -48.97 9.88
CA TRP H 55 -10.33 -47.89 9.74
C TRP H 55 -9.94 -46.97 8.58
N TYR H 56 -8.66 -46.60 8.51
CA TYR H 56 -8.20 -45.79 7.38
C TYR H 56 -8.41 -46.52 6.06
N ARG H 57 -8.20 -47.85 6.04
CA ARG H 57 -8.40 -48.61 4.82
C ARG H 57 -9.85 -48.59 4.36
N ARG H 58 -10.78 -48.75 5.31
CA ARG H 58 -12.20 -48.75 4.96
C ARG H 58 -12.65 -47.39 4.45
N VAL H 59 -12.17 -46.31 5.07
CA VAL H 59 -12.63 -44.98 4.69
C VAL H 59 -12.13 -44.61 3.30
N TYR H 60 -10.84 -44.82 3.02
CA TYR H 60 -10.29 -44.39 1.73
C TYR H 60 -10.83 -45.26 0.60
N LYS H 61 -11.04 -46.56 0.84
CA LYS H 61 -11.64 -47.39 -0.19
C LYS H 61 -13.08 -46.97 -0.46
N SER H 62 -13.81 -46.55 0.57
CA SER H 62 -15.15 -46.03 0.37
C SER H 62 -15.13 -44.75 -0.46
N LEU H 63 -14.21 -43.83 -0.16
CA LEU H 63 -14.24 -42.49 -0.72
C LEU H 63 -13.44 -42.35 -2.00
N CYS H 64 -12.32 -43.07 -2.14
CA CYS H 64 -11.42 -42.76 -3.25
C CYS H 64 -11.88 -43.46 -4.52
N PRO H 65 -11.85 -42.76 -5.66
CA PRO H 65 -12.08 -43.44 -6.95
C PRO H 65 -11.04 -44.52 -7.16
N ILE H 66 -11.47 -45.61 -7.82
CA ILE H 66 -10.58 -46.74 -8.06
C ILE H 66 -9.35 -46.31 -8.83
N SER H 67 -9.51 -45.46 -9.83
CA SER H 67 -8.38 -45.04 -10.65
C SER H 67 -7.40 -44.17 -9.87
N TRP H 68 -7.86 -43.48 -8.83
CA TRP H 68 -6.95 -42.73 -7.97
C TRP H 68 -6.08 -43.66 -7.15
N VAL H 69 -6.70 -44.62 -6.45
CA VAL H 69 -5.94 -45.58 -5.66
C VAL H 69 -4.95 -46.34 -6.54
N SER H 70 -5.41 -46.79 -7.70
CA SER H 70 -4.55 -47.58 -8.58
C SER H 70 -3.36 -46.77 -9.07
N THR H 71 -3.60 -45.50 -9.42
CA THR H 71 -2.49 -44.64 -9.84
C THR H 71 -1.53 -44.40 -8.69
N TRP H 72 -2.05 -44.08 -7.50
CA TRP H 72 -1.20 -43.88 -6.34
C TRP H 72 -0.44 -45.14 -5.97
N ASP H 73 -1.08 -46.31 -6.11
CA ASP H 73 -0.40 -47.57 -5.83
C ASP H 73 0.75 -47.79 -6.79
N ASP H 74 0.54 -47.52 -8.08
CA ASP H 74 1.62 -47.70 -9.06
C ASP H 74 2.79 -46.79 -8.77
N ARG H 75 2.53 -45.58 -8.30
CA ARG H 75 3.60 -44.60 -8.11
C ARG H 75 4.36 -44.83 -6.82
N ARG H 76 3.72 -45.38 -5.79
CA ARG H 76 4.46 -45.83 -4.62
C ARG H 76 5.42 -46.95 -4.98
N ALA H 77 4.97 -47.89 -5.84
CA ALA H 77 5.85 -48.97 -6.26
C ALA H 77 6.95 -48.48 -7.19
N GLU H 78 6.68 -47.44 -7.98
CA GLU H 78 7.68 -46.89 -8.88
C GLU H 78 8.65 -45.95 -8.17
N GLY H 79 8.28 -45.47 -6.98
CA GLY H 79 9.10 -44.50 -6.28
C GLY H 79 8.85 -43.07 -6.66
N THR H 80 7.70 -42.77 -7.28
CA THR H 80 7.36 -41.42 -7.72
C THR H 80 6.16 -40.85 -6.98
N PHE H 81 5.76 -41.46 -5.87
CA PHE H 81 4.63 -40.95 -5.11
C PHE H 81 5.04 -39.66 -4.41
N PRO H 82 4.33 -38.55 -4.64
CA PRO H 82 4.81 -37.26 -4.11
C PRO H 82 4.49 -37.03 -2.64
N GLY H 83 3.58 -37.81 -2.05
CA GLY H 83 3.27 -37.62 -0.65
C GLY H 83 4.27 -38.28 0.27
N LYS H 84 4.22 -37.90 1.53
CA LYS H 84 5.15 -38.41 2.54
C LYS H 84 4.53 -39.61 3.25
N ILE H 85 5.19 -40.75 3.15
CA ILE H 85 4.74 -41.96 3.84
C ILE H 85 5.90 -42.52 4.68
N THR I 2 -78.21 28.14 -20.22
CA THR I 2 -77.79 27.70 -18.88
C THR I 2 -76.26 27.60 -18.79
N ALA I 3 -75.61 28.32 -17.85
CA ALA I 3 -74.18 28.14 -17.64
C ALA I 3 -73.80 26.70 -17.32
N LEU I 4 -72.56 26.37 -17.62
CA LEU I 4 -71.97 25.10 -17.26
C LEU I 4 -71.19 25.24 -15.95
N ALA I 5 -71.20 24.18 -15.15
CA ALA I 5 -70.48 24.25 -13.88
C ALA I 5 -68.98 24.16 -14.11
N LYS I 6 -68.23 24.77 -13.21
CA LYS I 6 -66.77 24.76 -13.32
C LYS I 6 -66.23 23.36 -13.02
N PRO I 7 -65.60 22.70 -13.98
CA PRO I 7 -65.04 21.37 -13.71
C PRO I 7 -63.69 21.48 -13.03
N GLN I 8 -63.25 20.35 -12.47
CA GLN I 8 -61.87 20.24 -12.01
C GLN I 8 -60.91 20.46 -13.18
N MET I 9 -59.97 21.37 -12.99
CA MET I 9 -59.08 21.78 -14.06
C MET I 9 -57.59 21.59 -13.74
N ARG I 10 -57.26 21.23 -12.50
CA ARG I 10 -55.87 21.11 -12.07
C ARG I 10 -55.55 19.67 -11.69
N GLY I 11 -54.34 19.23 -12.03
CA GLY I 11 -53.85 17.95 -11.55
C GLY I 11 -54.59 16.75 -12.07
N LEU I 12 -55.22 16.86 -13.26
CA LEU I 12 -55.99 15.74 -13.79
C LEU I 12 -55.10 14.53 -14.06
N LEU I 13 -53.88 14.76 -14.54
CA LEU I 13 -52.96 13.65 -14.80
C LEU I 13 -52.54 12.98 -13.49
N ALA I 14 -52.17 13.77 -12.49
CA ALA I 14 -51.78 13.20 -11.20
C ALA I 14 -52.94 12.47 -10.55
N ARG I 15 -54.17 12.94 -10.77
CA ARG I 15 -55.32 12.24 -10.21
C ARG I 15 -55.55 10.91 -10.94
N ARG I 16 -55.40 10.90 -12.26
CA ARG I 16 -55.53 9.65 -13.01
C ARG I 16 -54.48 8.64 -12.56
N LEU I 17 -53.26 9.10 -12.30
CA LEU I 17 -52.19 8.21 -11.84
C LEU I 17 -52.50 7.68 -10.45
N ARG I 18 -52.91 8.57 -9.55
CA ARG I 18 -53.27 8.18 -8.19
C ARG I 18 -54.36 7.10 -8.18
N PHE I 19 -55.40 7.30 -9.00
CA PHE I 19 -56.52 6.35 -9.04
C PHE I 19 -56.04 4.97 -9.48
N HIS I 20 -55.24 4.91 -10.54
CA HIS I 20 -54.90 3.62 -11.13
C HIS I 20 -53.73 2.92 -10.45
N ILE I 21 -52.86 3.65 -9.76
CA ILE I 21 -51.82 3.00 -8.97
C ILE I 21 -52.45 2.26 -7.80
N VAL I 22 -53.42 2.89 -7.14
CA VAL I 22 -54.18 2.20 -6.10
C VAL I 22 -54.94 1.02 -6.69
N GLY I 23 -55.55 1.22 -7.86
CA GLY I 23 -56.22 0.12 -8.54
C GLY I 23 -55.28 -1.04 -8.85
N ALA I 24 -54.07 -0.73 -9.30
CA ALA I 24 -53.10 -1.78 -9.59
C ALA I 24 -52.69 -2.51 -8.31
N PHE I 25 -52.55 -1.78 -7.20
CA PHE I 25 -52.25 -2.41 -5.93
C PHE I 25 -53.36 -3.37 -5.52
N MET I 26 -54.62 -2.95 -5.67
CA MET I 26 -55.75 -3.82 -5.35
C MET I 26 -55.70 -5.10 -6.18
N VAL I 27 -55.47 -4.97 -7.49
CA VAL I 27 -55.44 -6.15 -8.36
C VAL I 27 -54.27 -7.05 -7.99
N SER I 28 -53.14 -6.46 -7.59
CA SER I 28 -51.98 -7.26 -7.17
C SER I 28 -52.33 -8.13 -5.98
N LEU I 29 -52.99 -7.56 -4.97
CA LEU I 29 -53.45 -8.36 -3.83
C LEU I 29 -54.43 -9.44 -4.28
N GLY I 30 -55.35 -9.11 -5.17
CA GLY I 30 -56.26 -10.11 -5.70
C GLY I 30 -55.53 -11.26 -6.38
N PHE I 31 -54.47 -10.95 -7.13
CA PHE I 31 -53.72 -12.01 -7.80
C PHE I 31 -52.92 -12.84 -6.81
N ALA I 32 -52.30 -12.19 -5.82
CA ALA I 32 -51.52 -12.91 -4.82
C ALA I 32 -52.38 -13.91 -4.07
N THR I 33 -53.58 -13.49 -3.67
CA THR I 33 -54.52 -14.43 -3.04
C THR I 33 -54.91 -15.54 -4.00
N PHE I 34 -55.23 -15.18 -5.24
CA PHE I 34 -55.58 -16.19 -6.24
C PHE I 34 -54.43 -17.16 -6.49
N TYR I 35 -53.21 -16.64 -6.61
CA TYR I 35 -52.07 -17.50 -6.92
C TYR I 35 -51.75 -18.42 -5.75
N LYS I 36 -51.84 -17.90 -4.51
CA LYS I 36 -51.60 -18.75 -3.35
C LYS I 36 -52.62 -19.87 -3.25
N PHE I 37 -53.86 -19.61 -3.69
CA PHE I 37 -54.92 -20.60 -3.60
C PHE I 37 -54.89 -21.58 -4.77
N ALA I 38 -54.62 -21.08 -5.99
CA ALA I 38 -54.71 -21.89 -7.18
C ALA I 38 -53.40 -22.57 -7.57
N VAL I 39 -52.28 -22.18 -6.96
CA VAL I 39 -50.98 -22.73 -7.35
C VAL I 39 -50.22 -23.21 -6.11
N ALA I 40 -49.95 -22.29 -5.18
CA ALA I 40 -49.07 -22.61 -4.06
C ALA I 40 -49.73 -23.60 -3.10
N GLU I 41 -50.95 -23.30 -2.64
CA GLU I 41 -51.64 -24.21 -1.74
C GLU I 41 -52.00 -25.51 -2.46
N LYS I 42 -52.40 -25.41 -3.72
CA LYS I 42 -52.69 -26.60 -4.52
C LYS I 42 -51.53 -27.57 -4.55
N ARG I 43 -50.31 -27.05 -4.73
CA ARG I 43 -49.12 -27.91 -4.71
C ARG I 43 -48.86 -28.46 -3.32
N LYS I 44 -49.13 -27.66 -2.29
CA LYS I 44 -48.95 -28.13 -0.91
C LYS I 44 -49.86 -29.30 -0.60
N LYS I 45 -51.14 -29.18 -0.95
CA LYS I 45 -52.12 -30.22 -0.63
C LYS I 45 -51.90 -31.46 -1.48
N ALA I 46 -51.54 -31.28 -2.75
CA ALA I 46 -51.30 -32.42 -3.63
C ALA I 46 -50.20 -33.32 -3.08
N TYR I 47 -49.09 -32.72 -2.63
CA TYR I 47 -48.01 -33.51 -2.07
C TYR I 47 -48.36 -34.05 -0.68
N ALA I 48 -49.11 -33.27 0.10
CA ALA I 48 -49.51 -33.73 1.42
C ALA I 48 -50.52 -34.87 1.32
N ASP I 49 -51.48 -34.76 0.39
CA ASP I 49 -52.46 -35.83 0.21
C ASP I 49 -51.80 -37.10 -0.33
N PHE I 50 -50.82 -36.94 -1.22
CA PHE I 50 -50.17 -38.10 -1.82
C PHE I 50 -49.44 -38.94 -0.77
N TYR I 51 -48.74 -38.29 0.15
CA TYR I 51 -47.87 -38.98 1.09
C TYR I 51 -48.54 -39.31 2.42
N ARG I 52 -49.73 -38.79 2.69
CA ARG I 52 -50.38 -39.04 3.98
C ARG I 52 -50.54 -40.53 4.25
N ASN I 53 -51.04 -41.27 3.26
CA ASN I 53 -51.22 -42.72 3.38
C ASN I 53 -50.40 -43.47 2.33
N TYR I 54 -49.33 -42.88 1.84
CA TYR I 54 -48.50 -43.52 0.82
C TYR I 54 -47.80 -44.75 1.37
N ASP I 55 -47.78 -45.82 0.58
CA ASP I 55 -47.14 -47.08 0.95
C ASP I 55 -46.05 -47.35 -0.09
N SER I 56 -44.79 -47.14 0.30
CA SER I 56 -43.69 -47.26 -0.64
C SER I 56 -43.46 -48.70 -1.06
N MET I 57 -43.61 -49.65 -0.13
CA MET I 57 -43.46 -51.06 -0.47
C MET I 57 -44.54 -51.51 -1.45
N LYS I 58 -45.79 -51.11 -1.18
CA LYS I 58 -46.87 -51.42 -2.11
C LYS I 58 -46.62 -50.80 -3.47
N ASP I 59 -46.16 -49.54 -3.49
CA ASP I 59 -45.78 -48.91 -4.76
C ASP I 59 -44.71 -49.71 -5.47
N PHE I 60 -43.69 -50.16 -4.74
CA PHE I 60 -42.62 -50.96 -5.35
C PHE I 60 -43.15 -52.27 -5.92
N GLU I 61 -44.02 -52.95 -5.17
CA GLU I 61 -44.54 -54.24 -5.62
C GLU I 61 -45.30 -54.09 -6.92
N GLU I 62 -46.12 -53.04 -7.03
CA GLU I 62 -46.81 -52.78 -8.29
C GLU I 62 -45.82 -52.55 -9.43
N MET I 63 -44.74 -51.80 -9.16
CA MET I 63 -43.73 -51.57 -10.18
C MET I 63 -42.99 -52.85 -10.53
N ARG I 64 -42.69 -53.68 -9.52
CA ARG I 64 -41.98 -54.93 -9.75
C ARG I 64 -42.82 -55.89 -10.59
N LYS I 65 -44.09 -56.04 -10.23
CA LYS I 65 -44.98 -56.92 -10.99
C LYS I 65 -45.16 -56.44 -12.43
N ALA I 66 -45.05 -55.12 -12.65
CA ALA I 66 -45.14 -54.59 -14.01
C ALA I 66 -43.88 -54.82 -14.83
N GLY I 67 -42.78 -55.20 -14.20
CA GLY I 67 -41.58 -55.58 -14.92
C GLY I 67 -40.62 -54.46 -15.27
N ILE I 68 -40.66 -53.35 -14.53
CA ILE I 68 -39.84 -52.20 -14.91
C ILE I 68 -38.41 -52.28 -14.39
N PHE I 69 -38.13 -53.10 -13.37
CA PHE I 69 -36.85 -53.06 -12.68
C PHE I 69 -35.84 -54.03 -13.28
N GLN I 70 -34.57 -53.62 -13.27
CA GLN I 70 -33.47 -54.50 -13.62
C GLN I 70 -33.10 -55.44 -12.48
N SER I 71 -33.26 -54.98 -11.24
CA SER I 71 -32.80 -55.69 -10.06
C SER I 71 -33.89 -56.44 -9.32
N ALA I 72 -35.16 -56.23 -9.69
CA ALA I 72 -36.29 -56.88 -9.04
C ALA I 72 -37.23 -57.43 -10.10
N LYS I 73 -37.31 -58.76 -10.18
CA LYS I 73 -38.14 -59.42 -11.18
C LYS I 73 -39.51 -59.75 -10.62
N PHE J 1 26.81 17.57 -28.77
CA PHE J 1 25.70 17.78 -29.68
C PHE J 1 25.15 19.20 -29.54
N GLU J 2 24.58 19.72 -30.61
CA GLU J 2 23.94 21.03 -30.61
C GLU J 2 22.44 20.88 -30.87
N ASN J 3 21.69 21.89 -30.44
CA ASN J 3 20.24 21.85 -30.50
C ASN J 3 19.80 22.17 -31.92
N ARG J 4 19.33 21.15 -32.65
CA ARG J 4 18.87 21.30 -34.02
C ARG J 4 17.36 21.22 -34.13
N VAL J 5 16.64 21.45 -33.02
CA VAL J 5 15.19 21.31 -33.04
C VAL J 5 14.56 22.35 -33.95
N ALA J 6 15.11 23.56 -33.97
CA ALA J 6 14.57 24.62 -34.80
C ALA J 6 14.56 24.25 -36.28
N GLU J 7 15.54 23.46 -36.73
CA GLU J 7 15.56 23.04 -38.13
C GLU J 7 14.45 22.03 -38.40
N LYS J 8 14.19 21.14 -37.45
CA LYS J 8 13.12 20.16 -37.63
C LYS J 8 11.75 20.82 -37.54
N GLN J 9 11.61 21.83 -36.66
CA GLN J 9 10.35 22.56 -36.58
C GLN J 9 10.04 23.27 -37.90
N LYS J 10 11.06 23.85 -38.54
CA LYS J 10 10.85 24.49 -39.83
C LYS J 10 10.49 23.48 -40.90
N LEU J 11 11.14 22.31 -40.90
CA LEU J 11 10.87 21.29 -41.91
C LEU J 11 9.45 20.77 -41.81
N PHE J 12 9.01 20.38 -40.61
CA PHE J 12 7.71 19.77 -40.44
C PHE J 12 6.57 20.78 -40.33
N GLN J 13 6.87 22.07 -40.33
CA GLN J 13 5.84 23.11 -40.46
C GLN J 13 5.82 23.70 -41.85
N GLU J 14 6.58 23.11 -42.79
CA GLU J 14 6.59 23.59 -44.17
C GLU J 14 5.22 23.41 -44.80
N ASP J 15 4.74 24.45 -45.47
CA ASP J 15 3.41 24.45 -46.06
C ASP J 15 3.44 23.75 -47.41
N ASN J 16 3.56 22.42 -47.36
CA ASN J 16 3.59 21.59 -48.56
C ASN J 16 2.45 20.60 -48.64
N GLY J 17 1.49 20.62 -47.71
CA GLY J 17 0.34 19.76 -47.76
C GLY J 17 0.59 18.29 -47.47
N LEU J 18 1.81 17.92 -47.11
CA LEU J 18 2.10 16.51 -46.87
C LEU J 18 1.62 16.10 -45.47
N PRO J 19 1.12 14.88 -45.32
CA PRO J 19 0.80 14.38 -43.98
C PRO J 19 2.07 14.14 -43.18
N VAL J 20 1.88 14.01 -41.86
CA VAL J 20 3.01 13.98 -40.94
C VAL J 20 3.87 12.74 -41.16
N HIS J 21 3.27 11.63 -41.61
CA HIS J 21 4.03 10.40 -41.81
C HIS J 21 4.85 10.41 -43.09
N LEU J 22 4.74 11.45 -43.91
CA LEU J 22 5.52 11.57 -45.14
C LEU J 22 6.30 12.87 -45.21
N LYS J 23 6.19 13.75 -44.22
CA LYS J 23 6.77 15.08 -44.29
C LYS J 23 8.29 15.09 -44.07
N GLY J 24 8.87 13.98 -43.62
CA GLY J 24 10.31 13.92 -43.44
C GLY J 24 11.10 13.91 -44.73
N GLY J 25 10.49 13.45 -45.83
CA GLY J 25 11.13 13.41 -47.13
C GLY J 25 10.95 12.06 -47.78
N ALA J 26 11.83 11.78 -48.75
CA ALA J 26 11.71 10.56 -49.54
C ALA J 26 11.87 9.31 -48.69
N THR J 27 12.66 9.37 -47.62
CA THR J 27 12.87 8.19 -46.79
C THR J 27 11.57 7.73 -46.14
N ASP J 28 10.68 8.66 -45.80
CA ASP J 28 9.38 8.28 -45.27
C ASP J 28 8.59 7.46 -46.27
N ASN J 29 8.65 7.84 -47.55
CA ASN J 29 7.90 7.12 -48.58
C ASN J 29 8.43 5.69 -48.72
N ILE J 30 9.76 5.51 -48.66
CA ILE J 30 10.34 4.19 -48.78
C ILE J 30 9.95 3.32 -47.59
N LEU J 31 10.09 3.86 -46.38
CA LEU J 31 9.76 3.09 -45.18
C LEU J 31 8.27 2.75 -45.14
N TYR J 32 7.42 3.67 -45.59
CA TYR J 32 5.99 3.38 -45.64
C TYR J 32 5.70 2.23 -46.60
N ARG J 33 6.28 2.27 -47.79
CA ARG J 33 5.99 1.24 -48.78
C ARG J 33 6.56 -0.11 -48.37
N VAL J 34 7.69 -0.13 -47.67
CA VAL J 34 8.21 -1.37 -47.11
C VAL J 34 7.23 -1.94 -46.09
N THR J 35 6.75 -1.08 -45.18
CA THR J 35 5.80 -1.53 -44.17
C THR J 35 4.51 -2.06 -44.80
N MET J 36 3.92 -1.28 -45.71
CA MET J 36 2.64 -1.68 -46.29
C MET J 36 2.77 -2.93 -47.15
N THR J 37 3.87 -3.05 -47.90
CA THR J 37 4.08 -4.23 -48.73
C THR J 37 4.16 -5.49 -47.87
N LEU J 38 4.93 -5.45 -46.79
CA LEU J 38 5.03 -6.59 -45.89
C LEU J 38 3.68 -6.92 -45.25
N CYS J 39 2.94 -5.89 -44.82
CA CYS J 39 1.63 -6.12 -44.21
C CYS J 39 0.66 -6.74 -45.21
N LEU J 40 0.54 -6.13 -46.40
CA LEU J 40 -0.41 -6.65 -47.39
C LEU J 40 0.06 -7.99 -47.95
N GLY J 41 1.35 -8.13 -48.26
CA GLY J 41 1.87 -9.40 -48.71
C GLY J 41 1.76 -10.49 -47.66
N GLY J 42 2.09 -10.16 -46.42
CA GLY J 42 1.93 -11.13 -45.33
C GLY J 42 0.49 -11.52 -45.11
N THR J 43 -0.43 -10.57 -45.28
CA THR J 43 -1.85 -10.88 -45.10
C THR J 43 -2.33 -11.83 -46.19
N LEU J 44 -1.92 -11.60 -47.44
CA LEU J 44 -2.25 -12.53 -48.50
C LEU J 44 -1.65 -13.90 -48.25
N TYR J 45 -0.42 -13.94 -47.74
CA TYR J 45 0.20 -15.23 -47.42
C TYR J 45 -0.54 -15.95 -46.30
N SER J 46 -1.02 -15.19 -45.31
CA SER J 46 -1.80 -15.80 -44.23
C SER J 46 -3.11 -16.40 -44.76
N LEU J 47 -3.71 -15.74 -45.75
CA LEU J 47 -4.93 -16.29 -46.36
C LEU J 47 -4.63 -17.58 -47.10
N TYR J 48 -3.49 -17.64 -47.80
CA TYR J 48 -3.07 -18.89 -48.42
C TYR J 48 -2.85 -19.97 -47.38
N CYS J 49 -2.20 -19.62 -46.26
CA CYS J 49 -1.95 -20.60 -45.20
C CYS J 49 -3.25 -21.10 -44.58
N LEU J 50 -4.26 -20.25 -44.50
CA LEU J 50 -5.58 -20.70 -44.05
C LEU J 50 -6.17 -21.72 -45.01
N GLY J 51 -6.13 -21.40 -46.31
CA GLY J 51 -6.63 -22.35 -47.30
C GLY J 51 -5.95 -23.70 -47.22
N TRP J 52 -4.63 -23.69 -47.02
CA TRP J 52 -3.90 -24.95 -46.87
C TRP J 52 -4.31 -25.68 -45.59
N ALA J 53 -4.43 -24.94 -44.49
CA ALA J 53 -4.75 -25.54 -43.20
C ALA J 53 -6.21 -25.97 -43.09
N SER J 54 -7.07 -25.55 -44.01
CA SER J 54 -8.48 -25.88 -43.95
C SER J 54 -8.80 -27.28 -44.45
N PHE J 55 -7.85 -27.93 -45.13
CA PHE J 55 -8.06 -29.26 -45.67
C PHE J 55 -7.02 -30.24 -45.12
N PRO J 56 -7.37 -31.51 -44.97
CA PRO J 56 -6.40 -32.48 -44.45
C PRO J 56 -5.29 -32.77 -45.45
N HIS J 57 -4.15 -33.19 -44.91
CA HIS J 57 -3.00 -33.55 -45.74
C HIS J 57 -2.28 -34.77 -45.17
N ALA K 6 -56.16 14.76 -48.67
CA ALA K 6 -56.15 13.73 -49.70
C ALA K 6 -55.88 12.36 -49.09
N PRO K 7 -56.56 11.34 -49.60
CA PRO K 7 -56.39 9.98 -49.05
C PRO K 7 -54.98 9.46 -49.33
N ASP K 8 -54.36 8.91 -48.29
CA ASP K 8 -53.02 8.37 -48.42
C ASP K 8 -53.07 6.88 -48.73
N PHE K 9 -51.91 6.21 -48.67
CA PHE K 9 -51.85 4.78 -48.95
C PHE K 9 -52.71 3.99 -47.98
N HIS K 10 -52.76 4.39 -46.71
CA HIS K 10 -53.47 3.62 -45.71
C HIS K 10 -54.98 3.75 -45.88
N ASP K 11 -55.47 4.94 -46.23
CA ASP K 11 -56.88 5.11 -46.52
C ASP K 11 -57.30 4.27 -47.72
N LYS K 12 -56.44 4.19 -48.74
CA LYS K 12 -56.80 3.47 -49.96
C LYS K 12 -56.66 1.95 -49.79
N TYR K 13 -55.64 1.48 -49.08
CA TYR K 13 -55.30 0.07 -49.07
C TYR K 13 -55.26 -0.56 -47.69
N GLY K 14 -55.45 0.21 -46.61
CA GLY K 14 -55.41 -0.35 -45.28
C GLY K 14 -56.32 -1.55 -45.08
N ASN K 15 -57.58 -1.41 -45.47
CA ASN K 15 -58.55 -2.49 -45.26
C ASN K 15 -58.15 -3.76 -46.01
N ALA K 16 -57.66 -3.61 -47.24
CA ALA K 16 -57.29 -4.78 -48.04
C ALA K 16 -56.03 -5.45 -47.48
N VAL K 17 -55.03 -4.65 -47.09
CA VAL K 17 -53.80 -5.22 -46.54
C VAL K 17 -54.10 -5.98 -45.26
N LEU K 18 -54.94 -5.43 -44.39
CA LEU K 18 -55.29 -6.10 -43.14
C LEU K 18 -56.03 -7.40 -43.40
N ALA K 19 -57.03 -7.37 -44.28
CA ALA K 19 -57.86 -8.55 -44.51
C ALA K 19 -57.06 -9.64 -45.23
N SER K 20 -56.34 -9.28 -46.30
CA SER K 20 -55.57 -10.26 -47.04
C SER K 20 -54.43 -10.82 -46.19
N GLY K 21 -53.76 -9.95 -45.43
CA GLY K 21 -52.67 -10.43 -44.58
C GLY K 21 -53.13 -11.41 -43.53
N ALA K 22 -54.25 -11.10 -42.86
CA ALA K 22 -54.80 -12.00 -41.85
C ALA K 22 -55.24 -13.32 -42.48
N THR K 23 -55.93 -13.25 -43.62
CA THR K 23 -56.40 -14.46 -44.28
C THR K 23 -55.24 -15.33 -44.75
N PHE K 24 -54.24 -14.71 -45.37
CA PHE K 24 -53.07 -15.46 -45.83
C PHE K 24 -52.31 -16.07 -44.67
N CYS K 25 -52.14 -15.33 -43.58
CA CYS K 25 -51.33 -15.82 -42.46
C CYS K 25 -51.97 -17.01 -41.78
N VAL K 26 -53.27 -16.92 -41.51
CA VAL K 26 -53.98 -18.02 -40.86
C VAL K 26 -53.97 -19.26 -41.74
N ALA K 27 -54.18 -19.08 -43.04
CA ALA K 27 -54.31 -20.23 -43.93
C ALA K 27 -53.01 -21.01 -44.07
N VAL K 28 -51.89 -20.30 -44.24
CA VAL K 28 -50.62 -20.99 -44.46
C VAL K 28 -50.09 -21.62 -43.17
N TRP K 29 -50.36 -21.02 -42.01
CA TRP K 29 -49.91 -21.60 -40.76
C TRP K 29 -50.77 -22.79 -40.35
N VAL K 30 -52.07 -22.74 -40.65
CA VAL K 30 -52.93 -23.90 -40.42
C VAL K 30 -52.50 -25.06 -41.32
N TYR K 31 -52.24 -24.77 -42.59
CA TYR K 31 -51.73 -25.78 -43.51
C TYR K 31 -50.43 -26.38 -42.99
N MET K 32 -49.46 -25.52 -42.66
CA MET K 32 -48.17 -26.00 -42.17
C MET K 32 -48.32 -26.86 -40.91
N ALA K 33 -49.23 -26.46 -40.01
CA ALA K 33 -49.35 -27.15 -38.73
C ALA K 33 -50.03 -28.52 -38.85
N THR K 34 -50.83 -28.75 -39.89
CA THR K 34 -51.70 -29.92 -39.94
C THR K 34 -51.54 -30.80 -41.18
N GLN K 35 -50.88 -30.34 -42.23
CA GLN K 35 -50.94 -31.01 -43.52
C GLN K 35 -49.62 -31.53 -44.06
N ILE K 36 -48.50 -31.33 -43.36
CA ILE K 36 -47.20 -31.71 -43.89
C ILE K 36 -46.48 -32.71 -43.00
N GLY K 37 -47.15 -33.25 -41.99
CA GLY K 37 -46.56 -34.30 -41.18
C GLY K 37 -45.67 -33.83 -40.06
N ILE K 38 -45.76 -32.56 -39.65
CA ILE K 38 -44.98 -32.09 -38.52
C ILE K 38 -45.38 -32.83 -37.26
N GLU K 39 -44.39 -33.26 -36.48
CA GLU K 39 -44.63 -33.95 -35.22
C GLU K 39 -44.67 -32.92 -34.10
N TRP K 40 -45.84 -32.73 -33.51
CA TRP K 40 -45.98 -31.85 -32.37
C TRP K 40 -45.78 -32.56 -31.05
N ASN K 41 -45.98 -33.88 -31.03
CA ASN K 41 -45.84 -34.69 -29.83
C ASN K 41 -46.70 -34.16 -28.69
N PRO K 42 -48.01 -34.10 -28.84
CA PRO K 42 -48.87 -33.60 -27.76
C PRO K 42 -48.90 -34.57 -26.60
N SER K 43 -49.43 -34.08 -25.48
CA SER K 43 -49.55 -34.91 -24.30
C SER K 43 -50.41 -36.14 -24.59
N PRO K 44 -50.01 -37.32 -24.14
CA PRO K 44 -50.88 -38.50 -24.28
C PRO K 44 -52.05 -38.50 -23.30
N VAL K 45 -52.07 -37.57 -22.34
CA VAL K 45 -53.14 -37.52 -21.35
C VAL K 45 -54.47 -37.28 -22.06
N GLY K 46 -55.42 -38.19 -21.86
CA GLY K 46 -56.74 -38.04 -22.43
C GLY K 46 -56.84 -38.31 -23.91
N ARG K 47 -55.78 -38.83 -24.55
CA ARG K 47 -55.78 -39.07 -25.99
C ARG K 47 -55.18 -40.41 -26.40
N VAL K 48 -54.23 -40.97 -25.65
CA VAL K 48 -53.56 -42.21 -26.02
C VAL K 48 -54.07 -43.32 -25.12
N THR K 49 -54.42 -44.46 -25.73
CA THR K 49 -54.76 -45.66 -24.96
C THR K 49 -53.48 -46.42 -24.64
N PRO K 50 -53.14 -46.62 -23.38
CA PRO K 50 -51.92 -47.36 -23.05
C PRO K 50 -51.98 -48.79 -23.55
N LYS K 51 -50.86 -49.27 -24.08
CA LYS K 51 -50.74 -50.61 -24.64
C LYS K 51 -49.66 -51.39 -23.91
N GLU K 52 -49.86 -52.70 -23.80
CA GLU K 52 -48.89 -53.56 -23.14
C GLU K 52 -47.55 -53.47 -23.85
N TRP K 53 -46.48 -53.36 -23.07
CA TRP K 53 -45.14 -53.18 -23.61
C TRP K 53 -44.15 -54.27 -23.26
N ARG K 54 -44.37 -54.92 -22.12
CA ARG K 54 -43.39 -55.92 -21.63
C ARG K 54 -43.50 -57.23 -22.40
N GLU K 55 -42.36 -57.80 -22.73
CA GLU K 55 -42.34 -59.09 -23.45
C GLU K 55 -41.57 -60.14 -22.64
N GLN K 56 -41.72 -61.42 -22.98
CA GLN K 56 -40.92 -62.52 -22.36
C GLN K 56 -39.45 -62.11 -22.28
N HIS L 2 -10.26 18.43 -49.83
CA HIS L 2 -11.13 17.94 -48.76
C HIS L 2 -12.05 16.83 -49.26
N TYR L 3 -12.86 16.29 -48.36
CA TYR L 3 -13.76 15.19 -48.68
C TYR L 3 -15.14 15.72 -49.05
N GLU L 4 -15.90 14.89 -49.75
CA GLU L 4 -17.29 15.22 -50.05
C GLU L 4 -18.12 15.16 -48.78
N GLU L 5 -19.13 16.04 -48.71
CA GLU L 5 -19.98 16.16 -47.55
C GLU L 5 -21.44 16.08 -47.98
N GLY L 6 -22.30 15.72 -47.03
CA GLY L 6 -23.72 15.69 -47.28
C GLY L 6 -24.27 14.29 -47.39
N PRO L 7 -25.59 14.19 -47.58
CA PRO L 7 -26.22 12.87 -47.71
C PRO L 7 -25.67 12.08 -48.88
N GLY L 8 -25.41 10.80 -48.64
CA GLY L 8 -24.86 9.93 -49.65
C GLY L 8 -23.38 10.12 -49.94
N LYS L 9 -22.71 11.02 -49.22
CA LYS L 9 -21.29 11.28 -49.44
C LYS L 9 -20.41 10.97 -48.24
N ASN L 10 -21.01 10.67 -47.08
CA ASN L 10 -20.26 10.34 -45.87
C ASN L 10 -20.21 8.83 -45.63
N ILE L 11 -20.20 8.05 -46.70
CA ILE L 11 -20.23 6.59 -46.60
C ILE L 11 -19.26 5.99 -47.59
N PRO L 12 -18.67 4.84 -47.25
CA PRO L 12 -17.70 4.21 -48.13
C PRO L 12 -18.30 3.47 -49.32
N PHE L 13 -19.63 3.52 -49.48
CA PHE L 13 -20.29 2.90 -50.61
C PHE L 13 -21.14 3.94 -51.34
N SER L 14 -21.37 3.71 -52.63
CA SER L 14 -22.12 4.65 -53.45
C SER L 14 -23.62 4.36 -53.38
N VAL L 15 -24.41 5.43 -53.33
CA VAL L 15 -25.85 5.36 -53.44
C VAL L 15 -26.35 6.14 -54.66
N GLU L 16 -25.47 6.36 -55.64
CA GLU L 16 -25.84 7.11 -56.83
C GLU L 16 -26.91 6.38 -57.62
N ASN L 17 -26.80 5.06 -57.73
CA ASN L 17 -27.78 4.25 -58.46
C ASN L 17 -28.35 3.22 -57.49
N LYS L 18 -29.67 3.28 -57.28
CA LYS L 18 -30.31 2.42 -56.29
C LYS L 18 -30.23 0.94 -56.66
N TRP L 19 -30.07 0.62 -57.93
CA TRP L 19 -29.99 -0.79 -58.34
C TRP L 19 -28.58 -1.34 -58.23
N ARG L 20 -27.57 -0.53 -58.55
CA ARG L 20 -26.20 -0.94 -58.24
C ARG L 20 -25.99 -1.06 -56.74
N LEU L 21 -26.61 -0.16 -55.97
CA LEU L 21 -26.56 -0.27 -54.51
C LEU L 21 -27.26 -1.54 -54.03
N LEU L 22 -28.37 -1.90 -54.66
CA LEU L 22 -29.07 -3.12 -54.27
C LEU L 22 -28.20 -4.35 -54.47
N ALA L 23 -27.46 -4.40 -55.57
CA ALA L 23 -26.54 -5.51 -55.80
C ALA L 23 -25.43 -5.52 -54.75
N MET L 24 -24.94 -4.34 -54.35
CA MET L 24 -23.85 -4.29 -53.38
C MET L 24 -24.34 -4.68 -51.99
N MET L 25 -25.50 -4.19 -51.59
CA MET L 25 -26.07 -4.59 -50.30
C MET L 25 -26.41 -6.08 -50.30
N THR L 26 -26.86 -6.59 -51.43
CA THR L 26 -27.14 -8.02 -51.56
C THR L 26 -25.87 -8.84 -51.38
N LEU L 27 -24.78 -8.44 -52.05
CA LEU L 27 -23.52 -9.13 -51.89
C LEU L 27 -22.97 -8.98 -50.47
N PHE L 28 -23.11 -7.78 -49.90
CA PHE L 28 -22.54 -7.52 -48.57
C PHE L 28 -23.25 -8.32 -47.49
N PHE L 29 -24.57 -8.13 -47.36
CA PHE L 29 -25.32 -8.85 -46.34
C PHE L 29 -25.47 -10.33 -46.69
N GLY L 30 -25.59 -10.64 -47.98
CA GLY L 30 -25.77 -12.04 -48.38
C GLY L 30 -24.56 -12.89 -48.07
N SER L 31 -23.36 -12.36 -48.29
CA SER L 31 -22.14 -13.13 -48.03
C SER L 31 -21.99 -13.43 -46.55
N GLY L 32 -22.38 -12.49 -45.68
CA GLY L 32 -22.33 -12.75 -44.25
C GLY L 32 -23.29 -13.85 -43.83
N PHE L 33 -24.52 -13.80 -44.33
CA PHE L 33 -25.50 -14.83 -44.01
C PHE L 33 -25.12 -16.17 -44.61
N ALA L 34 -24.55 -16.17 -45.82
CA ALA L 34 -24.22 -17.43 -46.48
C ALA L 34 -23.01 -18.12 -45.87
N ALA L 35 -22.08 -17.35 -45.29
CA ALA L 35 -20.81 -17.90 -44.81
C ALA L 35 -20.96 -19.08 -43.85
N PRO L 36 -21.79 -19.03 -42.80
CA PRO L 36 -21.88 -20.19 -41.90
C PRO L 36 -22.39 -21.45 -42.58
N PHE L 37 -23.34 -21.32 -43.51
CA PHE L 37 -23.87 -22.50 -44.19
C PHE L 37 -22.78 -23.20 -45.01
N PHE L 38 -21.95 -22.43 -45.70
CA PHE L 38 -20.87 -23.01 -46.49
C PHE L 38 -19.71 -23.50 -45.63
N ILE L 39 -19.54 -22.94 -44.44
CA ILE L 39 -18.56 -23.49 -43.50
C ILE L 39 -19.04 -24.83 -42.97
N VAL L 40 -20.33 -24.94 -42.66
CA VAL L 40 -20.91 -26.21 -42.26
C VAL L 40 -20.74 -27.24 -43.38
N ARG L 41 -21.04 -26.83 -44.61
CA ARG L 41 -20.81 -27.70 -45.76
C ARG L 41 -19.35 -28.12 -45.86
N HIS L 42 -18.43 -27.17 -45.63
CA HIS L 42 -17.01 -27.49 -45.68
C HIS L 42 -16.63 -28.54 -44.65
N GLN L 43 -17.15 -28.43 -43.43
CA GLN L 43 -16.82 -29.38 -42.38
C GLN L 43 -17.45 -30.74 -42.65
N LEU L 44 -18.67 -30.76 -43.18
CA LEU L 44 -19.33 -32.02 -43.48
C LEU L 44 -18.63 -32.76 -44.61
N LEU L 45 -18.02 -32.03 -45.55
CA LEU L 45 -17.32 -32.61 -46.69
C LEU L 45 -15.93 -33.11 -46.33
N LYS L 46 -15.47 -32.90 -45.10
CA LYS L 46 -14.19 -33.44 -44.66
C LYS L 46 -14.36 -34.73 -43.88
N LYS L 47 -15.31 -34.78 -42.96
CA LYS L 47 -15.79 -36.04 -42.38
C LYS L 47 -17.03 -35.79 -41.52
N ILE M 1 -40.04 14.50 -36.90
CA ILE M 1 -39.07 14.90 -37.91
C ILE M 1 -39.78 15.21 -39.23
N THR M 2 -39.32 16.25 -39.92
CA THR M 2 -39.80 16.60 -41.26
C THR M 2 -38.70 16.35 -42.27
N ALA M 3 -39.10 16.02 -43.50
CA ALA M 3 -38.13 15.68 -44.53
C ALA M 3 -38.66 16.10 -45.89
N LYS M 4 -37.74 16.22 -46.85
CA LYS M 4 -38.10 16.50 -48.22
C LYS M 4 -38.77 15.28 -48.85
N PRO M 5 -39.53 15.49 -49.92
CA PRO M 5 -39.97 14.35 -50.73
C PRO M 5 -38.76 13.64 -51.34
N ALA M 6 -38.94 12.35 -51.63
CA ALA M 6 -37.85 11.53 -52.14
C ALA M 6 -37.30 12.10 -53.44
N LYS M 7 -35.97 12.30 -53.47
CA LYS M 7 -35.33 12.78 -54.69
C LYS M 7 -35.40 11.74 -55.80
N THR M 8 -35.43 10.45 -55.45
CA THR M 8 -35.54 9.36 -56.41
C THR M 8 -36.59 8.39 -55.86
N PRO M 9 -37.87 8.71 -56.04
CA PRO M 9 -38.92 7.91 -55.43
C PRO M 9 -38.85 6.44 -55.84
N THR M 10 -39.16 5.57 -54.90
CA THR M 10 -39.14 4.12 -55.09
C THR M 10 -40.60 3.65 -55.15
N SER M 11 -41.07 3.35 -56.36
CA SER M 11 -42.45 2.94 -56.57
C SER M 11 -42.72 1.60 -55.89
N PRO M 12 -44.01 1.28 -55.66
CA PRO M 12 -44.34 -0.06 -55.13
C PRO M 12 -43.74 -1.20 -55.93
N LYS M 13 -43.68 -1.08 -57.26
CA LYS M 13 -43.05 -2.12 -58.06
C LYS M 13 -41.55 -2.18 -57.82
N GLU M 14 -40.90 -1.03 -57.72
CA GLU M 14 -39.47 -1.00 -57.41
C GLU M 14 -39.20 -1.59 -56.03
N GLN M 15 -40.09 -1.33 -55.06
CA GLN M 15 -39.92 -1.91 -53.73
C GLN M 15 -40.14 -3.42 -53.77
N ALA M 16 -41.06 -3.88 -54.62
CA ALA M 16 -41.26 -5.31 -54.78
C ALA M 16 -40.01 -5.99 -55.32
N ILE M 17 -39.29 -5.32 -56.23
CA ILE M 17 -38.06 -5.87 -56.77
C ILE M 17 -36.98 -5.94 -55.68
N GLY M 18 -36.76 -4.82 -54.99
CA GLY M 18 -35.75 -4.79 -53.94
C GLY M 18 -36.05 -5.77 -52.82
N LEU M 19 -37.32 -5.88 -52.43
CA LEU M 19 -37.71 -6.84 -51.40
C LEU M 19 -37.44 -8.26 -51.85
N SER M 20 -37.85 -8.60 -53.08
CA SER M 20 -37.65 -9.95 -53.59
C SER M 20 -36.16 -10.28 -53.72
N VAL M 21 -35.36 -9.34 -54.24
CA VAL M 21 -33.94 -9.58 -54.41
C VAL M 21 -33.26 -9.74 -53.05
N THR M 22 -33.67 -8.94 -52.06
CA THR M 22 -33.08 -9.05 -50.74
C THR M 22 -33.37 -10.40 -50.11
N PHE M 23 -34.64 -10.83 -50.14
CA PHE M 23 -34.99 -12.13 -49.55
C PHE M 23 -34.29 -13.28 -50.27
N LEU M 24 -34.22 -13.22 -51.60
CA LEU M 24 -33.59 -14.30 -52.36
C LEU M 24 -32.09 -14.39 -52.07
N SER M 25 -31.45 -13.25 -51.79
CA SER M 25 -30.02 -13.28 -51.46
C SER M 25 -29.77 -13.99 -50.13
N PHE M 26 -30.76 -13.99 -49.23
CA PHE M 26 -30.65 -14.74 -47.99
C PHE M 26 -31.01 -16.20 -48.17
N LEU M 27 -32.08 -16.48 -48.92
CA LEU M 27 -32.69 -17.80 -48.93
C LEU M 27 -32.04 -18.76 -49.93
N LEU M 28 -31.61 -18.26 -51.09
CA LEU M 28 -31.10 -19.17 -52.12
C LEU M 28 -29.81 -19.85 -51.72
N PRO M 29 -28.76 -19.14 -51.27
CA PRO M 29 -27.53 -19.86 -50.88
C PRO M 29 -27.73 -20.83 -49.73
N ALA M 30 -28.43 -20.41 -48.68
CA ALA M 30 -28.70 -21.30 -47.56
C ALA M 30 -29.59 -22.46 -47.98
N GLY M 31 -30.62 -22.19 -48.79
CA GLY M 31 -31.45 -23.27 -49.30
C GLY M 31 -30.67 -24.30 -50.08
N TRP M 32 -29.73 -23.85 -50.91
CA TRP M 32 -28.90 -24.77 -51.68
C TRP M 32 -28.09 -25.70 -50.77
N VAL M 33 -27.48 -25.13 -49.73
CA VAL M 33 -26.69 -25.94 -48.81
C VAL M 33 -27.57 -26.93 -48.07
N LEU M 34 -28.71 -26.47 -47.55
CA LEU M 34 -29.59 -27.35 -46.78
C LEU M 34 -30.25 -28.39 -47.66
N TYR M 35 -30.51 -28.06 -48.93
CA TYR M 35 -31.09 -29.04 -49.85
C TYR M 35 -30.12 -30.19 -50.10
N HIS M 36 -28.82 -29.90 -50.20
CA HIS M 36 -27.81 -30.89 -50.49
C HIS M 36 -27.13 -31.42 -49.23
N LEU M 37 -27.80 -31.32 -48.08
CA LEU M 37 -27.22 -31.78 -46.83
C LEU M 37 -26.89 -33.27 -46.88
N ASP M 38 -27.84 -34.08 -47.35
CA ASP M 38 -27.63 -35.53 -47.38
C ASP M 38 -26.47 -35.91 -48.27
N ASN M 39 -26.24 -35.15 -49.35
CA ASN M 39 -25.08 -35.40 -50.20
C ASN M 39 -23.79 -35.15 -49.44
N TYR M 40 -23.77 -34.11 -48.60
CA TYR M 40 -22.58 -33.79 -47.84
C TYR M 40 -22.33 -34.80 -46.72
N LYS M 41 -23.39 -35.26 -46.07
CA LYS M 41 -23.22 -36.14 -44.92
C LYS M 41 -22.69 -37.51 -45.31
N LYS M 42 -23.14 -38.06 -46.43
CA LYS M 42 -22.72 -39.40 -46.85
C LYS M 42 -22.01 -39.27 -48.19
N SER M 43 -20.76 -38.82 -48.15
CA SER M 43 -19.88 -38.78 -49.31
C SER M 43 -18.44 -38.53 -48.87
N PHE N 2 10.05 35.66 38.18
CA PHE N 2 10.91 34.48 38.27
C PHE N 2 10.13 33.22 37.88
N ILE N 3 8.89 33.12 38.35
CA ILE N 3 8.07 31.96 38.02
C ILE N 3 7.66 31.99 36.56
N ASN N 4 7.34 33.17 36.03
CA ASN N 4 6.99 33.28 34.62
C ASN N 4 8.16 32.89 33.72
N ARG N 5 9.38 33.25 34.12
CA ARG N 5 10.53 33.01 33.25
C ARG N 5 11.00 31.56 33.31
N TRP N 6 11.05 30.97 34.49
CA TRP N 6 11.70 29.67 34.65
C TRP N 6 10.74 28.50 34.85
N LEU N 7 9.49 28.76 35.20
CA LEU N 7 8.47 27.72 35.25
C LEU N 7 7.51 27.77 34.07
N PHE N 8 7.29 28.95 33.49
CA PHE N 8 6.38 29.13 32.36
C PHE N 8 7.14 29.46 31.07
N SER N 9 8.40 29.03 30.97
CA SER N 9 9.26 29.47 29.87
C SER N 9 8.71 29.07 28.51
N THR N 10 8.89 29.96 27.53
CA THR N 10 8.71 29.66 26.12
C THR N 10 9.93 30.11 25.32
N ASN N 11 11.10 30.11 25.96
CA ASN N 11 12.34 30.62 25.38
C ASN N 11 13.34 29.47 25.25
N HIS N 12 13.91 29.31 24.07
CA HIS N 12 14.78 28.17 23.81
C HIS N 12 16.06 28.24 24.62
N LYS N 13 16.57 29.44 24.91
CA LYS N 13 17.80 29.56 25.69
C LYS N 13 17.56 29.19 27.15
N ASP N 14 16.52 29.75 27.77
CA ASP N 14 16.21 29.42 29.15
C ASP N 14 15.90 27.95 29.32
N ILE N 15 15.11 27.38 28.41
CA ILE N 15 14.79 25.95 28.47
C ILE N 15 16.05 25.12 28.32
N GLY N 16 16.94 25.53 27.41
CA GLY N 16 18.22 24.85 27.29
C GLY N 16 19.05 24.94 28.56
N THR N 17 19.01 26.10 29.23
CA THR N 17 19.69 26.23 30.51
C THR N 17 19.10 25.30 31.56
N LEU N 18 17.77 25.17 31.58
CA LEU N 18 17.12 24.24 32.50
C LEU N 18 17.58 22.81 32.25
N TYR N 19 17.64 22.40 30.98
CA TYR N 19 18.14 21.08 30.64
C TYR N 19 19.57 20.87 31.14
N LEU N 20 20.42 21.87 30.97
CA LEU N 20 21.82 21.75 31.40
C LEU N 20 21.93 21.60 32.91
N LEU N 21 21.17 22.39 33.66
CA LEU N 21 21.15 22.25 35.11
C LEU N 21 20.63 20.88 35.52
N PHE N 22 19.54 20.42 34.88
CA PHE N 22 18.99 19.10 35.18
C PHE N 22 20.02 18.00 34.88
N GLY N 23 20.65 18.07 33.72
CA GLY N 23 21.63 17.04 33.36
C GLY N 23 22.85 17.05 34.26
N ALA N 24 23.27 18.24 34.71
CA ALA N 24 24.39 18.32 35.63
C ALA N 24 24.05 17.66 36.97
N TRP N 25 22.86 17.94 37.48
CA TRP N 25 22.43 17.32 38.74
C TRP N 25 22.34 15.81 38.60
N ALA N 26 21.71 15.34 37.51
CA ALA N 26 21.63 13.90 37.26
C ALA N 26 23.02 13.28 37.15
N GLY N 27 23.96 14.00 36.52
CA GLY N 27 25.32 13.50 36.43
C GLY N 27 25.96 13.24 37.77
N MET N 28 25.59 14.04 38.78
CA MET N 28 26.05 13.76 40.14
C MET N 28 25.47 12.45 40.65
N VAL N 29 24.17 12.22 40.41
CA VAL N 29 23.54 10.98 40.86
C VAL N 29 24.18 9.78 40.17
N GLY N 30 24.40 9.88 38.85
CA GLY N 30 25.01 8.77 38.14
C GLY N 30 26.43 8.49 38.58
N THR N 31 27.19 9.55 38.91
CA THR N 31 28.55 9.38 39.39
C THR N 31 28.57 8.65 40.73
N ALA N 32 27.71 9.08 41.66
CA ALA N 32 27.62 8.40 42.95
C ALA N 32 27.23 6.93 42.79
N LEU N 33 26.27 6.65 41.90
CA LEU N 33 25.89 5.25 41.66
C LEU N 33 27.06 4.46 41.08
N SER N 34 27.84 5.07 40.19
CA SER N 34 28.98 4.38 39.60
C SER N 34 30.05 4.08 40.65
N LEU N 35 30.23 4.97 41.62
CA LEU N 35 31.20 4.71 42.69
C LEU N 35 30.73 3.62 43.62
N LEU N 36 29.42 3.58 43.92
CA LEU N 36 28.88 2.49 44.72
C LEU N 36 29.12 1.14 44.04
N ILE N 37 29.01 1.10 42.71
CA ILE N 37 29.30 -0.13 41.98
C ILE N 37 30.76 -0.55 42.20
N ARG N 38 31.70 0.36 41.92
CA ARG N 38 33.11 0.00 42.02
C ARG N 38 33.59 -0.11 43.45
N ALA N 39 32.86 0.46 44.41
CA ALA N 39 33.17 0.21 45.82
C ALA N 39 32.82 -1.23 46.19
N GLU N 40 31.71 -1.75 45.67
CA GLU N 40 31.35 -3.14 45.88
C GLU N 40 32.39 -4.08 45.26
N LEU N 41 32.94 -3.69 44.11
CA LEU N 41 33.90 -4.49 43.39
C LEU N 41 35.35 -4.15 43.71
N GLY N 42 35.58 -3.17 44.59
CA GLY N 42 36.94 -2.72 44.83
C GLY N 42 37.82 -3.75 45.51
N GLN N 43 37.22 -4.64 46.29
CA GLN N 43 37.93 -5.75 46.89
C GLN N 43 37.02 -6.97 46.92
N PRO N 44 37.59 -8.18 46.87
CA PRO N 44 36.75 -9.38 46.87
C PRO N 44 35.93 -9.49 48.14
N GLY N 45 34.74 -10.07 47.99
CA GLY N 45 33.80 -10.19 49.09
C GLY N 45 32.54 -9.37 48.84
N THR N 46 31.77 -9.21 49.91
CA THR N 46 30.51 -8.47 49.85
C THR N 46 30.62 -7.21 50.71
N LEU N 47 30.28 -6.06 50.13
CA LEU N 47 30.31 -4.78 50.82
C LEU N 47 28.93 -4.27 51.20
N LEU N 48 28.01 -4.15 50.22
CA LEU N 48 26.66 -3.67 50.46
C LEU N 48 25.70 -4.80 50.82
N GLY N 49 25.69 -5.86 50.02
CA GLY N 49 24.72 -6.93 50.21
C GLY N 49 24.76 -7.90 49.04
N ASP N 50 23.67 -8.61 48.84
CA ASP N 50 23.60 -9.58 47.76
C ASP N 50 23.35 -8.84 46.44
N ASP N 51 23.04 -9.60 45.39
CA ASP N 51 22.95 -9.03 44.05
C ASP N 51 21.75 -8.12 43.86
N GLN N 52 20.75 -8.17 44.74
CA GLN N 52 19.56 -7.35 44.56
C GLN N 52 19.89 -5.87 44.74
N ILE N 53 20.43 -5.50 45.90
CA ILE N 53 20.77 -4.10 46.16
C ILE N 53 21.84 -3.63 45.19
N TYR N 54 22.79 -4.52 44.85
CA TYR N 54 23.84 -4.16 43.91
C TYR N 54 23.27 -3.80 42.55
N ASN N 55 22.41 -4.66 42.00
CA ASN N 55 21.89 -4.44 40.66
C ASN N 55 20.82 -3.35 40.62
N VAL N 56 20.19 -3.03 41.74
CA VAL N 56 19.39 -1.82 41.81
C VAL N 56 20.26 -0.60 41.56
N VAL N 57 21.46 -0.58 42.14
CA VAL N 57 22.40 0.50 41.88
C VAL N 57 22.86 0.48 40.43
N VAL N 58 23.17 -0.72 39.90
CA VAL N 58 23.61 -0.83 38.52
C VAL N 58 22.51 -0.37 37.57
N THR N 59 21.27 -0.80 37.84
CA THR N 59 20.15 -0.41 36.98
C THR N 59 19.94 1.09 36.99
N ALA N 60 19.98 1.70 38.18
CA ALA N 60 19.78 3.15 38.28
C ALA N 60 20.95 3.91 37.67
N HIS N 61 22.17 3.40 37.83
CA HIS N 61 23.33 4.01 37.21
C HIS N 61 23.13 4.19 35.71
N ALA N 62 22.70 3.12 35.03
CA ALA N 62 22.48 3.19 33.58
C ALA N 62 21.36 4.16 33.23
N PHE N 63 20.22 4.05 33.92
CA PHE N 63 19.07 4.89 33.61
C PHE N 63 19.39 6.37 33.81
N VAL N 64 20.04 6.71 34.92
CA VAL N 64 20.33 8.12 35.20
C VAL N 64 21.30 8.68 34.18
N MET N 65 22.37 7.92 33.87
CA MET N 65 23.38 8.41 32.96
C MET N 65 22.83 8.58 31.54
N ILE N 66 21.95 7.67 31.11
CA ILE N 66 21.48 7.70 29.74
C ILE N 66 20.33 8.69 29.55
N PHE N 67 19.25 8.50 30.31
CA PHE N 67 18.02 9.26 30.08
C PHE N 67 18.02 10.61 30.78
N PHE N 68 18.77 10.76 31.87
CA PHE N 68 18.72 11.99 32.66
C PHE N 68 19.98 12.84 32.57
N MET N 69 21.09 12.30 32.08
CA MET N 69 22.33 13.06 31.95
C MET N 69 22.67 13.32 30.49
N VAL N 70 22.98 12.28 29.72
CA VAL N 70 23.46 12.48 28.35
C VAL N 70 22.39 13.12 27.48
N MET N 71 21.20 12.51 27.44
CA MET N 71 20.15 13.00 26.55
C MET N 71 19.68 14.41 26.88
N PRO N 72 19.40 14.77 28.14
CA PRO N 72 18.99 16.16 28.40
C PRO N 72 20.09 17.18 28.11
N ILE N 73 21.35 16.81 28.33
CA ILE N 73 22.45 17.75 28.09
C ILE N 73 22.66 17.95 26.59
N MET N 74 22.76 16.85 25.84
CA MET N 74 23.05 16.94 24.41
C MET N 74 21.86 17.50 23.64
N ILE N 75 20.68 16.92 23.81
CA ILE N 75 19.52 17.23 22.98
C ILE N 75 18.76 18.40 23.57
N GLY N 76 18.37 18.28 24.84
CA GLY N 76 17.61 19.35 25.47
C GLY N 76 18.46 20.57 25.78
N GLY N 77 19.72 20.36 26.15
CA GLY N 77 20.59 21.45 26.54
C GLY N 77 21.25 22.15 25.37
N PHE N 78 22.29 21.51 24.80
CA PHE N 78 22.97 22.10 23.66
C PHE N 78 22.04 22.28 22.47
N GLY N 79 21.11 21.35 22.28
CA GLY N 79 20.19 21.44 21.15
C GLY N 79 19.33 22.69 21.20
N ASN N 80 18.64 22.91 22.32
CA ASN N 80 17.77 24.07 22.43
C ASN N 80 18.58 25.37 22.39
N TRP N 81 19.77 25.38 22.98
CA TRP N 81 20.59 26.58 22.98
C TRP N 81 21.11 26.90 21.58
N LEU N 82 21.65 25.90 20.88
CA LEU N 82 22.45 26.15 19.69
C LEU N 82 21.64 26.07 18.39
N VAL N 83 20.69 25.15 18.29
CA VAL N 83 20.01 24.90 17.01
C VAL N 83 19.30 26.17 16.48
N PRO N 84 18.46 26.85 17.27
CA PRO N 84 17.87 28.10 16.74
C PRO N 84 18.90 29.14 16.38
N LEU N 85 19.97 29.27 17.18
CA LEU N 85 21.00 30.26 16.90
C LEU N 85 21.75 29.93 15.60
N MET N 86 21.99 28.65 15.34
CA MET N 86 22.78 28.25 14.17
C MET N 86 22.02 28.36 12.86
N ILE N 87 20.70 28.53 12.91
CA ILE N 87 19.89 28.70 11.71
C ILE N 87 19.21 30.07 11.68
N GLY N 88 19.56 30.97 12.60
CA GLY N 88 18.99 32.29 12.59
C GLY N 88 17.51 32.35 12.93
N ALA N 89 17.02 31.36 13.70
CA ALA N 89 15.60 31.27 14.02
C ALA N 89 15.29 31.99 15.32
N PRO N 90 14.11 32.60 15.43
CA PRO N 90 13.77 33.32 16.65
C PRO N 90 13.57 32.41 17.86
N ASP N 91 13.20 31.16 17.62
CA ASP N 91 12.99 30.18 18.70
C ASP N 91 12.65 28.82 18.09
N MET N 92 12.22 27.88 18.92
CA MET N 92 11.76 26.61 18.41
C MET N 92 10.39 26.76 17.74
N ALA N 93 10.02 25.75 16.95
CA ALA N 93 8.74 25.78 16.26
C ALA N 93 7.58 25.72 17.23
N PHE N 94 7.73 24.97 18.32
CA PHE N 94 6.68 24.81 19.33
C PHE N 94 7.30 25.19 20.67
N PRO N 95 7.42 26.49 20.95
CA PRO N 95 8.16 26.91 22.15
C PRO N 95 7.48 26.52 23.45
N ARG N 96 6.16 26.41 23.46
CA ARG N 96 5.45 26.04 24.68
C ARG N 96 5.46 24.53 24.90
N MET N 97 5.29 23.75 23.83
CA MET N 97 5.49 22.31 23.94
C MET N 97 6.93 21.98 24.31
N ASN N 98 7.88 22.81 23.90
CA ASN N 98 9.28 22.62 24.29
C ASN N 98 9.43 22.64 25.80
N ASN N 99 8.67 23.50 26.49
CA ASN N 99 8.78 23.60 27.94
C ASN N 99 8.27 22.34 28.64
N MET N 100 7.25 21.69 28.08
CA MET N 100 6.73 20.47 28.70
C MET N 100 7.70 19.31 28.52
N SER N 101 8.44 19.29 27.42
CA SER N 101 9.48 18.26 27.23
C SER N 101 10.46 18.27 28.40
N PHE N 102 10.87 19.45 28.86
CA PHE N 102 11.76 19.53 30.02
C PHE N 102 11.04 19.11 31.29
N TRP N 103 9.92 19.77 31.60
CA TRP N 103 9.27 19.56 32.88
C TRP N 103 8.70 18.16 33.05
N LEU N 104 8.68 17.34 32.00
CA LEU N 104 8.35 15.93 32.17
C LEU N 104 9.48 15.14 32.82
N LEU N 105 10.70 15.66 32.82
CA LEU N 105 11.87 14.92 33.27
C LEU N 105 12.00 14.87 34.79
N PRO N 106 11.80 15.95 35.54
CA PRO N 106 11.85 15.87 37.00
C PRO N 106 10.86 14.85 37.56
N PRO N 107 9.60 14.80 37.07
CA PRO N 107 8.75 13.67 37.51
C PRO N 107 9.28 12.31 37.08
N SER N 108 9.80 12.21 35.86
CA SER N 108 10.44 10.97 35.42
C SER N 108 11.57 10.58 36.36
N PHE N 109 12.41 11.54 36.75
CA PHE N 109 13.46 11.27 37.71
C PHE N 109 12.88 10.89 39.07
N LEU N 110 11.83 11.59 39.50
CA LEU N 110 11.17 11.26 40.77
C LEU N 110 10.65 9.83 40.76
N LEU N 111 10.06 9.40 39.65
CA LEU N 111 9.55 8.03 39.55
C LEU N 111 10.67 7.01 39.66
N LEU N 112 11.83 7.31 39.06
CA LEU N 112 12.96 6.40 39.16
C LEU N 112 13.43 6.27 40.59
N LEU N 113 13.61 7.40 41.28
CA LEU N 113 14.02 7.35 42.68
C LEU N 113 12.99 6.67 43.56
N ALA N 114 11.70 6.86 43.24
CA ALA N 114 10.65 6.18 43.98
C ALA N 114 10.71 4.68 43.81
N SER N 115 11.19 4.21 42.64
N SER N 115 11.19 4.22 42.64
CA SER N 115 11.30 2.77 42.43
CA SER N 115 11.31 2.78 42.41
C SER N 115 12.37 2.15 43.31
C SER N 115 12.38 2.15 43.30
N SER N 116 13.40 2.91 43.66
CA SER N 116 14.48 2.40 44.50
C SER N 116 14.19 2.57 45.99
N MET N 117 13.24 3.45 46.31
N MET N 117 13.19 3.38 46.30
CA MET N 117 12.83 3.67 47.70
CA MET N 117 12.82 3.65 47.67
C MET N 117 11.82 2.64 48.20
C MET N 117 11.77 2.68 48.20
N VAL N 118 10.92 2.14 47.34
CA VAL N 118 9.89 1.21 47.74
C VAL N 118 10.35 -0.21 47.51
N GLU N 119 9.81 -1.14 48.32
CA GLU N 119 10.16 -2.56 48.27
C GLU N 119 11.67 -2.75 48.31
N ALA N 120 12.21 -3.64 47.45
CA ALA N 120 13.63 -3.93 47.31
C ALA N 120 14.24 -3.32 46.04
N GLY N 121 13.56 -2.35 45.44
CA GLY N 121 14.05 -1.72 44.25
C GLY N 121 13.90 -2.59 43.00
N ALA N 122 14.22 -1.99 41.85
CA ALA N 122 14.23 -2.70 40.57
C ALA N 122 15.65 -3.14 40.26
N GLY N 123 15.98 -4.36 40.64
CA GLY N 123 17.27 -4.94 40.32
C GLY N 123 17.21 -5.81 39.09
N THR N 124 16.87 -5.20 37.95
CA THR N 124 16.58 -5.92 36.71
C THR N 124 17.60 -5.68 35.61
N GLY N 125 18.51 -4.70 35.78
CA GLY N 125 19.35 -4.18 34.71
C GLY N 125 18.53 -3.20 33.89
N TRP N 126 19.12 -2.26 33.14
CA TRP N 126 18.38 -1.25 32.39
C TRP N 126 17.63 -1.81 31.18
N THR N 127 17.82 -3.10 30.87
CA THR N 127 17.04 -3.76 29.84
C THR N 127 15.69 -4.28 30.36
N VAL N 128 15.58 -4.50 31.67
CA VAL N 128 14.33 -4.87 32.32
C VAL N 128 13.74 -6.12 31.66
N TYR N 129 14.57 -7.15 31.49
CA TYR N 129 14.09 -8.39 30.90
C TYR N 129 13.09 -9.07 31.82
N PRO N 130 11.97 -9.58 31.30
CA PRO N 130 11.19 -10.56 32.03
C PRO N 130 11.81 -11.94 31.88
N PRO N 131 11.44 -12.91 32.72
CA PRO N 131 10.47 -12.86 33.84
C PRO N 131 11.02 -12.27 35.12
N LEU N 132 12.33 -11.96 35.16
CA LEU N 132 12.90 -11.33 36.35
C LEU N 132 12.19 -10.03 36.68
N ALA N 133 11.81 -9.28 35.65
CA ALA N 133 11.06 -8.04 35.84
C ALA N 133 9.56 -8.28 36.00
N GLY N 134 9.11 -9.53 35.95
CA GLY N 134 7.70 -9.83 36.08
C GLY N 134 7.20 -9.63 37.51
N ASN N 135 5.89 -9.84 37.67
CA ASN N 135 5.25 -9.63 38.96
C ASN N 135 5.51 -10.75 39.96
N LEU N 136 6.24 -11.80 39.57
N LEU N 136 6.23 -11.81 39.58
CA LEU N 136 6.57 -12.91 40.45
CA LEU N 136 6.56 -12.89 40.49
C LEU N 136 7.99 -12.86 40.99
C LEU N 136 7.99 -12.83 41.01
N ALA N 137 8.97 -12.56 40.13
CA ALA N 137 10.36 -12.38 40.56
C ALA N 137 10.64 -10.96 41.03
N HIS N 138 9.78 -10.00 40.67
CA HIS N 138 9.92 -8.61 41.11
C HIS N 138 8.54 -8.08 41.48
N ALA N 139 7.87 -8.76 42.41
CA ALA N 139 6.59 -8.29 42.91
C ALA N 139 6.75 -6.93 43.58
N GLY N 140 5.70 -6.11 43.47
CA GLY N 140 5.70 -4.79 44.04
C GLY N 140 5.76 -3.70 42.97
N ALA N 141 5.84 -2.47 43.46
CA ALA N 141 5.70 -1.29 42.61
C ALA N 141 7.00 -0.83 41.96
N SER N 142 8.13 -1.44 42.30
CA SER N 142 9.43 -0.94 41.84
C SER N 142 9.52 -0.96 40.32
N VAL N 143 9.28 -2.11 39.70
CA VAL N 143 9.41 -2.22 38.25
C VAL N 143 8.36 -1.38 37.56
N ASP N 144 7.15 -1.30 38.12
CA ASP N 144 6.09 -0.49 37.53
C ASP N 144 6.44 1.00 37.58
N LEU N 145 7.06 1.45 38.67
CA LEU N 145 7.53 2.83 38.73
C LEU N 145 8.64 3.08 37.73
N THR N 146 9.50 2.08 37.49
CA THR N 146 10.53 2.20 36.46
C THR N 146 9.91 2.35 35.08
N ILE N 147 8.88 1.55 34.79
CA ILE N 147 8.21 1.63 33.49
C ILE N 147 7.61 3.01 33.28
N PHE N 148 6.90 3.52 34.30
CA PHE N 148 6.28 4.84 34.19
C PHE N 148 7.33 5.93 34.04
N SER N 149 8.48 5.78 34.72
CA SER N 149 9.58 6.71 34.52
C SER N 149 10.02 6.74 33.06
N LEU N 150 10.15 5.56 32.44
CA LEU N 150 10.50 5.50 31.03
C LEU N 150 9.39 6.07 30.14
N HIS N 151 8.13 5.91 30.56
CA HIS N 151 7.01 6.49 29.81
C HIS N 151 7.12 8.00 29.74
N LEU N 152 7.39 8.65 30.88
CA LEU N 152 7.47 10.11 30.90
C LEU N 152 8.69 10.61 30.12
N ALA N 153 9.82 9.93 30.26
CA ALA N 153 11.00 10.29 29.48
C ALA N 153 10.78 10.02 28.00
N GLY N 154 10.07 8.95 27.67
CA GLY N 154 9.74 8.68 26.27
C GLY N 154 8.91 9.79 25.65
N VAL N 155 7.83 10.20 26.34
CA VAL N 155 6.97 11.26 25.83
C VAL N 155 7.76 12.56 25.70
N SER N 156 8.64 12.84 26.65
CA SER N 156 9.43 14.06 26.61
C SER N 156 10.28 14.12 25.36
N SER N 157 10.98 13.03 25.05
CA SER N 157 11.88 13.04 23.89
C SER N 157 11.12 12.95 22.58
N ILE N 158 9.98 12.27 22.56
CA ILE N 158 9.19 12.19 21.33
C ILE N 158 8.67 13.57 20.94
N LEU N 159 8.17 14.33 21.91
CA LEU N 159 7.72 15.69 21.63
C LEU N 159 8.90 16.60 21.30
N GLY N 160 10.03 16.40 21.99
CA GLY N 160 11.23 17.13 21.63
C GLY N 160 11.72 16.80 20.24
N ALA N 161 11.62 15.53 19.85
CA ALA N 161 11.98 15.13 18.48
C ALA N 161 11.09 15.82 17.46
N ILE N 162 9.79 15.88 17.73
CA ILE N 162 8.87 16.56 16.83
C ILE N 162 9.21 18.04 16.74
N ASN N 163 9.63 18.63 17.85
CA ASN N 163 9.97 20.05 17.87
C ASN N 163 11.23 20.33 17.05
N PHE N 164 12.27 19.50 17.22
CA PHE N 164 13.53 19.75 16.53
C PHE N 164 13.40 19.52 15.03
N ILE N 165 12.74 18.43 14.62
CA ILE N 165 12.57 18.16 13.20
C ILE N 165 11.80 19.28 12.52
N THR N 166 10.71 19.72 13.14
CA THR N 166 9.92 20.82 12.58
C THR N 166 10.74 22.11 12.52
N THR N 167 11.46 22.42 13.59
CA THR N 167 12.25 23.65 13.62
C THR N 167 13.33 23.64 12.55
N ILE N 168 14.06 22.53 12.43
CA ILE N 168 15.19 22.46 11.51
C ILE N 168 14.70 22.47 10.06
N ILE N 169 13.57 21.84 9.79
CA ILE N 169 13.08 21.78 8.41
C ILE N 169 12.42 23.09 8.00
N ASN N 170 11.65 23.71 8.89
CA ASN N 170 10.74 24.78 8.52
C ASN N 170 11.26 26.18 8.82
N MET N 171 12.21 26.34 9.74
CA MET N 171 12.54 27.65 10.27
C MET N 171 13.96 28.08 9.89
N LYS N 172 14.50 27.57 8.80
CA LYS N 172 15.73 28.09 8.27
C LYS N 172 15.47 29.33 7.41
N PRO N 173 16.48 30.15 7.16
CA PRO N 173 16.31 31.25 6.20
C PRO N 173 15.87 30.71 4.85
N PRO N 174 15.01 31.42 4.14
CA PRO N 174 14.45 30.87 2.89
C PRO N 174 15.51 30.53 1.85
N ALA N 175 16.66 31.21 1.86
CA ALA N 175 17.72 30.88 0.92
C ALA N 175 18.58 29.71 1.38
N MET N 176 18.56 29.38 2.67
CA MET N 176 19.41 28.32 3.19
C MET N 176 18.77 26.96 2.95
N SER N 177 19.44 26.11 2.18
CA SER N 177 18.99 24.74 2.01
C SER N 177 19.48 23.87 3.16
N GLN N 178 19.00 22.63 3.20
CA GLN N 178 19.44 21.70 4.23
C GLN N 178 20.93 21.42 4.14
N TYR N 179 21.51 21.56 2.95
CA TYR N 179 22.94 21.36 2.74
C TYR N 179 23.75 22.63 2.99
N GLN N 180 23.15 23.64 3.62
CA GLN N 180 23.87 24.83 4.09
C GLN N 180 23.75 25.01 5.59
N THR N 181 23.37 23.94 6.31
CA THR N 181 23.21 23.98 7.75
C THR N 181 24.40 23.34 8.44
N PRO N 182 24.77 23.84 9.62
CA PRO N 182 25.93 23.27 10.34
C PRO N 182 25.70 21.80 10.68
N LEU N 183 26.82 21.09 10.84
CA LEU N 183 26.75 19.65 11.08
C LEU N 183 26.04 19.31 12.39
N PHE N 184 26.17 20.17 13.40
CA PHE N 184 25.47 19.92 14.66
C PHE N 184 23.96 19.94 14.46
N VAL N 185 23.47 20.87 13.62
CA VAL N 185 22.05 20.89 13.30
C VAL N 185 21.65 19.60 12.59
N TRP N 186 22.51 19.11 11.71
CA TRP N 186 22.27 17.82 11.07
C TRP N 186 22.20 16.70 12.11
N SER N 187 23.15 16.68 13.05
CA SER N 187 23.21 15.61 14.03
C SER N 187 21.99 15.61 14.95
N VAL N 188 21.42 16.79 15.23
CA VAL N 188 20.25 16.85 16.09
C VAL N 188 19.01 16.35 15.36
N MET N 189 18.84 16.73 14.09
CA MET N 189 17.69 16.28 13.33
C MET N 189 17.68 14.77 13.17
N ILE N 190 18.83 14.20 12.77
CA ILE N 190 18.92 12.74 12.60
C ILE N 190 18.66 12.04 13.93
N THR N 191 19.25 12.56 15.01
CA THR N 191 18.93 12.04 16.34
C THR N 191 17.44 12.10 16.62
N ALA N 192 16.80 13.22 16.26
CA ALA N 192 15.38 13.38 16.51
C ALA N 192 14.55 12.37 15.71
N VAL N 193 15.00 12.02 14.51
CA VAL N 193 14.26 11.03 13.72
C VAL N 193 14.39 9.65 14.34
N LEU N 194 15.59 9.31 14.84
CA LEU N 194 15.77 8.03 15.52
C LEU N 194 14.92 7.96 16.78
N LEU N 195 14.80 9.06 17.50
CA LEU N 195 13.91 9.10 18.67
C LEU N 195 12.47 8.91 18.27
N LEU N 196 12.03 9.61 17.21
CA LEU N 196 10.64 9.52 16.76
C LEU N 196 10.25 8.08 16.43
N LEU N 197 11.16 7.31 15.85
CA LEU N 197 10.85 5.97 15.37
C LEU N 197 11.07 4.87 16.41
N SER N 198 12.02 5.06 17.33
CA SER N 198 12.41 3.97 18.21
C SER N 198 11.67 3.99 19.54
N LEU N 199 11.49 5.17 20.15
CA LEU N 199 10.80 5.24 21.44
C LEU N 199 9.39 4.69 21.43
N PRO N 200 8.56 4.91 20.39
CA PRO N 200 7.23 4.27 20.40
C PRO N 200 7.29 2.75 20.47
N VAL N 201 8.31 2.12 19.88
CA VAL N 201 8.46 0.68 20.00
C VAL N 201 8.81 0.30 21.43
N LEU N 202 9.70 1.07 22.06
CA LEU N 202 10.00 0.86 23.48
C LEU N 202 8.74 1.04 24.33
N ALA N 203 7.98 2.10 24.06
CA ALA N 203 6.77 2.36 24.84
C ALA N 203 5.77 1.22 24.70
N ALA N 204 5.69 0.60 23.52
CA ALA N 204 4.82 -0.55 23.35
C ALA N 204 5.35 -1.76 24.13
N GLY N 205 6.66 -1.99 24.07
CA GLY N 205 7.23 -3.12 24.78
C GLY N 205 7.02 -3.05 26.28
N ILE N 206 7.33 -1.90 26.88
CA ILE N 206 7.21 -1.76 28.32
C ILE N 206 5.75 -1.66 28.76
N THR N 207 4.86 -1.22 27.86
CA THR N 207 3.44 -1.28 28.17
C THR N 207 2.96 -2.72 28.25
N MET N 208 3.49 -3.58 27.38
CA MET N 208 3.16 -5.00 27.45
C MET N 208 3.72 -5.64 28.70
N LEU N 209 4.89 -5.20 29.16
CA LEU N 209 5.40 -5.65 30.44
C LEU N 209 4.53 -5.17 31.59
N LEU N 210 3.99 -3.94 31.47
CA LEU N 210 3.11 -3.41 32.51
C LEU N 210 1.82 -4.24 32.61
N THR N 211 1.21 -4.55 31.46
CA THR N 211 -0.02 -5.33 31.47
C THR N 211 0.23 -6.76 31.93
N ASP N 212 1.37 -7.34 31.55
CA ASP N 212 1.73 -8.66 32.06
C ASP N 212 1.84 -8.65 33.58
N ARG N 213 2.31 -7.54 34.15
CA ARG N 213 2.50 -7.46 35.59
C ARG N 213 1.22 -7.14 36.34
N ASN N 214 0.25 -6.48 35.70
CA ASN N 214 -0.90 -5.95 36.41
C ASN N 214 -2.25 -6.28 35.79
N LEU N 215 -2.32 -6.68 34.52
CA LEU N 215 -3.58 -6.98 33.88
C LEU N 215 -3.69 -8.42 33.40
N ASN N 216 -2.76 -9.29 33.84
CA ASN N 216 -2.80 -10.73 33.55
C ASN N 216 -2.72 -11.02 32.05
N THR N 217 -2.09 -10.14 31.28
CA THR N 217 -1.70 -10.52 29.93
C THR N 217 -0.46 -11.41 30.00
N THR N 218 -0.17 -12.07 28.88
CA THR N 218 0.94 -13.03 28.83
C THR N 218 1.72 -12.84 27.53
N PHE N 219 2.03 -11.58 27.20
CA PHE N 219 2.88 -11.31 26.04
C PHE N 219 4.23 -12.00 26.17
N PHE N 220 4.78 -12.03 27.39
CA PHE N 220 6.12 -12.56 27.63
C PHE N 220 6.10 -13.79 28.54
N ASP N 221 4.93 -14.35 28.82
CA ASP N 221 4.79 -15.47 29.74
C ASP N 221 4.50 -16.74 28.94
N PRO N 222 5.40 -17.72 28.96
CA PRO N 222 5.14 -18.95 28.18
C PRO N 222 3.87 -19.68 28.60
N ALA N 223 3.49 -19.58 29.88
CA ALA N 223 2.27 -20.25 30.36
C ALA N 223 1.05 -19.86 29.54
N GLY N 224 0.98 -18.62 29.07
CA GLY N 224 -0.10 -18.15 28.23
C GLY N 224 0.21 -18.12 26.75
N GLY N 225 1.31 -18.73 26.32
CA GLY N 225 1.73 -18.67 24.94
C GLY N 225 2.67 -17.54 24.60
N GLY N 226 3.15 -16.80 25.60
CA GLY N 226 4.05 -15.70 25.36
C GLY N 226 5.49 -16.15 25.21
N ASP N 227 6.37 -15.16 25.03
CA ASP N 227 7.78 -15.41 24.80
C ASP N 227 8.61 -14.30 25.43
N PRO N 228 9.46 -14.60 26.40
CA PRO N 228 10.36 -13.56 26.93
C PRO N 228 11.28 -12.98 25.89
N ILE N 229 11.59 -13.75 24.83
CA ILE N 229 12.47 -13.25 23.78
C ILE N 229 11.79 -12.14 22.98
N LEU N 230 10.46 -12.15 22.92
CA LEU N 230 9.74 -11.09 22.21
C LEU N 230 10.03 -9.73 22.81
N TYR N 231 10.09 -9.64 24.14
CA TYR N 231 10.44 -8.38 24.78
C TYR N 231 11.83 -7.91 24.37
N GLN N 232 12.80 -8.84 24.31
CA GLN N 232 14.16 -8.48 23.93
C GLN N 232 14.21 -7.87 22.54
N HIS N 233 13.47 -8.46 21.60
CA HIS N 233 13.36 -7.87 20.26
C HIS N 233 12.77 -6.46 20.33
N LEU N 234 11.68 -6.30 21.08
CA LEU N 234 11.02 -5.00 21.17
C LEU N 234 11.92 -3.97 21.85
N PHE N 235 12.61 -4.36 22.91
CA PHE N 235 13.49 -3.43 23.60
C PHE N 235 14.66 -3.01 22.72
N TRP N 236 15.35 -3.98 22.13
CA TRP N 236 16.57 -3.69 21.38
C TRP N 236 16.30 -3.05 20.02
N PHE N 237 15.11 -3.23 19.46
CA PHE N 237 14.75 -2.45 18.28
C PHE N 237 14.80 -0.96 18.59
N PHE N 238 14.45 -0.58 19.82
CA PHE N 238 14.76 0.75 20.32
C PHE N 238 16.19 0.85 20.85
N GLY N 239 16.71 -0.26 21.40
CA GLY N 239 17.92 -0.17 22.20
C GLY N 239 19.14 0.28 21.43
N HIS N 240 19.32 -0.24 20.21
CA HIS N 240 20.50 0.20 19.47
C HIS N 240 20.33 1.60 18.89
N PRO N 241 19.19 1.94 18.25
CA PRO N 241 18.99 3.35 17.87
C PRO N 241 19.23 4.31 19.01
N GLU N 242 18.99 3.87 20.25
CA GLU N 242 19.24 4.71 21.42
C GLU N 242 20.72 5.02 21.59
N VAL N 243 21.59 4.02 21.41
CA VAL N 243 23.02 4.27 21.60
C VAL N 243 23.55 5.19 20.51
N TYR N 244 22.94 5.15 19.32
CA TYR N 244 23.30 6.11 18.28
C TYR N 244 22.64 7.46 18.51
N ILE N 245 21.49 7.48 19.18
CA ILE N 245 20.93 8.74 19.67
C ILE N 245 21.88 9.38 20.67
N LEU N 246 22.59 8.57 21.45
CA LEU N 246 23.48 9.09 22.48
C LEU N 246 24.76 9.69 21.89
N ILE N 247 25.21 9.21 20.73
CA ILE N 247 26.52 9.60 20.22
C ILE N 247 26.41 10.61 19.09
N LEU N 248 25.30 10.59 18.34
CA LEU N 248 25.18 11.46 17.17
C LEU N 248 25.30 12.95 17.51
N PRO N 249 24.61 13.49 18.51
CA PRO N 249 24.88 14.90 18.87
C PRO N 249 26.31 15.12 19.30
N GLY N 250 26.96 14.13 19.90
CA GLY N 250 28.38 14.22 20.17
C GLY N 250 29.19 14.37 18.88
N PHE N 251 28.85 13.56 17.87
CA PHE N 251 29.49 13.71 16.56
C PHE N 251 29.36 15.13 16.04
N GLY N 252 28.20 15.75 16.24
CA GLY N 252 28.00 17.11 15.74
C GLY N 252 28.82 18.14 16.46
N MET N 253 28.92 18.02 17.79
CA MET N 253 29.73 18.97 18.55
C MET N 253 31.21 18.80 18.26
N ILE N 254 31.67 17.55 18.14
CA ILE N 254 33.07 17.28 17.80
C ILE N 254 33.43 17.95 16.49
N SER N 255 32.57 17.81 15.48
CA SER N 255 32.79 18.46 14.19
C SER N 255 32.98 19.97 14.35
N HIS N 256 32.15 20.60 15.18
CA HIS N 256 32.28 22.04 15.39
C HIS N 256 33.54 22.38 16.18
N ILE N 257 33.85 21.58 17.21
CA ILE N 257 35.00 21.87 18.06
C ILE N 257 36.30 21.69 17.29
N VAL N 258 36.42 20.56 16.56
CA VAL N 258 37.63 20.31 15.80
C VAL N 258 37.83 21.37 14.73
N THR N 259 36.74 21.76 14.05
CA THR N 259 36.84 22.81 13.05
C THR N 259 37.27 24.14 13.65
N TYR N 260 36.65 24.52 14.77
CA TYR N 260 36.94 25.82 15.38
C TYR N 260 38.40 25.93 15.81
N TYR N 261 38.87 24.99 16.61
CA TYR N 261 40.20 25.09 17.20
C TYR N 261 41.31 24.62 16.26
N SER N 262 40.97 24.18 15.06
CA SER N 262 41.94 24.02 13.98
C SER N 262 42.09 25.29 13.17
N GLY N 263 41.37 26.35 13.51
CA GLY N 263 41.42 27.58 12.73
C GLY N 263 40.76 27.48 11.38
N LYS N 264 39.90 26.48 11.19
CA LYS N 264 39.27 26.24 9.90
C LYS N 264 37.92 26.94 9.83
N LYS N 265 37.52 27.29 8.62
CA LYS N 265 36.21 27.88 8.36
C LYS N 265 35.14 26.83 8.13
N GLU N 266 35.51 25.57 7.95
CA GLU N 266 34.56 24.52 7.59
C GLU N 266 35.17 23.18 7.92
N PRO N 267 34.36 22.17 8.22
CA PRO N 267 34.90 20.82 8.38
C PRO N 267 35.21 20.17 7.04
N PHE N 268 36.15 19.23 7.08
CA PHE N 268 36.51 18.49 5.88
C PHE N 268 35.36 17.59 5.45
N GLY N 269 35.04 17.63 4.15
CA GLY N 269 34.06 16.71 3.59
C GLY N 269 32.68 16.87 4.18
N TYR N 270 32.11 18.07 4.08
CA TYR N 270 30.80 18.35 4.67
C TYR N 270 29.77 17.31 4.25
N MET N 271 29.59 17.12 2.93
CA MET N 271 28.57 16.20 2.45
C MET N 271 28.86 14.77 2.87
N GLY N 272 30.14 14.40 2.96
CA GLY N 272 30.48 13.09 3.49
C GLY N 272 30.11 12.93 4.95
N MET N 273 30.20 14.02 5.73
CA MET N 273 29.78 13.97 7.12
C MET N 273 28.27 13.82 7.22
N VAL N 274 27.52 14.50 6.35
CA VAL N 274 26.07 14.35 6.33
C VAL N 274 25.70 12.92 5.92
N TRP N 275 26.35 12.41 4.86
CA TRP N 275 26.07 11.06 4.41
C TRP N 275 26.32 10.03 5.50
N ALA N 276 27.42 10.19 6.24
CA ALA N 276 27.78 9.20 7.24
C ALA N 276 26.78 9.18 8.39
N MET N 277 26.38 10.35 8.89
CA MET N 277 25.42 10.40 10.00
C MET N 277 24.08 9.80 9.59
N MET N 278 23.66 10.03 8.34
N MET N 278 23.65 10.04 8.34
CA MET N 278 22.41 9.45 7.88
CA MET N 278 22.41 9.44 7.88
C MET N 278 22.55 7.95 7.63
C MET N 278 22.56 7.93 7.68
N SER N 279 23.72 7.49 7.19
CA SER N 279 23.96 6.07 7.03
C SER N 279 24.03 5.37 8.38
N ILE N 280 24.69 5.99 9.35
CA ILE N 280 24.78 5.42 10.69
C ILE N 280 23.40 5.27 11.32
N GLY N 281 22.56 6.31 11.17
CA GLY N 281 21.21 6.24 11.71
C GLY N 281 20.37 5.15 11.05
N PHE N 282 20.51 4.99 9.73
CA PHE N 282 19.71 4.00 9.02
C PHE N 282 20.14 2.58 9.37
N LEU N 283 21.45 2.32 9.32
CA LEU N 283 21.96 1.01 9.69
C LEU N 283 21.65 0.66 11.14
N GLY N 284 21.50 1.67 12.00
CA GLY N 284 21.22 1.43 13.41
C GLY N 284 19.85 0.85 13.69
N PHE N 285 18.98 0.74 12.68
CA PHE N 285 17.66 0.16 12.85
C PHE N 285 17.57 -1.30 12.43
N ILE N 286 18.61 -1.85 11.81
CA ILE N 286 18.58 -3.19 11.25
C ILE N 286 19.63 -4.10 11.87
N VAL N 287 20.14 -3.76 13.05
CA VAL N 287 21.24 -4.50 13.65
C VAL N 287 20.95 -4.88 15.10
N TRP N 288 19.72 -4.66 15.55
CA TRP N 288 19.41 -4.75 16.97
C TRP N 288 19.73 -6.12 17.56
N ALA N 289 19.60 -7.18 16.76
CA ALA N 289 19.71 -8.53 17.32
C ALA N 289 21.13 -8.92 17.69
N HIS N 290 22.13 -8.06 17.46
CA HIS N 290 23.46 -8.39 17.95
C HIS N 290 23.58 -8.33 19.47
N HIS N 291 22.53 -7.84 20.15
CA HIS N 291 22.42 -7.94 21.60
C HIS N 291 21.80 -9.26 22.05
N MET N 292 21.58 -10.19 21.11
CA MET N 292 20.83 -11.40 21.40
C MET N 292 21.49 -12.62 20.78
N PHE N 293 22.80 -12.59 20.58
CA PHE N 293 23.49 -13.66 19.89
C PHE N 293 23.46 -14.99 20.65
N THR N 294 23.15 -14.97 21.95
CA THR N 294 23.16 -16.18 22.76
C THR N 294 21.77 -16.66 23.17
N VAL N 295 20.70 -16.10 22.56
CA VAL N 295 19.35 -16.46 22.96
C VAL N 295 18.80 -17.66 22.20
N GLY N 296 19.51 -18.14 21.18
CA GLY N 296 19.05 -19.31 20.46
C GLY N 296 18.40 -19.05 19.12
N MET N 297 18.94 -18.09 18.37
N MET N 297 18.94 -18.08 18.37
CA MET N 297 18.44 -17.78 17.04
CA MET N 297 18.43 -17.79 17.04
C MET N 297 19.16 -18.61 15.99
C MET N 297 19.16 -18.63 16.00
N ASP N 298 18.57 -18.69 14.81
N ASP N 298 18.56 -18.73 14.82
CA ASP N 298 19.12 -19.49 13.73
CA ASP N 298 19.14 -19.57 13.77
C ASP N 298 20.48 -18.95 13.30
C ASP N 298 20.43 -18.96 13.25
N VAL N 299 21.26 -19.81 12.66
CA VAL N 299 22.61 -19.42 12.25
C VAL N 299 22.55 -18.37 11.15
N ASP N 300 21.61 -18.49 10.21
CA ASP N 300 21.52 -17.51 9.13
C ASP N 300 21.19 -16.12 9.66
N THR N 301 20.30 -16.05 10.65
CA THR N 301 20.00 -14.77 11.28
C THR N 301 21.22 -14.18 11.97
N ARG N 302 21.99 -15.02 12.67
N ARG N 302 21.99 -15.02 12.67
CA ARG N 302 23.22 -14.54 13.30
CA ARG N 302 23.22 -14.55 13.30
C ARG N 302 24.26 -14.13 12.27
C ARG N 302 24.26 -14.14 12.27
N ALA N 303 24.27 -14.78 11.10
CA ALA N 303 25.21 -14.40 10.06
C ALA N 303 24.87 -13.05 9.46
N TYR N 304 23.58 -12.76 9.32
CA TYR N 304 23.17 -11.46 8.80
C TYR N 304 23.50 -10.34 9.79
N PHE N 305 23.08 -10.50 11.04
CA PHE N 305 23.28 -9.43 12.03
C PHE N 305 24.75 -9.20 12.32
N THR N 306 25.58 -10.24 12.19
CA THR N 306 27.03 -10.04 12.26
C THR N 306 27.49 -9.14 11.12
N SER N 307 27.03 -9.44 9.90
CA SER N 307 27.48 -8.69 8.73
C SER N 307 26.91 -7.28 8.74
N ALA N 308 25.59 -7.14 8.95
CA ALA N 308 24.95 -5.83 8.91
C ALA N 308 25.51 -4.91 9.98
N THR N 309 25.90 -5.45 11.14
CA THR N 309 26.48 -4.62 12.18
C THR N 309 27.83 -4.04 11.75
N MET N 310 28.63 -4.82 11.04
CA MET N 310 30.01 -4.41 10.77
C MET N 310 30.11 -3.30 9.73
N ILE N 311 29.13 -3.20 8.82
N ILE N 311 29.13 -3.21 8.82
CA ILE N 311 29.21 -2.18 7.77
CA ILE N 311 29.23 -2.25 7.72
C ILE N 311 29.11 -0.76 8.33
C ILE N 311 29.10 -0.81 8.21
N ILE N 312 28.53 -0.59 9.53
N ILE N 312 28.59 -0.59 9.41
CA ILE N 312 28.49 0.70 10.20
CA ILE N 312 28.52 0.75 9.97
C ILE N 312 29.88 1.31 10.35
C ILE N 312 29.89 1.32 10.30
N ALA N 313 30.92 0.47 10.36
CA ALA N 313 32.28 0.99 10.54
C ALA N 313 32.71 1.86 9.38
N ILE N 314 32.13 1.65 8.19
CA ILE N 314 32.52 2.40 7.00
C ILE N 314 32.08 3.86 7.12
N PRO N 315 30.79 4.18 7.34
CA PRO N 315 30.45 5.60 7.53
C PRO N 315 31.09 6.21 8.76
N THR N 316 31.23 5.45 9.84
CA THR N 316 31.87 5.98 11.03
C THR N 316 33.33 6.30 10.77
N GLY N 317 34.02 5.44 10.01
CA GLY N 317 35.40 5.71 9.65
C GLY N 317 35.55 6.99 8.85
N VAL N 318 34.60 7.25 7.95
CA VAL N 318 34.62 8.50 7.17
C VAL N 318 34.62 9.71 8.10
N LYS N 319 33.81 9.67 9.16
CA LYS N 319 33.76 10.77 10.11
C LYS N 319 35.08 10.90 10.88
N VAL N 320 35.66 9.77 11.30
CA VAL N 320 36.90 9.81 12.05
C VAL N 320 38.02 10.38 11.19
N PHE N 321 38.13 9.91 9.95
CA PHE N 321 39.19 10.40 9.08
C PHE N 321 38.92 11.83 8.61
N SER N 322 37.66 12.24 8.53
CA SER N 322 37.34 13.61 8.17
C SER N 322 37.71 14.57 9.30
N TRP N 323 37.50 14.14 10.55
CA TRP N 323 37.97 14.93 11.69
C TRP N 323 39.49 15.11 11.65
N LEU N 324 40.21 14.03 11.32
CA LEU N 324 41.66 14.12 11.18
C LEU N 324 42.03 15.06 10.05
N ALA N 325 41.31 14.97 8.91
CA ALA N 325 41.57 15.87 7.79
C ALA N 325 41.21 17.31 8.12
N THR N 326 40.31 17.52 9.07
CA THR N 326 40.03 18.89 9.52
C THR N 326 41.20 19.44 10.32
N LEU N 327 41.81 18.60 11.15
CA LEU N 327 43.03 19.00 11.85
C LEU N 327 44.16 19.28 10.88
N HIS N 328 44.18 18.58 9.74
CA HIS N 328 45.28 18.65 8.79
C HIS N 328 45.47 20.07 8.28
N GLY N 329 46.64 20.65 8.57
CA GLY N 329 46.96 21.97 8.09
C GLY N 329 46.40 23.11 8.90
N GLY N 330 45.80 22.82 10.05
CA GLY N 330 45.19 23.87 10.85
C GLY N 330 46.18 24.58 11.75
N ASN N 331 45.85 25.83 12.07
CA ASN N 331 46.53 26.59 13.12
C ASN N 331 45.93 26.11 14.45
N ILE N 332 46.57 25.10 15.03
CA ILE N 332 45.98 24.36 16.13
C ILE N 332 46.00 25.20 17.40
N LYS N 333 44.83 25.45 17.97
CA LYS N 333 44.70 26.09 19.28
C LYS N 333 44.49 25.00 20.32
N TRP N 334 45.43 24.89 21.25
CA TRP N 334 45.41 23.81 22.24
C TRP N 334 44.52 24.19 23.43
N SER N 335 43.27 24.50 23.12
CA SER N 335 42.30 24.84 24.14
C SER N 335 41.87 23.59 24.90
N PRO N 336 41.24 23.76 26.07
CA PRO N 336 40.68 22.58 26.76
C PRO N 336 39.65 21.85 25.94
N ALA N 337 38.79 22.56 25.20
CA ALA N 337 37.79 21.92 24.36
C ALA N 337 38.45 21.06 23.28
N MET N 338 39.55 21.56 22.71
CA MET N 338 40.27 20.77 21.71
C MET N 338 40.80 19.48 22.30
N MET N 339 41.30 19.53 23.53
CA MET N 339 41.82 18.34 24.18
C MET N 339 40.72 17.30 24.36
N TRP N 340 39.53 17.73 24.79
CA TRP N 340 38.40 16.80 24.89
C TRP N 340 38.08 16.18 23.54
N ALA N 341 38.08 16.99 22.48
CA ALA N 341 37.74 16.48 21.16
C ALA N 341 38.81 15.52 20.64
N LEU N 342 40.08 15.80 20.94
CA LEU N 342 41.15 14.89 20.53
C LEU N 342 41.08 13.59 21.31
N GLY N 343 40.78 13.67 22.61
CA GLY N 343 40.54 12.45 23.37
C GLY N 343 39.34 11.67 22.86
N PHE N 344 38.29 12.38 22.44
CA PHE N 344 37.12 11.73 21.85
C PHE N 344 37.51 10.89 20.65
N ILE N 345 38.23 11.48 19.69
CA ILE N 345 38.53 10.81 18.43
C ILE N 345 39.24 9.49 18.69
N PHE N 346 40.25 9.50 19.55
CA PHE N 346 41.01 8.28 19.81
C PHE N 346 40.21 7.28 20.62
N LEU N 347 39.61 7.73 21.74
CA LEU N 347 38.97 6.80 22.66
C LEU N 347 37.68 6.23 22.07
N PHE N 348 36.92 7.03 21.34
CA PHE N 348 35.75 6.49 20.64
C PHE N 348 36.16 5.44 19.61
N THR N 349 37.27 5.70 18.89
CA THR N 349 37.75 4.72 17.92
C THR N 349 38.07 3.39 18.59
N VAL N 350 38.72 3.43 19.75
CA VAL N 350 39.03 2.20 20.47
C VAL N 350 37.75 1.48 20.86
N GLY N 351 36.79 2.21 21.44
CA GLY N 351 35.53 1.59 21.81
C GLY N 351 34.74 1.12 20.60
N GLY N 352 34.80 1.87 19.50
CA GLY N 352 34.15 1.43 18.29
C GLY N 352 34.74 0.14 17.72
N LEU N 353 36.06 -0.02 17.83
CA LEU N 353 36.70 -1.21 17.29
C LEU N 353 36.37 -2.44 18.12
N THR N 354 36.24 -2.28 19.45
CA THR N 354 35.81 -3.40 20.27
C THR N 354 34.35 -3.76 20.01
N GLY N 355 33.55 -2.78 19.59
CA GLY N 355 32.20 -3.09 19.13
C GLY N 355 32.21 -3.98 17.89
N ILE N 356 33.17 -3.74 17.00
CA ILE N 356 33.31 -4.59 15.81
C ILE N 356 33.71 -6.01 16.22
N VAL N 357 34.52 -6.15 17.27
CA VAL N 357 34.86 -7.46 17.79
C VAL N 357 33.60 -8.18 18.27
N LEU N 358 32.76 -7.46 19.02
CA LEU N 358 31.52 -8.05 19.53
C LEU N 358 30.50 -8.33 18.42
N ALA N 359 30.62 -7.66 17.28
CA ALA N 359 29.68 -7.89 16.17
C ALA N 359 29.77 -9.31 15.63
N ASN N 360 30.90 -9.98 15.81
CA ASN N 360 31.07 -11.35 15.35
C ASN N 360 30.34 -12.28 16.32
N SER N 361 29.22 -12.85 15.85
CA SER N 361 28.37 -13.65 16.75
C SER N 361 29.10 -14.86 17.30
N SER N 362 30.02 -15.45 16.53
CA SER N 362 30.78 -16.60 17.02
C SER N 362 31.68 -16.21 18.18
N LEU N 363 32.39 -15.08 18.06
CA LEU N 363 33.25 -14.63 19.14
C LEU N 363 32.42 -14.04 20.28
N ASP N 364 31.23 -13.51 19.97
CA ASP N 364 30.37 -12.92 20.98
C ASP N 364 29.83 -13.94 21.97
N ILE N 365 29.76 -15.21 21.57
CA ILE N 365 29.32 -16.27 22.49
C ILE N 365 30.12 -16.22 23.78
N VAL N 366 31.44 -16.08 23.66
CA VAL N 366 32.29 -16.06 24.85
C VAL N 366 32.33 -14.67 25.48
N LEU N 367 32.09 -13.63 24.69
CA LEU N 367 32.21 -12.26 25.19
C LEU N 367 30.89 -11.67 25.67
N HIS N 368 29.75 -12.24 25.30
CA HIS N 368 28.47 -11.70 25.70
C HIS N 368 28.28 -11.82 27.21
N ASP N 369 27.67 -10.78 27.81
CA ASP N 369 27.39 -10.74 29.24
C ASP N 369 28.67 -10.85 30.09
N THR N 370 29.79 -10.40 29.52
CA THR N 370 31.05 -10.30 30.23
C THR N 370 31.49 -8.84 30.23
N TYR N 371 32.52 -8.54 31.01
CA TYR N 371 32.98 -7.16 31.12
C TYR N 371 33.67 -6.65 29.86
N TYR N 372 33.89 -7.52 28.86
CA TYR N 372 34.35 -7.02 27.57
C TYR N 372 33.32 -6.11 26.94
N VAL N 373 32.03 -6.45 27.09
CA VAL N 373 30.97 -5.56 26.64
C VAL N 373 30.99 -4.27 27.44
N VAL N 374 31.18 -4.39 28.77
CA VAL N 374 31.23 -3.20 29.62
C VAL N 374 32.39 -2.30 29.21
N ALA N 375 33.53 -2.89 28.86
CA ALA N 375 34.64 -2.09 28.34
C ALA N 375 34.27 -1.41 27.02
N HIS N 376 33.53 -2.12 26.17
CA HIS N 376 33.12 -1.54 24.88
C HIS N 376 32.33 -0.25 25.07
N PHE N 377 31.19 -0.34 25.77
CA PHE N 377 30.27 0.78 25.73
C PHE N 377 30.67 1.91 26.69
N HIS N 378 31.52 1.66 27.67
CA HIS N 378 32.02 2.77 28.47
C HIS N 378 33.06 3.59 27.72
N TYR N 379 33.81 2.98 26.82
CA TYR N 379 34.72 3.74 25.97
C TYR N 379 33.96 4.67 25.03
N VAL N 380 32.83 4.20 24.48
CA VAL N 380 32.07 5.05 23.57
C VAL N 380 31.11 5.97 24.33
N LEU N 381 30.69 5.60 25.55
CA LEU N 381 29.79 6.43 26.34
C LEU N 381 30.52 7.27 27.38
N SER N 382 31.24 6.61 28.30
CA SER N 382 31.90 7.34 29.37
C SER N 382 33.13 8.10 28.89
N MET N 383 33.64 7.77 27.71
CA MET N 383 34.69 8.55 27.06
C MET N 383 34.21 9.26 25.81
N GLY N 384 33.53 8.56 24.92
CA GLY N 384 32.95 9.19 23.75
C GLY N 384 31.95 10.28 24.09
N ALA N 385 30.75 9.87 24.51
CA ALA N 385 29.69 10.83 24.80
C ALA N 385 30.12 11.87 25.83
N VAL N 386 30.84 11.44 26.88
CA VAL N 386 31.19 12.35 27.96
C VAL N 386 32.16 13.41 27.48
N PHE N 387 33.22 13.01 26.77
CA PHE N 387 34.20 14.00 26.31
C PHE N 387 33.56 15.00 25.36
N ALA N 388 32.67 14.53 24.49
CA ALA N 388 31.93 15.45 23.62
C ALA N 388 31.09 16.41 24.43
N ILE N 389 30.49 15.94 25.53
CA ILE N 389 29.73 16.82 26.41
C ILE N 389 30.67 17.81 27.09
N MET N 390 31.81 17.33 27.59
CA MET N 390 32.75 18.22 28.27
C MET N 390 33.38 19.21 27.29
N GLY N 391 33.75 18.74 26.10
CA GLY N 391 34.29 19.65 25.10
C GLY N 391 33.29 20.71 24.69
N GLY N 392 32.04 20.30 24.43
CA GLY N 392 31.00 21.26 24.13
C GLY N 392 30.75 22.23 25.26
N PHE N 393 30.81 21.74 26.51
CA PHE N 393 30.52 22.60 27.65
C PHE N 393 31.59 23.68 27.81
N VAL N 394 32.87 23.30 27.75
N VAL N 394 32.86 23.29 27.77
CA VAL N 394 33.92 24.30 27.93
CA VAL N 394 33.95 24.25 27.89
C VAL N 394 34.01 25.23 26.71
C VAL N 394 33.94 25.23 26.73
N HIS N 395 33.59 24.76 25.54
CA HIS N 395 33.63 25.61 24.36
C HIS N 395 32.50 26.65 24.37
N TRP N 396 31.30 26.24 24.78
CA TRP N 396 30.13 27.10 24.68
C TRP N 396 29.70 27.71 26.02
N PHE N 397 30.36 27.37 27.12
CA PHE N 397 30.09 28.04 28.38
C PHE N 397 30.21 29.56 28.30
N PRO N 398 31.24 30.14 27.65
CA PRO N 398 31.26 31.61 27.51
C PRO N 398 30.08 32.17 26.74
N LEU N 399 29.56 31.42 25.76
CA LEU N 399 28.37 31.88 25.04
C LEU N 399 27.13 31.85 25.93
N PHE N 400 26.96 30.77 26.70
CA PHE N 400 25.74 30.63 27.50
C PHE N 400 25.73 31.59 28.67
N SER N 401 26.87 31.77 29.34
CA SER N 401 26.93 32.54 30.59
C SER N 401 27.47 33.95 30.40
N GLY N 402 28.29 34.19 29.39
CA GLY N 402 28.98 35.45 29.25
C GLY N 402 30.26 35.56 30.05
N TYR N 403 30.65 34.51 30.77
CA TYR N 403 31.88 34.48 31.55
C TYR N 403 32.83 33.44 30.96
N THR N 404 34.13 33.66 31.18
CA THR N 404 35.14 32.75 30.70
C THR N 404 35.62 31.84 31.83
N LEU N 405 36.00 30.62 31.46
CA LEU N 405 36.59 29.68 32.40
C LEU N 405 38.08 29.96 32.54
N ASN N 406 38.69 29.34 33.55
CA ASN N 406 40.14 29.32 33.68
C ASN N 406 40.66 28.16 32.83
N ASP N 407 41.41 28.49 31.78
CA ASP N 407 41.83 27.45 30.83
C ASP N 407 42.77 26.45 31.48
N THR N 408 43.65 26.91 32.39
CA THR N 408 44.57 25.99 33.04
C THR N 408 43.83 25.00 33.94
N TRP N 409 42.86 25.48 34.72
CA TRP N 409 42.06 24.56 35.53
C TRP N 409 41.34 23.55 34.65
N ALA N 410 40.80 23.99 33.51
CA ALA N 410 40.09 23.07 32.62
C ALA N 410 41.03 22.05 32.01
N LYS N 411 42.27 22.44 31.72
CA LYS N 411 43.25 21.48 31.22
C LYS N 411 43.64 20.48 32.31
N ILE N 412 43.75 20.96 33.56
CA ILE N 412 43.98 20.06 34.67
C ILE N 412 42.82 19.09 34.82
N HIS N 413 41.60 19.59 34.69
CA HIS N 413 40.41 18.74 34.77
C HIS N 413 40.44 17.65 33.71
N PHE N 414 40.78 18.02 32.47
CA PHE N 414 40.89 17.02 31.40
C PHE N 414 41.94 15.97 31.73
N ALA N 415 43.09 16.39 32.24
CA ALA N 415 44.18 15.45 32.51
C ALA N 415 43.77 14.43 33.58
N ILE N 416 43.07 14.88 34.62
CA ILE N 416 42.62 13.97 35.66
C ILE N 416 41.57 13.01 35.11
N MET N 417 40.61 13.54 34.35
CA MET N 417 39.54 12.71 33.80
C MET N 417 40.10 11.66 32.84
N PHE N 418 41.04 12.06 31.98
CA PHE N 418 41.63 11.13 31.02
C PHE N 418 42.26 9.93 31.72
N VAL N 419 43.02 10.19 32.80
CA VAL N 419 43.64 9.11 33.54
C VAL N 419 42.59 8.24 34.22
N GLY N 420 41.56 8.87 34.80
CA GLY N 420 40.58 8.12 35.57
C GLY N 420 39.80 7.13 34.73
N VAL N 421 39.27 7.58 33.59
CA VAL N 421 38.41 6.72 32.78
C VAL N 421 39.22 5.57 32.19
N ASN N 422 40.46 5.82 31.77
CA ASN N 422 41.25 4.77 31.16
C ASN N 422 41.70 3.75 32.20
N MET N 423 42.06 4.21 33.41
N MET N 423 42.07 4.21 33.40
CA MET N 423 42.41 3.29 34.48
CA MET N 423 42.40 3.27 34.46
C MET N 423 41.19 2.48 34.92
C MET N 423 41.19 2.46 34.90
N THR N 424 39.99 3.03 34.76
CA THR N 424 38.79 2.32 35.16
C THR N 424 38.45 1.19 34.18
N PHE N 425 38.41 1.50 32.89
CA PHE N 425 37.76 0.63 31.93
C PHE N 425 38.70 -0.19 31.07
N PHE N 426 39.95 0.24 30.89
CA PHE N 426 40.88 -0.57 30.10
C PHE N 426 41.16 -1.94 30.73
N PRO N 427 41.41 -2.06 32.04
CA PRO N 427 41.58 -3.41 32.61
C PRO N 427 40.34 -4.27 32.50
N GLN N 428 39.16 -3.68 32.27
CA GLN N 428 37.95 -4.46 32.13
C GLN N 428 37.94 -5.29 30.85
N HIS N 429 38.76 -4.93 29.86
CA HIS N 429 38.98 -5.82 28.73
C HIS N 429 39.54 -7.16 29.18
N PHE N 430 40.53 -7.12 30.09
CA PHE N 430 41.11 -8.36 30.61
C PHE N 430 40.08 -9.18 31.36
N LEU N 431 39.27 -8.54 32.19
CA LEU N 431 38.23 -9.26 32.93
C LEU N 431 37.23 -9.92 31.99
N GLY N 432 36.90 -9.25 30.88
CA GLY N 432 35.94 -9.82 29.96
C GLY N 432 36.49 -11.03 29.22
N LEU N 433 37.70 -10.89 28.66
CA LEU N 433 38.32 -12.00 27.95
C LEU N 433 38.52 -13.20 28.85
N SER N 434 38.85 -12.96 30.13
CA SER N 434 39.09 -14.05 31.06
C SER N 434 37.81 -14.62 31.67
N GLY N 435 36.66 -13.99 31.45
CA GLY N 435 35.39 -14.59 31.74
C GLY N 435 34.56 -14.02 32.88
N MET N 436 34.85 -12.80 33.33
CA MET N 436 34.07 -12.22 34.43
C MET N 436 32.71 -11.78 33.92
N PRO N 437 31.62 -12.32 34.47
CA PRO N 437 30.30 -11.96 33.96
C PRO N 437 29.89 -10.55 34.37
N ARG N 438 28.91 -10.03 33.64
CA ARG N 438 28.30 -8.75 33.96
C ARG N 438 27.35 -8.88 35.15
N ARG N 439 27.15 -7.75 35.84
CA ARG N 439 26.12 -7.62 36.87
C ARG N 439 26.41 -8.50 38.08
N TYR N 440 27.69 -8.72 38.40
CA TYR N 440 28.09 -9.49 39.56
C TYR N 440 28.48 -8.54 40.70
N SER N 441 27.98 -8.83 41.90
CA SER N 441 28.44 -8.11 43.09
C SER N 441 29.74 -8.66 43.64
N ASP N 442 30.14 -9.85 43.22
CA ASP N 442 31.37 -10.48 43.68
C ASP N 442 31.88 -11.40 42.59
N TYR N 443 33.18 -11.72 42.65
CA TYR N 443 33.87 -12.42 41.59
C TYR N 443 34.84 -13.43 42.18
N PRO N 444 35.17 -14.48 41.42
CA PRO N 444 36.23 -15.40 41.86
C PRO N 444 37.54 -14.66 42.11
N ASP N 445 38.39 -15.28 42.93
CA ASP N 445 39.60 -14.62 43.41
C ASP N 445 40.53 -14.19 42.29
N ALA N 446 40.53 -14.91 41.17
CA ALA N 446 41.48 -14.62 40.09
C ALA N 446 41.28 -13.24 39.49
N TYR N 447 40.09 -12.66 39.61
CA TYR N 447 39.77 -11.38 39.01
C TYR N 447 40.05 -10.20 39.93
N THR N 448 40.82 -10.40 41.00
CA THR N 448 40.94 -9.39 42.04
C THR N 448 41.72 -8.16 41.55
N MET N 449 42.88 -8.39 40.91
CA MET N 449 43.77 -7.28 40.59
C MET N 449 43.10 -6.26 39.68
N TRP N 450 42.53 -6.71 38.57
CA TRP N 450 41.95 -5.77 37.61
C TRP N 450 40.72 -5.07 38.17
N ASN N 451 39.93 -5.76 39.00
CA ASN N 451 38.82 -5.10 39.68
C ASN N 451 39.35 -4.05 40.66
N THR N 452 40.46 -4.34 41.33
CA THR N 452 41.04 -3.37 42.26
C THR N 452 41.53 -2.14 41.53
N ILE N 453 42.26 -2.33 40.42
CA ILE N 453 42.74 -1.20 39.63
C ILE N 453 41.57 -0.41 39.06
N SER N 454 40.55 -1.12 38.55
CA SER N 454 39.40 -0.44 37.95
C SER N 454 38.69 0.45 38.96
N SER N 455 38.52 -0.03 40.19
CA SER N 455 37.86 0.77 41.22
C SER N 455 38.70 1.98 41.61
N MET N 456 40.03 1.83 41.60
CA MET N 456 40.89 2.97 41.89
C MET N 456 40.77 4.03 40.80
N GLY N 457 40.60 3.61 39.54
CA GLY N 457 40.36 4.56 38.47
C GLY N 457 39.10 5.38 38.69
N SER N 458 38.05 4.73 39.19
CA SER N 458 36.78 5.42 39.37
C SER N 458 36.88 6.54 40.41
N PHE N 459 37.75 6.37 41.42
CA PHE N 459 37.97 7.43 42.38
C PHE N 459 38.69 8.62 41.75
N ILE N 460 39.61 8.35 40.82
CA ILE N 460 40.25 9.44 40.08
C ILE N 460 39.22 10.23 39.30
N SER N 461 38.30 9.53 38.63
CA SER N 461 37.22 10.22 37.91
C SER N 461 36.37 11.05 38.87
N LEU N 462 36.14 10.53 40.08
CA LEU N 462 35.41 11.30 41.09
C LEU N 462 36.12 12.62 41.38
N THR N 463 37.45 12.60 41.45
CA THR N 463 38.20 13.82 41.72
C THR N 463 38.03 14.82 40.57
N ALA N 464 37.97 14.34 39.33
CA ALA N 464 37.72 15.23 38.21
C ALA N 464 36.33 15.85 38.28
N VAL N 465 35.32 15.05 38.66
CA VAL N 465 33.97 15.58 38.76
C VAL N 465 33.90 16.66 39.83
N MET N 466 34.54 16.45 40.97
CA MET N 466 34.55 17.46 42.03
C MET N 466 35.28 18.71 41.59
N LEU N 467 36.40 18.56 40.87
CA LEU N 467 37.13 19.72 40.38
C LEU N 467 36.30 20.49 39.36
N MET N 468 35.53 19.80 38.53
CA MET N 468 34.68 20.46 37.54
C MET N 468 33.70 21.42 38.21
N VAL N 469 33.08 20.98 39.32
CA VAL N 469 32.15 21.85 40.03
C VAL N 469 32.85 23.10 40.53
N PHE N 470 34.07 22.94 41.05
CA PHE N 470 34.84 24.09 41.49
C PHE N 470 35.16 25.03 40.33
N ILE N 471 35.51 24.45 39.17
CA ILE N 471 35.89 25.27 38.03
C ILE N 471 34.71 26.13 37.56
N ILE N 472 33.50 25.56 37.60
CA ILE N 472 32.32 26.32 37.23
C ILE N 472 32.06 27.43 38.24
N TRP N 473 32.25 27.13 39.53
CA TRP N 473 32.13 28.17 40.56
C TRP N 473 33.11 29.31 40.32
N GLU N 474 34.37 28.97 40.04
CA GLU N 474 35.40 30.00 39.87
C GLU N 474 35.06 30.95 38.73
N ALA N 475 34.46 30.43 37.66
CA ALA N 475 34.09 31.28 36.54
C ALA N 475 33.00 32.27 36.94
N PHE N 476 31.94 31.78 37.59
CA PHE N 476 30.88 32.67 38.06
C PHE N 476 31.36 33.58 39.18
N ALA N 477 32.33 33.12 39.98
CA ALA N 477 32.83 33.93 41.08
C ALA N 477 33.66 35.11 40.57
N SER N 478 34.50 34.88 39.56
CA SER N 478 35.43 35.91 39.11
C SER N 478 34.76 36.91 38.17
N LYS N 479 33.83 36.44 37.34
CA LYS N 479 33.09 37.28 36.40
C LYS N 479 34.02 37.99 35.41
N ARG N 480 34.74 37.18 34.64
CA ARG N 480 35.48 37.67 33.47
C ARG N 480 34.52 37.67 32.28
N GLU N 481 34.05 38.85 31.89
CA GLU N 481 33.02 38.96 30.87
C GLU N 481 33.64 38.88 29.47
N VAL N 482 33.02 38.08 28.61
CA VAL N 482 33.53 37.87 27.26
C VAL N 482 33.50 39.17 26.48
N LEU N 483 34.55 39.41 25.69
CA LEU N 483 34.59 40.54 24.79
C LEU N 483 34.36 40.09 23.36
N THR N 484 35.40 39.54 22.72
CA THR N 484 35.34 39.08 21.35
C THR N 484 35.75 37.62 21.26
N VAL N 485 35.17 36.93 20.28
CA VAL N 485 35.54 35.56 19.97
C VAL N 485 35.94 35.51 18.50
N ASP N 486 36.78 34.54 18.15
CA ASP N 486 37.28 34.40 16.80
C ASP N 486 36.31 33.58 15.95
N LEU N 487 36.44 33.74 14.63
CA LEU N 487 35.76 32.89 13.65
C LEU N 487 34.23 33.01 13.74
N THR N 488 33.73 34.21 14.06
CA THR N 488 32.29 34.43 14.06
C THR N 488 31.68 34.29 12.67
N THR N 489 32.49 34.46 11.62
CA THR N 489 31.97 34.37 10.25
C THR N 489 31.48 32.96 9.90
N THR N 490 31.95 31.94 10.61
CA THR N 490 31.50 30.57 10.39
C THR N 490 31.00 29.91 11.67
N ASN N 491 30.56 30.72 12.64
CA ASN N 491 29.99 30.24 13.91
C ASN N 491 28.91 31.24 14.30
N LEU N 492 27.74 31.12 13.65
CA LEU N 492 26.67 32.11 13.79
C LEU N 492 26.20 32.26 15.24
N GLU N 493 26.27 31.19 16.03
CA GLU N 493 25.71 31.23 17.39
C GLU N 493 26.42 32.24 18.28
N TRP N 494 27.63 32.66 17.92
CA TRP N 494 28.38 33.64 18.71
C TRP N 494 28.11 35.09 18.31
N LEU N 495 27.42 35.31 17.19
CA LEU N 495 27.37 36.64 16.58
C LEU N 495 26.43 37.61 17.30
N ASN N 496 25.66 37.15 18.29
CA ASN N 496 24.78 38.02 19.05
C ASN N 496 25.32 38.33 20.45
N GLY N 497 26.62 38.14 20.67
CA GLY N 497 27.24 38.44 21.95
C GLY N 497 27.10 37.31 22.96
N CYS N 498 27.69 37.54 24.12
CA CYS N 498 27.77 36.53 25.18
C CYS N 498 27.37 37.15 26.51
N PRO N 499 26.21 36.78 27.06
CA PRO N 499 25.24 35.88 26.41
C PRO N 499 24.38 36.62 25.39
N PRO N 500 23.78 35.89 24.45
CA PRO N 500 22.89 36.54 23.49
C PRO N 500 21.64 37.07 24.19
N PRO N 501 21.01 38.10 23.65
CA PRO N 501 19.79 38.63 24.27
C PRO N 501 18.70 37.57 24.35
N TYR N 502 17.76 37.82 25.27
CA TYR N 502 16.61 36.92 25.44
C TYR N 502 15.94 36.64 24.11
N HIS N 503 15.68 37.68 23.33
CA HIS N 503 15.17 37.54 21.97
C HIS N 503 16.30 37.81 20.99
N THR N 504 16.60 36.83 20.14
CA THR N 504 17.57 37.00 19.07
C THR N 504 16.89 36.73 17.73
N PHE N 505 17.44 37.36 16.69
CA PHE N 505 16.91 37.25 15.33
C PHE N 505 15.46 37.69 15.24
N GLU N 506 15.06 38.68 16.05
CA GLU N 506 13.78 39.33 15.84
C GLU N 506 13.67 39.87 14.43
N GLU N 507 14.75 40.47 13.93
CA GLU N 507 14.93 40.68 12.50
C GLU N 507 15.79 39.55 11.96
N PRO N 508 15.27 38.72 11.06
CA PRO N 508 16.04 37.55 10.60
C PRO N 508 17.24 37.96 9.78
N THR N 509 18.14 36.99 9.58
CA THR N 509 19.33 37.23 8.78
C THR N 509 18.97 37.47 7.32
N TYR N 510 19.86 38.17 6.62
CA TYR N 510 19.73 38.41 5.19
C TYR N 510 20.60 37.40 4.44
N VAL N 511 19.97 36.54 3.67
CA VAL N 511 20.66 35.57 2.83
C VAL N 511 19.99 35.56 1.46
N ASN N 512 20.70 35.95 0.42
CA ASN N 512 20.19 35.91 -0.94
C ASN N 512 20.67 34.64 -1.64
N LEU N 513 20.07 34.35 -2.79
CA LEU N 513 20.28 33.09 -3.47
C LEU N 513 21.28 33.16 -4.61
N LYS N 514 21.52 34.34 -5.17
CA LYS N 514 22.45 34.52 -6.29
C LYS N 514 22.05 33.70 -7.53
N ALA O 2 39.87 -19.15 35.19
CA ALA O 2 40.73 -17.97 35.13
C ALA O 2 41.76 -18.00 36.24
N TYR O 3 42.94 -17.45 35.95
CA TYR O 3 44.03 -17.36 36.90
C TYR O 3 44.37 -15.90 37.16
N PRO O 4 45.04 -15.59 38.28
CA PRO O 4 45.33 -14.20 38.61
C PRO O 4 46.13 -13.50 37.51
N MET O 5 45.78 -12.23 37.29
CA MET O 5 46.46 -11.35 36.33
C MET O 5 46.27 -11.80 34.89
N GLN O 6 45.24 -12.58 34.60
CA GLN O 6 45.02 -13.05 33.24
C GLN O 6 44.62 -11.91 32.33
N LEU O 7 45.22 -11.86 31.14
CA LEU O 7 44.97 -10.82 30.15
C LEU O 7 44.01 -11.27 29.06
N GLY O 8 44.06 -12.53 28.64
CA GLY O 8 43.27 -12.98 27.52
C GLY O 8 42.32 -14.11 27.85
N PHE O 9 41.89 -14.85 26.84
CA PHE O 9 40.97 -15.97 27.05
C PHE O 9 41.64 -17.08 27.85
N GLN O 10 40.82 -17.81 28.60
CA GLN O 10 41.28 -19.06 29.20
C GLN O 10 41.73 -20.02 28.11
N ASP O 11 42.66 -20.91 28.45
CA ASP O 11 43.18 -21.86 27.48
C ASP O 11 42.05 -22.68 26.88
N ALA O 12 42.11 -22.87 25.57
CA ALA O 12 41.04 -23.56 24.86
C ALA O 12 41.02 -25.04 25.21
N THR O 13 39.83 -25.55 25.52
CA THR O 13 39.63 -26.97 25.80
C THR O 13 38.93 -27.69 24.65
N SER O 14 38.23 -26.97 23.79
CA SER O 14 37.52 -27.54 22.65
C SER O 14 38.13 -27.03 21.35
N PRO O 15 38.00 -27.80 20.26
CA PRO O 15 38.48 -27.31 18.96
C PRO O 15 37.83 -26.00 18.54
N ILE O 16 36.56 -25.79 18.89
CA ILE O 16 35.88 -24.55 18.53
C ILE O 16 36.50 -23.38 19.28
N MET O 17 36.74 -23.54 20.59
CA MET O 17 37.40 -22.49 21.34
C MET O 17 38.79 -22.20 20.81
N GLU O 18 39.47 -23.21 20.25
N GLU O 18 39.48 -23.22 20.28
CA GLU O 18 40.76 -22.97 19.64
CA GLU O 18 40.77 -22.99 19.63
C GLU O 18 40.63 -22.14 18.36
C GLU O 18 40.59 -22.10 18.39
N GLU O 19 39.54 -22.34 17.62
CA GLU O 19 39.28 -21.52 16.44
C GLU O 19 39.00 -20.08 16.83
N LEU O 20 38.31 -19.88 17.95
CA LEU O 20 38.00 -18.54 18.41
C LEU O 20 39.26 -17.80 18.84
N LEU O 21 40.21 -18.51 19.47
CA LEU O 21 41.48 -17.88 19.85
C LEU O 21 42.22 -17.37 18.62
N HIS O 22 42.32 -18.22 17.59
N HIS O 22 42.31 -18.21 17.58
CA HIS O 22 42.99 -17.79 16.36
CA HIS O 22 42.98 -17.81 16.36
C HIS O 22 42.26 -16.62 15.72
C HIS O 22 42.26 -16.65 15.68
N PHE O 23 40.92 -16.65 15.72
CA PHE O 23 40.17 -15.55 15.11
C PHE O 23 40.31 -14.26 15.91
N HIS O 24 40.39 -14.37 17.24
CA HIS O 24 40.59 -13.18 18.06
C HIS O 24 41.98 -12.60 17.83
N ASP O 25 43.00 -13.45 17.77
CA ASP O 25 44.34 -12.97 17.44
C ASP O 25 44.36 -12.23 16.11
N HIS O 26 43.65 -12.77 15.12
CA HIS O 26 43.58 -12.11 13.82
C HIS O 26 42.85 -10.78 13.91
N THR O 27 41.76 -10.73 14.69
CA THR O 27 40.99 -9.50 14.80
C THR O 27 41.68 -8.48 15.70
N LEU O 28 42.29 -8.95 16.80
CA LEU O 28 42.95 -8.03 17.72
C LEU O 28 44.11 -7.30 17.05
N MET O 29 44.80 -7.94 16.12
N MET O 29 44.79 -7.94 16.11
CA MET O 29 45.87 -7.28 15.40
CA MET O 29 45.87 -7.28 15.40
C MET O 29 45.34 -6.10 14.58
C MET O 29 45.34 -6.12 14.57
N ILE O 30 44.16 -6.28 13.98
CA ILE O 30 43.56 -5.20 13.21
C ILE O 30 43.11 -4.08 14.12
N VAL O 31 42.55 -4.42 15.29
CA VAL O 31 42.15 -3.42 16.26
C VAL O 31 43.35 -2.61 16.73
N PHE O 32 44.46 -3.30 17.01
N PHE O 32 44.49 -3.28 16.97
CA PHE O 32 45.71 -2.63 17.37
CA PHE O 32 45.67 -2.53 17.39
C PHE O 32 46.16 -1.69 16.26
C PHE O 32 46.23 -1.69 16.26
N LEU O 33 46.16 -2.19 15.01
CA LEU O 33 46.71 -1.43 13.89
C LEU O 33 45.91 -0.15 13.65
N ILE O 34 44.58 -0.26 13.67
CA ILE O 34 43.76 0.90 13.40
C ILE O 34 43.84 1.90 14.54
N SER O 35 43.84 1.42 15.79
CA SER O 35 43.94 2.32 16.93
C SER O 35 45.29 3.04 16.94
N SER O 36 46.36 2.32 16.64
CA SER O 36 47.68 2.96 16.56
C SER O 36 47.75 3.95 15.41
N LEU O 37 47.21 3.58 14.24
CA LEU O 37 47.20 4.49 13.10
C LEU O 37 46.44 5.77 13.41
N VAL O 38 45.28 5.66 14.07
CA VAL O 38 44.50 6.85 14.40
C VAL O 38 45.27 7.71 15.41
N LEU O 39 45.84 7.07 16.44
CA LEU O 39 46.62 7.82 17.43
C LEU O 39 47.82 8.49 16.78
N TYR O 40 48.54 7.77 15.90
CA TYR O 40 49.70 8.34 15.25
C TYR O 40 49.32 9.53 14.36
N ILE O 41 48.28 9.35 13.54
CA ILE O 41 47.87 10.42 12.63
C ILE O 41 47.45 11.65 13.41
N ILE O 42 46.80 11.46 14.56
CA ILE O 42 46.47 12.59 15.43
C ILE O 42 47.73 13.37 15.78
N SER O 43 48.75 12.67 16.26
CA SER O 43 50.01 13.33 16.59
C SER O 43 50.67 13.92 15.34
N LEU O 44 50.47 13.30 14.17
CA LEU O 44 51.02 13.85 12.95
C LEU O 44 50.38 15.18 12.58
N MET O 45 49.05 15.28 12.74
CA MET O 45 48.34 16.51 12.40
C MET O 45 48.67 17.65 13.36
N LEU O 46 49.20 17.34 14.55
CA LEU O 46 49.33 18.33 15.62
C LEU O 46 50.77 18.78 15.84
N THR O 47 51.73 18.33 15.03
CA THR O 47 53.14 18.55 15.32
C THR O 47 53.86 19.29 14.19
N THR O 48 53.15 20.17 13.48
CA THR O 48 53.78 20.98 12.45
C THR O 48 53.22 22.39 12.49
N LYS O 49 54.11 23.37 12.23
CA LYS O 49 53.68 24.75 12.10
C LYS O 49 53.17 25.07 10.69
N LEU O 50 53.38 24.18 9.73
CA LEU O 50 52.88 24.40 8.38
C LEU O 50 51.36 24.36 8.39
N THR O 51 50.74 25.22 7.59
CA THR O 51 49.29 25.39 7.60
C THR O 51 48.72 25.29 6.20
N HIS O 52 47.45 24.89 6.13
CA HIS O 52 46.69 24.88 4.88
C HIS O 52 45.22 24.95 5.29
N THR O 53 44.67 26.16 5.30
CA THR O 53 43.35 26.41 5.88
C THR O 53 42.29 26.73 4.82
N SER O 54 42.64 26.71 3.54
CA SER O 54 41.66 26.93 2.50
C SER O 54 40.83 25.66 2.26
N THR O 55 39.85 25.76 1.37
CA THR O 55 38.92 24.67 1.15
C THR O 55 39.62 23.44 0.60
N MET O 56 39.36 22.30 1.21
CA MET O 56 39.95 21.04 0.77
C MET O 56 38.92 20.19 0.04
N ASP O 57 39.26 19.76 -1.18
CA ASP O 57 38.46 18.82 -1.92
C ASP O 57 38.59 17.43 -1.30
N ALA O 58 37.47 16.73 -1.18
CA ALA O 58 37.39 15.53 -0.37
C ALA O 58 37.15 14.24 -1.16
N GLN O 59 36.65 14.34 -2.40
CA GLN O 59 36.14 13.15 -3.08
C GLN O 59 37.20 12.07 -3.24
N GLU O 60 38.38 12.44 -3.75
CA GLU O 60 39.41 11.45 -4.04
C GLU O 60 39.82 10.67 -2.80
N VAL O 61 40.05 11.36 -1.68
CA VAL O 61 40.57 10.69 -0.49
C VAL O 61 39.53 9.79 0.13
N GLU O 62 38.24 10.08 -0.05
CA GLU O 62 37.20 9.28 0.58
C GLU O 62 37.00 7.93 -0.10
N THR O 63 37.49 7.76 -1.33
CA THR O 63 37.56 6.42 -1.91
C THR O 63 38.45 5.52 -1.06
N ILE O 64 39.61 6.04 -0.63
CA ILE O 64 40.49 5.27 0.24
C ILE O 64 39.81 5.00 1.58
N TRP O 65 39.20 6.02 2.17
CA TRP O 65 38.55 5.89 3.46
C TRP O 65 37.36 4.94 3.45
N THR O 66 36.90 4.52 2.27
CA THR O 66 35.76 3.62 2.14
C THR O 66 36.16 2.23 1.68
N ILE O 67 37.02 2.13 0.67
CA ILE O 67 37.40 0.83 0.14
C ILE O 67 38.25 0.06 1.15
N LEU O 68 39.23 0.71 1.77
CA LEU O 68 40.09 0.01 2.72
C LEU O 68 39.33 -0.56 3.91
N PRO O 69 38.51 0.19 4.64
CA PRO O 69 37.73 -0.45 5.72
C PRO O 69 36.81 -1.55 5.22
N ALA O 70 36.23 -1.38 4.02
CA ALA O 70 35.36 -2.43 3.47
C ALA O 70 36.13 -3.73 3.25
N ILE O 71 37.33 -3.64 2.69
CA ILE O 71 38.17 -4.83 2.52
C ILE O 71 38.51 -5.43 3.88
N ILE O 72 38.85 -4.59 4.84
CA ILE O 72 39.21 -5.08 6.18
C ILE O 72 38.04 -5.81 6.82
N LEU O 73 36.84 -5.22 6.74
CA LEU O 73 35.66 -5.86 7.30
C LEU O 73 35.41 -7.22 6.67
N ILE O 74 35.69 -7.34 5.37
CA ILE O 74 35.51 -8.63 4.68
C ILE O 74 36.52 -9.64 5.19
N LEU O 75 37.75 -9.19 5.46
CA LEU O 75 38.78 -10.07 5.99
C LEU O 75 38.49 -10.50 7.43
N ILE O 76 37.63 -9.77 8.13
CA ILE O 76 37.14 -10.20 9.44
C ILE O 76 35.94 -11.11 9.31
N ALA O 77 35.01 -10.77 8.43
CA ALA O 77 33.76 -11.51 8.29
C ALA O 77 34.00 -12.95 7.83
N LEU O 78 34.93 -13.13 6.87
CA LEU O 78 35.14 -14.45 6.28
C LEU O 78 35.51 -15.50 7.32
N PRO O 79 36.56 -15.33 8.13
CA PRO O 79 36.81 -16.34 9.17
C PRO O 79 35.72 -16.36 10.24
N SER O 80 35.13 -15.21 10.56
CA SER O 80 34.06 -15.16 11.56
C SER O 80 32.88 -16.03 11.15
N LEU O 81 32.42 -15.87 9.91
CA LEU O 81 31.26 -16.64 9.46
C LEU O 81 31.60 -18.10 9.25
N ARG O 82 32.84 -18.39 8.81
CA ARG O 82 33.29 -19.77 8.68
C ARG O 82 33.22 -20.50 10.02
N ILE O 83 33.66 -19.85 11.09
CA ILE O 83 33.57 -20.44 12.42
C ILE O 83 32.11 -20.54 12.86
N LEU O 84 31.31 -19.53 12.51
CA LEU O 84 29.91 -19.51 12.90
C LEU O 84 29.18 -20.76 12.40
N TYR O 85 29.38 -21.11 11.13
CA TYR O 85 28.67 -22.25 10.56
C TYR O 85 29.26 -23.58 10.98
N MET O 86 30.57 -23.64 11.23
CA MET O 86 31.15 -24.89 11.73
C MET O 86 30.70 -25.18 13.16
N MET O 87 30.24 -24.16 13.90
N MET O 87 30.29 -24.15 13.91
CA MET O 87 29.62 -24.42 15.19
CA MET O 87 29.61 -24.36 15.17
C MET O 87 28.24 -25.02 15.02
C MET O 87 28.28 -25.07 14.97
N ASP O 88 27.53 -24.66 13.95
CA ASP O 88 26.20 -25.17 13.66
C ASP O 88 26.20 -26.52 12.97
N GLU O 89 27.37 -27.00 12.54
CA GLU O 89 27.49 -28.23 11.75
C GLU O 89 26.77 -29.39 12.43
N ILE O 90 26.21 -30.28 11.60
CA ILE O 90 25.70 -31.56 12.09
C ILE O 90 26.85 -32.34 12.68
N ASN O 91 26.67 -32.85 13.91
CA ASN O 91 27.72 -33.59 14.59
C ASN O 91 27.34 -34.99 15.04
N ASN O 92 26.05 -35.35 15.05
CA ASN O 92 25.47 -36.58 15.60
C ASN O 92 26.12 -36.94 16.94
N PRO O 93 25.53 -36.48 18.03
CA PRO O 93 26.12 -36.73 19.36
C PRO O 93 25.84 -38.15 19.86
N SER O 94 26.67 -38.58 20.79
CA SER O 94 26.51 -39.87 21.45
C SER O 94 25.83 -39.76 22.82
N LEU O 95 25.53 -38.53 23.28
CA LEU O 95 24.95 -38.32 24.59
C LEU O 95 24.21 -36.99 24.60
N THR O 96 23.06 -36.95 25.27
CA THR O 96 22.29 -35.73 25.46
C THR O 96 22.09 -35.49 26.95
N VAL O 97 22.47 -34.31 27.42
CA VAL O 97 22.31 -33.90 28.80
C VAL O 97 21.52 -32.60 28.82
N LYS O 98 20.53 -32.52 29.70
CA LYS O 98 19.75 -31.31 29.90
C LYS O 98 20.19 -30.59 31.17
N THR O 99 20.18 -29.26 31.13
CA THR O 99 20.41 -28.45 32.31
C THR O 99 19.26 -27.44 32.45
N MET O 100 18.70 -27.36 33.65
CA MET O 100 17.63 -26.43 33.95
C MET O 100 18.14 -25.36 34.91
N GLY O 101 17.92 -24.09 34.55
CA GLY O 101 18.30 -23.01 35.43
C GLY O 101 17.28 -22.81 36.54
N HIS O 102 17.79 -22.44 37.72
CA HIS O 102 16.95 -22.16 38.87
C HIS O 102 17.53 -20.99 39.64
N GLN O 103 16.68 -20.39 40.48
CA GLN O 103 17.13 -19.41 41.47
C GLN O 103 17.38 -20.14 42.79
N TRP O 104 18.64 -20.40 43.12
CA TRP O 104 19.78 -20.02 42.29
C TRP O 104 20.78 -21.17 42.21
N TYR O 105 20.55 -22.06 41.25
CA TYR O 105 21.35 -23.27 41.08
C TYR O 105 20.98 -23.90 39.74
N TRP O 106 21.79 -24.90 39.35
CA TRP O 106 21.54 -25.65 38.13
C TRP O 106 21.17 -27.09 38.47
N SER O 107 20.20 -27.63 37.74
CA SER O 107 19.85 -29.04 37.81
C SER O 107 20.16 -29.69 36.47
N TYR O 108 20.61 -30.93 36.51
CA TYR O 108 21.05 -31.64 35.31
C TYR O 108 20.29 -32.95 35.17
N GLU O 109 20.01 -33.32 33.92
CA GLU O 109 19.22 -34.50 33.61
C GLU O 109 19.94 -35.35 32.57
N TYR O 110 20.14 -36.62 32.90
CA TYR O 110 20.71 -37.62 31.99
C TYR O 110 19.63 -38.67 31.77
N THR O 111 18.84 -38.50 30.71
CA THR O 111 17.67 -39.34 30.48
C THR O 111 17.72 -40.09 29.15
N ASP O 112 18.93 -40.39 28.66
CA ASP O 112 19.04 -41.20 27.46
C ASP O 112 18.61 -42.65 27.71
N TYR O 113 18.99 -43.20 28.86
CA TYR O 113 18.65 -44.57 29.24
C TYR O 113 17.94 -44.61 30.58
N GLU O 114 18.58 -44.15 31.65
CA GLU O 114 17.99 -44.10 32.98
C GLU O 114 17.52 -42.68 33.29
N ASP O 115 16.71 -42.55 34.34
CA ASP O 115 16.20 -41.24 34.76
C ASP O 115 17.11 -40.71 35.87
N LEU O 116 18.28 -40.22 35.45
CA LEU O 116 19.25 -39.64 36.37
C LEU O 116 19.11 -38.12 36.35
N SER O 117 18.88 -37.54 37.53
CA SER O 117 18.81 -36.09 37.67
C SER O 117 19.26 -35.70 39.07
N PHE O 118 19.85 -34.52 39.18
CA PHE O 118 20.36 -34.04 40.45
C PHE O 118 20.52 -32.53 40.39
N ASP O 119 20.71 -31.93 41.56
CA ASP O 119 20.92 -30.50 41.70
C ASP O 119 22.39 -30.19 41.90
N SER O 120 22.77 -28.96 41.58
CA SER O 120 24.16 -28.52 41.65
C SER O 120 24.20 -27.14 42.30
N TYR O 121 24.67 -27.09 43.54
CA TYR O 121 24.69 -25.86 44.32
C TYR O 121 26.13 -25.40 44.54
N MET O 122 26.32 -24.09 44.61
CA MET O 122 27.62 -23.53 44.94
C MET O 122 28.03 -23.96 46.35
N ILE O 123 29.29 -24.36 46.49
CA ILE O 123 29.87 -24.59 47.81
C ILE O 123 30.06 -23.25 48.50
N PRO O 124 29.40 -22.99 49.63
CA PRO O 124 29.61 -21.73 50.33
C PRO O 124 31.06 -21.58 50.76
N THR O 125 31.49 -20.32 50.89
CA THR O 125 32.88 -20.04 51.23
C THR O 125 33.26 -20.65 52.57
N SER O 126 32.32 -20.65 53.52
CA SER O 126 32.61 -21.19 54.84
C SER O 126 32.77 -22.71 54.83
N GLU O 127 32.31 -23.39 53.79
CA GLU O 127 32.36 -24.84 53.72
C GLU O 127 33.39 -25.35 52.73
N LEU O 128 34.18 -24.46 52.13
CA LEU O 128 35.18 -24.88 51.15
C LEU O 128 36.23 -25.78 51.81
N LYS O 129 36.68 -26.79 51.05
CA LYS O 129 37.80 -27.63 51.49
C LYS O 129 39.12 -26.97 51.10
N PRO O 130 40.17 -27.19 51.88
CA PRO O 130 41.45 -26.51 51.61
C PRO O 130 41.90 -26.70 50.17
N GLY O 131 42.15 -25.58 49.50
CA GLY O 131 42.53 -25.58 48.10
C GLY O 131 41.38 -25.44 47.13
N GLU O 132 40.14 -25.37 47.59
CA GLU O 132 39.02 -25.20 46.69
C GLU O 132 38.80 -23.71 46.39
N LEU O 133 38.09 -23.46 45.30
CA LEU O 133 37.99 -22.12 44.71
C LEU O 133 36.72 -21.43 45.18
N ARG O 134 36.89 -20.25 45.76
CA ARG O 134 35.74 -19.46 46.21
C ARG O 134 34.81 -19.14 45.05
N LEU O 135 33.51 -19.32 45.28
CA LEU O 135 32.41 -18.99 44.38
C LEU O 135 32.34 -19.87 43.15
N LEU O 136 33.22 -20.87 43.01
CA LEU O 136 33.28 -21.68 41.80
C LEU O 136 32.93 -23.14 42.00
N GLU O 137 33.21 -23.71 43.17
CA GLU O 137 32.95 -25.13 43.38
C GLU O 137 31.47 -25.41 43.54
N VAL O 138 31.07 -26.61 43.11
CA VAL O 138 29.71 -27.10 43.30
C VAL O 138 29.76 -28.43 44.03
N ASP O 139 28.65 -28.78 44.66
CA ASP O 139 28.56 -30.07 45.36
C ASP O 139 28.53 -31.23 44.36
N ASN O 140 27.74 -31.10 43.30
CA ASN O 140 27.56 -32.16 42.32
C ASN O 140 28.00 -31.64 40.96
N ARG O 141 29.11 -32.16 40.45
CA ARG O 141 29.67 -31.72 39.19
C ARG O 141 28.98 -32.42 38.02
N VAL O 142 29.16 -31.85 36.83
CA VAL O 142 28.58 -32.38 35.60
C VAL O 142 29.58 -33.36 35.02
N VAL O 143 29.42 -34.65 35.37
CA VAL O 143 30.31 -35.68 34.86
C VAL O 143 29.98 -35.95 33.40
N LEU O 144 30.99 -35.92 32.55
CA LEU O 144 30.82 -36.04 31.11
C LEU O 144 31.97 -36.83 30.52
N PRO O 145 31.72 -37.59 29.45
CA PRO O 145 32.81 -38.31 28.79
C PRO O 145 33.65 -37.36 27.93
N MET O 146 34.97 -37.48 28.05
CA MET O 146 35.87 -36.65 27.27
C MET O 146 35.99 -37.17 25.84
N GLU O 147 36.41 -36.28 24.94
CA GLU O 147 36.69 -36.61 23.55
C GLU O 147 35.46 -37.16 22.83
N MET O 148 34.26 -36.78 23.28
N MET O 148 34.27 -36.78 23.28
CA MET O 148 33.03 -37.23 22.65
CA MET O 148 33.02 -37.21 22.68
C MET O 148 32.11 -36.05 22.42
C MET O 148 32.15 -36.00 22.38
N THR O 149 31.35 -36.11 21.34
CA THR O 149 30.40 -35.05 20.99
C THR O 149 29.15 -35.20 21.84
N ILE O 150 28.86 -34.18 22.65
CA ILE O 150 27.73 -34.19 23.57
C ILE O 150 26.77 -33.09 23.19
N ARG O 151 25.47 -33.41 23.21
CA ARG O 151 24.43 -32.41 23.01
C ARG O 151 23.94 -31.92 24.37
N MET O 152 24.07 -30.62 24.61
CA MET O 152 23.54 -30.00 25.82
C MET O 152 22.26 -29.26 25.49
N LEU O 153 21.23 -29.48 26.30
CA LEU O 153 19.95 -28.79 26.18
C LEU O 153 19.76 -27.91 27.40
N VAL O 154 19.49 -26.63 27.17
CA VAL O 154 19.46 -25.62 28.22
C VAL O 154 18.08 -25.01 28.29
N SER O 155 17.52 -24.91 29.50
CA SER O 155 16.25 -24.26 29.74
C SER O 155 16.24 -23.75 31.17
N SER O 156 15.09 -23.20 31.58
CA SER O 156 14.92 -22.68 32.92
C SER O 156 13.51 -22.95 33.41
N GLU O 157 13.35 -22.98 34.73
CA GLU O 157 12.06 -23.20 35.35
C GLU O 157 11.56 -21.98 36.13
N ASP O 158 12.27 -20.85 36.03
CA ASP O 158 11.78 -19.60 36.60
C ASP O 158 12.16 -18.42 35.70
N VAL O 159 13.22 -17.70 36.07
CA VAL O 159 13.64 -16.52 35.32
C VAL O 159 14.72 -16.90 34.32
N LEU O 160 15.24 -15.90 33.61
CA LEU O 160 16.30 -16.15 32.66
C LEU O 160 17.62 -16.45 33.36
N HIS O 161 18.35 -17.42 32.82
CA HIS O 161 19.73 -17.69 33.20
C HIS O 161 20.54 -17.86 31.91
N SER O 162 21.83 -18.18 32.08
CA SER O 162 22.68 -18.46 30.93
C SER O 162 23.77 -19.44 31.36
N TRP O 163 23.85 -20.55 30.64
CA TRP O 163 24.77 -21.65 30.96
C TRP O 163 26.03 -21.45 30.14
N ALA O 164 27.14 -21.11 30.81
CA ALA O 164 28.38 -20.74 30.13
C ALA O 164 29.55 -21.55 30.69
N VAL O 165 30.45 -21.92 29.80
CA VAL O 165 31.73 -22.54 30.15
C VAL O 165 32.79 -21.92 29.23
N PRO O 166 33.50 -20.88 29.68
CA PRO O 166 34.46 -20.21 28.79
C PRO O 166 35.52 -21.13 28.18
N SER O 167 36.04 -22.09 28.95
CA SER O 167 37.07 -22.99 28.44
C SER O 167 36.63 -23.68 27.15
N LEU O 168 35.34 -24.01 27.04
CA LEU O 168 34.82 -24.73 25.89
C LEU O 168 34.17 -23.83 24.86
N GLY O 169 34.20 -22.51 25.07
CA GLY O 169 33.55 -21.61 24.14
C GLY O 169 32.04 -21.70 24.17
N LEU O 170 31.47 -21.91 25.35
CA LEU O 170 30.05 -22.21 25.49
C LEU O 170 29.35 -21.08 26.24
N LYS O 171 28.20 -20.66 25.72
CA LYS O 171 27.29 -19.81 26.47
C LYS O 171 25.92 -19.90 25.80
N THR O 172 24.95 -20.48 26.49
CA THR O 172 23.61 -20.70 25.96
C THR O 172 22.60 -20.22 27.00
N ASP O 173 21.75 -19.28 26.61
CA ASP O 173 20.79 -18.71 27.55
C ASP O 173 19.76 -19.74 27.97
N ALA O 174 19.35 -19.66 29.24
CA ALA O 174 18.34 -20.56 29.80
C ALA O 174 17.03 -19.79 29.90
N ILE O 175 16.07 -20.16 29.06
CA ILE O 175 14.83 -19.41 28.89
C ILE O 175 13.67 -20.36 29.21
N PRO O 176 12.75 -19.97 30.09
CA PRO O 176 11.62 -20.85 30.40
C PRO O 176 10.69 -21.01 29.20
N GLY O 177 10.27 -22.24 28.96
CA GLY O 177 9.43 -22.54 27.83
C GLY O 177 10.18 -22.81 26.54
N ARG O 178 11.51 -22.73 26.57
CA ARG O 178 12.33 -22.85 25.37
C ARG O 178 13.44 -23.87 25.64
N LEU O 179 13.75 -24.69 24.63
CA LEU O 179 14.77 -25.71 24.73
C LEU O 179 15.90 -25.35 23.77
N ASN O 180 16.96 -24.75 24.31
CA ASN O 180 18.09 -24.31 23.52
C ASN O 180 19.17 -25.39 23.49
N GLN O 181 19.79 -25.56 22.32
CA GLN O 181 20.74 -26.64 22.08
C GLN O 181 22.12 -26.07 21.78
N THR O 182 23.14 -26.69 22.39
CA THR O 182 24.54 -26.44 22.05
C THR O 182 25.28 -27.77 22.08
N THR O 183 26.44 -27.79 21.45
CA THR O 183 27.27 -28.99 21.39
C THR O 183 28.53 -28.80 22.22
N LEU O 184 28.98 -29.89 22.84
CA LEU O 184 30.09 -29.88 23.77
C LEU O 184 31.07 -30.98 23.41
N MET O 185 32.35 -30.63 23.23
CA MET O 185 33.38 -31.61 22.93
C MET O 185 34.66 -31.15 23.60
N SER O 186 35.09 -31.88 24.64
CA SER O 186 36.31 -31.57 25.37
C SER O 186 37.46 -32.44 24.87
N SER O 187 38.56 -31.80 24.50
CA SER O 187 39.74 -32.52 24.04
C SER O 187 40.54 -33.14 25.19
N ARG O 188 40.26 -32.76 26.43
CA ARG O 188 41.08 -33.13 27.57
C ARG O 188 40.20 -33.44 28.77
N PRO O 189 40.66 -34.30 29.68
CA PRO O 189 39.97 -34.45 30.97
C PRO O 189 40.32 -33.31 31.91
N GLY O 190 39.53 -33.20 32.98
CA GLY O 190 39.80 -32.22 34.01
C GLY O 190 38.50 -31.59 34.49
N LEU O 191 38.66 -30.45 35.17
CA LEU O 191 37.54 -29.69 35.70
C LEU O 191 37.48 -28.34 34.98
N TYR O 192 36.30 -28.01 34.46
CA TYR O 192 36.13 -26.79 33.67
C TYR O 192 34.94 -26.01 34.20
N TYR O 193 35.17 -24.74 34.52
CA TYR O 193 34.26 -23.95 35.32
C TYR O 193 33.55 -22.90 34.47
N GLY O 194 32.35 -22.54 34.91
CA GLY O 194 31.60 -21.45 34.32
C GLY O 194 30.67 -20.86 35.36
N GLN O 195 30.02 -19.76 34.97
CA GLN O 195 29.16 -19.01 35.88
C GLN O 195 27.93 -18.53 35.13
N CYS O 196 26.84 -18.34 35.86
CA CYS O 196 25.59 -17.89 35.26
C CYS O 196 25.80 -16.53 34.61
N SER O 197 25.34 -16.40 33.37
CA SER O 197 25.65 -15.24 32.53
C SER O 197 24.40 -14.49 32.09
N GLU O 198 23.38 -14.45 32.95
CA GLU O 198 22.23 -13.58 32.76
C GLU O 198 21.67 -13.21 34.12
N ILE O 199 21.51 -11.89 34.35
CA ILE O 199 21.07 -11.43 35.65
C ILE O 199 19.75 -12.09 36.02
N CYS O 200 19.74 -12.72 37.20
CA CYS O 200 18.62 -13.56 37.59
C CYS O 200 18.24 -13.37 39.05
N GLY O 201 18.66 -12.27 39.69
CA GLY O 201 18.21 -12.02 41.05
C GLY O 201 19.28 -11.93 42.13
N SER O 202 18.91 -12.23 43.39
CA SER O 202 19.79 -11.89 44.51
C SER O 202 21.07 -12.71 44.52
N ASN O 203 21.05 -13.92 43.95
CA ASN O 203 22.23 -14.78 43.95
C ASN O 203 22.70 -15.08 42.53
N HIS O 204 22.55 -14.09 41.64
CA HIS O 204 23.03 -14.21 40.27
C HIS O 204 24.51 -14.59 40.22
N SER O 205 25.31 -14.05 41.14
CA SER O 205 26.75 -14.29 41.15
C SER O 205 27.14 -15.65 41.73
N PHE O 206 26.19 -16.40 42.28
CA PHE O 206 26.53 -17.54 43.13
C PHE O 206 25.82 -18.82 42.69
N MET O 207 25.82 -19.09 41.38
CA MET O 207 25.31 -20.35 40.84
C MET O 207 26.21 -20.78 39.69
N PRO O 208 27.39 -21.29 39.99
CA PRO O 208 28.39 -21.59 38.94
C PRO O 208 28.13 -22.94 38.29
N ILE O 209 28.97 -23.26 37.31
CA ILE O 209 28.89 -24.50 36.56
C ILE O 209 30.25 -25.17 36.60
N VAL O 210 30.27 -26.46 36.88
CA VAL O 210 31.51 -27.24 36.95
C VAL O 210 31.32 -28.52 36.16
N LEU O 211 32.11 -28.68 35.10
CA LEU O 211 32.10 -29.89 34.29
C LEU O 211 33.27 -30.77 34.71
N GLU O 212 33.01 -32.07 34.89
CA GLU O 212 34.04 -33.04 35.21
C GLU O 212 34.17 -33.98 34.01
N LEU O 213 35.27 -33.88 33.30
CA LEU O 213 35.50 -34.63 32.07
C LEU O 213 36.38 -35.84 32.38
N VAL O 214 35.88 -37.03 32.04
CA VAL O 214 36.55 -38.29 32.36
C VAL O 214 36.44 -39.22 31.18
N PRO O 215 37.25 -40.29 31.15
CA PRO O 215 37.13 -41.27 30.08
C PRO O 215 35.75 -41.94 30.09
N LEU O 216 35.36 -42.41 28.91
CA LEU O 216 34.06 -43.05 28.73
C LEU O 216 33.81 -44.14 29.76
N LYS O 217 34.80 -45.01 30.00
CA LYS O 217 34.61 -46.13 30.92
C LYS O 217 34.27 -45.63 32.32
N TYR O 218 34.93 -44.55 32.76
CA TYR O 218 34.63 -43.99 34.07
C TYR O 218 33.26 -43.31 34.09
N PHE O 219 32.89 -42.64 32.98
CA PHE O 219 31.55 -42.04 32.91
C PHE O 219 30.47 -43.11 33.00
N GLU O 220 30.70 -44.25 32.33
CA GLU O 220 29.72 -45.33 32.37
C GLU O 220 29.58 -45.90 33.78
N LYS O 221 30.70 -46.09 34.48
CA LYS O 221 30.64 -46.58 35.85
C LYS O 221 29.96 -45.57 36.78
N TRP O 222 30.19 -44.27 36.54
CA TRP O 222 29.51 -43.25 37.32
C TRP O 222 28.01 -43.25 37.08
N SER O 223 27.60 -43.39 35.82
CA SER O 223 26.18 -43.43 35.48
C SER O 223 25.49 -44.60 36.18
N ALA O 224 26.06 -45.80 36.07
CA ALA O 224 25.47 -46.97 36.72
C ALA O 224 25.32 -46.78 38.22
N SER O 225 26.34 -46.24 38.88
CA SER O 225 26.35 -46.13 40.33
C SER O 225 25.42 -45.06 40.88
N MET O 226 24.81 -44.22 40.03
CA MET O 226 24.05 -43.06 40.50
C MET O 226 22.55 -43.19 40.25
N LEU O 227 22.04 -44.39 40.02
CA LEU O 227 20.60 -44.56 39.83
C LEU O 227 19.80 -44.14 41.07
N HIS P 3 7.88 44.77 16.08
CA HIS P 3 9.27 44.56 16.49
C HIS P 3 9.91 43.47 15.66
N GLN P 4 9.26 42.30 15.61
CA GLN P 4 9.74 41.20 14.79
C GLN P 4 9.43 41.46 13.32
N THR P 5 10.35 41.05 12.46
CA THR P 5 10.14 41.08 11.01
C THR P 5 10.26 39.69 10.41
N HIS P 6 9.97 38.67 11.22
CA HIS P 6 9.75 37.31 10.76
C HIS P 6 8.27 36.95 10.95
N ALA P 7 7.90 35.78 10.42
CA ALA P 7 6.50 35.35 10.41
C ALA P 7 6.18 34.33 11.48
N TYR P 8 7.10 34.08 12.42
CA TYR P 8 6.90 33.01 13.38
C TYR P 8 6.29 33.53 14.68
N HIS P 9 5.81 32.60 15.49
CA HIS P 9 4.97 32.90 16.64
C HIS P 9 5.77 32.80 17.93
N MET P 10 5.97 33.93 18.61
CA MET P 10 6.54 33.95 19.95
C MET P 10 5.40 33.81 20.95
N VAL P 11 5.39 32.69 21.67
CA VAL P 11 4.26 32.31 22.51
C VAL P 11 4.40 32.98 23.87
N ASN P 12 3.27 33.42 24.41
CA ASN P 12 3.25 33.98 25.76
C ASN P 12 3.69 32.91 26.76
N PRO P 13 4.39 33.30 27.83
CA PRO P 13 4.71 32.34 28.89
C PRO P 13 3.45 31.66 29.40
N SER P 14 3.55 30.35 29.60
CA SER P 14 2.37 29.52 29.81
C SER P 14 2.57 28.51 30.93
N PRO P 15 1.56 28.32 31.78
CA PRO P 15 1.67 27.33 32.86
C PRO P 15 1.30 25.92 32.45
N TRP P 16 0.69 25.74 31.29
CA TRP P 16 0.13 24.45 30.88
C TRP P 16 1.19 23.37 30.64
N PRO P 17 2.38 23.71 30.13
CA PRO P 17 3.46 22.70 30.14
C PRO P 17 3.74 22.13 31.52
N LEU P 18 3.77 22.97 32.55
CA LEU P 18 4.01 22.49 33.90
C LEU P 18 2.83 21.66 34.41
N THR P 19 1.62 22.15 34.22
CA THR P 19 0.44 21.41 34.69
C THR P 19 0.27 20.10 33.93
N GLY P 20 0.66 20.07 32.65
CA GLY P 20 0.61 18.81 31.91
C GLY P 20 1.63 17.81 32.41
N ALA P 21 2.84 18.28 32.70
CA ALA P 21 3.87 17.39 33.21
C ALA P 21 3.53 16.88 34.60
N LEU P 22 2.96 17.74 35.45
CA LEU P 22 2.51 17.29 36.76
C LEU P 22 1.34 16.33 36.64
N SER P 23 0.50 16.50 35.63
N SER P 23 0.47 16.53 35.65
CA SER P 23 -0.62 15.59 35.42
CA SER P 23 -0.63 15.61 35.43
C SER P 23 -0.12 14.20 35.04
C SER P 23 -0.11 14.22 35.06
N ALA P 24 0.97 14.15 34.27
CA ALA P 24 1.57 12.87 33.92
C ALA P 24 2.15 12.19 35.16
N LEU P 25 2.75 12.96 36.07
CA LEU P 25 3.22 12.40 37.33
C LEU P 25 2.06 11.84 38.15
N LEU P 26 0.94 12.55 38.19
CA LEU P 26 -0.20 12.10 38.98
C LEU P 26 -0.86 10.88 38.37
N MET P 27 -0.92 10.81 37.04
CA MET P 27 -1.54 9.66 36.38
C MET P 27 -0.68 8.42 36.52
N THR P 28 0.64 8.55 36.40
CA THR P 28 1.51 7.39 36.50
C THR P 28 1.63 6.91 37.94
N SER P 29 1.83 7.82 38.89
CA SER P 29 1.81 7.45 40.29
C SER P 29 0.41 7.04 40.73
N GLY P 30 -0.62 7.57 40.08
CA GLY P 30 -1.97 7.11 40.36
C GLY P 30 -2.20 5.68 39.91
N LEU P 31 -1.72 5.33 38.72
CA LEU P 31 -1.81 3.94 38.27
C LEU P 31 -1.04 3.01 39.19
N THR P 32 0.12 3.45 39.68
CA THR P 32 0.86 2.66 40.67
C THR P 32 0.07 2.53 41.96
N MET P 33 -0.59 3.62 42.38
N MET P 33 -0.59 3.61 42.39
CA MET P 33 -1.45 3.57 43.56
CA MET P 33 -1.44 3.55 43.57
C MET P 33 -2.61 2.62 43.35
C MET P 33 -2.61 2.60 43.35
N TRP P 34 -3.17 2.60 42.13
CA TRP P 34 -4.30 1.71 41.84
C TRP P 34 -3.86 0.26 41.76
N PHE P 35 -2.73 -0.01 41.10
CA PHE P 35 -2.30 -1.38 40.87
C PHE P 35 -1.82 -2.05 42.16
N HIS P 36 -1.27 -1.29 43.10
CA HIS P 36 -0.57 -1.86 44.24
C HIS P 36 -1.13 -1.48 45.60
N PHE P 37 -1.79 -0.34 45.74
CA PHE P 37 -2.20 0.14 47.05
C PHE P 37 -3.70 0.42 47.14
N ASN P 38 -4.49 -0.14 46.21
CA ASN P 38 -5.94 -0.25 46.36
C ASN P 38 -6.61 1.12 46.51
N SER P 39 -6.14 2.10 45.74
CA SER P 39 -6.73 3.44 45.81
C SER P 39 -6.67 4.08 44.44
N MET P 40 -7.72 4.83 44.10
CA MET P 40 -7.83 5.51 42.82
C MET P 40 -7.71 7.02 42.95
N THR P 41 -7.38 7.53 44.14
CA THR P 41 -7.45 8.97 44.38
C THR P 41 -6.48 9.75 43.50
N LEU P 42 -5.19 9.40 43.58
CA LEU P 42 -4.20 10.05 42.73
C LEU P 42 -4.57 9.95 41.25
N LEU P 43 -5.07 8.79 40.83
CA LEU P 43 -5.43 8.60 39.42
C LEU P 43 -6.53 9.56 38.98
N MET P 44 -7.52 9.80 39.86
N MET P 44 -7.52 9.79 39.86
CA MET P 44 -8.60 10.71 39.51
CA MET P 44 -8.60 10.71 39.51
C MET P 44 -8.09 12.14 39.39
C MET P 44 -8.08 12.14 39.37
N ILE P 45 -7.17 12.54 40.25
CA ILE P 45 -6.63 13.89 40.19
C ILE P 45 -5.80 14.07 38.93
N GLY P 46 -4.99 13.06 38.58
CA GLY P 46 -4.19 13.16 37.38
C GLY P 46 -5.03 13.27 36.12
N LEU P 47 -6.06 12.43 36.01
CA LEU P 47 -6.95 12.50 34.86
C LEU P 47 -7.65 13.85 34.79
N THR P 48 -8.06 14.38 35.94
CA THR P 48 -8.77 15.67 35.95
C THR P 48 -7.84 16.80 35.51
N THR P 49 -6.63 16.86 36.08
CA THR P 49 -5.68 17.89 35.69
C THR P 49 -5.23 17.72 34.24
N ASN P 50 -5.17 16.48 33.75
CA ASN P 50 -4.81 16.25 32.36
C ASN P 50 -5.85 16.84 31.42
N MET P 51 -7.14 16.62 31.71
N MET P 51 -7.13 16.63 31.71
CA MET P 51 -8.19 17.19 30.88
CA MET P 51 -8.19 17.19 30.88
C MET P 51 -8.20 18.70 30.97
C MET P 51 -8.24 18.71 30.98
N LEU P 52 -7.96 19.25 32.17
CA LEU P 52 -7.91 20.70 32.32
C LEU P 52 -6.73 21.29 31.56
N THR P 53 -5.57 20.62 31.59
CA THR P 53 -4.42 21.09 30.84
C THR P 53 -4.68 21.07 29.35
N MET P 54 -5.23 19.96 28.83
N MET P 54 -5.21 19.95 28.84
CA MET P 54 -5.48 19.86 27.40
CA MET P 54 -5.49 19.84 27.40
C MET P 54 -6.53 20.87 26.94
C MET P 54 -6.52 20.87 26.95
N TYR P 55 -7.56 21.09 27.76
CA TYR P 55 -8.60 22.05 27.38
C TYR P 55 -8.04 23.45 27.27
N GLN P 56 -7.33 23.91 28.30
CA GLN P 56 -6.85 25.29 28.32
C GLN P 56 -5.70 25.50 27.34
N TRP P 57 -4.85 24.48 27.18
CA TRP P 57 -3.75 24.58 26.21
C TRP P 57 -4.29 24.80 24.81
N TRP P 58 -5.17 23.92 24.34
CA TRP P 58 -5.69 24.04 22.99
C TRP P 58 -6.68 25.19 22.85
N ARG P 59 -7.34 25.56 23.94
CA ARG P 59 -8.11 26.80 23.97
C ARG P 59 -7.24 27.99 23.60
N ASP P 60 -6.03 28.07 24.19
CA ASP P 60 -5.13 29.18 23.90
C ASP P 60 -4.65 29.14 22.45
N VAL P 61 -4.47 27.94 21.89
CA VAL P 61 -4.08 27.83 20.48
C VAL P 61 -5.16 28.40 19.58
N ILE P 62 -6.43 28.19 19.94
CA ILE P 62 -7.52 28.79 19.17
C ILE P 62 -7.52 30.30 19.35
N ARG P 63 -7.25 30.77 20.57
CA ARG P 63 -7.16 32.21 20.80
C ARG P 63 -6.01 32.82 20.01
N GLU P 64 -4.87 32.14 19.96
CA GLU P 64 -3.70 32.68 19.27
C GLU P 64 -3.91 32.72 17.76
N SER P 65 -4.75 31.84 17.22
CA SER P 65 -4.90 31.71 15.78
C SER P 65 -6.15 32.41 15.27
N THR P 66 -7.32 31.88 15.65
CA THR P 66 -8.58 32.43 15.16
C THR P 66 -8.77 33.87 15.61
N PHE P 67 -8.43 34.18 16.86
CA PHE P 67 -8.74 35.48 17.45
C PHE P 67 -7.60 36.47 17.40
N GLN P 68 -6.35 36.02 17.40
CA GLN P 68 -5.20 36.91 17.39
C GLN P 68 -4.42 36.89 16.09
N GLY P 69 -4.61 35.87 15.25
CA GLY P 69 -4.02 35.89 13.93
C GLY P 69 -2.56 35.54 13.85
N HIS P 70 -2.03 34.79 14.82
CA HIS P 70 -0.61 34.48 14.86
C HIS P 70 -0.21 33.36 13.90
N HIS P 71 -1.17 32.64 13.32
CA HIS P 71 -0.87 31.49 12.46
C HIS P 71 -0.70 31.97 11.03
N THR P 72 0.49 32.49 10.74
CA THR P 72 0.90 32.82 9.38
C THR P 72 1.08 31.53 8.58
N PRO P 73 1.20 31.62 7.26
CA PRO P 73 1.53 30.41 6.47
C PRO P 73 2.75 29.67 6.96
N ALA P 74 3.76 30.36 7.49
CA ALA P 74 4.93 29.68 8.01
C ALA P 74 4.61 28.91 9.29
N VAL P 75 3.75 29.48 10.14
CA VAL P 75 3.35 28.78 11.36
C VAL P 75 2.47 27.59 11.03
N GLN P 76 1.58 27.74 10.05
CA GLN P 76 0.75 26.62 9.62
C GLN P 76 1.61 25.47 9.08
N LYS P 77 2.59 25.80 8.25
CA LYS P 77 3.46 24.76 7.68
C LYS P 77 4.18 23.99 8.78
N GLY P 78 4.61 24.68 9.83
CA GLY P 78 5.25 23.99 10.95
C GLY P 78 4.30 23.06 11.66
N LEU P 79 3.06 23.51 11.89
CA LEU P 79 2.06 22.65 12.51
C LEU P 79 1.72 21.46 11.63
N ARG P 80 1.83 21.60 10.31
N ARG P 80 1.83 21.60 10.30
CA ARG P 80 1.62 20.47 9.42
CA ARG P 80 1.61 20.46 9.42
C ARG P 80 2.69 19.41 9.62
C ARG P 80 2.68 19.40 9.62
N TYR P 81 3.95 19.82 9.75
CA TYR P 81 5.02 18.87 10.03
C TYR P 81 4.82 18.21 11.38
N GLY P 82 4.44 18.99 12.39
CA GLY P 82 4.24 18.44 13.73
C GLY P 82 3.19 17.35 13.76
N MET P 83 2.06 17.59 13.08
CA MET P 83 0.99 16.59 13.09
C MET P 83 1.40 15.33 12.33
N ILE P 84 2.08 15.50 11.19
CA ILE P 84 2.55 14.34 10.43
C ILE P 84 3.54 13.53 11.25
N LEU P 85 4.49 14.21 11.90
CA LEU P 85 5.47 13.51 12.72
C LEU P 85 4.82 12.82 13.90
N PHE P 86 3.82 13.45 14.51
CA PHE P 86 3.10 12.83 15.61
C PHE P 86 2.41 11.54 15.16
N ILE P 87 1.76 11.57 14.00
CA ILE P 87 1.09 10.39 13.48
C ILE P 87 2.09 9.28 13.21
N ILE P 88 3.26 9.63 12.68
CA ILE P 88 4.31 8.64 12.42
C ILE P 88 4.70 7.94 13.72
N SER P 89 4.91 8.71 14.79
CA SER P 89 5.25 8.10 16.07
C SER P 89 4.11 7.21 16.58
N GLU P 90 2.87 7.53 16.22
CA GLU P 90 1.75 6.67 16.60
C GLU P 90 1.73 5.40 15.79
N VAL P 91 2.14 5.46 14.52
CA VAL P 91 2.24 4.26 13.68
C VAL P 91 3.23 3.29 14.28
N LEU P 92 4.40 3.79 14.70
CA LEU P 92 5.42 2.92 15.28
C LEU P 92 4.97 2.33 16.61
N PHE P 93 4.14 3.06 17.36
CA PHE P 93 3.57 2.53 18.60
C PHE P 93 2.73 1.29 18.32
N PHE P 94 1.81 1.38 17.36
CA PHE P 94 1.00 0.23 17.00
C PHE P 94 1.82 -0.88 16.35
N THR P 95 2.88 -0.51 15.62
CA THR P 95 3.75 -1.50 15.01
C THR P 95 4.28 -2.50 16.04
N GLY P 96 4.64 -2.00 17.23
CA GLY P 96 5.08 -2.89 18.29
C GLY P 96 4.04 -3.93 18.66
N PHE P 97 2.77 -3.54 18.68
CA PHE P 97 1.71 -4.49 19.03
C PHE P 97 1.44 -5.47 17.90
N PHE P 98 1.52 -5.01 16.65
CA PHE P 98 1.43 -5.93 15.53
C PHE P 98 2.61 -6.90 15.52
N TRP P 99 3.80 -6.41 15.89
CA TRP P 99 4.96 -7.28 16.05
C TRP P 99 4.69 -8.35 17.10
N ALA P 100 4.15 -7.94 18.25
CA ALA P 100 3.80 -8.91 19.30
C ALA P 100 2.80 -9.95 18.79
N PHE P 101 1.77 -9.50 18.06
CA PHE P 101 0.75 -10.42 17.57
C PHE P 101 1.35 -11.45 16.63
N TYR P 102 2.06 -10.99 15.59
CA TYR P 102 2.61 -11.92 14.61
C TYR P 102 3.67 -12.84 15.20
N HIS P 103 4.45 -12.34 16.17
CA HIS P 103 5.40 -13.21 16.87
C HIS P 103 4.69 -14.38 17.54
N SER P 104 3.58 -14.10 18.22
CA SER P 104 2.87 -15.15 18.95
C SER P 104 2.12 -16.08 18.00
N SER P 105 1.52 -15.53 16.95
CA SER P 105 0.62 -16.32 16.12
C SER P 105 1.38 -17.15 15.07
N LEU P 106 2.49 -16.63 14.54
CA LEU P 106 3.23 -17.38 13.54
C LEU P 106 3.99 -18.56 14.17
N ALA P 107 4.31 -18.48 15.46
CA ALA P 107 5.05 -19.54 16.15
C ALA P 107 4.32 -19.91 17.44
N PRO P 108 3.16 -20.55 17.34
CA PRO P 108 2.40 -20.90 18.55
C PRO P 108 3.13 -21.93 19.40
N THR P 109 3.27 -21.63 20.68
CA THR P 109 4.03 -22.45 21.60
C THR P 109 3.24 -23.70 22.01
N PRO P 110 3.91 -24.71 22.56
CA PRO P 110 3.19 -25.90 23.03
C PRO P 110 2.08 -25.61 24.03
N GLU P 111 2.20 -24.55 24.84
CA GLU P 111 1.16 -24.26 25.82
C GLU P 111 -0.16 -23.90 25.15
N LEU P 112 -0.14 -23.43 23.91
CA LEU P 112 -1.34 -23.12 23.15
C LEU P 112 -1.90 -24.34 22.43
N GLY P 113 -1.20 -25.47 22.48
CA GLY P 113 -1.51 -26.60 21.63
C GLY P 113 -0.71 -26.64 20.35
N GLY P 114 0.23 -25.72 20.16
CA GLY P 114 1.01 -25.66 18.94
C GLY P 114 0.25 -25.19 17.72
N CYS P 115 -0.85 -24.47 17.92
CA CYS P 115 -1.69 -24.02 16.82
C CYS P 115 -2.21 -22.62 17.11
N TRP P 116 -2.68 -21.95 16.05
CA TRP P 116 -3.34 -20.67 16.18
C TRP P 116 -4.63 -20.71 15.37
N PRO P 117 -5.77 -20.33 15.96
CA PRO P 117 -5.94 -19.85 17.34
C PRO P 117 -5.69 -20.96 18.38
N PRO P 118 -5.31 -20.56 19.59
CA PRO P 118 -4.99 -21.56 20.62
C PRO P 118 -6.18 -22.45 20.93
N THR P 119 -5.86 -23.63 21.48
CA THR P 119 -6.90 -24.54 21.94
C THR P 119 -7.76 -23.87 23.00
N GLY P 120 -9.08 -23.97 22.83
CA GLY P 120 -10.03 -23.37 23.73
C GLY P 120 -10.42 -21.95 23.40
N ILE P 121 -9.82 -21.34 22.38
CA ILE P 121 -10.17 -20.00 21.93
C ILE P 121 -11.13 -20.12 20.76
N HIS P 122 -12.28 -19.46 20.87
CA HIS P 122 -13.27 -19.43 19.80
C HIS P 122 -13.40 -18.01 19.29
N PRO P 123 -12.69 -17.64 18.22
CA PRO P 123 -12.67 -16.23 17.79
C PRO P 123 -14.04 -15.75 17.33
N LEU P 124 -14.19 -14.42 17.36
CA LEU P 124 -15.36 -13.79 16.78
C LEU P 124 -15.40 -14.03 15.27
N ASN P 125 -16.60 -14.04 14.72
CA ASN P 125 -16.76 -14.17 13.27
C ASN P 125 -16.40 -12.84 12.61
N PRO P 126 -15.36 -12.80 11.77
CA PRO P 126 -14.96 -11.52 11.17
C PRO P 126 -15.96 -10.99 10.15
N LEU P 127 -16.94 -11.78 9.74
CA LEU P 127 -17.94 -11.36 8.76
C LEU P 127 -19.19 -10.78 9.41
N GLU P 128 -19.23 -10.67 10.73
CA GLU P 128 -20.39 -10.11 11.41
C GLU P 128 -20.12 -8.67 11.83
N VAL P 129 -19.99 -8.42 13.14
CA VAL P 129 -19.78 -7.06 13.63
C VAL P 129 -18.41 -6.52 13.21
N PRO P 130 -17.32 -7.30 13.28
CA PRO P 130 -16.03 -6.79 12.77
C PRO P 130 -16.12 -6.26 11.34
N LEU P 131 -16.86 -6.94 10.47
CA LEU P 131 -17.06 -6.42 9.12
C LEU P 131 -17.89 -5.14 9.14
N LEU P 132 -18.91 -5.09 9.99
CA LEU P 132 -19.71 -3.87 10.13
C LEU P 132 -18.86 -2.70 10.58
N ASN P 133 -17.99 -2.93 11.57
CA ASN P 133 -17.08 -1.88 12.02
C ASN P 133 -16.17 -1.41 10.89
N THR P 134 -15.78 -2.32 10.00
CA THR P 134 -14.93 -1.94 8.87
C THR P 134 -15.68 -1.03 7.90
N SER P 135 -16.94 -1.36 7.60
CA SER P 135 -17.74 -0.48 6.74
C SER P 135 -18.03 0.86 7.40
N VAL P 136 -18.13 0.88 8.74
CA VAL P 136 -18.44 2.12 9.43
C VAL P 136 -17.27 3.10 9.33
N LEU P 137 -16.05 2.63 9.63
CA LEU P 137 -14.90 3.52 9.57
C LEU P 137 -14.57 3.91 8.13
N LEU P 138 -14.75 2.99 7.18
CA LEU P 138 -14.53 3.33 5.78
C LEU P 138 -15.54 4.37 5.32
N ALA P 139 -16.80 4.26 5.75
CA ALA P 139 -17.81 5.25 5.40
C ALA P 139 -17.48 6.60 6.02
N SER P 140 -16.93 6.60 7.24
CA SER P 140 -16.57 7.85 7.89
C SER P 140 -15.41 8.54 7.18
N GLY P 141 -14.55 7.77 6.52
CA GLY P 141 -13.51 8.37 5.70
C GLY P 141 -14.05 9.05 4.47
N VAL P 142 -15.15 8.52 3.91
CA VAL P 142 -15.80 9.18 2.79
C VAL P 142 -16.48 10.47 3.23
N SER P 143 -17.24 10.38 4.34
CA SER P 143 -18.01 11.53 4.80
C SER P 143 -17.12 12.67 5.25
N ILE P 144 -15.98 12.37 5.87
N ILE P 144 -15.96 12.36 5.85
CA ILE P 144 -15.06 13.42 6.30
CA ILE P 144 -15.04 13.40 6.29
C ILE P 144 -14.36 14.07 5.11
C ILE P 144 -14.36 14.07 5.10
N THR P 145 -14.27 13.37 3.97
CA THR P 145 -13.72 13.99 2.76
C THR P 145 -14.75 14.91 2.13
N TRP P 146 -16.04 14.53 2.19
CA TRP P 146 -17.10 15.44 1.77
C TRP P 146 -17.14 16.68 2.66
N ALA P 147 -16.93 16.50 3.96
CA ALA P 147 -16.84 17.65 4.87
C ALA P 147 -15.71 18.58 4.46
N HIS P 148 -14.55 18.03 4.11
CA HIS P 148 -13.40 18.85 3.74
C HIS P 148 -13.70 19.68 2.49
N HIS P 149 -14.22 19.04 1.44
CA HIS P 149 -14.50 19.76 0.20
C HIS P 149 -15.62 20.78 0.39
N SER P 150 -16.62 20.45 1.20
CA SER P 150 -17.66 21.42 1.53
C SER P 150 -17.07 22.66 2.19
N LEU P 151 -16.13 22.47 3.13
CA LEU P 151 -15.49 23.59 3.79
C LEU P 151 -14.67 24.42 2.80
N MET P 152 -13.89 23.75 1.95
CA MET P 152 -13.09 24.48 0.97
C MET P 152 -13.94 25.25 -0.02
N GLU P 153 -15.10 24.72 -0.37
CA GLU P 153 -16.00 25.39 -1.31
C GLU P 153 -16.93 26.39 -0.63
N GLY P 154 -16.81 26.58 0.68
CA GLY P 154 -17.56 27.61 1.37
C GLY P 154 -18.96 27.21 1.79
N ASP P 155 -19.24 25.92 1.95
CA ASP P 155 -20.59 25.45 2.21
C ASP P 155 -20.69 25.09 3.68
N ARG P 156 -21.25 26.01 4.47
CA ARG P 156 -21.34 25.81 5.92
C ARG P 156 -22.27 24.65 6.27
N LYS P 157 -23.46 24.63 5.67
CA LYS P 157 -24.48 23.65 6.06
C LYS P 157 -24.01 22.23 5.77
N HIS P 158 -23.49 21.99 4.56
CA HIS P 158 -23.09 20.64 4.20
C HIS P 158 -21.81 20.21 4.90
N MET P 159 -20.95 21.16 5.26
CA MET P 159 -19.81 20.84 6.10
C MET P 159 -20.27 20.25 7.44
N LEU P 160 -21.22 20.92 8.08
CA LEU P 160 -21.74 20.44 9.36
C LEU P 160 -22.47 19.11 9.20
N GLN P 161 -23.16 18.90 8.08
N GLN P 161 -23.14 18.89 8.07
CA GLN P 161 -23.82 17.63 7.81
CA GLN P 161 -23.82 17.61 7.83
C GLN P 161 -22.81 16.48 7.77
C GLN P 161 -22.83 16.47 7.75
N ALA P 162 -21.80 16.61 6.90
CA ALA P 162 -20.82 15.54 6.74
C ALA P 162 -20.03 15.31 8.02
N LEU P 163 -19.68 16.39 8.72
CA LEU P 163 -18.91 16.24 9.95
C LEU P 163 -19.75 15.56 11.04
N PHE P 164 -21.05 15.88 11.10
CA PHE P 164 -21.92 15.20 12.04
C PHE P 164 -22.06 13.72 11.69
N ILE P 165 -22.19 13.41 10.39
CA ILE P 165 -22.27 12.01 9.96
C ILE P 165 -20.98 11.28 10.30
N THR P 166 -19.84 11.93 10.10
CA THR P 166 -18.56 11.32 10.44
C THR P 166 -18.46 11.04 11.94
N ILE P 167 -18.93 11.97 12.77
CA ILE P 167 -18.89 11.78 14.22
C ILE P 167 -19.83 10.66 14.63
N THR P 168 -21.04 10.63 14.05
CA THR P 168 -22.00 9.59 14.36
C THR P 168 -21.43 8.21 14.06
N LEU P 169 -20.78 8.05 12.91
CA LEU P 169 -20.15 6.78 12.57
C LEU P 169 -19.06 6.43 13.57
N GLY P 170 -18.26 7.43 13.98
CA GLY P 170 -17.24 7.18 14.99
C GLY P 170 -17.83 6.71 16.31
N VAL P 171 -18.93 7.33 16.73
CA VAL P 171 -19.63 6.86 17.93
C VAL P 171 -20.23 5.49 17.70
N TYR P 172 -20.78 5.26 16.51
CA TYR P 172 -21.34 3.95 16.17
C TYR P 172 -20.29 2.85 16.32
N PHE P 173 -19.07 3.11 15.85
CA PHE P 173 -17.99 2.14 15.99
C PHE P 173 -17.67 1.86 17.46
N THR P 174 -17.63 2.92 18.28
CA THR P 174 -17.28 2.75 19.68
C THR P 174 -18.34 1.95 20.42
N LEU P 175 -19.62 2.17 20.11
CA LEU P 175 -20.68 1.40 20.77
C LEU P 175 -20.67 -0.05 20.31
N LEU P 176 -20.42 -0.28 19.02
CA LEU P 176 -20.30 -1.65 18.53
C LEU P 176 -19.13 -2.39 19.16
N GLN P 177 -17.98 -1.71 19.29
CA GLN P 177 -16.82 -2.34 19.90
C GLN P 177 -17.05 -2.62 21.38
N ALA P 178 -17.64 -1.66 22.10
CA ALA P 178 -18.00 -1.90 23.49
C ALA P 178 -18.93 -3.12 23.62
N SER P 179 -19.89 -3.25 22.71
CA SER P 179 -20.78 -4.41 22.73
C SER P 179 -20.02 -5.69 22.42
N GLU P 180 -19.09 -5.64 21.45
N GLU P 180 -19.09 -5.64 21.46
CA GLU P 180 -18.29 -6.80 21.12
CA GLU P 180 -18.29 -6.83 21.14
C GLU P 180 -17.41 -7.22 22.29
C GLU P 180 -17.39 -7.23 22.28
N TYR P 181 -16.90 -6.26 23.05
CA TYR P 181 -16.09 -6.58 24.22
C TYR P 181 -16.89 -7.37 25.25
N TYR P 182 -18.10 -6.89 25.57
CA TYR P 182 -18.93 -7.59 26.54
C TYR P 182 -19.32 -8.97 26.05
N GLU P 183 -19.63 -9.10 24.76
CA GLU P 183 -20.11 -10.37 24.22
C GLU P 183 -19.00 -11.38 23.96
N ALA P 184 -17.75 -10.94 23.94
CA ALA P 184 -16.64 -11.83 23.59
C ALA P 184 -16.52 -12.96 24.62
N PRO P 185 -16.43 -14.23 24.18
CA PRO P 185 -16.24 -15.32 25.13
C PRO P 185 -14.82 -15.43 25.65
N PHE P 186 -13.88 -14.68 25.10
CA PHE P 186 -12.50 -14.65 25.57
C PHE P 186 -12.18 -13.30 26.18
N THR P 187 -11.26 -13.29 27.13
CA THR P 187 -10.93 -12.10 27.90
C THR P 187 -9.45 -11.75 27.68
N ILE P 188 -9.05 -10.62 28.28
CA ILE P 188 -7.66 -10.20 28.20
C ILE P 188 -6.73 -11.17 28.93
N SER P 189 -7.26 -11.99 29.83
CA SER P 189 -6.48 -12.96 30.57
C SER P 189 -6.44 -14.33 29.91
N ASP P 190 -7.06 -14.49 28.74
CA ASP P 190 -7.05 -15.77 28.04
C ASP P 190 -5.81 -15.91 27.16
N GLY P 191 -4.65 -15.88 27.81
CA GLY P 191 -3.41 -16.14 27.13
C GLY P 191 -2.99 -15.02 26.18
N VAL P 192 -2.07 -15.38 25.30
CA VAL P 192 -1.50 -14.41 24.37
C VAL P 192 -2.50 -14.01 23.30
N TYR P 193 -3.51 -14.83 23.04
CA TYR P 193 -4.57 -14.43 22.12
C TYR P 193 -5.38 -13.27 22.68
N GLY P 194 -5.88 -13.42 23.91
CA GLY P 194 -6.61 -12.33 24.53
C GLY P 194 -5.74 -11.12 24.81
N SER P 195 -4.45 -11.35 25.07
CA SER P 195 -3.54 -10.23 25.31
C SER P 195 -3.39 -9.36 24.07
N THR P 196 -3.04 -9.97 22.94
CA THR P 196 -2.84 -9.21 21.72
C THR P 196 -4.15 -8.62 21.20
N PHE P 197 -5.26 -9.35 21.36
CA PHE P 197 -6.53 -8.86 20.85
C PHE P 197 -6.96 -7.58 21.56
N PHE P 198 -7.03 -7.62 22.89
CA PHE P 198 -7.63 -6.50 23.61
C PHE P 198 -6.68 -5.33 23.79
N VAL P 199 -5.38 -5.58 23.88
CA VAL P 199 -4.43 -4.47 24.01
C VAL P 199 -4.33 -3.71 22.70
N ALA P 200 -4.31 -4.42 21.58
CA ALA P 200 -4.19 -3.75 20.28
C ALA P 200 -5.50 -3.05 19.91
N THR P 201 -6.61 -3.78 19.95
CA THR P 201 -7.90 -3.16 19.65
C THR P 201 -8.31 -2.15 20.71
N GLY P 202 -7.83 -2.33 21.95
CA GLY P 202 -8.16 -1.37 23.00
C GLY P 202 -7.46 -0.04 22.81
N PHE P 203 -6.17 -0.07 22.46
CA PHE P 203 -5.46 1.16 22.15
C PHE P 203 -6.04 1.83 20.91
N HIS P 204 -6.45 1.03 19.92
CA HIS P 204 -7.14 1.58 18.76
C HIS P 204 -8.47 2.22 19.16
N GLY P 205 -9.27 1.50 19.97
CA GLY P 205 -10.51 2.08 20.45
C GLY P 205 -10.31 3.39 21.18
N LEU P 206 -9.23 3.46 21.98
CA LEU P 206 -8.87 4.73 22.61
C LEU P 206 -8.61 5.81 21.58
N HIS P 207 -7.87 5.47 20.51
CA HIS P 207 -7.60 6.43 19.46
C HIS P 207 -8.87 6.84 18.71
N VAL P 208 -9.83 5.91 18.57
CA VAL P 208 -11.11 6.26 17.96
C VAL P 208 -11.82 7.31 18.82
N ILE P 209 -11.78 7.14 20.13
CA ILE P 209 -12.41 8.11 21.02
C ILE P 209 -11.66 9.44 20.98
N ILE P 210 -10.33 9.39 20.92
CA ILE P 210 -9.54 10.62 20.80
C ILE P 210 -9.86 11.32 19.49
N GLY P 211 -9.90 10.56 18.39
CA GLY P 211 -10.20 11.15 17.10
C GLY P 211 -11.62 11.68 17.02
N SER P 212 -12.58 10.98 17.65
CA SER P 212 -13.95 11.47 17.69
C SER P 212 -14.05 12.76 18.49
N THR P 213 -13.38 12.82 19.63
CA THR P 213 -13.33 14.07 20.41
C THR P 213 -12.74 15.20 19.58
N PHE P 214 -11.66 14.92 18.84
CA PHE P 214 -11.07 15.93 17.96
C PHE P 214 -12.09 16.41 16.92
N LEU P 215 -12.84 15.48 16.33
CA LEU P 215 -13.85 15.87 15.35
C LEU P 215 -14.96 16.69 15.99
N ILE P 216 -15.34 16.35 17.22
CA ILE P 216 -16.38 17.12 17.91
C ILE P 216 -15.91 18.54 18.18
N VAL P 217 -14.64 18.70 18.53
CA VAL P 217 -14.07 20.04 18.71
C VAL P 217 -14.19 20.84 17.42
N CYS P 218 -13.79 20.23 16.30
CA CYS P 218 -13.91 20.90 15.00
C CYS P 218 -15.37 21.21 14.67
N PHE P 219 -16.30 20.36 15.08
CA PHE P 219 -17.71 20.60 14.81
C PHE P 219 -18.19 21.88 15.49
N PHE P 220 -17.89 22.03 16.78
CA PHE P 220 -18.34 23.22 17.50
C PHE P 220 -17.56 24.46 17.08
N ARG P 221 -16.30 24.30 16.69
CA ARG P 221 -15.57 25.44 16.11
C ARG P 221 -16.18 25.87 14.79
N GLN P 222 -16.61 24.91 13.97
CA GLN P 222 -17.31 25.23 12.73
C GLN P 222 -18.63 25.94 13.02
N LEU P 223 -19.38 25.46 14.02
CA LEU P 223 -20.61 26.13 14.43
C LEU P 223 -20.36 27.60 14.75
N LYS P 224 -19.22 27.90 15.38
CA LYS P 224 -18.88 29.26 15.76
C LYS P 224 -18.06 30.00 14.71
N PHE P 225 -18.05 29.50 13.47
CA PHE P 225 -17.47 30.20 12.32
C PHE P 225 -15.97 30.40 12.46
N HIS P 226 -15.28 29.52 13.18
CA HIS P 226 -13.84 29.65 13.33
C HIS P 226 -13.11 29.42 12.00
N PHE P 227 -13.55 28.42 11.25
CA PHE P 227 -12.83 28.03 10.04
C PHE P 227 -13.19 28.91 8.86
N THR P 228 -12.18 29.28 8.09
CA THR P 228 -12.37 29.88 6.78
C THR P 228 -12.25 28.80 5.70
N SER P 229 -12.63 29.17 4.48
CA SER P 229 -12.55 28.23 3.37
C SER P 229 -11.13 27.88 2.99
N ASN P 230 -10.15 28.66 3.46
CA ASN P 230 -8.74 28.42 3.17
C ASN P 230 -7.88 28.12 4.38
N HIS P 231 -8.29 28.54 5.58
CA HIS P 231 -7.48 28.39 6.79
C HIS P 231 -8.28 27.62 7.83
N HIS P 232 -7.88 26.36 8.08
CA HIS P 232 -8.61 25.49 9.00
C HIS P 232 -7.80 24.26 9.38
N PHE P 233 -6.59 24.48 9.95
CA PHE P 233 -5.71 23.33 10.14
C PHE P 233 -6.23 22.36 11.19
N GLY P 234 -6.99 22.88 12.14
CA GLY P 234 -7.60 22.05 13.13
C GLY P 234 -8.43 20.94 12.51
N PHE P 235 -9.17 21.26 11.46
CA PHE P 235 -9.93 20.25 10.74
C PHE P 235 -9.03 19.29 9.98
N GLU P 236 -8.02 19.81 9.29
CA GLU P 236 -7.13 18.96 8.52
C GLU P 236 -6.39 17.97 9.41
N ALA P 237 -5.82 18.45 10.52
CA ALA P 237 -5.15 17.57 11.47
C ALA P 237 -6.10 16.48 11.97
N GLY P 238 -7.34 16.86 12.30
CA GLY P 238 -8.32 15.86 12.71
C GLY P 238 -8.63 14.89 11.58
N ALA P 239 -8.66 15.39 10.34
CA ALA P 239 -8.92 14.52 9.20
C ALA P 239 -7.75 13.56 8.97
N TRP P 240 -6.52 14.06 9.07
CA TRP P 240 -5.35 13.18 8.98
C TRP P 240 -5.37 12.14 10.09
N TYR P 241 -5.70 12.56 11.32
CA TYR P 241 -5.74 11.63 12.44
C TYR P 241 -6.86 10.59 12.26
N TRP P 242 -8.00 11.02 11.70
CA TRP P 242 -9.09 10.08 11.48
C TRP P 242 -8.73 9.04 10.43
N HIS P 243 -8.05 9.45 9.35
CA HIS P 243 -7.61 8.49 8.35
C HIS P 243 -6.57 7.54 8.92
N PHE P 244 -5.69 8.04 9.79
CA PHE P 244 -4.75 7.17 10.49
C PHE P 244 -5.48 6.12 11.31
N VAL P 245 -6.53 6.54 12.04
CA VAL P 245 -7.32 5.60 12.83
C VAL P 245 -7.96 4.56 11.93
N ASP P 246 -8.42 4.98 10.74
CA ASP P 246 -9.05 4.04 9.83
C ASP P 246 -8.08 3.00 9.31
N VAL P 247 -6.88 3.43 8.93
CA VAL P 247 -5.90 2.49 8.36
C VAL P 247 -5.45 1.49 9.41
N VAL P 248 -5.28 1.94 10.66
CA VAL P 248 -4.90 1.02 11.73
C VAL P 248 -5.94 -0.07 11.91
N TRP P 249 -7.22 0.29 11.81
CA TRP P 249 -8.28 -0.72 11.93
C TRP P 249 -8.21 -1.73 10.80
N LEU P 250 -8.00 -1.25 9.56
CA LEU P 250 -7.90 -2.17 8.42
C LEU P 250 -6.78 -3.17 8.63
N PHE P 251 -5.66 -2.74 9.22
CA PHE P 251 -4.60 -3.67 9.55
C PHE P 251 -5.01 -4.60 10.68
N LEU P 252 -5.68 -4.07 11.70
CA LEU P 252 -6.20 -4.90 12.78
C LEU P 252 -7.19 -5.94 12.25
N TYR P 253 -8.12 -5.51 11.39
CA TYR P 253 -9.12 -6.41 10.85
C TYR P 253 -8.46 -7.54 10.05
N VAL P 254 -7.56 -7.20 9.13
CA VAL P 254 -6.90 -8.22 8.31
C VAL P 254 -6.05 -9.14 9.18
N SER P 255 -5.25 -8.57 10.08
CA SER P 255 -4.29 -9.35 10.83
C SER P 255 -4.95 -10.17 11.93
N ILE P 256 -5.67 -9.51 12.83
CA ILE P 256 -6.14 -10.16 14.05
C ILE P 256 -7.51 -10.81 13.84
N TYR P 257 -8.45 -10.08 13.26
CA TYR P 257 -9.81 -10.59 13.12
C TYR P 257 -9.92 -11.63 12.00
N TRP P 258 -9.20 -11.43 10.90
CA TRP P 258 -9.38 -12.26 9.72
C TRP P 258 -8.32 -13.34 9.62
N TRP P 259 -7.06 -12.94 9.38
CA TRP P 259 -6.00 -13.92 9.22
C TRP P 259 -5.76 -14.70 10.51
N GLY P 260 -5.91 -14.04 11.66
CA GLY P 260 -5.71 -14.67 12.95
C GLY P 260 -6.83 -15.53 13.47
N SER P 261 -7.95 -15.62 12.74
CA SER P 261 -9.10 -16.40 13.19
C SER P 261 -8.95 -17.88 12.82
N GLU Q 9 29.22 45.28 23.23
CA GLU Q 9 28.67 46.20 22.23
C GLU Q 9 29.60 46.15 21.02
N ASP Q 10 30.80 45.63 21.26
CA ASP Q 10 31.78 45.46 20.20
C ASP Q 10 31.55 44.19 19.39
N TYR Q 11 30.64 43.31 19.82
CA TYR Q 11 30.51 42.02 19.17
C TYR Q 11 30.01 42.14 17.74
N ALA Q 12 29.32 43.22 17.41
CA ALA Q 12 28.82 43.43 16.06
C ALA Q 12 29.78 44.24 15.19
N LEU Q 13 30.89 44.74 15.77
CA LEU Q 13 31.87 45.52 15.03
C LEU Q 13 33.10 44.67 14.71
N PRO Q 14 33.83 45.02 13.65
CA PRO Q 14 35.11 44.35 13.40
C PRO Q 14 36.08 44.58 14.54
N SER Q 15 36.83 43.53 14.88
CA SER Q 15 37.72 43.55 16.03
C SER Q 15 39.13 43.14 15.59
N TYR Q 16 40.07 43.33 16.51
CA TYR Q 16 41.46 42.98 16.28
C TYR Q 16 41.75 41.58 16.79
N VAL Q 17 42.68 40.90 16.11
CA VAL Q 17 43.08 39.55 16.51
C VAL Q 17 44.50 39.30 16.00
N ASP Q 18 45.31 38.69 16.85
CA ASP Q 18 46.66 38.27 16.48
C ASP Q 18 46.60 36.79 16.13
N ARG Q 19 46.65 36.48 14.84
N ARG Q 19 46.73 36.48 14.84
CA ARG Q 19 46.58 35.10 14.38
CA ARG Q 19 46.56 35.11 14.35
C ARG Q 19 47.57 34.89 13.25
C ARG Q 19 47.52 34.88 13.20
N ARG Q 20 48.16 33.70 13.20
CA ARG Q 20 49.18 33.41 12.20
C ARG Q 20 48.56 33.28 10.80
N ASP Q 21 47.38 32.69 10.70
CA ASP Q 21 46.69 32.55 9.42
C ASP Q 21 45.77 33.72 9.13
N TYR Q 22 45.82 34.79 9.93
CA TYR Q 22 45.08 36.03 9.67
C TYR Q 22 45.99 37.21 9.96
N PRO Q 23 47.07 37.36 9.18
CA PRO Q 23 48.12 38.31 9.56
C PRO Q 23 47.68 39.77 9.57
N LEU Q 24 46.75 40.15 8.69
CA LEU Q 24 46.30 41.54 8.58
C LEU Q 24 44.88 41.64 9.12
N PRO Q 25 44.70 42.00 10.40
CA PRO Q 25 43.36 42.01 11.00
C PRO Q 25 42.48 43.09 10.38
N ASP Q 26 41.22 43.09 10.81
CA ASP Q 26 40.22 43.95 10.20
C ASP Q 26 40.41 45.41 10.60
N VAL Q 27 40.98 45.67 11.77
CA VAL Q 27 41.16 47.02 12.27
C VAL Q 27 42.58 47.16 12.83
N ALA Q 28 43.00 48.41 13.02
CA ALA Q 28 44.28 48.71 13.62
C ALA Q 28 44.24 48.46 15.12
N HIS Q 29 45.38 48.03 15.67
CA HIS Q 29 45.49 47.84 17.11
C HIS Q 29 45.13 49.12 17.87
N VAL Q 30 45.66 50.26 17.42
CA VAL Q 30 45.41 51.54 18.04
C VAL Q 30 44.55 52.36 17.10
N LYS Q 31 43.35 52.74 17.55
CA LYS Q 31 42.39 53.43 16.71
C LYS Q 31 42.55 54.94 16.77
N ASN Q 32 42.58 55.51 17.97
CA ASN Q 32 42.69 56.95 18.15
C ASN Q 32 44.15 57.35 18.29
N LEU Q 33 44.57 58.31 17.48
CA LEU Q 33 45.97 58.73 17.41
C LEU Q 33 46.17 60.07 18.10
N SER Q 34 47.27 60.20 18.82
CA SER Q 34 47.67 61.47 19.41
C SER Q 34 48.29 62.38 18.34
N ALA Q 35 48.64 63.61 18.74
CA ALA Q 35 49.23 64.56 17.81
C ALA Q 35 50.52 64.03 17.20
N SER Q 36 51.40 63.50 18.05
CA SER Q 36 52.68 62.98 17.55
C SER Q 36 52.47 61.72 16.70
N GLN Q 37 51.52 60.87 17.10
CA GLN Q 37 51.25 59.67 16.32
C GLN Q 37 50.63 60.02 14.97
N LYS Q 38 49.80 61.06 14.92
CA LYS Q 38 49.30 61.54 13.64
C LYS Q 38 50.44 62.02 12.75
N ALA Q 39 51.39 62.77 13.31
CA ALA Q 39 52.52 63.24 12.53
C ALA Q 39 53.38 62.09 12.04
N LEU Q 40 53.51 61.04 12.86
CA LEU Q 40 54.22 59.84 12.42
C LEU Q 40 53.53 59.22 11.21
N LYS Q 41 52.19 59.16 11.23
CA LYS Q 41 51.46 58.66 10.07
C LYS Q 41 51.61 59.59 8.88
N GLU Q 42 51.71 60.89 9.12
CA GLU Q 42 51.97 61.83 8.04
C GLU Q 42 53.37 61.64 7.48
N LYS Q 43 54.37 61.47 8.36
CA LYS Q 43 55.72 61.16 7.91
C LYS Q 43 55.78 59.86 7.14
N GLU Q 44 54.91 58.91 7.49
CA GLU Q 44 54.89 57.61 6.80
C GLU Q 44 54.55 57.74 5.33
N LYS Q 45 53.87 58.83 4.94
CA LYS Q 45 53.55 59.04 3.53
C LYS Q 45 54.76 59.41 2.70
N ALA Q 46 55.87 59.77 3.33
CA ALA Q 46 57.11 60.03 2.63
C ALA Q 46 57.96 58.76 2.58
N SER Q 47 59.18 58.90 2.06
CA SER Q 47 60.08 57.76 1.93
C SER Q 47 60.34 57.13 3.29
N TRP Q 48 60.22 55.80 3.35
CA TRP Q 48 60.45 55.09 4.61
C TRP Q 48 61.92 55.05 5.01
N SER Q 49 62.83 55.35 4.07
CA SER Q 49 64.24 55.43 4.43
C SER Q 49 64.52 56.56 5.42
N SER Q 50 63.70 57.62 5.38
CA SER Q 50 63.84 58.72 6.32
C SER Q 50 63.27 58.41 7.69
N LEU Q 51 62.54 57.30 7.82
CA LEU Q 51 62.06 56.88 9.14
C LEU Q 51 63.20 56.26 9.94
N SER Q 52 63.21 56.54 11.24
CA SER Q 52 64.17 55.92 12.14
C SER Q 52 63.67 54.55 12.58
N ILE Q 53 64.58 53.77 13.17
CA ILE Q 53 64.19 52.46 13.68
C ILE Q 53 63.11 52.58 14.75
N ASP Q 54 63.25 53.56 15.64
CA ASP Q 54 62.23 53.76 16.67
C ASP Q 54 60.89 54.15 16.06
N GLU Q 55 60.91 55.00 15.02
CA GLU Q 55 59.68 55.39 14.37
C GLU Q 55 59.05 54.24 13.59
N LYS Q 56 59.86 53.36 13.02
CA LYS Q 56 59.33 52.21 12.30
C LYS Q 56 58.68 51.22 13.25
N VAL Q 57 59.33 50.94 14.39
CA VAL Q 57 58.73 50.09 15.41
C VAL Q 57 57.43 50.71 15.91
N GLU Q 58 57.41 52.04 16.06
CA GLU Q 58 56.21 52.71 16.56
C GLU Q 58 55.05 52.58 15.59
N LEU Q 59 55.32 52.66 14.28
CA LEU Q 59 54.27 52.44 13.29
C LEU Q 59 53.73 51.01 13.37
N TYR Q 60 54.62 50.04 13.58
CA TYR Q 60 54.18 48.65 13.71
C TYR Q 60 53.31 48.46 14.93
N ARG Q 61 53.69 49.06 16.06
CA ARG Q 61 52.93 48.90 17.29
C ARG Q 61 51.59 49.64 17.24
N LEU Q 62 51.44 50.62 16.35
CA LEU Q 62 50.14 51.26 16.16
C LEU Q 62 49.18 50.36 15.40
N LYS Q 63 49.70 49.63 14.41
CA LYS Q 63 48.85 48.75 13.60
C LYS Q 63 48.62 47.41 14.28
N PHE Q 64 49.63 46.87 14.95
CA PHE Q 64 49.57 45.53 15.51
C PHE Q 64 49.87 45.55 16.99
N LYS Q 65 49.32 44.56 17.70
CA LYS Q 65 49.51 44.43 19.15
C LYS Q 65 50.74 43.58 19.45
N GLU Q 66 50.73 42.31 19.04
CA GLU Q 66 51.87 41.43 19.20
C GLU Q 66 52.47 41.08 17.85
N SER Q 67 53.79 40.91 17.82
CA SER Q 67 54.46 40.41 16.63
C SER Q 67 54.28 38.89 16.53
N PHE Q 68 54.69 38.34 15.39
CA PHE Q 68 54.60 36.90 15.20
C PHE Q 68 55.43 36.14 16.23
N ALA Q 69 56.63 36.63 16.53
CA ALA Q 69 57.45 35.99 17.57
C ALA Q 69 56.76 36.03 18.93
N GLU Q 70 56.14 37.16 19.26
CA GLU Q 70 55.47 37.29 20.55
C GLU Q 70 54.24 36.37 20.63
N MET Q 71 53.42 36.35 19.59
CA MET Q 71 52.19 35.57 19.62
C MET Q 71 52.43 34.07 19.54
N ASN Q 72 53.60 33.65 19.07
CA ASN Q 72 53.92 32.23 18.90
C ASN Q 72 54.78 31.69 20.03
N ARG Q 73 54.99 32.47 21.09
CA ARG Q 73 55.91 32.07 22.15
C ARG Q 73 55.34 30.89 22.95
N SER Q 74 56.24 30.05 23.44
CA SER Q 74 55.86 28.95 24.32
C SER Q 74 55.70 29.45 25.75
N THR Q 75 55.05 28.63 26.57
CA THR Q 75 54.80 28.96 27.97
C THR Q 75 55.18 27.77 28.84
N ASN Q 76 55.21 28.02 30.15
CA ASN Q 76 55.47 26.97 31.14
C ASN Q 76 54.18 26.40 31.73
N GLU Q 77 53.05 26.59 31.03
CA GLU Q 77 51.77 26.14 31.57
C GLU Q 77 51.73 24.64 31.78
N TRP Q 78 52.44 23.87 30.93
CA TRP Q 78 52.40 22.41 31.06
C TRP Q 78 52.95 21.94 32.40
N LYS Q 79 53.90 22.69 32.98
CA LYS Q 79 54.41 22.34 34.29
C LYS Q 79 53.32 22.47 35.35
N THR Q 80 52.53 23.54 35.27
CA THR Q 80 51.42 23.72 36.20
C THR Q 80 50.34 22.66 36.00
N VAL Q 81 50.00 22.38 34.74
CA VAL Q 81 48.92 21.43 34.45
C VAL Q 81 49.31 20.02 34.89
N VAL Q 82 50.48 19.56 34.46
CA VAL Q 82 50.92 18.21 34.82
C VAL Q 82 51.11 18.09 36.32
N GLY Q 83 51.71 19.11 36.95
CA GLY Q 83 51.96 19.04 38.38
C GLY Q 83 50.69 19.07 39.20
N ALA Q 84 49.73 19.91 38.82
CA ALA Q 84 48.46 19.95 39.55
C ALA Q 84 47.64 18.69 39.30
N ALA Q 85 47.72 18.11 38.10
CA ALA Q 85 47.01 16.87 37.83
C ALA Q 85 47.55 15.74 38.70
N MET Q 86 48.87 15.68 38.87
CA MET Q 86 49.46 14.67 39.74
C MET Q 86 49.10 14.92 41.20
N PHE Q 87 48.89 16.19 41.59
N PHE Q 87 48.92 16.21 41.58
CA PHE Q 87 48.50 16.45 42.97
CA PHE Q 87 48.50 16.54 42.93
C PHE Q 87 47.11 15.93 43.27
C PHE Q 87 47.13 15.94 43.25
N PHE Q 88 46.16 16.16 42.35
CA PHE Q 88 44.80 15.65 42.59
C PHE Q 88 44.73 14.15 42.42
N ILE Q 89 45.55 13.57 41.54
CA ILE Q 89 45.64 12.12 41.46
C ILE Q 89 46.24 11.57 42.74
N GLY Q 90 47.22 12.28 43.31
CA GLY Q 90 47.74 11.90 44.61
C GLY Q 90 46.70 12.05 45.71
N PHE Q 91 45.92 13.12 45.67
CA PHE Q 91 44.84 13.31 46.63
C PHE Q 91 43.82 12.18 46.54
N THR Q 92 43.61 11.63 45.34
CA THR Q 92 42.71 10.50 45.18
C THR Q 92 43.16 9.31 46.01
N ALA Q 93 44.46 9.03 46.04
CA ALA Q 93 44.98 7.95 46.86
C ALA Q 93 44.63 8.13 48.34
N LEU Q 94 44.53 9.37 48.81
CA LEU Q 94 44.10 9.61 50.18
C LEU Q 94 42.68 9.11 50.39
N LEU Q 95 41.80 9.30 49.41
CA LEU Q 95 40.46 8.76 49.50
C LEU Q 95 40.46 7.23 49.51
N LEU Q 96 41.37 6.63 48.73
CA LEU Q 96 41.47 5.17 48.71
C LEU Q 96 42.03 4.63 50.02
N ILE Q 97 42.96 5.36 50.63
CA ILE Q 97 43.47 4.96 51.94
C ILE Q 97 42.36 5.04 52.98
N TRP Q 98 41.59 6.13 52.96
CA TRP Q 98 40.46 6.27 53.88
C TRP Q 98 39.45 5.15 53.68
N GLU Q 99 39.19 4.77 52.43
CA GLU Q 99 38.21 3.72 52.16
C GLU Q 99 38.70 2.37 52.68
N LYS Q 100 39.96 2.03 52.44
CA LYS Q 100 40.52 0.79 52.94
C LYS Q 100 40.47 0.74 54.47
N HIS Q 101 40.68 1.88 55.13
CA HIS Q 101 40.75 1.90 56.59
C HIS Q 101 39.37 1.83 57.23
N TYR Q 102 38.38 2.54 56.69
CA TYR Q 102 37.11 2.73 57.37
C TYR Q 102 35.94 1.98 56.75
N VAL Q 103 36.03 1.56 55.50
CA VAL Q 103 34.91 0.96 54.78
C VAL Q 103 35.11 -0.53 54.57
N TYR Q 104 36.26 -0.91 54.01
CA TYR Q 104 36.50 -2.32 53.68
C TYR Q 104 36.82 -3.12 54.93
N GLY Q 105 36.14 -4.25 55.09
CA GLY Q 105 36.45 -5.18 56.14
C GLY Q 105 37.49 -6.20 55.68
N PRO Q 106 37.59 -7.32 56.38
CA PRO Q 106 38.54 -8.36 55.97
C PRO Q 106 38.12 -9.00 54.66
N ILE Q 107 39.12 -9.37 53.86
CA ILE Q 107 38.90 -10.08 52.61
C ILE Q 107 38.73 -11.56 52.95
N PRO Q 108 38.15 -12.38 52.07
CA PRO Q 108 37.90 -13.78 52.43
C PRO Q 108 39.17 -14.54 52.77
N HIS Q 109 38.99 -15.63 53.50
CA HIS Q 109 40.11 -16.44 53.98
C HIS Q 109 40.83 -17.17 52.86
N THR Q 110 40.25 -17.21 51.66
CA THR Q 110 40.89 -17.92 50.54
C THR Q 110 42.12 -17.19 50.02
N PHE Q 111 42.39 -15.97 50.48
CA PHE Q 111 43.59 -15.24 50.10
C PHE Q 111 44.72 -15.41 51.10
N GLU Q 112 44.49 -16.11 52.21
CA GLU Q 112 45.57 -16.40 53.15
C GLU Q 112 46.65 -17.22 52.47
N GLU Q 113 47.89 -17.07 52.96
CA GLU Q 113 49.05 -17.62 52.26
C GLU Q 113 48.98 -19.14 52.15
N GLU Q 114 48.50 -19.82 53.19
CA GLU Q 114 48.45 -21.28 53.14
C GLU Q 114 47.36 -21.76 52.18
N TRP Q 115 46.20 -21.11 52.20
CA TRP Q 115 45.14 -21.47 51.25
C TRP Q 115 45.61 -21.31 49.81
N VAL Q 116 46.28 -20.20 49.51
CA VAL Q 116 46.76 -19.97 48.14
C VAL Q 116 47.75 -21.05 47.73
N ALA Q 117 48.62 -21.47 48.65
CA ALA Q 117 49.60 -22.50 48.33
C ALA Q 117 48.91 -23.83 48.02
N LYS Q 118 47.89 -24.19 48.79
CA LYS Q 118 47.15 -25.41 48.49
C LYS Q 118 46.29 -25.25 47.26
N GLN Q 119 45.64 -24.09 47.12
CA GLN Q 119 44.85 -23.80 45.92
C GLN Q 119 45.71 -23.85 44.67
N THR Q 120 46.96 -23.38 44.77
CA THR Q 120 47.85 -23.40 43.60
C THR Q 120 48.16 -24.82 43.16
N LYS Q 121 48.45 -25.72 44.10
CA LYS Q 121 48.74 -27.11 43.74
C LYS Q 121 47.54 -27.79 43.11
N ARG Q 122 46.35 -27.61 43.70
CA ARG Q 122 45.15 -28.20 43.13
C ARG Q 122 44.92 -27.72 41.71
N MET Q 123 45.15 -26.43 41.45
CA MET Q 123 45.06 -25.92 40.09
C MET Q 123 46.08 -26.59 39.19
N LEU Q 124 47.29 -26.84 39.70
CA LEU Q 124 48.28 -27.59 38.94
C LEU Q 124 47.92 -29.07 38.84
N ASP Q 125 47.21 -29.59 39.84
CA ASP Q 125 46.83 -31.01 39.79
C ASP Q 125 45.76 -31.25 38.73
N MET Q 126 44.82 -30.32 38.58
CA MET Q 126 43.84 -30.41 37.50
C MET Q 126 44.34 -29.78 36.20
N LYS Q 127 45.60 -29.34 36.17
CA LYS Q 127 46.23 -28.83 34.95
C LYS Q 127 45.47 -27.63 34.38
N VAL Q 128 45.20 -26.64 35.23
CA VAL Q 128 44.54 -25.41 34.81
C VAL Q 128 45.41 -24.72 33.77
N ALA Q 129 44.83 -24.44 32.59
CA ALA Q 129 45.50 -23.76 31.49
C ALA Q 129 46.83 -24.42 31.18
N PRO Q 130 46.84 -25.65 30.66
CA PRO Q 130 48.10 -26.38 30.50
C PRO Q 130 48.85 -26.05 29.21
N ILE Q 131 48.25 -25.29 28.30
CA ILE Q 131 48.91 -25.00 27.02
C ILE Q 131 49.74 -23.73 27.10
N GLN Q 132 49.24 -22.69 27.77
CA GLN Q 132 49.95 -21.41 27.81
C GLN Q 132 49.80 -20.70 29.15
N GLY Q 133 48.60 -20.77 29.73
CA GLY Q 133 48.21 -19.82 30.75
C GLY Q 133 48.77 -19.98 32.15
N PHE Q 134 48.85 -21.21 32.65
CA PHE Q 134 49.16 -21.40 34.07
C PHE Q 134 50.02 -22.64 34.29
N SER Q 135 49.43 -23.83 34.14
CA SER Q 135 50.17 -25.07 34.33
C SER Q 135 51.28 -25.23 33.29
N ALA Q 136 51.17 -24.57 32.15
CA ALA Q 136 52.24 -24.61 31.15
C ALA Q 136 53.52 -23.96 31.66
N LYS Q 137 53.45 -23.17 32.72
CA LYS Q 137 54.62 -22.52 33.30
C LYS Q 137 55.16 -23.26 34.51
N TRP Q 138 54.61 -24.43 34.82
CA TRP Q 138 55.10 -25.30 35.88
C TRP Q 138 55.83 -26.50 35.24
N ASP Q 139 56.98 -26.83 35.80
CA ASP Q 139 57.76 -27.97 35.33
C ASP Q 139 57.35 -29.20 36.14
N TYR Q 140 56.58 -30.09 35.52
CA TYR Q 140 56.09 -31.26 36.22
C TYR Q 140 57.17 -32.31 36.46
N ASP Q 141 58.23 -32.31 35.64
CA ASP Q 141 59.33 -33.25 35.87
C ASP Q 141 60.20 -32.80 37.03
N LYS Q 142 60.56 -31.53 37.08
CA LYS Q 142 61.45 -31.00 38.10
C LYS Q 142 60.71 -30.47 39.32
N ASN Q 143 59.37 -30.45 39.30
CA ASN Q 143 58.56 -30.07 40.45
C ASN Q 143 58.87 -28.64 40.91
N GLU Q 144 58.94 -27.73 39.95
CA GLU Q 144 59.20 -26.32 40.24
C GLU Q 144 58.64 -25.48 39.11
N TRP Q 145 58.55 -24.18 39.35
CA TRP Q 145 58.18 -23.24 38.31
C TRP Q 145 59.29 -23.17 37.27
N LYS Q 146 58.91 -23.23 35.99
CA LYS Q 146 59.89 -23.10 34.92
C LYS Q 146 60.64 -21.78 35.02
N LYS Q 147 61.95 -21.83 34.82
CA LYS Q 147 62.78 -20.65 34.98
C LYS Q 147 62.62 -19.71 33.79
N HIS R 5 44.41 21.94 -13.72
CA HIS R 5 43.77 23.22 -13.42
C HIS R 5 44.59 24.37 -13.99
N GLU R 6 45.34 25.07 -13.12
CA GLU R 6 46.23 26.13 -13.54
C GLU R 6 47.65 25.80 -13.11
N THR R 7 48.61 26.18 -13.94
CA THR R 7 50.01 25.95 -13.63
C THR R 7 50.46 26.86 -12.48
N ASP R 8 51.63 26.53 -11.91
CA ASP R 8 52.23 27.39 -10.90
C ASP R 8 52.47 28.79 -11.45
N GLU R 9 52.87 28.89 -12.73
CA GLU R 9 53.13 30.20 -13.33
C GLU R 9 51.85 31.01 -13.47
N GLU R 10 50.73 30.35 -13.80
CA GLU R 10 49.46 31.06 -13.91
C GLU R 10 48.97 31.53 -12.55
N PHE R 11 49.14 30.69 -11.52
CA PHE R 11 48.78 31.08 -10.16
C PHE R 11 49.55 32.32 -9.72
N ASP R 12 50.88 32.30 -9.90
CA ASP R 12 51.71 33.42 -9.49
C ASP R 12 51.36 34.69 -10.26
N ALA R 13 51.06 34.55 -11.56
CA ALA R 13 50.73 35.71 -12.37
C ALA R 13 49.42 36.36 -11.93
N ARG R 14 48.45 35.55 -11.48
N ARG R 14 48.46 35.56 -11.44
CA ARG R 14 47.20 36.10 -10.97
CA ARG R 14 47.21 36.14 -10.99
C ARG R 14 47.46 36.99 -9.76
C ARG R 14 47.40 36.96 -9.73
N TRP R 15 48.30 36.52 -8.84
CA TRP R 15 48.53 37.26 -7.60
C TRP R 15 49.43 38.46 -7.81
N VAL R 16 50.40 38.36 -8.71
CA VAL R 16 51.19 39.53 -9.09
C VAL R 16 50.28 40.60 -9.65
N THR R 17 49.39 40.22 -10.57
CA THR R 17 48.44 41.17 -11.13
C THR R 17 47.52 41.74 -10.06
N TYR R 18 47.09 40.89 -9.11
CA TYR R 18 46.17 41.34 -8.06
C TYR R 18 46.79 42.45 -7.23
N PHE R 19 48.01 42.27 -6.75
CA PHE R 19 48.67 43.26 -5.93
C PHE R 19 49.20 44.45 -6.72
N ASN R 20 49.35 44.31 -8.04
CA ASN R 20 49.89 45.38 -8.86
C ASN R 20 48.85 46.40 -9.29
N LYS R 21 47.57 46.18 -8.99
CA LYS R 21 46.54 47.14 -9.36
C LYS R 21 46.85 48.48 -8.71
N PRO R 22 47.01 49.56 -9.49
CA PRO R 22 47.47 50.83 -8.90
C PRO R 22 46.60 51.35 -7.77
N ASP R 23 45.28 51.30 -7.94
CA ASP R 23 44.34 51.84 -6.96
C ASP R 23 43.79 50.77 -6.02
N ILE R 24 44.56 49.70 -5.78
CA ILE R 24 44.17 48.73 -4.76
C ILE R 24 44.00 49.43 -3.42
N ASP R 25 42.90 49.14 -2.74
CA ASP R 25 42.60 49.77 -1.46
C ASP R 25 43.08 48.88 -0.31
N ALA R 26 42.86 49.37 0.92
CA ALA R 26 43.38 48.67 2.09
C ALA R 26 42.65 47.34 2.30
N TRP R 27 41.36 47.29 1.99
CA TRP R 27 40.60 46.05 2.17
C TRP R 27 41.11 44.96 1.25
N GLU R 28 41.35 45.28 -0.03
CA GLU R 28 41.82 44.28 -0.98
C GLU R 28 43.23 43.80 -0.64
N LEU R 29 44.07 44.67 -0.08
CA LEU R 29 45.39 44.24 0.38
C LEU R 29 45.27 43.20 1.49
N ARG R 30 44.47 43.49 2.52
CA ARG R 30 44.26 42.54 3.60
C ARG R 30 43.61 41.26 3.09
N LYS R 31 42.60 41.39 2.24
CA LYS R 31 41.94 40.22 1.67
C LYS R 31 42.92 39.35 0.89
N GLY R 32 43.78 39.98 0.08
CA GLY R 32 44.77 39.21 -0.67
C GLY R 32 45.70 38.43 0.23
N MET R 33 46.33 39.11 1.20
CA MET R 33 47.30 38.45 2.06
C MET R 33 46.64 37.38 2.94
N ASN R 34 45.46 37.67 3.49
CA ASN R 34 44.80 36.71 4.36
C ASN R 34 44.34 35.48 3.58
N THR R 35 43.92 35.67 2.33
CA THR R 35 43.57 34.52 1.49
C THR R 35 44.82 33.77 1.04
N LEU R 36 45.90 34.49 0.74
CA LEU R 36 47.09 33.86 0.17
C LEU R 36 47.75 32.92 1.18
N VAL R 37 47.77 33.29 2.46
CA VAL R 37 48.44 32.48 3.47
C VAL R 37 47.63 31.25 3.87
N GLY R 38 46.43 31.07 3.31
CA GLY R 38 45.69 29.85 3.53
C GLY R 38 46.12 28.69 2.65
N TYR R 39 46.85 28.98 1.58
CA TYR R 39 47.29 27.94 0.65
C TYR R 39 48.49 27.19 1.21
N ASP R 40 48.71 25.99 0.70
CA ASP R 40 49.87 25.17 1.08
C ASP R 40 51.07 25.57 0.22
N LEU R 41 51.57 26.78 0.49
CA LEU R 41 52.72 27.30 -0.21
C LEU R 41 53.26 28.53 0.53
N VAL R 42 54.54 28.79 0.34
CA VAL R 42 55.13 30.09 0.67
C VAL R 42 55.11 30.92 -0.60
N PRO R 43 54.54 32.13 -0.59
CA PRO R 43 54.38 32.88 -1.84
C PRO R 43 55.71 33.22 -2.49
N GLU R 44 55.74 33.12 -3.81
CA GLU R 44 56.93 33.46 -4.58
C GLU R 44 57.36 34.89 -4.27
N PRO R 45 58.67 35.16 -4.30
CA PRO R 45 59.14 36.54 -4.10
C PRO R 45 58.50 37.56 -5.02
N LYS R 46 58.18 37.19 -6.26
CA LYS R 46 57.52 38.14 -7.16
C LYS R 46 56.14 38.52 -6.66
N ILE R 47 55.47 37.62 -5.94
CA ILE R 47 54.17 37.94 -5.35
C ILE R 47 54.36 38.88 -4.18
N ILE R 48 55.31 38.57 -3.29
CA ILE R 48 55.59 39.42 -2.14
C ILE R 48 56.06 40.80 -2.59
N ASP R 49 56.90 40.85 -3.63
CA ASP R 49 57.34 42.13 -4.18
C ASP R 49 56.17 43.01 -4.57
N ALA R 50 55.21 42.44 -5.32
CA ALA R 50 54.02 43.21 -5.70
C ALA R 50 53.21 43.61 -4.48
N ALA R 51 53.15 42.74 -3.47
CA ALA R 51 52.39 43.06 -2.26
C ALA R 51 53.07 44.14 -1.44
N LEU R 52 54.40 44.12 -1.38
CA LEU R 52 55.12 45.15 -0.64
C LEU R 52 54.97 46.51 -1.30
N ARG R 53 54.93 46.54 -2.64
CA ARG R 53 54.75 47.81 -3.34
C ARG R 53 53.31 48.31 -3.22
N ALA R 54 52.35 47.40 -3.04
CA ALA R 54 50.99 47.83 -2.74
C ALA R 54 50.91 48.52 -1.38
N CYS R 55 51.67 48.03 -0.40
CA CYS R 55 51.74 48.70 0.90
C CYS R 55 52.32 50.10 0.76
N ARG R 56 53.32 50.26 -0.12
CA ARG R 56 53.89 51.58 -0.36
C ARG R 56 52.86 52.54 -0.93
N ARG R 57 52.09 52.09 -1.93
CA ARG R 57 51.05 52.95 -2.50
C ARG R 57 49.95 53.26 -1.48
N LEU R 58 49.77 52.38 -0.50
CA LEU R 58 48.78 52.60 0.55
C LEU R 58 49.36 53.27 1.78
N ASN R 59 50.64 53.64 1.75
CA ASN R 59 51.31 54.33 2.86
C ASN R 59 51.18 53.55 4.16
N ASP R 60 51.46 52.24 4.07
CA ASP R 60 51.29 51.32 5.20
C ASP R 60 52.61 50.56 5.37
N PHE R 61 53.51 51.12 6.18
CA PHE R 61 54.79 50.46 6.44
C PHE R 61 54.60 49.22 7.30
N ALA R 62 53.68 49.27 8.27
CA ALA R 62 53.55 48.19 9.24
C ALA R 62 53.09 46.90 8.57
N SER R 63 52.18 47.00 7.60
CA SER R 63 51.72 45.81 6.89
C SER R 63 52.83 45.19 6.05
N ALA R 64 53.77 46.00 5.57
CA ALA R 64 54.91 45.46 4.83
C ALA R 64 55.77 44.58 5.72
N VAL R 65 56.02 45.01 6.95
CA VAL R 65 56.78 44.19 7.89
C VAL R 65 55.99 42.93 8.24
N ARG R 66 54.67 43.06 8.44
CA ARG R 66 53.84 41.91 8.75
C ARG R 66 53.87 40.88 7.64
N ILE R 67 53.89 41.34 6.38
CA ILE R 67 53.94 40.42 5.25
C ILE R 67 55.24 39.61 5.28
N LEU R 68 56.35 40.25 5.63
CA LEU R 68 57.60 39.52 5.77
C LEU R 68 57.54 38.52 6.92
N GLU R 69 56.83 38.86 7.99
CA GLU R 69 56.67 37.93 9.10
C GLU R 69 55.90 36.69 8.68
N VAL R 70 54.83 36.87 7.91
CA VAL R 70 53.98 35.74 7.56
C VAL R 70 54.66 34.86 6.50
N VAL R 71 55.56 35.44 5.70
CA VAL R 71 56.36 34.63 4.78
C VAL R 71 57.24 33.66 5.57
N LYS R 72 57.94 34.18 6.59
CA LYS R 72 58.75 33.33 7.44
C LYS R 72 57.91 32.29 8.16
N ASP R 73 56.72 32.69 8.62
CA ASP R 73 55.87 31.78 9.37
C ASP R 73 55.34 30.65 8.50
N LYS R 74 54.95 30.97 7.26
CA LYS R 74 54.45 29.95 6.34
C LYS R 74 55.49 28.88 6.00
N ALA R 75 56.78 29.21 6.18
CA ALA R 75 57.83 28.24 5.87
C ALA R 75 57.96 27.16 6.92
N GLY R 76 57.42 27.38 8.12
CA GLY R 76 57.49 26.39 9.17
C GLY R 76 58.92 26.07 9.60
N PRO R 77 59.27 24.79 9.62
CA PRO R 77 60.62 24.38 10.06
C PRO R 77 61.70 24.42 8.99
N HIS R 78 61.36 24.68 7.72
CA HIS R 78 62.30 24.72 6.61
C HIS R 78 62.94 26.10 6.62
N LYS R 79 64.01 26.22 7.38
CA LYS R 79 64.58 27.51 7.75
C LYS R 79 65.18 28.30 6.60
N GLU R 80 65.54 27.63 5.51
CA GLU R 80 66.29 28.27 4.40
C GLU R 80 65.39 29.06 3.43
N ILE R 81 64.09 29.03 3.62
CA ILE R 81 63.19 29.68 2.68
C ILE R 81 63.18 31.17 2.90
N TYR R 82 63.10 31.59 4.17
CA TYR R 82 63.02 33.02 4.46
C TYR R 82 64.28 33.78 4.07
N PRO R 83 65.50 33.30 4.39
CA PRO R 83 66.70 34.01 3.87
C PRO R 83 66.74 34.09 2.35
N TYR R 84 66.26 33.07 1.65
CA TYR R 84 66.22 33.15 0.19
C TYR R 84 65.24 34.23 -0.28
N VAL R 85 64.07 34.30 0.35
CA VAL R 85 63.07 35.30 -0.02
C VAL R 85 63.62 36.70 0.24
N ILE R 86 64.24 36.89 1.42
CA ILE R 86 64.84 38.18 1.74
C ILE R 86 65.91 38.54 0.72
N GLN R 87 66.75 37.57 0.35
CA GLN R 87 67.77 37.80 -0.67
C GLN R 87 67.14 38.29 -1.97
N GLU R 88 66.10 37.60 -2.44
CA GLU R 88 65.44 38.00 -3.68
C GLU R 88 64.71 39.32 -3.57
N LEU R 89 64.34 39.73 -2.35
CA LEU R 89 63.61 40.97 -2.13
C LEU R 89 64.52 42.13 -1.75
N ARG R 90 65.80 41.87 -1.50
CA ARG R 90 66.73 42.91 -1.07
C ARG R 90 66.72 44.16 -1.93
N PRO R 91 66.74 44.09 -3.27
CA PRO R 91 66.61 45.34 -4.05
C PRO R 91 65.33 46.11 -3.77
N THR R 92 64.20 45.40 -3.65
CA THR R 92 62.94 46.07 -3.32
C THR R 92 62.97 46.66 -1.92
N LEU R 93 63.51 45.90 -0.95
CA LEU R 93 63.59 46.39 0.42
C LEU R 93 64.43 47.67 0.50
N ASN R 94 65.54 47.72 -0.25
CA ASN R 94 66.36 48.92 -0.24
C ASN R 94 65.68 50.09 -0.94
N GLU R 95 65.03 49.82 -2.09
CA GLU R 95 64.38 50.88 -2.84
C GLU R 95 63.26 51.54 -2.03
N LEU R 96 62.50 50.75 -1.29
CA LEU R 96 61.34 51.25 -0.55
C LEU R 96 61.65 51.56 0.91
N GLY R 97 62.88 51.31 1.36
CA GLY R 97 63.23 51.56 2.74
C GLY R 97 62.48 50.68 3.72
N ILE R 98 62.22 49.43 3.35
CA ILE R 98 61.51 48.50 4.21
C ILE R 98 62.52 47.77 5.07
N SER R 99 62.44 47.97 6.39
CA SER R 99 63.26 47.21 7.32
C SER R 99 62.62 45.85 7.59
N THR R 100 63.46 44.82 7.65
CA THR R 100 62.97 43.49 7.95
C THR R 100 62.57 43.41 9.42
N PRO R 101 61.70 42.46 9.78
CA PRO R 101 61.38 42.26 11.21
C PRO R 101 62.60 42.03 12.07
N GLU R 102 63.62 41.34 11.53
CA GLU R 102 64.84 41.10 12.30
C GLU R 102 65.60 42.40 12.54
N GLU R 103 65.69 43.26 11.52
CA GLU R 103 66.34 44.55 11.68
C GLU R 103 65.61 45.46 12.65
N LEU R 104 64.31 45.24 12.84
CA LEU R 104 63.51 46.02 13.78
C LEU R 104 63.44 45.38 15.16
N GLY R 105 64.06 44.22 15.35
CA GLY R 105 63.96 43.53 16.62
C GLY R 105 62.64 42.87 16.89
N LEU R 106 61.79 42.73 15.88
CA LEU R 106 60.47 42.12 16.05
C LEU R 106 60.52 40.61 15.97
N ASP R 107 61.68 40.01 15.73
CA ASP R 107 61.85 38.57 15.79
C ASP R 107 62.21 38.09 17.19
N LYS R 108 62.42 39.00 18.13
CA LYS R 108 62.74 38.65 19.51
C LYS R 108 61.44 38.44 20.28
N VAL R 109 61.39 37.36 21.06
CA VAL R 109 60.17 36.97 21.74
C VAL R 109 59.97 37.77 23.02
N SER S 2 -23.40 24.54 -2.55
CA SER S 2 -24.57 25.29 -3.01
C SER S 2 -24.78 26.55 -2.18
N GLY S 3 -24.79 26.40 -0.85
CA GLY S 3 -24.92 27.53 0.04
C GLY S 3 -23.58 28.08 0.50
N GLY S 4 -23.64 29.19 1.23
CA GLY S 4 -22.44 29.81 1.74
C GLY S 4 -22.32 29.67 3.24
N GLY S 5 -21.98 30.76 3.93
CA GLY S 5 -21.89 30.77 5.37
C GLY S 5 -20.51 30.55 5.95
N VAL S 6 -19.51 30.30 5.12
CA VAL S 6 -18.13 30.11 5.57
C VAL S 6 -17.36 31.40 5.29
N PRO S 7 -16.76 32.03 6.29
CA PRO S 7 -15.99 33.25 6.05
C PRO S 7 -14.75 32.96 5.22
N THR S 8 -14.24 34.00 4.57
CA THR S 8 -13.00 33.93 3.83
C THR S 8 -11.86 34.56 4.63
N ASP S 9 -10.64 34.31 4.17
CA ASP S 9 -9.49 34.96 4.79
C ASP S 9 -9.56 36.47 4.62
N GLU S 10 -10.06 36.94 3.48
CA GLU S 10 -10.20 38.38 3.25
C GLU S 10 -11.10 39.02 4.30
N GLU S 11 -12.12 38.28 4.75
CA GLU S 11 -13.09 38.82 5.70
C GLU S 11 -12.66 38.67 7.15
N GLN S 12 -12.00 37.56 7.51
CA GLN S 12 -11.86 37.18 8.91
C GLN S 12 -10.42 37.09 9.41
N ALA S 13 -9.43 36.95 8.52
CA ALA S 13 -8.05 36.90 8.98
C ALA S 13 -7.67 38.19 9.68
N THR S 14 -6.85 38.07 10.72
CA THR S 14 -6.50 39.20 11.57
C THR S 14 -5.04 39.08 11.98
N GLY S 15 -4.56 40.10 12.70
CA GLY S 15 -3.23 40.06 13.28
C GLY S 15 -2.14 39.97 12.23
N LEU S 16 -1.11 39.18 12.55
CA LEU S 16 0.04 39.05 11.67
C LEU S 16 -0.32 38.30 10.39
N GLU S 17 -1.25 37.35 10.47
CA GLU S 17 -1.68 36.63 9.27
C GLU S 17 -2.25 37.59 8.23
N ARG S 18 -3.09 38.53 8.66
CA ARG S 18 -3.67 39.50 7.72
C ARG S 18 -2.59 40.41 7.14
N GLU S 19 -1.63 40.83 7.96
CA GLU S 19 -0.54 41.67 7.46
C GLU S 19 0.24 40.96 6.36
N VAL S 20 0.57 39.69 6.57
CA VAL S 20 1.28 38.91 5.56
C VAL S 20 0.42 38.77 4.30
N MET S 21 -0.89 38.62 4.49
N MET S 21 -0.89 38.62 4.48
CA MET S 21 -1.79 38.44 3.35
CA MET S 21 -1.77 38.43 3.34
C MET S 21 -1.91 39.70 2.52
C MET S 21 -1.89 39.71 2.52
N LEU S 22 -2.11 40.84 3.18
CA LEU S 22 -2.24 42.11 2.46
C LEU S 22 -0.94 42.53 1.81
N ALA S 23 0.20 42.24 2.44
CA ALA S 23 1.47 42.62 1.85
C ALA S 23 1.81 41.76 0.64
N ALA S 24 1.47 40.47 0.70
CA ALA S 24 1.76 39.59 -0.43
C ALA S 24 0.96 39.96 -1.68
N ARG S 25 -0.27 40.47 -1.51
CA ARG S 25 -1.03 40.89 -2.68
C ARG S 25 -0.50 42.17 -3.28
N LYS S 26 0.26 42.96 -2.52
CA LYS S 26 0.98 44.10 -3.07
C LYS S 26 2.38 43.74 -3.55
N GLY S 27 2.75 42.46 -3.51
CA GLY S 27 4.09 42.05 -3.90
C GLY S 27 5.20 42.52 -2.98
N GLN S 28 4.89 42.75 -1.71
CA GLN S 28 5.88 43.13 -0.71
C GLN S 28 6.14 41.98 0.24
N ASP S 29 7.32 42.00 0.86
CA ASP S 29 7.75 40.94 1.77
C ASP S 29 8.35 41.57 3.03
N PRO S 30 7.51 42.21 3.85
CA PRO S 30 8.04 42.87 5.05
C PRO S 30 8.45 41.88 6.13
N TYR S 31 7.96 40.64 6.11
CA TYR S 31 8.27 39.67 7.14
C TYR S 31 9.18 38.56 6.64
N ASN S 32 9.96 38.82 5.59
CA ASN S 32 11.10 37.99 5.20
C ASN S 32 10.69 36.54 4.94
N ILE S 33 9.64 36.37 4.15
CA ILE S 33 9.21 35.02 3.78
C ILE S 33 9.94 34.51 2.55
N LEU S 34 10.38 35.41 1.67
CA LEU S 34 11.05 35.05 0.43
C LEU S 34 12.54 35.30 0.53
N ALA S 35 13.30 34.50 -0.20
CA ALA S 35 14.74 34.73 -0.31
C ALA S 35 14.99 35.84 -1.33
N PRO S 36 15.70 36.91 -0.95
CA PRO S 36 15.97 37.98 -1.92
C PRO S 36 16.85 37.48 -3.05
N LYS S 37 16.68 38.09 -4.23
CA LYS S 37 17.51 37.78 -5.38
C LYS S 37 18.73 38.71 -5.39
N ALA S 38 19.91 38.12 -5.53
CA ALA S 38 21.14 38.90 -5.50
C ALA S 38 21.30 39.71 -6.79
N THR S 39 21.98 40.85 -6.64
CA THR S 39 22.43 41.63 -7.79
C THR S 39 23.79 41.10 -8.23
N SER S 40 24.53 41.87 -9.03
CA SER S 40 25.88 41.48 -9.38
C SER S 40 26.85 41.64 -8.22
N GLY S 41 26.49 42.43 -7.21
CA GLY S 41 27.30 42.55 -6.02
C GLY S 41 28.54 43.40 -6.19
N THR S 42 28.62 44.22 -7.24
CA THR S 42 29.76 45.09 -7.45
C THR S 42 29.66 46.33 -6.57
N LYS S 43 30.74 47.13 -6.61
CA LYS S 43 30.75 48.40 -5.89
C LYS S 43 29.70 49.36 -6.43
N GLU S 44 29.39 49.27 -7.72
CA GLU S 44 28.38 50.10 -8.34
C GLU S 44 26.97 49.52 -8.20
N ASP S 45 26.85 48.21 -8.04
CA ASP S 45 25.55 47.53 -7.97
C ASP S 45 25.55 46.59 -6.77
N PRO S 46 25.54 47.13 -5.55
CA PRO S 46 25.61 46.29 -4.36
C PRO S 46 24.26 45.67 -4.03
N ASN S 47 24.31 44.58 -3.28
CA ASN S 47 23.10 43.97 -2.76
C ASN S 47 22.48 44.88 -1.70
N LEU S 48 21.19 45.17 -1.85
CA LEU S 48 20.48 46.09 -0.98
C LEU S 48 19.79 45.30 0.11
N VAL S 49 20.22 45.50 1.35
CA VAL S 49 19.75 44.72 2.51
C VAL S 49 18.81 45.61 3.32
N PRO S 50 17.50 45.34 3.31
CA PRO S 50 16.58 46.13 4.13
C PRO S 50 16.77 45.83 5.61
N SER S 51 16.49 46.84 6.43
CA SER S 51 16.56 46.69 7.87
C SER S 51 15.67 47.74 8.53
N ILE S 52 15.14 47.38 9.71
CA ILE S 52 14.41 48.34 10.53
C ILE S 52 15.30 49.06 11.51
N THR S 53 16.57 48.67 11.62
CA THR S 53 17.52 49.35 12.49
C THR S 53 18.75 49.68 11.65
N ASN S 54 19.87 49.95 12.32
CA ASN S 54 21.10 50.38 11.66
C ASN S 54 22.11 49.27 11.46
N LYS S 55 21.73 48.01 11.68
CA LYS S 55 22.61 46.89 11.39
C LYS S 55 21.79 45.61 11.28
N ARG S 56 22.30 44.67 10.49
CA ARG S 56 21.63 43.41 10.27
C ARG S 56 22.66 42.36 9.88
N ILE S 57 22.45 41.13 10.35
CA ILE S 57 23.36 40.03 10.05
C ILE S 57 23.11 39.56 8.62
N VAL S 58 24.18 39.49 7.82
CA VAL S 58 24.12 38.99 6.46
C VAL S 58 24.78 37.62 6.41
N GLY S 59 24.12 36.68 5.74
CA GLY S 59 24.72 35.40 5.42
C GLY S 59 25.01 35.30 3.94
N CYS S 60 26.27 35.05 3.59
CA CYS S 60 26.72 35.07 2.20
C CYS S 60 27.07 33.65 1.78
N ILE S 61 26.32 33.13 0.80
CA ILE S 61 26.65 31.87 0.16
C ILE S 61 27.48 32.23 -1.06
N CYS S 62 28.81 32.27 -0.88
CA CYS S 62 29.70 32.89 -1.85
C CYS S 62 29.55 32.26 -3.24
N GLU S 63 29.41 30.95 -3.30
CA GLU S 63 29.21 30.25 -4.57
C GLU S 63 28.03 29.30 -4.45
N GLU S 64 27.36 29.10 -5.58
CA GLU S 64 26.26 28.13 -5.65
C GLU S 64 26.72 26.77 -5.16
N ASP S 65 25.95 26.19 -4.24
CA ASP S 65 26.12 24.87 -3.64
C ASP S 65 27.22 24.85 -2.58
N ASN S 66 27.79 26.01 -2.22
CA ASN S 66 28.63 26.07 -1.04
C ASN S 66 27.85 25.66 0.20
N SER S 67 28.44 24.78 1.00
CA SER S 67 27.83 24.40 2.27
C SER S 67 28.16 25.37 3.38
N THR S 68 29.26 26.11 3.26
CA THR S 68 29.70 27.07 4.28
C THR S 68 29.06 28.42 4.01
N VAL S 69 28.36 28.96 5.00
CA VAL S 69 27.77 30.28 4.93
C VAL S 69 28.64 31.24 5.74
N ILE S 70 28.84 32.44 5.21
CA ILE S 70 29.69 33.45 5.84
C ILE S 70 28.78 34.49 6.47
N TRP S 71 28.90 34.66 7.79
CA TRP S 71 28.01 35.53 8.56
C TRP S 71 28.77 36.75 9.03
N PHE S 72 28.14 37.92 8.91
CA PHE S 72 28.74 39.16 9.39
C PHE S 72 27.65 40.21 9.55
N TRP S 73 27.87 41.13 10.49
CA TRP S 73 26.97 42.27 10.66
C TRP S 73 27.22 43.29 9.55
N LEU S 74 26.16 43.67 8.86
CA LEU S 74 26.20 44.76 7.89
C LEU S 74 25.70 46.03 8.57
N HIS S 75 26.55 47.05 8.62
CA HIS S 75 26.22 48.29 9.31
C HIS S 75 25.74 49.36 8.34
N LYS S 76 24.95 50.30 8.85
CA LYS S 76 24.53 51.46 8.08
C LYS S 76 25.75 52.27 7.65
N GLY S 77 25.72 52.78 6.42
CA GLY S 77 26.81 53.59 5.93
C GLY S 77 27.38 53.07 4.62
N GLU S 78 28.71 53.19 4.46
CA GLU S 78 29.31 52.73 3.22
C GLU S 78 29.16 51.21 3.07
N ALA S 79 28.98 50.77 1.85
CA ALA S 79 28.81 49.35 1.58
C ALA S 79 30.00 48.54 2.11
N GLN S 80 29.71 47.35 2.61
CA GLN S 80 30.70 46.42 3.10
C GLN S 80 30.78 45.20 2.20
N ARG S 81 31.87 44.45 2.32
CA ARG S 81 32.16 43.32 1.46
C ARG S 81 32.22 42.04 2.27
N CYS S 82 31.74 40.95 1.67
CA CYS S 82 31.86 39.64 2.30
C CYS S 82 33.32 39.31 2.53
N PRO S 83 33.72 38.92 3.75
CA PRO S 83 35.13 38.64 4.01
C PRO S 83 35.68 37.44 3.26
N SER S 84 34.82 36.63 2.62
CA SER S 84 35.26 35.45 1.89
C SER S 84 35.33 35.66 0.38
N CYS S 85 34.31 36.29 -0.22
CA CYS S 85 34.25 36.47 -1.66
C CYS S 85 34.25 37.93 -2.11
N GLY S 86 34.03 38.87 -1.20
CA GLY S 86 34.17 40.29 -1.52
C GLY S 86 32.98 40.94 -2.16
N THR S 87 31.90 40.21 -2.41
CA THR S 87 30.70 40.83 -2.94
C THR S 87 30.17 41.90 -1.97
N HIS S 88 29.62 42.97 -2.55
CA HIS S 88 29.27 44.15 -1.78
C HIS S 88 27.83 44.05 -1.26
N TYR S 89 27.62 44.59 -0.06
CA TYR S 89 26.32 44.69 0.55
C TYR S 89 26.14 46.09 1.10
N LYS S 90 24.94 46.65 0.93
CA LYS S 90 24.62 48.00 1.38
C LYS S 90 23.33 47.96 2.18
N LEU S 91 23.37 48.47 3.40
CA LEU S 91 22.19 48.49 4.24
C LEU S 91 21.28 49.63 3.83
N VAL S 92 19.98 49.34 3.72
CA VAL S 92 18.99 50.37 3.44
C VAL S 92 18.01 50.40 4.62
N PRO S 93 18.26 51.22 5.64
CA PRO S 93 17.31 51.28 6.76
C PRO S 93 15.97 51.79 6.27
N HIS S 94 14.91 51.34 6.94
CA HIS S 94 13.56 51.63 6.47
C HIS S 94 12.57 51.21 7.54
N GLN S 95 11.34 51.68 7.39
CA GLN S 95 10.25 51.26 8.25
C GLN S 95 9.67 49.94 7.76
N LEU S 96 8.77 49.36 8.56
CA LEU S 96 8.13 48.12 8.13
C LEU S 96 7.12 48.38 7.02
N ALA S 97 6.39 49.49 7.11
CA ALA S 97 5.43 49.85 6.08
C ALA S 97 6.12 50.23 4.78
N ALA T 3 -13.53 -1.54 -8.58
CA ALA T 3 -14.12 -0.27 -8.99
C ALA T 3 -14.89 -0.40 -10.31
N ALA T 4 -15.57 0.67 -10.70
CA ALA T 4 -16.31 0.69 -11.96
C ALA T 4 -16.73 2.10 -12.33
N LYS T 5 -17.05 2.91 -11.33
CA LYS T 5 -17.57 4.24 -11.56
C LYS T 5 -16.56 5.09 -12.31
N GLY T 6 -17.05 6.09 -13.03
CA GLY T 6 -16.21 6.95 -13.85
C GLY T 6 -16.03 8.36 -13.37
N ASP T 7 -17.02 8.89 -12.66
CA ASP T 7 -17.15 10.32 -12.31
C ASP T 7 -15.87 10.98 -11.82
N HIS T 8 -14.82 10.99 -12.64
CA HIS T 8 -13.52 11.54 -12.24
C HIS T 8 -13.20 12.86 -12.92
N GLY T 9 -14.21 13.59 -13.42
CA GLY T 9 -13.92 14.84 -14.09
C GLY T 9 -13.47 15.90 -13.11
N GLY T 10 -14.04 15.91 -11.91
CA GLY T 10 -13.62 16.78 -10.84
C GLY T 10 -14.06 16.16 -9.51
N GLY T 12 -15.03 16.86 -5.91
CA GLY T 12 -15.49 18.00 -5.13
C GLY T 12 -16.50 17.60 -4.08
N ALA T 13 -17.13 18.59 -3.45
CA ALA T 13 -18.12 18.32 -2.41
C ALA T 13 -19.26 17.45 -2.93
N ARG T 14 -19.79 17.79 -4.10
CA ARG T 14 -20.94 17.06 -4.63
C ARG T 14 -20.59 15.60 -4.92
N THR T 15 -19.41 15.36 -5.51
CA THR T 15 -19.00 13.98 -5.79
C THR T 15 -18.85 13.18 -4.51
N TRP T 16 -18.27 13.79 -3.47
CA TRP T 16 -18.05 13.05 -2.24
C TRP T 16 -19.31 12.86 -1.41
N ARG T 17 -20.29 13.77 -1.54
CA ARG T 17 -21.61 13.48 -0.98
C ARG T 17 -22.29 12.37 -1.76
N PHE T 18 -22.09 12.37 -3.09
CA PHE T 18 -22.60 11.28 -3.92
C PHE T 18 -22.07 9.94 -3.42
N LEU T 19 -20.78 9.87 -3.09
CA LEU T 19 -20.20 8.63 -2.59
C LEU T 19 -20.70 8.30 -1.19
N THR T 20 -20.90 9.33 -0.35
CA THR T 20 -21.35 9.10 1.03
C THR T 20 -22.73 8.45 1.04
N PHE T 21 -23.69 9.04 0.34
CA PHE T 21 -25.07 8.54 0.34
C PHE T 21 -25.31 7.44 -0.68
N GLY T 22 -24.48 7.34 -1.71
CA GLY T 22 -24.71 6.37 -2.77
C GLY T 22 -23.94 5.08 -2.60
N LEU T 23 -22.87 5.11 -1.81
CA LEU T 23 -22.02 3.93 -1.65
C LEU T 23 -21.71 3.63 -0.19
N ALA T 24 -21.22 4.64 0.53
CA ALA T 24 -20.70 4.42 1.88
C ALA T 24 -21.80 4.00 2.84
N LEU T 25 -22.84 4.82 2.97
CA LEU T 25 -23.92 4.55 3.91
C LEU T 25 -24.76 3.34 3.50
N PRO T 26 -25.06 3.14 2.21
CA PRO T 26 -25.69 1.86 1.82
C PRO T 26 -24.88 0.64 2.22
N SER T 27 -23.56 0.72 2.11
CA SER T 27 -22.72 -0.40 2.55
C SER T 27 -22.87 -0.64 4.05
N VAL T 28 -22.95 0.43 4.84
CA VAL T 28 -23.16 0.30 6.28
C VAL T 28 -24.52 -0.33 6.56
N ALA T 29 -25.54 0.09 5.81
CA ALA T 29 -26.87 -0.50 5.97
C ALA T 29 -26.85 -1.99 5.65
N LEU T 30 -26.11 -2.39 4.61
CA LEU T 30 -26.00 -3.81 4.27
C LEU T 30 -25.24 -4.58 5.33
N CYS T 31 -24.13 -4.02 5.84
CA CYS T 31 -23.39 -4.68 6.90
C CYS T 31 -24.21 -4.77 8.18
N THR T 32 -24.96 -3.70 8.50
CA THR T 32 -25.87 -3.75 9.64
C THR T 32 -26.87 -4.88 9.48
N LEU T 33 -27.53 -4.94 8.32
CA LEU T 33 -28.47 -6.03 8.02
C LEU T 33 -27.81 -7.40 8.20
N ASN T 34 -26.66 -7.62 7.54
CA ASN T 34 -25.96 -8.90 7.64
C ASN T 34 -25.62 -9.24 9.08
N SER T 35 -24.97 -8.31 9.80
CA SER T 35 -24.64 -8.57 11.20
C SER T 35 -25.90 -8.71 12.04
N TRP T 36 -27.00 -8.08 11.63
CA TRP T 36 -28.22 -8.17 12.42
C TRP T 36 -28.89 -9.53 12.25
N LEU T 37 -28.68 -10.18 11.10
CA LEU T 37 -29.29 -11.48 10.86
C LEU T 37 -28.56 -12.59 11.60
N HIS T 38 -27.25 -12.47 11.80
CA HIS T 38 -26.46 -13.47 12.50
C HIS T 38 -26.34 -13.20 13.99
N SER T 39 -27.11 -12.24 14.51
CA SER T 39 -27.13 -11.99 15.94
C SER T 39 -27.93 -13.09 16.63
N GLY T 40 -27.94 -13.07 17.96
CA GLY T 40 -28.52 -14.16 18.70
C GLY T 40 -27.42 -15.01 19.32
N HIS T 41 -27.65 -15.45 20.55
CA HIS T 41 -26.59 -16.09 21.31
C HIS T 41 -26.30 -17.49 20.79
N ARG T 42 -25.01 -17.85 20.79
CA ARG T 42 -24.55 -19.18 20.45
C ARG T 42 -24.40 -19.98 21.75
N GLU T 43 -24.51 -21.29 21.63
CA GLU T 43 -24.46 -22.15 22.81
C GLU T 43 -23.03 -22.17 23.33
N ARG T 44 -22.87 -21.72 24.57
CA ARG T 44 -21.53 -21.63 25.15
C ARG T 44 -20.91 -23.01 25.26
N PRO T 45 -19.61 -23.15 25.03
CA PRO T 45 -18.98 -24.47 25.03
C PRO T 45 -18.70 -24.96 26.45
N ALA T 46 -18.49 -26.28 26.54
CA ALA T 46 -18.15 -26.90 27.81
C ALA T 46 -16.87 -26.28 28.39
N PHE T 47 -16.88 -26.06 29.70
CA PHE T 47 -15.73 -25.50 30.38
C PHE T 47 -14.63 -26.53 30.54
N ILE T 48 -13.44 -26.20 30.06
CA ILE T 48 -12.24 -26.98 30.28
C ILE T 48 -11.20 -26.07 30.95
N PRO T 49 -10.70 -26.41 32.13
CA PRO T 49 -9.77 -25.52 32.84
C PRO T 49 -8.36 -25.53 32.24
N TYR T 50 -8.27 -25.10 30.99
CA TYR T 50 -6.97 -24.96 30.33
C TYR T 50 -6.07 -24.01 31.12
N HIS T 51 -4.79 -24.37 31.23
CA HIS T 51 -3.85 -23.59 32.02
C HIS T 51 -3.27 -22.40 31.26
N HIS T 52 -3.45 -22.35 29.94
CA HIS T 52 -3.05 -21.19 29.16
C HIS T 52 -4.16 -20.15 29.02
N LEU T 53 -5.31 -20.40 29.65
CA LEU T 53 -6.42 -19.47 29.64
C LEU T 53 -6.79 -19.12 31.07
N ARG T 54 -7.58 -18.05 31.22
CA ARG T 54 -8.01 -17.55 32.53
C ARG T 54 -6.80 -17.31 33.43
N ILE T 55 -5.79 -16.64 32.88
CA ILE T 55 -4.54 -16.43 33.60
C ILE T 55 -4.77 -15.58 34.83
N ARG T 56 -4.18 -16.00 35.95
CA ARG T 56 -4.22 -15.23 37.19
C ARG T 56 -2.82 -15.27 37.81
N THR T 57 -2.03 -14.23 37.55
CA THR T 57 -0.73 -14.06 38.19
C THR T 57 -0.74 -12.96 39.24
N LYS T 58 -1.72 -12.05 39.20
CA LYS T 58 -1.92 -10.99 40.17
C LYS T 58 -3.40 -10.65 40.11
N PRO T 59 -4.06 -10.47 41.25
CA PRO T 59 -5.49 -10.14 41.23
C PRO T 59 -5.74 -8.81 40.53
N PHE T 60 -6.85 -8.73 39.82
CA PHE T 60 -7.26 -7.48 39.19
C PHE T 60 -7.51 -6.42 40.26
N SER T 61 -7.33 -5.16 39.88
CA SER T 61 -7.45 -4.04 40.80
C SER T 61 -8.88 -3.57 40.99
N TRP T 62 -9.87 -4.41 40.71
CA TRP T 62 -11.27 -4.05 40.86
C TRP T 62 -12.05 -5.28 41.29
N GLY T 63 -13.26 -5.04 41.79
CA GLY T 63 -14.13 -6.13 42.22
C GLY T 63 -13.46 -7.00 43.26
N ASP T 64 -13.54 -8.32 43.07
CA ASP T 64 -12.92 -9.28 43.96
C ASP T 64 -11.56 -9.75 43.47
N GLY T 65 -11.02 -9.12 42.42
CA GLY T 65 -9.73 -9.50 41.90
C GLY T 65 -9.73 -10.70 40.98
N ASN T 66 -10.90 -11.27 40.69
CA ASN T 66 -10.98 -12.49 39.90
C ASN T 66 -11.88 -12.34 38.69
N HIS T 67 -12.53 -11.19 38.50
CA HIS T 67 -13.38 -10.94 37.35
C HIS T 67 -12.69 -9.94 36.44
N THR T 68 -12.65 -10.25 35.15
CA THR T 68 -12.09 -9.34 34.18
C THR T 68 -12.98 -8.10 34.03
N PHE T 69 -12.44 -7.07 33.39
CA PHE T 69 -13.06 -5.74 33.45
C PHE T 69 -14.45 -5.72 32.83
N PHE T 70 -14.62 -6.42 31.70
CA PHE T 70 -15.91 -6.48 31.02
C PHE T 70 -16.46 -7.91 31.09
N HIS T 71 -16.35 -8.52 32.27
CA HIS T 71 -16.84 -9.87 32.50
C HIS T 71 -18.30 -10.04 32.09
N ASN T 72 -18.56 -11.10 31.33
CA ASN T 72 -19.92 -11.49 30.96
C ASN T 72 -20.21 -12.84 31.59
N PRO T 73 -21.11 -12.92 32.56
CA PRO T 73 -21.38 -14.22 33.20
C PRO T 73 -21.86 -15.29 32.23
N ARG T 74 -22.50 -14.90 31.13
CA ARG T 74 -23.05 -15.90 30.22
C ARG T 74 -21.96 -16.65 29.46
N VAL T 75 -20.85 -16.00 29.14
CA VAL T 75 -19.89 -16.59 28.20
C VAL T 75 -18.47 -16.61 28.76
N ASN T 76 -18.23 -15.90 29.86
CA ASN T 76 -16.89 -15.80 30.42
C ASN T 76 -16.79 -16.61 31.69
N PRO T 77 -16.20 -17.80 31.67
CA PRO T 77 -16.03 -18.57 32.90
C PRO T 77 -14.84 -18.08 33.72
N LEU T 78 -14.94 -18.31 35.03
CA LEU T 78 -13.84 -18.04 35.94
C LEU T 78 -12.82 -19.18 35.86
N PRO T 79 -11.66 -19.02 36.48
CA PRO T 79 -10.71 -20.16 36.55
C PRO T 79 -11.33 -21.43 37.08
N THR T 80 -12.36 -21.32 37.92
CA THR T 80 -13.03 -22.50 38.45
C THR T 80 -14.24 -22.92 37.61
N GLY T 81 -14.68 -22.10 36.66
CA GLY T 81 -15.76 -22.46 35.77
C GLY T 81 -16.78 -21.34 35.68
N TYR T 82 -17.89 -21.63 35.01
CA TYR T 82 -18.97 -20.67 34.89
C TYR T 82 -19.59 -20.40 36.25
N GLU T 83 -20.10 -19.18 36.44
CA GLU T 83 -20.62 -18.78 37.74
C GLU T 83 -22.02 -19.35 38.02
N LYS T 84 -22.95 -19.14 37.10
CA LYS T 84 -24.36 -19.50 37.26
C LYS T 84 -25.01 -18.60 38.31
N LYS U 7 13.77 -53.35 17.20
CA LYS U 7 13.81 -53.37 15.75
C LYS U 7 14.72 -52.25 15.22
N ILE U 8 15.93 -52.64 14.79
CA ILE U 8 16.96 -51.69 14.37
C ILE U 8 17.26 -50.81 15.57
N LYS U 9 17.39 -51.44 16.74
CA LYS U 9 17.66 -50.73 17.98
C LYS U 9 19.12 -50.87 18.38
N ASN U 10 19.62 -49.85 19.09
CA ASN U 10 20.98 -49.70 19.59
C ASN U 10 21.09 -48.25 20.05
N TYR U 11 19.97 -47.73 20.55
CA TYR U 11 19.79 -46.32 20.80
C TYR U 11 20.78 -45.79 21.82
N GLN U 12 21.54 -44.77 21.43
CA GLN U 12 22.36 -44.02 22.36
C GLN U 12 21.62 -42.74 22.77
N THR U 13 21.43 -41.84 21.82
CA THR U 13 20.66 -40.63 22.06
C THR U 13 19.90 -40.26 20.78
N ALA U 14 19.00 -39.30 20.91
CA ALA U 14 18.21 -38.83 19.78
C ALA U 14 19.12 -38.34 18.66
N PRO U 15 18.99 -38.86 17.44
CA PRO U 15 19.84 -38.42 16.34
C PRO U 15 19.40 -37.06 15.81
N PHE U 16 20.25 -36.49 14.96
CA PHE U 16 19.91 -35.28 14.23
C PHE U 16 18.61 -35.45 13.46
N ASP U 17 17.79 -34.40 13.45
CA ASP U 17 16.50 -34.40 12.77
C ASP U 17 16.42 -33.16 11.90
N SER U 18 16.34 -33.36 10.59
CA SER U 18 16.35 -32.23 9.66
C SER U 18 15.14 -31.33 9.83
N ARG U 19 14.05 -31.85 10.39
CA ARG U 19 12.90 -31.00 10.68
C ARG U 19 13.23 -29.92 11.70
N PHE U 20 14.16 -30.19 12.62
CA PHE U 20 14.50 -29.29 13.71
C PHE U 20 16.01 -29.11 13.74
N PRO U 21 16.55 -28.31 12.82
CA PRO U 21 18.02 -28.19 12.69
C PRO U 21 18.65 -27.01 13.41
N ASN U 22 17.90 -26.24 14.17
CA ASN U 22 18.39 -24.99 14.77
C ASN U 22 18.60 -25.16 16.27
N GLN U 23 19.10 -24.10 16.90
CA GLN U 23 19.38 -24.14 18.33
C GLN U 23 18.12 -24.32 19.16
N ASN U 24 16.98 -23.82 18.68
CA ASN U 24 15.73 -23.94 19.40
C ASN U 24 15.15 -25.33 19.14
N GLN U 25 15.18 -26.19 20.15
CA GLN U 25 14.73 -27.58 20.04
C GLN U 25 13.41 -27.83 20.75
N THR U 26 12.68 -26.76 21.08
CA THR U 26 11.41 -26.92 21.80
C THR U 26 10.44 -27.80 21.05
N ARG U 27 10.28 -27.56 19.74
CA ARG U 27 9.29 -28.32 18.97
C ARG U 27 9.73 -29.76 18.76
N ASN U 28 11.04 -30.02 18.72
CA ASN U 28 11.52 -31.39 18.57
C ASN U 28 11.04 -32.26 19.73
N CYS U 29 11.19 -31.76 20.97
CA CYS U 29 10.66 -32.47 22.12
C CYS U 29 9.14 -32.55 22.07
N TRP U 30 8.48 -31.44 21.73
CA TRP U 30 7.02 -31.39 21.69
C TRP U 30 6.46 -32.36 20.65
N GLN U 31 7.09 -32.45 19.48
CA GLN U 31 6.58 -33.30 18.41
C GLN U 31 6.68 -34.78 18.80
N ASN U 32 7.82 -35.19 19.35
CA ASN U 32 7.99 -36.60 19.68
C ASN U 32 7.14 -37.01 20.88
N TYR U 33 6.88 -36.09 21.81
CA TYR U 33 5.94 -36.38 22.90
C TYR U 33 4.55 -36.61 22.35
N LEU U 34 4.11 -35.75 21.43
CA LEU U 34 2.84 -35.98 20.73
C LEU U 34 2.86 -37.31 19.99
N ASP U 35 3.93 -37.56 19.21
CA ASP U 35 3.98 -38.75 18.37
C ASP U 35 3.86 -40.03 19.19
N PHE U 36 4.53 -40.09 20.35
CA PHE U 36 4.45 -41.29 21.17
C PHE U 36 3.03 -41.53 21.68
N HIS U 37 2.41 -40.48 22.23
CA HIS U 37 1.09 -40.66 22.84
C HIS U 37 0.00 -40.81 21.79
N ARG U 38 0.20 -40.25 20.59
CA ARG U 38 -0.71 -40.55 19.49
C ARG U 38 -0.57 -42.00 19.04
N CYS U 39 0.67 -42.49 18.98
CA CYS U 39 0.88 -43.90 18.65
C CYS U 39 0.39 -44.80 19.77
N GLU U 40 0.65 -44.41 21.03
CA GLU U 40 0.21 -45.22 22.17
C GLU U 40 -1.30 -45.35 22.20
N LYS U 41 -2.02 -44.24 21.95
CA LYS U 41 -3.48 -44.29 21.95
C LYS U 41 -4.00 -45.16 20.80
N ALA U 42 -3.37 -45.06 19.63
CA ALA U 42 -3.78 -45.89 18.50
C ALA U 42 -3.55 -47.38 18.79
N MET U 43 -2.40 -47.72 19.38
CA MET U 43 -2.09 -49.11 19.66
C MET U 43 -3.00 -49.66 20.77
N THR U 44 -3.29 -48.84 21.78
CA THR U 44 -4.11 -49.31 22.89
C THR U 44 -5.56 -49.51 22.46
N ALA U 45 -6.11 -48.56 21.69
CA ALA U 45 -7.52 -48.60 21.35
C ALA U 45 -7.85 -49.79 20.46
N LYS U 46 -7.04 -50.02 19.41
CA LYS U 46 -7.35 -51.01 18.40
C LYS U 46 -6.62 -52.33 18.63
N GLY U 47 -6.23 -52.62 19.86
CA GLY U 47 -5.67 -53.91 20.21
C GLY U 47 -4.32 -54.24 19.62
N GLY U 48 -3.39 -53.27 19.64
CA GLY U 48 -2.03 -53.50 19.20
C GLY U 48 -1.03 -53.55 20.36
N ASP U 49 0.24 -53.47 19.98
CA ASP U 49 1.34 -53.50 20.93
C ASP U 49 2.03 -52.14 20.95
N VAL U 50 2.15 -51.56 22.15
CA VAL U 50 2.73 -50.23 22.29
C VAL U 50 4.21 -50.22 21.89
N SER U 51 4.84 -51.38 21.79
CA SER U 51 6.27 -51.44 21.50
C SER U 51 6.64 -50.79 20.17
N VAL U 52 5.66 -50.59 19.26
CA VAL U 52 5.96 -49.91 18.01
C VAL U 52 6.15 -48.41 18.22
N CYS U 53 5.72 -47.88 19.36
CA CYS U 53 5.89 -46.47 19.68
C CYS U 53 7.21 -46.20 20.40
N GLU U 54 8.09 -47.19 20.48
CA GLU U 54 9.26 -47.09 21.35
C GLU U 54 10.22 -45.98 20.90
N TRP U 55 10.38 -45.81 19.58
CA TRP U 55 11.32 -44.81 19.08
C TRP U 55 10.92 -43.42 19.54
N TYR U 56 9.64 -43.07 19.42
CA TYR U 56 9.16 -41.79 19.90
C TYR U 56 9.38 -41.65 21.42
N ARG U 57 9.18 -42.75 22.16
CA ARG U 57 9.39 -42.71 23.60
C ARG U 57 10.84 -42.40 23.94
N ARG U 58 11.78 -43.05 23.25
CA ARG U 58 13.19 -42.84 23.55
C ARG U 58 13.62 -41.42 23.20
N VAL U 59 13.15 -40.89 22.08
CA VAL U 59 13.58 -39.57 21.65
C VAL U 59 13.07 -38.49 22.59
N TYR U 60 11.77 -38.54 22.93
CA TYR U 60 11.21 -37.47 23.76
C TYR U 60 11.75 -37.53 25.17
N LYS U 61 11.99 -38.73 25.70
CA LYS U 61 12.59 -38.83 27.03
C LYS U 61 14.03 -38.30 27.03
N SER U 62 14.75 -38.54 25.93
CA SER U 62 16.10 -37.97 25.81
C SER U 62 16.06 -36.45 25.76
N LEU U 63 15.12 -35.87 25.00
CA LEU U 63 15.13 -34.45 24.71
C LEU U 63 14.31 -33.61 25.69
N CYS U 64 13.21 -34.15 26.20
CA CYS U 64 12.29 -33.29 26.95
C CYS U 64 12.76 -33.15 28.40
N PRO U 65 12.71 -31.94 28.96
CA PRO U 65 12.93 -31.77 30.40
C PRO U 65 11.91 -32.57 31.19
N ILE U 66 12.35 -33.09 32.34
CA ILE U 66 11.49 -33.92 33.17
C ILE U 66 10.23 -33.16 33.58
N SER U 67 10.38 -31.87 33.94
CA SER U 67 9.23 -31.09 34.39
C SER U 67 8.25 -30.83 33.25
N TRP U 68 8.73 -30.82 32.00
CA TRP U 68 7.82 -30.69 30.87
C TRP U 68 6.98 -31.96 30.70
N VAL U 69 7.63 -33.12 30.67
CA VAL U 69 6.90 -34.38 30.56
C VAL U 69 5.90 -34.52 31.72
N SER U 70 6.35 -34.22 32.94
CA SER U 70 5.50 -34.39 34.11
C SER U 70 4.29 -33.46 34.06
N THR U 71 4.51 -32.21 33.64
CA THR U 71 3.40 -31.27 33.51
C THR U 71 2.44 -31.72 32.42
N TRP U 72 2.96 -32.13 31.27
CA TRP U 72 2.11 -32.61 30.18
C TRP U 72 1.36 -33.87 30.60
N ASP U 73 2.00 -34.75 31.39
CA ASP U 73 1.33 -35.96 31.86
C ASP U 73 0.16 -35.61 32.78
N ASP U 74 0.36 -34.66 33.70
CA ASP U 74 -0.71 -34.26 34.61
C ASP U 74 -1.90 -33.69 33.84
N ARG U 75 -1.65 -32.94 32.79
CA ARG U 75 -2.72 -32.25 32.09
C ARG U 75 -3.48 -33.18 31.14
N ARG U 76 -2.81 -34.21 30.60
CA ARG U 76 -3.53 -35.25 29.87
C ARG U 76 -4.49 -35.99 30.80
N ALA U 77 -4.05 -36.27 32.03
CA ALA U 77 -4.92 -36.95 32.99
C ALA U 77 -6.03 -36.03 33.48
N GLU U 78 -5.77 -34.73 33.55
CA GLU U 78 -6.78 -33.78 33.99
C GLU U 78 -7.76 -33.42 32.87
N GLY U 79 -7.40 -33.68 31.61
CA GLY U 79 -8.21 -33.30 30.49
C GLY U 79 -7.98 -31.89 30.00
N THR U 80 -6.84 -31.28 30.35
CA THR U 80 -6.52 -29.91 29.96
C THR U 80 -5.32 -29.84 29.03
N PHE U 81 -4.89 -30.96 28.46
CA PHE U 81 -3.76 -30.95 27.55
C PHE U 81 -4.16 -30.28 26.24
N PRO U 82 -3.47 -29.21 25.81
CA PRO U 82 -3.96 -28.45 24.65
C PRO U 82 -3.63 -29.09 23.31
N GLY U 83 -2.71 -30.05 23.27
CA GLY U 83 -2.38 -30.69 22.01
C GLY U 83 -3.38 -31.75 21.61
N LYS U 84 -3.31 -32.13 20.33
CA LYS U 84 -4.23 -33.10 19.75
C LYS U 84 -3.63 -34.49 19.84
N ILE U 85 -4.31 -35.38 20.56
CA ILE U 85 -3.87 -36.77 20.67
C ILE U 85 -4.99 -37.72 20.25
N THR V 2 77.71 34.96 -1.18
CA THR V 2 77.36 33.82 -2.02
C THR V 2 75.85 33.61 -2.00
N ALA V 3 75.26 33.50 -3.20
CA ALA V 3 73.81 33.46 -3.33
C ALA V 3 73.27 32.17 -2.74
N LEU V 4 72.01 32.22 -2.31
CA LEU V 4 71.29 31.06 -1.82
C LEU V 4 70.44 30.45 -2.93
N ALA V 5 70.35 29.12 -2.93
CA ALA V 5 69.54 28.41 -3.90
C ALA V 5 68.06 28.50 -3.53
N LYS V 6 67.21 28.45 -4.55
CA LYS V 6 65.77 28.49 -4.33
C LYS V 6 65.29 27.19 -3.70
N PRO V 7 64.74 27.22 -2.48
CA PRO V 7 64.22 26.00 -1.87
C PRO V 7 62.84 25.67 -2.39
N GLN V 8 62.43 24.43 -2.14
CA GLN V 8 61.05 24.05 -2.40
C GLN V 8 60.11 24.90 -1.54
N MET V 9 59.13 25.52 -2.20
CA MET V 9 58.25 26.47 -1.54
C MET V 9 56.77 26.11 -1.64
N ARG V 10 56.40 25.11 -2.43
CA ARG V 10 55.00 24.75 -2.64
C ARG V 10 54.74 23.35 -2.10
N GLY V 11 53.55 23.17 -1.54
CA GLY V 11 53.10 21.84 -1.15
C GLY V 11 53.90 21.20 -0.03
N LEU V 12 54.52 22.01 0.83
CA LEU V 12 55.34 21.45 1.91
C LEU V 12 54.50 20.60 2.87
N LEU V 13 53.27 21.02 3.14
CA LEU V 13 52.41 20.25 4.03
C LEU V 13 52.00 18.92 3.39
N ALA V 14 51.56 18.97 2.13
CA ALA V 14 51.18 17.75 1.43
C ALA V 14 52.38 16.83 1.25
N ARG V 15 53.57 17.42 1.10
CA ARG V 15 54.79 16.63 0.99
C ARG V 15 55.10 15.93 2.31
N ARG V 16 54.96 16.64 3.42
CA ARG V 16 55.16 16.05 4.74
C ARG V 16 54.15 14.94 4.99
N LEU V 17 52.91 15.12 4.55
CA LEU V 17 51.88 14.11 4.77
C LEU V 17 52.16 12.84 3.98
N ARG V 18 52.48 12.98 2.69
CA ARG V 18 52.78 11.81 1.86
C ARG V 18 53.93 11.00 2.44
N PHE V 19 55.00 11.67 2.88
CA PHE V 19 56.16 10.97 3.41
C PHE V 19 55.78 10.11 4.62
N HIS V 20 55.01 10.68 5.55
CA HIS V 20 54.72 9.99 6.80
C HIS V 20 53.57 8.99 6.66
N ILE V 21 52.67 9.18 5.70
CA ILE V 21 51.65 8.17 5.44
C ILE V 21 52.28 6.90 4.88
N VAL V 22 53.25 7.05 3.96
CA VAL V 22 54.01 5.90 3.49
C VAL V 22 54.80 5.29 4.64
N GLY V 23 55.42 6.13 5.47
CA GLY V 23 56.13 5.62 6.64
C GLY V 23 55.23 4.83 7.58
N ALA V 24 54.01 5.34 7.81
CA ALA V 24 53.07 4.62 8.66
C ALA V 24 52.67 3.28 8.04
N PHE V 25 52.51 3.24 6.71
CA PHE V 25 52.21 1.99 6.03
C PHE V 25 53.34 0.98 6.23
N MET V 26 54.59 1.43 6.08
CA MET V 26 55.74 0.56 6.30
C MET V 26 55.73 -0.01 7.71
N VAL V 27 55.50 0.84 8.71
CA VAL V 27 55.49 0.38 10.09
C VAL V 27 54.33 -0.60 10.33
N SER V 28 53.20 -0.36 9.68
CA SER V 28 52.06 -1.27 9.81
C SER V 28 52.43 -2.67 9.31
N LEU V 29 53.08 -2.76 8.15
CA LEU V 29 53.56 -4.05 7.67
C LEU V 29 54.57 -4.65 8.64
N GLY V 30 55.47 -3.83 9.17
CA GLY V 30 56.41 -4.32 10.18
C GLY V 30 55.72 -4.88 11.40
N PHE V 31 54.64 -4.24 11.84
CA PHE V 31 53.91 -4.75 13.00
C PHE V 31 53.14 -6.02 12.68
N ALA V 32 52.51 -6.07 11.50
CA ALA V 32 51.74 -7.25 11.11
C ALA V 32 52.63 -8.48 11.08
N THR V 33 53.83 -8.36 10.49
CA THR V 33 54.77 -9.46 10.51
C THR V 33 55.18 -9.82 11.94
N PHE V 34 55.48 -8.80 12.75
CA PHE V 34 55.86 -9.04 14.14
C PHE V 34 54.73 -9.71 14.92
N TYR V 35 53.49 -9.25 14.73
CA TYR V 35 52.38 -9.80 15.50
C TYR V 35 52.07 -11.23 15.07
N LYS V 36 52.14 -11.51 13.77
CA LYS V 36 51.90 -12.87 13.30
C LYS V 36 52.95 -13.83 13.84
N PHE V 37 54.18 -13.36 14.02
CA PHE V 37 55.25 -14.23 14.50
C PHE V 37 55.25 -14.36 16.01
N ALA V 38 54.99 -13.27 16.74
CA ALA V 38 55.10 -13.26 18.18
C ALA V 38 53.80 -13.59 18.90
N VAL V 39 52.67 -13.63 18.21
CA VAL V 39 51.38 -13.86 18.86
C VAL V 39 50.61 -14.97 18.14
N ALA V 40 50.32 -14.75 16.86
CA ALA V 40 49.42 -15.66 16.14
C ALA V 40 50.06 -17.01 15.90
N GLU V 41 51.26 -17.02 15.30
CA GLU V 41 51.95 -18.28 15.06
C GLU V 41 52.37 -18.94 16.38
N LYS V 42 52.84 -18.14 17.33
CA LYS V 42 53.22 -18.68 18.63
C LYS V 42 52.07 -19.44 19.28
N ARG V 43 50.85 -18.90 19.20
CA ARG V 43 49.69 -19.62 19.74
C ARG V 43 49.38 -20.86 18.93
N LYS V 44 49.56 -20.80 17.60
CA LYS V 44 49.34 -21.97 16.78
C LYS V 44 50.31 -23.09 17.14
N LYS V 45 51.59 -22.76 17.29
CA LYS V 45 52.59 -23.77 17.58
C LYS V 45 52.44 -24.31 19.00
N ALA V 46 52.09 -23.45 19.96
CA ALA V 46 51.90 -23.90 21.33
C ALA V 46 50.82 -24.96 21.42
N TYR V 47 49.68 -24.75 20.74
CA TYR V 47 48.61 -25.72 20.77
C TYR V 47 48.95 -26.95 19.93
N ALA V 48 49.67 -26.75 18.82
CA ALA V 48 50.07 -27.89 18.00
C ALA V 48 51.11 -28.74 18.70
N ASP V 49 52.08 -28.11 19.38
CA ASP V 49 53.09 -28.88 20.11
C ASP V 49 52.47 -29.62 21.29
N PHE V 50 51.48 -29.00 21.96
CA PHE V 50 50.88 -29.63 23.13
C PHE V 50 50.16 -30.92 22.76
N TYR V 51 49.44 -30.93 21.65
CA TYR V 51 48.58 -32.05 21.28
C TYR V 51 49.24 -33.07 20.37
N ARG V 52 50.42 -32.78 19.82
CA ARG V 52 51.06 -33.71 18.89
C ARG V 52 51.28 -35.08 19.53
N ASN V 53 51.80 -35.10 20.77
CA ASN V 53 52.01 -36.35 21.49
C ASN V 53 51.22 -36.38 22.79
N TYR V 54 50.11 -35.64 22.87
CA TYR V 54 49.31 -35.60 24.08
C TYR V 54 48.63 -36.94 24.32
N ASP V 55 48.62 -37.37 25.59
CA ASP V 55 48.01 -38.63 26.00
C ASP V 55 46.91 -38.29 27.01
N SER V 56 45.66 -38.35 26.56
CA SER V 56 44.54 -37.94 27.40
C SER V 56 44.33 -38.92 28.55
N MET V 57 44.51 -40.22 28.30
CA MET V 57 44.37 -41.20 29.37
C MET V 57 45.45 -41.00 30.43
N LYS V 58 46.69 -40.79 30.01
CA LYS V 58 47.77 -40.50 30.95
C LYS V 58 47.50 -39.22 31.73
N ASP V 59 47.01 -38.18 31.03
CA ASP V 59 46.62 -36.94 31.71
C ASP V 59 45.56 -37.21 32.76
N PHE V 60 44.54 -38.00 32.42
CA PHE V 60 43.48 -38.31 33.37
C PHE V 60 44.01 -39.06 34.59
N GLU V 61 44.88 -40.05 34.37
CA GLU V 61 45.40 -40.83 35.49
C GLU V 61 46.16 -39.97 36.49
N GLU V 62 46.98 -39.03 35.98
CA GLU V 62 47.67 -38.11 36.86
C GLU V 62 46.68 -37.27 37.67
N MET V 63 45.61 -36.82 37.04
CA MET V 63 44.59 -36.06 37.76
C MET V 63 43.85 -36.93 38.77
N ARG V 64 43.56 -38.19 38.42
CA ARG V 64 42.86 -39.08 39.33
C ARG V 64 43.70 -39.39 40.55
N LYS V 65 44.98 -39.71 40.35
CA LYS V 65 45.88 -40.00 41.48
C LYS V 65 46.02 -38.79 42.39
N ALA V 66 45.90 -37.58 41.85
CA ALA V 66 45.96 -36.38 42.66
C ALA V 66 44.67 -36.12 43.43
N GLY V 67 43.58 -36.81 43.10
CA GLY V 67 42.37 -36.72 43.88
C GLY V 67 41.41 -35.62 43.50
N ILE V 68 41.45 -35.13 42.25
CA ILE V 68 40.62 -33.99 41.88
C ILE V 68 39.19 -34.37 41.52
N PHE V 69 38.93 -35.63 41.17
CA PHE V 69 37.66 -36.02 40.60
C PHE V 69 36.67 -36.46 41.65
N GLN V 70 35.39 -36.14 41.43
CA GLN V 70 34.31 -36.64 42.26
C GLN V 70 33.92 -38.08 41.89
N SER V 71 34.02 -38.43 40.61
CA SER V 71 33.50 -39.69 40.12
C SER V 71 34.57 -40.75 39.91
N ALA V 72 35.85 -40.38 39.95
CA ALA V 72 36.95 -41.33 39.79
C ALA V 72 37.97 -41.02 40.88
N LYS V 73 38.06 -41.91 41.87
CA LYS V 73 38.96 -41.69 42.99
C LYS V 73 40.28 -42.44 42.82
N PHE W 1 -27.04 30.26 14.38
CA PHE W 1 -25.94 30.97 15.01
C PHE W 1 -25.42 32.06 14.08
N GLU W 2 -24.87 33.12 14.67
CA GLU W 2 -24.27 34.21 13.92
C GLU W 2 -22.77 34.28 14.20
N ASN W 3 -22.05 34.88 13.26
CA ASN W 3 -20.59 34.93 13.30
C ASN W 3 -20.16 36.02 14.28
N ARG W 4 -19.67 35.61 15.45
CA ARG W 4 -19.19 36.53 16.48
C ARG W 4 -17.67 36.54 16.59
N VAL W 5 -16.97 36.08 15.55
CA VAL W 5 -15.51 35.96 15.63
C VAL W 5 -14.87 37.34 15.76
N ALA W 6 -15.36 38.33 15.01
CA ALA W 6 -14.77 39.66 15.08
C ALA W 6 -14.86 40.26 16.47
N GLU W 7 -15.93 39.96 17.20
CA GLU W 7 -16.06 40.45 18.56
C GLU W 7 -15.10 39.73 19.50
N LYS W 8 -14.83 38.44 19.25
CA LYS W 8 -13.82 37.73 20.02
C LYS W 8 -12.42 38.21 19.68
N GLN W 9 -12.18 38.53 18.41
CA GLN W 9 -10.88 39.05 17.99
C GLN W 9 -10.56 40.37 18.70
N LYS W 10 -11.58 41.23 18.86
CA LYS W 10 -11.37 42.50 19.55
C LYS W 10 -11.00 42.28 21.01
N LEU W 11 -11.64 41.30 21.67
CA LEU W 11 -11.37 41.03 23.08
C LEU W 11 -9.93 40.57 23.29
N PHE W 12 -9.49 39.58 22.51
CA PHE W 12 -8.17 38.99 22.71
C PHE W 12 -7.04 39.77 22.06
N GLN W 13 -7.36 40.85 21.33
CA GLN W 13 -6.34 41.79 20.88
C GLN W 13 -6.34 43.07 21.70
N GLU W 14 -7.04 43.07 22.83
N GLU W 14 -7.05 43.08 22.83
CA GLU W 14 -7.09 44.24 23.69
CA GLU W 14 -7.09 44.25 23.69
C GLU W 14 -5.72 44.48 24.35
C GLU W 14 -5.71 44.49 24.32
N ASP W 15 -5.26 45.73 24.29
CA ASP W 15 -3.95 46.09 24.84
C ASP W 15 -4.05 46.25 26.35
N ASN W 16 -4.15 45.11 27.04
CA ASN W 16 -4.22 45.08 28.49
C ASN W 16 -3.06 44.34 29.15
N GLY W 17 -2.08 43.90 28.37
CA GLY W 17 -0.90 43.25 28.91
C GLY W 17 -1.11 41.85 29.46
N LEU W 18 -2.31 41.29 29.34
CA LEU W 18 -2.57 39.98 29.89
C LEU W 18 -2.05 38.89 28.95
N PRO W 19 -1.51 37.80 29.50
CA PRO W 19 -1.17 36.65 28.66
C PRO W 19 -2.41 35.97 28.12
N VAL W 20 -2.20 35.15 27.09
CA VAL W 20 -3.33 34.58 26.36
C VAL W 20 -4.16 33.64 27.24
N HIS W 21 -3.53 32.99 28.21
CA HIS W 21 -4.26 32.06 29.06
C HIS W 21 -5.07 32.75 30.14
N LEU W 22 -4.99 34.08 30.24
CA LEU W 22 -5.78 34.84 31.19
C LEU W 22 -6.61 35.94 30.54
N LYS W 23 -6.50 36.10 29.22
CA LYS W 23 -7.12 37.23 28.54
C LYS W 23 -8.63 37.09 28.37
N GLY W 24 -9.20 35.90 28.63
CA GLY W 24 -10.63 35.74 28.52
C GLY W 24 -11.43 36.43 29.60
N GLY W 25 -10.82 36.68 30.76
CA GLY W 25 -11.48 37.36 31.84
C GLY W 25 -11.30 36.63 33.14
N ALA W 26 -12.19 36.91 34.10
CA ALA W 26 -12.07 36.35 35.44
C ALA W 26 -12.17 34.83 35.44
N THR W 27 -12.94 34.26 34.51
CA THR W 27 -13.10 32.82 34.47
C THR W 27 -11.77 32.11 34.20
N ASP W 28 -10.89 32.73 33.41
CA ASP W 28 -9.57 32.16 33.19
C ASP W 28 -8.79 32.04 34.49
N ASN W 29 -8.88 33.06 35.34
CA ASN W 29 -8.16 33.03 36.61
C ASN W 29 -8.67 31.90 37.50
N ILE W 30 -9.99 31.70 37.53
CA ILE W 30 -10.57 30.65 38.35
C ILE W 30 -10.14 29.27 37.84
N LEU W 31 -10.24 29.05 36.53
CA LEU W 31 -9.86 27.76 35.97
C LEU W 31 -8.38 27.50 36.11
N TYR W 32 -7.55 28.53 35.98
CA TYR W 32 -6.12 28.37 36.20
C TYR W 32 -5.82 27.96 37.63
N ARG W 33 -6.43 28.64 38.60
CA ARG W 33 -6.14 28.35 40.00
C ARG W 33 -6.68 26.98 40.42
N VAL W 34 -7.80 26.57 39.84
CA VAL W 34 -8.29 25.21 40.08
C VAL W 34 -7.28 24.19 39.54
N THR W 35 -6.80 24.40 38.31
CA THR W 35 -5.83 23.50 37.71
C THR W 35 -4.55 23.44 38.54
N MET W 36 -3.98 24.60 38.87
CA MET W 36 -2.69 24.63 39.56
C MET W 36 -2.82 24.08 40.98
N THR W 37 -3.93 24.37 41.67
CA THR W 37 -4.12 23.85 43.01
C THR W 37 -4.17 22.33 43.01
N LEU W 38 -4.93 21.75 42.08
CA LEU W 38 -5.00 20.30 41.99
C LEU W 38 -3.64 19.70 41.64
N CYS W 39 -2.91 20.33 40.71
CA CYS W 39 -1.59 19.83 40.33
C CYS W 39 -0.61 19.88 41.50
N LEU W 40 -0.51 21.05 42.15
CA LEU W 40 0.43 21.19 43.26
C LEU W 40 -0.01 20.37 44.47
N GLY W 41 -1.29 20.42 44.80
CA GLY W 41 -1.79 19.61 45.90
C GLY W 41 -1.66 18.12 45.64
N GLY W 42 -1.98 17.69 44.43
CA GLY W 42 -1.80 16.28 44.07
C GLY W 42 -0.35 15.85 44.11
N THR W 43 0.55 16.75 43.71
CA THR W 43 1.97 16.42 43.74
C THR W 43 2.47 16.24 45.17
N LEU W 44 2.04 17.14 46.07
CA LEU W 44 2.39 16.99 47.49
C LEU W 44 1.81 15.69 48.04
N TYR W 45 0.57 15.35 47.65
CA TYR W 45 -0.03 14.10 48.09
C TYR W 45 0.73 12.89 47.58
N SER W 46 1.23 12.97 46.33
CA SER W 46 2.02 11.89 45.78
C SER W 46 3.34 11.72 46.55
N LEU W 47 3.93 12.84 46.97
CA LEU W 47 5.14 12.75 47.79
C LEU W 47 4.86 12.11 49.14
N TYR W 48 3.72 12.42 49.75
CA TYR W 48 3.33 11.74 50.98
C TYR W 48 3.16 10.25 50.75
N CYS W 49 2.52 9.88 49.64
CA CYS W 49 2.33 8.47 49.33
C CYS W 49 3.66 7.76 49.10
N LEU W 50 4.65 8.48 48.56
CA LEU W 50 5.99 7.91 48.43
C LEU W 50 6.58 7.60 49.80
N GLY W 51 6.50 8.57 50.72
CA GLY W 51 6.99 8.34 52.07
C GLY W 51 6.33 7.15 52.74
N TRP W 52 5.02 7.01 52.57
CA TRP W 52 4.32 5.87 53.13
C TRP W 52 4.74 4.56 52.47
N ALA W 53 4.86 4.57 51.14
CA ALA W 53 5.19 3.35 50.41
C ALA W 53 6.65 2.95 50.55
N SER W 54 7.50 3.82 51.08
CA SER W 54 8.93 3.53 51.19
C SER W 54 9.26 2.66 52.40
N PHE W 55 8.33 2.49 53.33
CA PHE W 55 8.57 1.70 54.52
C PHE W 55 7.53 0.59 54.63
N PRO W 56 7.90 -0.55 55.22
CA PRO W 56 6.95 -1.66 55.35
C PRO W 56 5.86 -1.36 56.37
N HIS W 57 4.73 -2.02 56.17
CA HIS W 57 3.58 -1.87 57.06
C HIS W 57 2.88 -3.21 57.28
N ALA X 6 56.48 40.16 31.37
CA ALA X 6 56.44 39.94 32.81
C ALA X 6 56.14 38.47 33.12
N PRO X 7 56.81 37.93 34.14
CA PRO X 7 56.61 36.52 34.49
C PRO X 7 55.20 36.27 34.99
N ASP X 8 54.57 35.23 34.46
CA ASP X 8 53.22 34.87 34.86
C ASP X 8 53.26 33.82 35.97
N PHE X 9 52.10 33.26 36.31
CA PHE X 9 52.04 32.24 37.35
C PHE X 9 52.90 31.03 37.00
N HIS X 10 52.93 30.64 35.73
CA HIS X 10 53.64 29.42 35.36
C HIS X 10 55.16 29.64 35.41
N ASP X 11 55.63 30.82 35.00
CA ASP X 11 57.04 31.15 35.15
C ASP X 11 57.44 31.17 36.63
N LYS X 12 56.54 31.66 37.49
CA LYS X 12 56.85 31.80 38.91
C LYS X 12 56.79 30.47 39.64
N TYR X 13 55.80 29.63 39.34
CA TYR X 13 55.50 28.45 40.15
C TYR X 13 55.49 27.14 39.38
N GLY X 14 55.66 27.17 38.05
CA GLY X 14 55.62 25.94 37.28
C GLY X 14 56.53 24.86 37.80
N ASN X 15 57.81 25.20 38.02
CA ASN X 15 58.78 24.20 38.47
C ASN X 15 58.39 23.61 39.82
N ALA X 16 57.90 24.44 40.74
CA ALA X 16 57.54 23.94 42.06
C ALA X 16 56.29 23.07 42.01
N VAL X 17 55.28 23.49 41.25
CA VAL X 17 54.05 22.71 41.15
C VAL X 17 54.33 21.34 40.53
N LEU X 18 55.17 21.30 39.48
CA LEU X 18 55.49 20.04 38.83
C LEU X 18 56.26 19.12 39.77
N ALA X 19 57.28 19.64 40.45
CA ALA X 19 58.11 18.81 41.31
C ALA X 19 57.34 18.32 42.53
N SER X 20 56.64 19.23 43.21
CA SER X 20 55.88 18.84 44.39
C SER X 20 54.74 17.91 44.04
N GLY X 21 54.04 18.19 42.93
CA GLY X 21 52.94 17.32 42.52
C GLY X 21 53.40 15.92 42.19
N ALA X 22 54.50 15.80 41.45
CA ALA X 22 55.05 14.49 41.12
C ALA X 22 55.53 13.76 42.37
N THR X 23 56.22 14.47 43.26
CA THR X 23 56.71 13.85 44.47
C THR X 23 55.57 13.40 45.37
N PHE X 24 54.56 14.26 45.54
CA PHE X 24 53.41 13.91 46.38
C PHE X 24 52.65 12.73 45.79
N CYS X 25 52.46 12.71 44.46
CA CYS X 25 51.64 11.68 43.84
C CYS X 25 52.29 10.30 43.98
N VAL X 26 53.59 10.21 43.69
CA VAL X 26 54.29 8.95 43.81
C VAL X 26 54.29 8.44 45.24
N ALA X 27 54.48 9.35 46.21
CA ALA X 27 54.63 8.94 47.60
C ALA X 27 53.34 8.35 48.16
N VAL X 28 52.21 9.00 47.94
N VAL X 28 52.21 8.99 47.90
CA VAL X 28 50.96 8.53 48.51
CA VAL X 28 50.95 8.51 48.49
C VAL X 28 50.44 7.28 47.80
C VAL X 28 50.50 7.23 47.81
N TRP X 29 50.71 7.12 46.50
CA TRP X 29 50.26 5.92 45.80
C TRP X 29 51.14 4.72 46.14
N VAL X 30 52.44 4.95 46.35
CA VAL X 30 53.31 3.87 46.82
C VAL X 30 52.90 3.43 48.21
N TYR X 31 52.65 4.39 49.11
CA TYR X 31 52.15 4.07 50.44
C TYR X 31 50.85 3.28 50.37
N MET X 32 49.86 3.78 49.61
CA MET X 32 48.58 3.10 49.50
C MET X 32 48.74 1.70 48.96
N ALA X 33 49.64 1.49 47.99
CA ALA X 33 49.76 0.20 47.34
C ALA X 33 50.45 -0.84 48.20
N THR X 34 51.26 -0.42 49.18
CA THR X 34 52.13 -1.35 49.88
C THR X 34 51.99 -1.37 51.40
N GLN X 35 51.32 -0.39 52.00
CA GLN X 35 51.40 -0.21 53.46
C GLN X 35 50.08 -0.35 54.20
N ILE X 36 48.96 -0.57 53.50
CA ILE X 36 47.66 -0.59 54.17
C ILE X 36 46.95 -1.93 54.01
N GLY X 37 47.63 -2.95 53.47
CA GLY X 37 47.05 -4.27 53.42
C GLY X 37 46.15 -4.54 52.25
N ILE X 38 46.24 -3.75 51.18
CA ILE X 38 45.46 -4.00 49.98
C ILE X 38 45.88 -5.34 49.36
N GLU X 39 44.90 -6.14 48.99
CA GLU X 39 45.15 -7.44 48.35
C GLU X 39 45.18 -7.24 46.84
N TRP X 40 46.36 -7.40 46.24
CA TRP X 40 46.50 -7.33 44.80
C TRP X 40 46.31 -8.68 44.12
N ASN X 41 46.50 -9.77 44.86
CA ASN X 41 46.38 -11.13 44.34
C ASN X 41 47.26 -11.34 43.12
N PRO X 42 48.57 -11.21 43.23
CA PRO X 42 49.44 -11.40 42.06
C PRO X 42 49.47 -12.87 41.65
N SER X 43 50.02 -13.10 40.46
CA SER X 43 50.15 -14.45 39.95
C SER X 43 51.01 -15.29 40.90
N PRO X 44 50.61 -16.53 41.19
CA PRO X 44 51.48 -17.42 41.99
C PRO X 44 52.65 -17.98 41.20
N VAL X 45 52.70 -17.75 39.89
CA VAL X 45 53.78 -18.27 39.06
C VAL X 45 55.10 -17.68 39.53
N GLY X 46 56.04 -18.53 39.89
CA GLY X 46 57.36 -18.09 40.29
C GLY X 46 57.44 -17.48 41.68
N ARG X 47 56.38 -17.56 42.47
CA ARG X 47 56.38 -16.95 43.79
C ARG X 47 55.77 -17.81 44.89
N VAL X 48 54.83 -18.71 44.58
CA VAL X 48 54.16 -19.53 45.58
C VAL X 48 54.68 -20.95 45.46
N THR X 49 55.04 -21.53 46.60
CA THR X 49 55.38 -22.95 46.66
C THR X 49 54.11 -23.77 46.84
N PRO X 50 53.78 -24.66 45.91
CA PRO X 50 52.55 -25.45 46.07
C PRO X 50 52.60 -26.31 47.32
N LYS X 51 51.45 -26.38 48.00
CA LYS X 51 51.35 -27.14 49.24
C LYS X 51 50.26 -28.20 49.10
N GLU X 52 50.49 -29.34 49.76
CA GLU X 52 49.54 -30.44 49.72
C GLU X 52 48.20 -30.01 50.28
N TRP X 53 47.13 -30.38 49.57
CA TRP X 53 45.77 -30.06 49.95
C TRP X 53 44.90 -31.29 50.17
N ARG X 54 45.18 -32.39 49.49
CA ARG X 54 44.36 -33.59 49.57
C ARG X 54 44.69 -34.38 50.84
N HIS Y 2 9.89 43.27 31.00
CA HIS Y 2 10.82 42.33 30.39
C HIS Y 2 11.72 41.72 31.47
N TYR Y 3 12.59 40.80 31.04
CA TYR Y 3 13.50 40.11 31.94
C TYR Y 3 14.86 40.78 31.95
N GLU Y 4 15.63 40.50 33.01
CA GLU Y 4 17.00 40.97 33.08
C GLU Y 4 17.85 40.27 32.02
N GLU Y 5 18.82 41.01 31.49
CA GLU Y 5 19.68 40.51 30.43
C GLU Y 5 21.14 40.72 30.81
N GLY Y 6 22.01 39.92 30.21
CA GLY Y 6 23.44 40.07 30.39
C GLY Y 6 24.03 38.96 31.25
N PRO Y 7 25.34 38.99 31.43
CA PRO Y 7 26.00 37.97 32.26
C PRO Y 7 25.48 37.98 33.68
N GLY Y 8 25.23 36.79 34.22
CA GLY Y 8 24.70 36.65 35.55
C GLY Y 8 23.23 36.96 35.69
N LYS Y 9 22.54 37.28 34.59
CA LYS Y 9 21.12 37.63 34.61
C LYS Y 9 20.25 36.67 33.83
N ASN Y 10 20.84 35.75 33.06
CA ASN Y 10 20.08 34.78 32.28
C ASN Y 10 20.07 33.40 32.94
N ILE Y 11 20.07 33.38 34.28
CA ILE Y 11 20.14 32.11 35.02
C ILE Y 11 19.18 32.17 36.19
N PRO Y 12 18.63 31.01 36.56
CA PRO Y 12 17.68 30.96 37.68
C PRO Y 12 18.33 31.03 39.04
N PHE Y 13 19.64 31.20 39.12
CA PHE Y 13 20.35 31.35 40.38
C PHE Y 13 21.16 32.64 40.37
N SER Y 14 21.41 33.17 41.57
CA SER Y 14 22.13 34.43 41.70
C SER Y 14 23.64 34.20 41.78
N VAL Y 15 24.39 35.09 41.14
CA VAL Y 15 25.83 35.12 41.25
C VAL Y 15 26.31 36.46 41.83
N GLU Y 16 25.43 37.16 42.56
CA GLU Y 16 25.79 38.44 43.14
C GLU Y 16 26.89 38.29 44.19
N ASN Y 17 26.81 37.24 45.00
CA ASN Y 17 27.80 36.97 46.04
C ASN Y 17 28.39 35.60 45.79
N LYS Y 18 29.71 35.55 45.58
CA LYS Y 18 30.37 34.30 45.22
C LYS Y 18 30.32 33.28 46.34
N TRP Y 19 30.16 33.73 47.59
CA TRP Y 19 30.10 32.80 48.71
C TRP Y 19 28.68 32.27 48.94
N ARG Y 20 27.68 33.12 48.75
CA ARG Y 20 26.30 32.63 48.71
C ARG Y 20 26.10 31.67 47.55
N LEU Y 21 26.71 31.98 46.40
CA LEU Y 21 26.66 31.07 45.26
C LEU Y 21 27.36 29.74 45.58
N LEU Y 22 28.48 29.80 46.31
CA LEU Y 22 29.18 28.58 46.66
C LEU Y 22 28.32 27.66 47.52
N ALA Y 23 27.56 28.24 48.46
CA ALA Y 23 26.65 27.43 49.26
C ALA Y 23 25.55 26.82 48.40
N MET Y 24 25.08 27.53 47.38
N MET Y 24 25.08 27.55 47.40
CA MET Y 24 24.01 27.02 46.54
CA MET Y 24 24.03 27.05 46.51
C MET Y 24 24.51 25.89 45.63
C MET Y 24 24.53 25.88 45.67
N MET Y 25 25.66 26.08 44.99
CA MET Y 25 26.23 25.01 44.17
C MET Y 25 26.61 23.80 45.02
N THR Y 26 27.07 24.05 46.24
CA THR Y 26 27.38 22.95 47.16
C THR Y 26 26.12 22.16 47.50
N LEU Y 27 25.03 22.85 47.83
CA LEU Y 27 23.78 22.16 48.10
C LEU Y 27 23.22 21.48 46.85
N PHE Y 28 23.33 22.14 45.70
CA PHE Y 28 22.75 21.61 44.46
C PHE Y 28 23.49 20.34 44.03
N PHE Y 29 24.80 20.45 43.79
CA PHE Y 29 25.56 19.27 43.37
C PHE Y 29 25.72 18.26 44.49
N GLY Y 30 25.84 18.73 45.73
CA GLY Y 30 26.03 17.81 46.84
C GLY Y 30 24.81 16.92 47.08
N SER Y 31 23.61 17.49 46.97
CA SER Y 31 22.39 16.71 47.20
C SER Y 31 22.24 15.61 46.15
N GLY Y 32 22.62 15.90 44.90
CA GLY Y 32 22.57 14.87 43.88
C GLY Y 32 23.54 13.74 44.14
N PHE Y 33 24.77 14.07 44.52
CA PHE Y 33 25.77 13.05 44.82
C PHE Y 33 25.41 12.27 46.09
N ALA Y 34 24.84 12.96 47.08
CA ALA Y 34 24.53 12.30 48.34
C ALA Y 34 23.33 11.36 48.24
N ALA Y 35 22.40 11.66 47.33
CA ALA Y 35 21.13 10.92 47.25
C ALA Y 35 21.30 9.41 47.12
N PRO Y 36 22.14 8.87 46.23
CA PRO Y 36 22.23 7.41 46.14
C PRO Y 36 22.75 6.75 47.41
N PHE Y 37 23.71 7.38 48.09
CA PHE Y 37 24.24 6.81 49.32
C PHE Y 37 23.16 6.67 50.39
N PHE Y 38 22.31 7.68 50.52
CA PHE Y 38 21.24 7.63 51.51
C PHE Y 38 20.08 6.74 51.09
N ILE Y 39 19.91 6.52 49.79
CA ILE Y 39 18.94 5.53 49.32
C ILE Y 39 19.44 4.12 49.64
N VAL Y 40 20.74 3.88 49.44
CA VAL Y 40 21.33 2.59 49.81
C VAL Y 40 21.18 2.36 51.31
N ARG Y 41 21.47 3.39 52.11
CA ARG Y 41 21.25 3.30 53.55
C ARG Y 41 19.80 2.98 53.87
N HIS Y 42 18.86 3.63 53.16
CA HIS Y 42 17.44 3.37 53.40
C HIS Y 42 17.09 1.91 53.14
N GLN Y 43 17.60 1.33 52.05
CA GLN Y 43 17.27 -0.05 51.72
C GLN Y 43 17.94 -1.02 52.69
N LEU Y 44 19.17 -0.72 53.12
CA LEU Y 44 19.87 -1.61 54.04
C LEU Y 44 19.21 -1.63 55.43
N LEU Y 45 18.59 -0.53 55.84
CA LEU Y 45 18.00 -0.47 57.17
C LEU Y 45 16.64 -1.14 57.27
N LYS Y 46 16.00 -1.48 56.16
CA LYS Y 46 14.76 -2.24 56.22
C LYS Y 46 14.97 -3.69 55.76
N ILE Z 1 39.67 33.58 22.50
CA ILE Z 1 38.65 34.45 23.07
C ILE Z 1 39.32 35.52 23.94
N THR Z 2 38.78 36.73 23.89
CA THR Z 2 39.23 37.82 24.74
C THR Z 2 38.14 38.19 25.73
N ALA Z 3 38.55 38.67 26.90
CA ALA Z 3 37.61 38.98 27.97
C ALA Z 3 38.12 40.15 28.80
N LYS Z 4 37.20 40.76 29.53
CA LYS Z 4 37.55 41.81 30.46
C LYS Z 4 38.30 41.19 31.65
N PRO Z 5 39.04 42.01 32.41
CA PRO Z 5 39.54 41.55 33.70
C PRO Z 5 38.40 41.21 34.63
N ALA Z 6 38.66 40.29 35.55
CA ALA Z 6 37.63 39.82 36.48
C ALA Z 6 37.06 40.98 37.29
N LYS Z 7 35.74 41.13 37.25
CA LYS Z 7 35.10 42.17 38.05
C LYS Z 7 35.22 41.89 39.54
N THR Z 8 35.28 40.62 39.93
CA THR Z 8 35.45 40.21 41.34
C THR Z 8 36.49 39.11 41.37
N PRO Z 9 37.78 39.48 41.30
CA PRO Z 9 38.83 38.46 41.21
C PRO Z 9 38.79 37.49 42.38
N THR Z 10 39.13 36.23 42.08
CA THR Z 10 39.14 35.16 43.06
C THR Z 10 40.60 34.81 43.36
N SER Z 11 41.08 35.25 44.51
CA SER Z 11 42.47 35.06 44.89
C SER Z 11 42.78 33.58 45.08
N PRO Z 12 44.06 33.20 45.06
CA PRO Z 12 44.41 31.79 45.37
C PRO Z 12 43.85 31.31 46.70
N LYS Z 13 43.80 32.18 47.71
CA LYS Z 13 43.22 31.79 48.99
C LYS Z 13 41.71 31.56 48.85
N GLU Z 14 41.02 32.43 48.12
CA GLU Z 14 39.60 32.22 47.87
C GLU Z 14 39.34 30.95 47.09
N GLN Z 15 40.23 30.62 46.14
CA GLN Z 15 40.08 29.39 45.37
C GLN Z 15 40.30 28.17 46.25
N ALA Z 16 41.24 28.25 47.19
CA ALA Z 16 41.45 27.15 48.13
C ALA Z 16 40.21 26.91 48.98
N ILE Z 17 39.52 27.98 49.37
CA ILE Z 17 38.30 27.84 50.15
C ILE Z 17 37.21 27.18 49.32
N GLY Z 18 36.96 27.71 48.12
CA GLY Z 18 35.94 27.14 47.26
C GLY Z 18 36.24 25.71 46.87
N LEU Z 19 37.51 25.41 46.59
CA LEU Z 19 37.90 24.03 46.28
C LEU Z 19 37.65 23.11 47.47
N SER Z 20 38.07 23.53 48.66
CA SER Z 20 37.88 22.72 49.86
C SER Z 20 36.41 22.49 50.15
N VAL Z 21 35.59 23.54 50.06
CA VAL Z 21 34.18 23.42 50.35
C VAL Z 21 33.50 22.52 49.33
N THR Z 22 33.90 22.63 48.05
CA THR Z 22 33.30 21.79 47.02
C THR Z 22 33.60 20.32 47.26
N PHE Z 23 34.87 19.99 47.51
CA PHE Z 23 35.24 18.59 47.75
C PHE Z 23 34.57 18.04 48.99
N LEU Z 24 34.50 18.84 50.07
CA LEU Z 24 33.89 18.36 51.31
C LEU Z 24 32.40 18.11 51.14
N SER Z 25 31.72 18.88 50.29
CA SER Z 25 30.31 18.66 50.06
C SER Z 25 30.05 17.32 49.38
N PHE Z 26 31.03 16.81 48.62
CA PHE Z 26 30.91 15.49 48.01
C PHE Z 26 31.29 14.38 48.98
N LEU Z 27 32.36 14.59 49.75
CA LEU Z 27 33.00 13.51 50.50
C LEU Z 27 32.37 13.27 51.86
N LEU Z 28 31.94 14.32 52.56
CA LEU Z 28 31.46 14.15 53.93
C LEU Z 28 30.16 13.34 54.00
N PRO Z 29 29.10 13.66 53.24
CA PRO Z 29 27.88 12.83 53.35
C PRO Z 29 28.10 11.38 52.93
N ALA Z 30 28.79 11.16 51.81
CA ALA Z 30 29.07 9.80 51.37
C ALA Z 30 29.97 9.07 52.37
N GLY Z 31 30.99 9.76 52.87
CA GLY Z 31 31.85 9.17 53.89
C GLY Z 31 31.08 8.75 55.12
N TRP Z 32 30.13 9.58 55.56
CA TRP Z 32 29.33 9.25 56.74
C TRP Z 32 28.54 7.96 56.51
N VAL Z 33 27.91 7.83 55.34
CA VAL Z 33 27.13 6.64 55.04
C VAL Z 33 28.03 5.41 54.97
N LEU Z 34 29.16 5.53 54.26
CA LEU Z 34 30.06 4.39 54.09
C LEU Z 34 30.74 4.03 55.41
N TYR Z 35 30.98 5.01 56.28
CA TYR Z 35 31.58 4.71 57.58
C TYR Z 35 30.64 3.89 58.44
N HIS Z 36 29.33 4.15 58.37
CA HIS Z 36 28.33 3.48 59.17
C HIS Z 36 27.67 2.32 58.43
N LEU Z 37 28.34 1.76 57.41
CA LEU Z 37 27.75 0.67 56.64
C LEU Z 37 27.42 -0.53 57.52
N ASP Z 38 28.38 -0.94 58.36
CA ASP Z 38 28.18 -2.12 59.20
C ASP Z 38 27.05 -1.92 60.19
N ASN Z 39 26.85 -0.69 60.66
CA ASN Z 39 25.73 -0.42 61.57
C ASN Z 39 24.39 -0.67 60.88
N TYR Z 40 24.30 -0.38 59.59
CA TYR Z 40 23.02 -0.55 58.88
C TYR Z 40 22.65 -2.02 58.73
N LYS Z 41 23.63 -2.87 58.44
CA LYS Z 41 23.37 -4.31 58.29
C LYS Z 41 23.04 -4.93 59.65
#